data_9CRP
#
_entry.id   9CRP
#
_cell.length_a   1.00
_cell.length_b   1.00
_cell.length_c   1.00
_cell.angle_alpha   90.00
_cell.angle_beta   90.00
_cell.angle_gamma   90.00
#
_symmetry.space_group_name_H-M   'P 1'
#
loop_
_entity.id
_entity.type
_entity.pdbx_description
1 polymer "DNA (5'-D(P*AP*TP*CP*TP*GP*GP*GP*GP*CP*GP*GP*GP*TP*TP*TP*TP*CP*CP*TP*CP*GP*AP*A)-3')"
2 polymer 'CRISPR-associated aCascade subunit Cas7/Csa2 2'
3 polymer 'CRISPR system aCascade subunit Cas5 1'
4 polymer 'RNA (38-MER)'
5 polymer 'CRISPR type I-A cluster 2/Apern-associated protein Csa5-2'
6 non-polymer 2-AMINO-2-HYDROXYMETHYL-PROPANE-1,3-DIOL
#
loop_
_entity_poly.entity_id
_entity_poly.type
_entity_poly.pdbx_seq_one_letter_code
_entity_poly.pdbx_strand_id
1 'polydeoxyribonucleotide'
;(DA)(DT)(DC)(DT)(DG)(DG)(DG)(DG)(DC)(DG)(DG)(DG)(DT)(DT)(DT)(DT)(DC)(DC)(DT)(DC)
(DG)(DA)(DA)
;
M
2 'polypeptide(L)'
;MISGSVRFLVNLESLNGVESIGNLTKHRTAPVVLKTSTGYLVRYVPVISGEALAHAYQASLVDIAKKEGLPVGSLSSQYE
FIKFSTDEALKIEGIKEPKDYNDARRFEVEVMLKDVIADVGGFMYAGGAPVRRTSRIKLGYMIPALRGDEIPAQLEAQFH
VRFSNKPVSGSQAIFNVEVSSALYTFSFELDEDLIAVPSTFGEKVKGEEELERQKAKRVKSAIKALYSLLSGNFGGKRSR
FLPSMKLMSLVVTKTDFPFMPEPAHDDDYIKTTIMRLGKAKGVLNGNLAKAYVINNEGIEVGEGVTVLSTVEDLVVKLEE
E
;
F,B,C,E,D,A
3 'polypeptide(L)'
;MIYSKVFLKLHWGFSVVKPLAAKAKPGFYLPPPTTLIGALSYGKFRGVDNINLGNVYGSPAYNFRNIMATARLESEGVYT
EDIIRNVISYFQRKERRENPRYIYGVIPTGKVYIPNGRLVVVYVTDSISKEELEKLCWSITRIGCKECLASVENVEVGEA
KKVSGRVKTRYYFRDTVKVVGRKEFLEYVTFWEENGYIWGKEGSPVRYILPITTYPLASKEVEVEAKEAYEVGGEYVVFS
S
;
G
4 'polyribonucleotide' AUUGAAAGUUCUGUUUCGAAGAAAACCCGCCUCAGAUUCAUUAUGGGGAUAAUCUCUUAUAGA S
5 'polypeptide(L)'
;HHHHHHMAQKSEKENIIGRIANLLAVGFLYSESPTLVDRFANALSKEAVTKVLYDVQRIVQMGIDRSEIATTTITIQGKD
YPAQGKDYPAVNVNSSGAKYTVVGYLPTSQDIEDFLRMIEEDVYYARKAGALAMSIANRIKLGSKQSKSEQGGEKK
;
K,L,H,J,N
#
loop_
_chem_comp.id
_chem_comp.type
_chem_comp.name
_chem_comp.formula
A RNA linking ADENOSINE-5'-MONOPHOSPHATE 'C10 H14 N5 O7 P'
C RNA linking CYTIDINE-5'-MONOPHOSPHATE 'C9 H14 N3 O8 P'
DA DNA linking 2'-DEOXYADENOSINE-5'-MONOPHOSPHATE 'C10 H14 N5 O6 P'
DC DNA linking 2'-DEOXYCYTIDINE-5'-MONOPHOSPHATE 'C9 H14 N3 O7 P'
DG DNA linking 2'-DEOXYGUANOSINE-5'-MONOPHOSPHATE 'C10 H14 N5 O7 P'
DT DNA linking THYMIDINE-5'-MONOPHOSPHATE 'C10 H15 N2 O8 P'
G RNA linking GUANOSINE-5'-MONOPHOSPHATE 'C10 H14 N5 O8 P'
TRS non-polymer 2-AMINO-2-HYDROXYMETHYL-PROPANE-1,3-DIOL 'C4 H12 N O3 1'
U RNA linking URIDINE-5'-MONOPHOSPHATE 'C9 H13 N2 O9 P'
#
# COMPACT_ATOMS: atom_id res chain seq x y z
N MET B 1 21.33 14.68 -65.40
CA MET B 1 20.57 13.46 -65.00
C MET B 1 19.85 12.86 -66.20
N ILE B 2 19.92 11.54 -66.33
CA ILE B 2 19.29 10.81 -67.42
C ILE B 2 18.45 9.70 -66.81
N SER B 3 17.14 9.76 -67.01
CA SER B 3 16.21 8.75 -66.53
C SER B 3 15.50 8.11 -67.71
N GLY B 4 14.77 7.03 -67.43
CA GLY B 4 14.01 6.40 -68.49
C GLY B 4 13.18 5.24 -67.97
N SER B 5 12.27 4.80 -68.83
CA SER B 5 11.44 3.63 -68.59
C SER B 5 11.48 2.74 -69.83
N VAL B 6 11.46 1.43 -69.61
CA VAL B 6 11.62 0.46 -70.69
C VAL B 6 10.66 -0.70 -70.47
N ARG B 7 10.12 -1.22 -71.56
CA ARG B 7 9.28 -2.41 -71.57
C ARG B 7 9.94 -3.45 -72.46
N PHE B 8 10.04 -4.69 -71.94
CA PHE B 8 10.71 -5.77 -72.63
C PHE B 8 9.77 -6.96 -72.77
N LEU B 9 10.02 -7.77 -73.79
CA LEU B 9 9.23 -8.97 -74.06
C LEU B 9 10.17 -10.15 -74.27
N VAL B 10 9.70 -11.33 -73.88
CA VAL B 10 10.48 -12.55 -74.03
C VAL B 10 9.60 -13.66 -74.59
N LYS B 26 15.01 -23.05 -59.34
CA LYS B 26 13.74 -22.37 -59.08
C LYS B 26 13.82 -20.90 -59.49
N HIS B 27 12.71 -20.18 -59.34
CA HIS B 27 12.62 -18.78 -59.69
C HIS B 27 12.14 -17.99 -58.48
N ARG B 28 12.75 -16.83 -58.26
CA ARG B 28 12.38 -15.99 -57.12
C ARG B 28 10.96 -15.46 -57.29
N THR B 29 10.21 -15.44 -56.19
CA THR B 29 8.84 -14.95 -56.17
C THR B 29 8.66 -13.97 -55.02
N ALA B 30 7.81 -12.97 -55.23
CA ALA B 30 7.59 -11.92 -54.25
C ALA B 30 6.12 -11.53 -54.25
N PRO B 31 5.65 -10.91 -53.17
CA PRO B 31 4.26 -10.43 -53.13
C PRO B 31 4.09 -9.12 -53.88
N VAL B 32 2.85 -8.89 -54.32
CA VAL B 32 2.48 -7.68 -55.04
C VAL B 32 1.01 -7.38 -54.76
N VAL B 33 0.69 -6.08 -54.76
CA VAL B 33 -0.68 -5.60 -54.66
C VAL B 33 -1.14 -5.18 -56.04
N LEU B 34 -2.22 -5.78 -56.52
CA LEU B 34 -2.70 -5.58 -57.87
C LEU B 34 -4.10 -4.98 -57.83
N LYS B 35 -4.37 -4.09 -58.79
CA LYS B 35 -5.63 -3.36 -58.87
C LYS B 35 -6.48 -3.90 -60.00
N THR B 36 -7.75 -4.16 -59.71
CA THR B 36 -8.72 -4.60 -60.71
C THR B 36 -10.02 -3.83 -60.49
N SER B 37 -10.95 -4.02 -61.43
CA SER B 37 -12.23 -3.34 -61.34
C SER B 37 -12.96 -3.65 -60.02
N THR B 38 -12.67 -4.80 -59.42
CA THR B 38 -13.31 -5.19 -58.17
C THR B 38 -12.60 -4.66 -56.93
N GLY B 39 -11.40 -4.08 -57.08
CA GLY B 39 -10.68 -3.56 -55.93
C GLY B 39 -9.20 -3.88 -55.95
N TYR B 40 -8.69 -4.37 -54.83
CA TYR B 40 -7.28 -4.69 -54.68
C TYR B 40 -7.12 -6.14 -54.25
N LEU B 41 -6.06 -6.78 -54.75
CA LEU B 41 -5.78 -8.18 -54.45
C LEU B 41 -4.29 -8.32 -54.15
N VAL B 42 -3.96 -9.38 -53.42
CA VAL B 42 -2.58 -9.71 -53.06
C VAL B 42 -2.19 -10.98 -53.83
N ARG B 43 -1.12 -10.89 -54.60
CA ARG B 43 -0.68 -12.00 -55.43
C ARG B 43 0.80 -12.27 -55.20
N TYR B 44 1.22 -13.48 -55.55
CA TYR B 44 2.63 -13.85 -55.55
C TYR B 44 3.08 -14.01 -56.99
N VAL B 45 4.14 -13.30 -57.37
CA VAL B 45 4.57 -13.26 -58.77
C VAL B 45 6.07 -13.49 -58.84
N PRO B 46 6.58 -14.19 -59.86
CA PRO B 46 8.04 -14.30 -60.00
C PRO B 46 8.66 -12.95 -60.30
N VAL B 47 9.88 -12.76 -59.79
CA VAL B 47 10.61 -11.49 -59.95
C VAL B 47 12.09 -11.81 -60.08
N ILE B 48 12.81 -10.87 -60.69
CA ILE B 48 14.27 -10.96 -60.83
C ILE B 48 14.88 -9.75 -60.14
N SER B 49 15.77 -10.00 -59.18
CA SER B 49 16.35 -8.92 -58.40
C SER B 49 17.15 -7.99 -59.28
N GLY B 50 17.12 -6.69 -58.93
CA GLY B 50 17.88 -5.71 -59.69
C GLY B 50 19.36 -5.83 -59.52
N GLU B 51 19.82 -6.55 -58.50
CA GLU B 51 21.26 -6.75 -58.32
C GLU B 51 21.87 -7.45 -59.52
N ALA B 52 21.15 -8.38 -60.14
CA ALA B 52 21.67 -9.04 -61.33
C ALA B 52 21.87 -8.05 -62.48
N LEU B 53 20.89 -7.16 -62.68
CA LEU B 53 21.02 -6.15 -63.73
C LEU B 53 22.18 -5.21 -63.42
N ALA B 54 22.34 -4.83 -62.16
CA ALA B 54 23.47 -3.99 -61.79
C ALA B 54 24.80 -4.70 -62.06
N HIS B 55 24.86 -6.00 -61.75
CA HIS B 55 26.06 -6.77 -62.04
C HIS B 55 26.36 -6.80 -63.53
N ALA B 56 25.34 -7.02 -64.36
CA ALA B 56 25.57 -7.04 -65.80
C ALA B 56 26.04 -5.67 -66.29
N TYR B 57 25.42 -4.60 -65.79
CA TYR B 57 25.83 -3.26 -66.20
C TYR B 57 27.27 -2.99 -65.82
N GLN B 58 27.67 -3.39 -64.61
CA GLN B 58 29.04 -3.16 -64.18
C GLN B 58 30.03 -4.01 -64.97
N ALA B 59 29.65 -5.24 -65.34
CA ALA B 59 30.51 -6.04 -66.20
C ALA B 59 30.71 -5.38 -67.56
N SER B 60 29.62 -4.88 -68.15
CA SER B 60 29.75 -4.19 -69.44
C SER B 60 30.59 -2.92 -69.29
N LEU B 61 30.44 -2.22 -68.17
CA LEU B 61 31.26 -1.04 -67.93
C LEU B 61 32.73 -1.40 -67.84
N VAL B 62 33.05 -2.50 -67.15
CA VAL B 62 34.44 -2.96 -67.09
C VAL B 62 34.96 -3.26 -68.49
N ASP B 63 34.15 -3.96 -69.28
CA ASP B 63 34.56 -4.31 -70.64
C ASP B 63 34.87 -3.05 -71.45
N ILE B 64 33.96 -2.07 -71.42
CA ILE B 64 34.15 -0.87 -72.23
C ILE B 64 35.34 -0.05 -71.71
N ALA B 65 35.49 0.03 -70.39
CA ALA B 65 36.62 0.78 -69.82
C ALA B 65 37.95 0.16 -70.23
N LYS B 66 38.04 -1.19 -70.17
CA LYS B 66 39.26 -1.84 -70.62
C LYS B 66 39.48 -1.61 -72.11
N LYS B 67 38.41 -1.64 -72.90
CA LYS B 67 38.55 -1.37 -74.33
C LYS B 67 39.10 0.03 -74.58
N GLU B 68 38.63 1.01 -73.82
CA GLU B 68 39.06 2.39 -73.97
C GLU B 68 40.30 2.72 -73.13
N GLY B 69 40.85 1.75 -72.42
CA GLY B 69 42.05 1.98 -71.63
C GLY B 69 41.85 2.95 -70.49
N LEU B 70 40.75 2.83 -69.76
CA LEU B 70 40.49 3.64 -68.59
C LEU B 70 41.03 2.97 -67.35
N PRO B 71 41.29 3.72 -66.28
CA PRO B 71 41.87 3.11 -65.08
C PRO B 71 40.97 2.03 -64.51
N VAL B 72 41.60 0.94 -64.07
CA VAL B 72 40.89 -0.19 -63.46
C VAL B 72 41.78 -0.77 -62.37
N GLY B 73 41.16 -1.14 -61.25
CA GLY B 73 41.89 -1.77 -60.17
C GLY B 73 42.18 -3.23 -60.43
N SER B 74 43.03 -3.80 -59.58
CA SER B 74 43.40 -5.20 -59.72
C SER B 74 42.17 -6.10 -59.67
N LEU B 75 41.47 -6.10 -58.53
CA LEU B 75 40.29 -6.94 -58.40
C LEU B 75 39.22 -6.56 -59.42
N SER B 76 39.00 -5.25 -59.61
CA SER B 76 38.03 -4.81 -60.60
C SER B 76 38.47 -5.16 -62.01
N SER B 77 39.79 -5.26 -62.25
CA SER B 77 40.27 -5.68 -63.55
C SER B 77 39.71 -7.06 -63.91
N GLN B 78 39.74 -7.98 -62.96
CA GLN B 78 38.95 -9.19 -63.08
C GLN B 78 37.47 -8.86 -62.85
N TYR B 79 36.60 -9.71 -63.39
CA TYR B 79 35.15 -9.51 -63.22
C TYR B 79 34.76 -9.92 -61.80
N GLU B 80 35.06 -9.01 -60.86
CA GLU B 80 34.75 -9.21 -59.45
C GLU B 80 34.56 -7.83 -58.83
N PHE B 81 33.31 -7.46 -58.57
CA PHE B 81 32.98 -6.14 -58.03
C PHE B 81 32.84 -6.26 -56.51
N ILE B 82 33.97 -6.44 -55.84
CA ILE B 82 33.99 -6.44 -54.38
C ILE B 82 34.27 -5.06 -53.81
N LYS B 83 34.94 -4.19 -54.56
CA LYS B 83 35.23 -2.84 -54.10
C LYS B 83 36.12 -2.87 -52.87
N PHE B 84 36.67 -1.71 -52.50
CA PHE B 84 37.65 -1.62 -51.42
C PHE B 84 36.96 -1.75 -50.07
N SER B 85 36.41 -2.96 -49.83
CA SER B 85 35.58 -3.18 -48.67
C SER B 85 36.42 -3.29 -47.40
N THR B 86 37.31 -4.28 -47.34
CA THR B 86 38.05 -4.61 -46.13
C THR B 86 39.54 -4.37 -46.33
N ASP B 87 40.30 -4.66 -45.28
CA ASP B 87 41.75 -4.47 -45.33
C ASP B 87 42.39 -5.36 -46.38
N GLU B 88 41.81 -6.54 -46.63
CA GLU B 88 42.39 -7.45 -47.61
C GLU B 88 42.39 -6.82 -49.00
N ALA B 89 41.28 -6.19 -49.39
CA ALA B 89 41.22 -5.55 -50.70
C ALA B 89 42.22 -4.41 -50.79
N LEU B 90 42.34 -3.62 -49.72
CA LEU B 90 43.32 -2.53 -49.72
C LEU B 90 44.73 -3.07 -49.88
N LYS B 91 45.07 -4.13 -49.16
CA LYS B 91 46.40 -4.72 -49.29
C LYS B 91 46.64 -5.24 -50.69
N ILE B 92 45.64 -5.91 -51.27
CA ILE B 92 45.79 -6.44 -52.63
C ILE B 92 46.03 -5.29 -53.61
N GLU B 93 45.25 -4.21 -53.47
CA GLU B 93 45.41 -3.04 -54.33
C GLU B 93 46.52 -2.11 -53.86
N GLY B 94 47.13 -2.38 -52.70
CA GLY B 94 48.25 -1.59 -52.23
C GLY B 94 47.92 -0.14 -51.96
N ILE B 95 46.80 0.12 -51.28
CA ILE B 95 46.39 1.46 -50.90
C ILE B 95 46.26 1.50 -49.39
N LYS B 96 46.90 2.49 -48.76
CA LYS B 96 46.84 2.63 -47.32
C LYS B 96 45.45 3.03 -46.86
N GLU B 97 45.09 2.58 -45.67
CA GLU B 97 43.80 2.93 -45.09
C GLU B 97 43.79 4.41 -44.72
N PRO B 98 42.61 5.04 -44.69
CA PRO B 98 42.55 6.44 -44.26
C PRO B 98 42.94 6.57 -42.79
N LYS B 99 43.57 7.70 -42.48
CA LYS B 99 44.04 7.96 -41.12
C LYS B 99 42.97 8.65 -40.27
N ASP B 100 42.40 9.74 -40.78
CA ASP B 100 41.36 10.47 -40.08
C ASP B 100 40.47 11.14 -41.11
N TYR B 101 39.33 11.67 -40.63
CA TYR B 101 38.38 12.34 -41.52
C TYR B 101 39.07 13.42 -42.33
N ASN B 102 40.04 14.11 -41.73
CA ASN B 102 40.79 15.12 -42.47
C ASN B 102 41.45 14.51 -43.70
N ASP B 103 41.97 13.29 -43.57
CA ASP B 103 42.58 12.59 -44.69
C ASP B 103 41.56 11.83 -45.53
N ALA B 104 40.29 11.79 -45.10
CA ALA B 104 39.29 11.01 -45.82
C ALA B 104 39.27 11.36 -47.30
N ARG B 105 39.20 12.65 -47.61
CA ARG B 105 39.16 13.07 -49.01
C ARG B 105 40.36 12.51 -49.76
N ARG B 106 41.55 12.56 -49.17
CA ARG B 106 42.71 11.98 -49.82
C ARG B 106 42.42 10.54 -50.22
N PHE B 107 41.93 9.74 -49.28
CA PHE B 107 41.56 8.36 -49.60
C PHE B 107 40.57 8.34 -50.75
N GLU B 108 39.52 9.17 -50.66
CA GLU B 108 38.57 9.26 -51.75
C GLU B 108 39.29 9.61 -53.05
N VAL B 109 40.23 10.56 -52.99
CA VAL B 109 41.00 10.90 -54.18
C VAL B 109 41.82 9.69 -54.64
N GLU B 110 42.44 8.98 -53.68
CA GLU B 110 43.28 7.84 -54.04
C GLU B 110 42.45 6.73 -54.68
N VAL B 111 41.36 6.33 -54.03
CA VAL B 111 40.54 5.25 -54.55
C VAL B 111 39.91 5.62 -55.88
N MET B 112 39.41 6.86 -55.98
CA MET B 112 38.70 7.30 -57.17
C MET B 112 39.58 7.36 -58.41
N LEU B 113 40.90 7.27 -58.24
CA LEU B 113 41.84 7.42 -59.35
C LEU B 113 42.45 6.08 -59.78
N LYS B 114 41.84 4.96 -59.42
CA LYS B 114 42.39 3.65 -59.76
C LYS B 114 41.36 2.79 -60.50
N ASP B 115 40.10 2.90 -60.12
CA ASP B 115 39.06 2.06 -60.70
C ASP B 115 37.87 2.92 -61.12
N VAL B 116 37.23 2.52 -62.21
CA VAL B 116 36.06 3.24 -62.72
C VAL B 116 34.78 2.70 -62.11
N ILE B 117 34.70 1.38 -61.90
CA ILE B 117 33.49 0.79 -61.34
C ILE B 117 33.24 1.31 -59.93
N ALA B 118 34.29 1.34 -59.10
CA ALA B 118 34.14 1.83 -57.74
C ALA B 118 33.66 3.27 -57.69
N ASP B 119 33.86 4.03 -58.76
CA ASP B 119 33.42 5.41 -58.82
C ASP B 119 32.01 5.54 -59.36
N VAL B 120 31.69 4.83 -60.45
CA VAL B 120 30.39 4.95 -61.09
C VAL B 120 29.33 4.17 -60.32
N GLY B 121 29.77 3.36 -59.36
CA GLY B 121 28.84 2.56 -58.59
C GLY B 121 29.05 2.68 -57.10
N GLY B 122 29.76 3.72 -56.68
CA GLY B 122 29.99 3.95 -55.26
C GLY B 122 30.70 2.81 -54.59
N PHE B 123 30.87 2.89 -53.28
CA PHE B 123 31.56 1.88 -52.51
C PHE B 123 31.36 2.18 -51.03
N MET B 124 31.99 1.37 -50.19
CA MET B 124 31.93 1.56 -48.74
C MET B 124 33.22 1.06 -48.13
N TYR B 125 33.52 1.54 -46.92
CA TYR B 125 34.69 1.12 -46.19
C TYR B 125 34.36 1.18 -44.70
N ALA B 126 34.07 0.02 -44.11
CA ALA B 126 33.86 -0.04 -42.67
C ALA B 126 35.18 0.14 -41.93
N GLY B 127 35.14 0.90 -40.84
CA GLY B 127 36.33 1.14 -40.07
C GLY B 127 36.10 2.27 -39.07
N GLY B 128 37.21 2.72 -38.49
CA GLY B 128 37.13 3.80 -37.52
C GLY B 128 36.62 5.10 -38.13
N ALA B 129 37.04 5.38 -39.37
CA ALA B 129 36.63 6.57 -40.11
C ALA B 129 36.12 6.15 -41.47
N PRO B 130 34.93 5.55 -41.53
CA PRO B 130 34.43 5.02 -42.80
C PRO B 130 34.24 6.11 -43.84
N VAL B 131 34.44 5.73 -45.10
CA VAL B 131 34.24 6.62 -46.24
C VAL B 131 33.16 6.02 -47.12
N ARG B 132 32.16 6.83 -47.47
CA ARG B 132 30.99 6.37 -48.19
C ARG B 132 30.92 7.05 -49.55
N ARG B 133 30.12 6.45 -50.43
CA ARG B 133 29.87 7.02 -51.75
C ARG B 133 28.64 6.36 -52.32
N THR B 134 27.66 7.17 -52.71
CA THR B 134 26.37 6.69 -53.18
C THR B 134 26.45 6.41 -54.67
N SER B 135 25.90 5.27 -55.08
CA SER B 135 25.95 4.88 -56.48
C SER B 135 25.22 5.90 -57.35
N ARG B 136 25.78 6.16 -58.53
CA ARG B 136 25.18 7.08 -59.49
C ARG B 136 24.14 6.40 -60.37
N ILE B 137 23.98 5.08 -60.26
CA ILE B 137 22.98 4.34 -61.01
C ILE B 137 22.05 3.64 -60.02
N LYS B 138 20.75 3.81 -60.22
CA LYS B 138 19.74 3.23 -59.36
C LYS B 138 18.78 2.38 -60.20
N LEU B 139 18.43 1.21 -59.69
CA LEU B 139 17.62 0.26 -60.42
C LEU B 139 16.60 -0.40 -59.48
N GLY B 140 15.55 -0.96 -60.09
CA GLY B 140 14.51 -1.63 -59.34
C GLY B 140 14.28 -3.05 -59.87
N TYR B 141 13.44 -3.78 -59.17
CA TYR B 141 13.18 -5.17 -59.51
C TYR B 141 12.50 -5.28 -60.87
N MET B 142 12.76 -6.38 -61.57
CA MET B 142 12.15 -6.65 -62.86
C MET B 142 10.80 -7.32 -62.64
N ILE B 143 9.80 -6.48 -62.37
CA ILE B 143 8.46 -6.95 -62.07
C ILE B 143 7.64 -6.93 -63.36
N PRO B 144 6.82 -7.96 -63.63
CA PRO B 144 5.98 -7.91 -64.83
C PRO B 144 4.95 -6.79 -64.74
N ALA B 145 4.60 -6.25 -65.90
CA ALA B 145 3.64 -5.16 -65.98
C ALA B 145 2.29 -5.58 -65.39
N LEU B 183 6.22 -10.58 -70.63
CA LEU B 183 6.35 -9.13 -70.65
C LEU B 183 6.84 -8.62 -69.30
N TYR B 184 7.72 -7.62 -69.34
CA TYR B 184 8.25 -7.01 -68.13
C TYR B 184 8.51 -5.54 -68.39
N THR B 185 8.69 -4.78 -67.31
CA THR B 185 8.96 -3.36 -67.42
C THR B 185 9.88 -2.95 -66.28
N PHE B 186 10.60 -1.85 -66.48
CA PHE B 186 11.43 -1.32 -65.41
C PHE B 186 11.88 0.09 -65.76
N SER B 187 12.18 0.86 -64.73
CA SER B 187 12.67 2.23 -64.87
C SER B 187 14.10 2.31 -64.34
N PHE B 188 14.88 3.20 -64.95
CA PHE B 188 16.28 3.38 -64.59
C PHE B 188 16.60 4.86 -64.49
N GLU B 189 17.63 5.16 -63.69
CA GLU B 189 18.09 6.52 -63.49
C GLU B 189 19.61 6.52 -63.42
N LEU B 190 20.22 7.63 -63.83
CA LEU B 190 21.68 7.77 -63.79
C LEU B 190 22.01 9.25 -63.78
N ASP B 191 22.56 9.73 -62.67
CA ASP B 191 22.94 11.14 -62.52
C ASP B 191 24.37 11.30 -63.00
N GLU B 192 24.55 11.43 -64.31
CA GLU B 192 25.89 11.54 -64.88
C GLU B 192 26.60 12.80 -64.39
N ASP B 193 25.85 13.82 -63.97
CA ASP B 193 26.46 15.09 -63.59
C ASP B 193 27.47 14.92 -62.47
N LEU B 194 27.25 13.97 -61.57
CA LEU B 194 28.14 13.76 -60.42
C LEU B 194 29.29 12.80 -60.73
N ILE B 195 29.37 12.28 -61.95
CA ILE B 195 30.48 11.41 -62.30
C ILE B 195 31.78 12.18 -62.19
N ALA B 196 32.82 11.52 -61.65
CA ALA B 196 34.14 12.13 -61.49
C ALA B 196 34.07 13.40 -60.65
N VAL B 197 33.28 13.35 -59.57
CA VAL B 197 33.15 14.49 -58.67
C VAL B 197 33.35 14.00 -57.24
N PRO B 198 34.22 14.63 -56.45
CA PRO B 198 34.36 14.21 -55.04
C PRO B 198 33.05 14.33 -54.30
N SER B 199 32.80 13.37 -53.42
CA SER B 199 31.58 13.31 -52.61
C SER B 199 31.79 13.86 -51.20
N THR B 200 32.88 13.48 -50.55
CA THR B 200 33.15 13.95 -49.20
C THR B 200 33.56 15.42 -49.22
N PHE B 201 33.32 16.09 -48.10
CA PHE B 201 33.65 17.50 -47.94
C PHE B 201 34.97 17.64 -47.19
N GLY B 202 35.72 18.68 -47.56
CA GLY B 202 37.02 18.92 -46.95
C GLY B 202 37.80 20.00 -47.66
N GLU B 203 39.07 19.71 -47.98
CA GLU B 203 39.94 20.64 -48.67
C GLU B 203 40.50 19.97 -49.92
N LYS B 204 40.86 20.80 -50.89
CA LYS B 204 41.38 20.28 -52.15
C LYS B 204 42.67 19.48 -51.91
N VAL B 205 42.80 18.38 -52.64
CA VAL B 205 43.98 17.53 -52.56
C VAL B 205 44.50 17.29 -53.97
N LYS B 206 45.80 16.98 -54.05
CA LYS B 206 46.44 16.80 -55.34
C LYS B 206 45.78 15.66 -56.11
N GLY B 207 45.70 15.82 -57.43
CA GLY B 207 45.13 14.83 -58.31
C GLY B 207 43.78 15.20 -58.90
N GLU B 208 43.14 16.25 -58.39
CA GLU B 208 41.83 16.63 -58.92
C GLU B 208 41.90 17.00 -60.40
N GLU B 209 43.05 17.51 -60.85
CA GLU B 209 43.17 17.90 -62.26
C GLU B 209 42.98 16.71 -63.18
N GLU B 210 43.46 15.53 -62.79
CA GLU B 210 43.24 14.34 -63.60
C GLU B 210 41.75 14.05 -63.73
N LEU B 211 41.01 14.16 -62.64
CA LEU B 211 39.56 13.96 -62.71
C LEU B 211 38.90 15.00 -63.60
N GLU B 212 39.35 16.25 -63.49
CA GLU B 212 38.81 17.30 -64.35
C GLU B 212 39.03 16.94 -65.82
N ARG B 213 40.23 16.47 -66.15
CA ARG B 213 40.52 16.11 -67.54
C ARG B 213 39.70 14.92 -68.00
N GLN B 214 39.54 13.91 -67.14
CA GLN B 214 38.89 12.66 -67.52
C GLN B 214 37.38 12.69 -67.32
N LYS B 215 36.82 13.81 -66.87
CA LYS B 215 35.37 13.89 -66.67
C LYS B 215 34.62 13.57 -67.95
N ALA B 216 35.02 14.18 -69.07
CA ALA B 216 34.31 13.95 -70.33
C ALA B 216 34.41 12.49 -70.75
N LYS B 217 35.60 11.91 -70.65
CA LYS B 217 35.78 10.51 -71.05
C LYS B 217 34.93 9.59 -70.17
N ARG B 218 34.90 9.84 -68.86
CA ARG B 218 34.11 9.00 -67.97
C ARG B 218 32.62 9.16 -68.25
N VAL B 219 32.18 10.38 -68.56
CA VAL B 219 30.78 10.59 -68.90
C VAL B 219 30.41 9.84 -70.17
N LYS B 220 31.30 9.89 -71.17
CA LYS B 220 31.04 9.14 -72.40
C LYS B 220 31.00 7.64 -72.12
N SER B 221 31.90 7.15 -71.28
CA SER B 221 31.89 5.74 -70.92
C SER B 221 30.59 5.35 -70.24
N ALA B 222 30.11 6.19 -69.32
CA ALA B 222 28.84 5.91 -68.65
C ALA B 222 27.69 5.90 -69.65
N ILE B 223 27.70 6.84 -70.59
CA ILE B 223 26.66 6.88 -71.60
C ILE B 223 26.67 5.60 -72.43
N LYS B 224 27.86 5.15 -72.82
CA LYS B 224 27.97 3.94 -73.63
C LYS B 224 27.61 2.68 -72.83
N ALA B 225 27.81 2.71 -71.52
CA ALA B 225 27.60 1.52 -70.71
C ALA B 225 26.15 1.05 -70.74
N LEU B 226 25.20 1.99 -70.68
CA LEU B 226 23.79 1.62 -70.57
C LEU B 226 23.32 0.82 -71.78
N TYR B 227 24.03 0.88 -72.90
CA TYR B 227 23.62 0.14 -74.08
C TYR B 227 23.58 -1.36 -73.80
N SER B 228 24.49 -1.85 -72.96
CA SER B 228 24.50 -3.27 -72.64
C SER B 228 23.18 -3.70 -72.02
N LEU B 229 22.73 -3.00 -70.99
CA LEU B 229 21.46 -3.31 -70.37
C LEU B 229 20.31 -3.11 -71.35
N LEU B 230 20.37 -2.02 -72.13
CA LEU B 230 19.27 -1.72 -73.04
C LEU B 230 19.09 -2.82 -74.08
N SER B 231 20.20 -3.41 -74.54
CA SER B 231 20.10 -4.47 -75.54
C SER B 231 19.42 -5.72 -74.98
N GLY B 232 19.44 -5.88 -73.66
CA GLY B 232 18.88 -7.05 -73.03
C GLY B 232 19.87 -8.17 -72.76
N ASN B 233 21.16 -7.91 -72.92
CA ASN B 233 22.20 -8.94 -72.74
C ASN B 233 22.60 -8.95 -71.27
N PHE B 234 21.90 -9.78 -70.51
CA PHE B 234 22.21 -9.96 -69.09
C PHE B 234 21.45 -11.15 -68.50
N SER B 244 15.42 -14.79 -76.89
CA SER B 244 14.45 -14.02 -77.66
C SER B 244 14.00 -12.79 -76.89
N MET B 245 14.60 -11.64 -77.19
CA MET B 245 14.28 -10.38 -76.55
C MET B 245 14.01 -9.34 -77.63
N LYS B 246 12.85 -8.69 -77.55
CA LYS B 246 12.46 -7.66 -78.51
C LYS B 246 11.90 -6.48 -77.75
N LEU B 247 12.48 -5.31 -77.96
CA LEU B 247 11.99 -4.09 -77.32
C LEU B 247 10.60 -3.76 -77.81
N MET B 248 9.76 -3.26 -76.90
CA MET B 248 8.38 -2.89 -77.21
C MET B 248 8.16 -1.39 -77.09
N SER B 249 8.49 -0.80 -75.95
CA SER B 249 8.34 0.63 -75.73
C SER B 249 9.50 1.14 -74.88
N LEU B 250 9.99 2.33 -75.21
CA LEU B 250 11.10 2.90 -74.46
C LEU B 250 10.95 4.42 -74.44
N VAL B 251 11.19 5.01 -73.28
CA VAL B 251 11.24 6.47 -73.13
C VAL B 251 12.49 6.81 -72.33
N VAL B 252 13.26 7.78 -72.80
CA VAL B 252 14.47 8.21 -72.11
C VAL B 252 14.53 9.73 -72.13
N THR B 253 14.79 10.32 -70.98
CA THR B 253 14.79 11.77 -70.81
C THR B 253 16.08 12.21 -70.15
N LYS B 254 16.57 13.37 -70.57
CA LYS B 254 17.74 14.02 -69.98
C LYS B 254 17.34 15.40 -69.50
N THR B 255 17.46 15.63 -68.20
CA THR B 255 17.04 16.88 -67.59
C THR B 255 18.08 17.34 -66.58
N ASP B 256 18.06 18.64 -66.31
CA ASP B 256 18.96 19.24 -65.33
C ASP B 256 18.33 19.33 -63.94
N PHE B 257 17.13 18.79 -63.75
CA PHE B 257 16.42 18.81 -62.49
C PHE B 257 15.92 17.41 -62.18
N PRO B 258 15.65 17.11 -60.91
CA PRO B 258 15.18 15.76 -60.56
C PRO B 258 13.88 15.44 -61.30
N PHE B 259 13.78 14.19 -61.74
CA PHE B 259 12.60 13.73 -62.45
C PHE B 259 12.53 12.21 -62.38
N MET B 260 11.33 11.69 -62.62
CA MET B 260 11.10 10.26 -62.63
C MET B 260 10.07 9.90 -63.70
N PRO B 261 10.45 9.16 -64.75
CA PRO B 261 9.47 8.83 -65.79
C PRO B 261 8.37 7.93 -65.25
N GLU B 262 7.19 8.06 -65.85
CA GLU B 262 6.06 7.25 -65.41
C GLU B 262 6.35 5.78 -65.61
N PRO B 263 5.99 4.91 -64.66
CA PRO B 263 6.19 3.47 -64.86
C PRO B 263 5.39 2.98 -66.06
N ALA B 264 5.96 1.99 -66.75
CA ALA B 264 5.32 1.41 -67.94
C ALA B 264 4.18 0.48 -67.53
N HIS B 265 3.19 1.06 -66.86
CA HIS B 265 1.99 0.33 -66.46
C HIS B 265 0.75 0.73 -67.26
N ASP B 266 0.75 1.92 -67.85
CA ASP B 266 -0.38 2.42 -68.62
C ASP B 266 0.03 2.54 -70.09
N ASP B 267 -0.88 2.13 -70.98
CA ASP B 267 -0.57 2.19 -72.41
C ASP B 267 -0.34 3.62 -72.87
N ASP B 268 -1.15 4.55 -72.38
CA ASP B 268 -1.02 5.97 -72.76
C ASP B 268 -0.11 6.73 -71.81
N TYR B 269 1.10 6.21 -71.62
CA TYR B 269 2.11 6.85 -70.80
C TYR B 269 3.10 7.68 -71.60
N ILE B 270 2.88 7.79 -72.92
CA ILE B 270 3.78 8.59 -73.75
C ILE B 270 3.42 10.07 -73.67
N LYS B 271 2.12 10.38 -73.76
CA LYS B 271 1.69 11.77 -73.66
C LYS B 271 1.84 12.30 -72.24
N THR B 272 1.49 11.47 -71.25
CA THR B 272 1.55 11.93 -69.86
C THR B 272 2.97 12.29 -69.45
N THR B 273 3.95 11.46 -69.82
CA THR B 273 5.33 11.75 -69.45
C THR B 273 5.81 13.04 -70.10
N ILE B 274 5.46 13.25 -71.37
CA ILE B 274 5.88 14.47 -72.06
C ILE B 274 5.26 15.69 -71.41
N MET B 275 3.97 15.64 -71.11
CA MET B 275 3.30 16.77 -70.46
C MET B 275 3.92 17.06 -69.11
N ARG B 276 4.17 16.00 -68.32
CA ARG B 276 4.77 16.19 -67.00
C ARG B 276 6.16 16.79 -67.11
N LEU B 277 6.96 16.31 -68.07
CA LEU B 277 8.29 16.85 -68.25
C LEU B 277 8.24 18.33 -68.60
N GLY B 278 7.37 18.70 -69.54
CA GLY B 278 7.26 20.10 -69.91
C GLY B 278 6.84 20.97 -68.75
N LYS B 279 5.81 20.55 -68.02
CA LYS B 279 5.33 21.35 -66.91
C LYS B 279 6.37 21.46 -65.80
N ALA B 280 7.07 20.35 -65.50
CA ALA B 280 8.11 20.39 -64.48
C ALA B 280 9.24 21.30 -64.88
N LYS B 281 9.67 21.24 -66.15
CA LYS B 281 10.73 22.13 -66.60
C LYS B 281 10.29 23.58 -66.51
N GLY B 282 9.04 23.87 -66.88
CA GLY B 282 8.57 25.24 -66.79
C GLY B 282 8.52 25.75 -65.36
N VAL B 283 7.98 24.94 -64.44
CA VAL B 283 7.80 25.40 -63.07
C VAL B 283 9.14 25.51 -62.35
N LEU B 284 10.01 24.51 -62.53
CA LEU B 284 11.26 24.48 -61.77
C LEU B 284 12.28 25.49 -62.25
N ASN B 285 12.05 26.16 -63.39
CA ASN B 285 12.97 27.15 -63.92
C ASN B 285 14.30 26.50 -64.29
N GLY B 286 14.22 25.42 -65.07
CA GLY B 286 15.40 24.71 -65.52
C GLY B 286 16.01 25.38 -66.74
N ASN B 287 17.00 24.69 -67.32
CA ASN B 287 17.72 25.21 -68.49
C ASN B 287 17.91 24.18 -69.58
N LEU B 288 17.41 22.95 -69.41
CA LEU B 288 17.55 21.94 -70.45
C LEU B 288 16.64 20.77 -70.11
N ALA B 289 15.94 20.26 -71.12
CA ALA B 289 15.07 19.10 -70.94
C ALA B 289 14.83 18.49 -72.33
N LYS B 290 15.35 17.28 -72.55
CA LYS B 290 15.21 16.59 -73.82
C LYS B 290 14.59 15.22 -73.58
N ALA B 291 13.75 14.79 -74.50
CA ALA B 291 13.05 13.52 -74.41
C ALA B 291 13.18 12.75 -75.70
N TYR B 292 13.17 11.42 -75.59
CA TYR B 292 13.28 10.54 -76.74
C TYR B 292 12.40 9.33 -76.49
N VAL B 293 11.71 8.88 -77.54
CA VAL B 293 10.75 7.79 -77.44
C VAL B 293 10.98 6.82 -78.60
N ILE B 294 10.99 5.53 -78.29
CA ILE B 294 11.03 4.47 -79.29
C ILE B 294 9.78 3.62 -79.10
N ASN B 295 8.96 3.56 -80.15
CA ASN B 295 7.70 2.83 -80.14
C ASN B 295 7.75 1.74 -81.20
N ASN B 296 7.30 0.54 -80.83
CA ASN B 296 7.27 -0.59 -81.75
C ASN B 296 5.94 -1.32 -81.76
N GLU B 297 4.89 -0.75 -81.15
CA GLU B 297 3.57 -1.35 -81.13
C GLU B 297 2.48 -0.39 -81.59
N GLY B 298 2.85 0.74 -82.20
CA GLY B 298 1.87 1.67 -82.71
C GLY B 298 1.01 2.30 -81.64
N ILE B 299 1.63 2.74 -80.55
CA ILE B 299 0.90 3.38 -79.46
C ILE B 299 1.17 4.88 -79.46
N VAL B 307 11.97 10.70 -82.23
CA VAL B 307 11.66 9.30 -82.46
C VAL B 307 12.84 8.61 -83.12
N LEU B 308 13.57 7.82 -82.34
CA LEU B 308 14.74 7.10 -82.84
C LEU B 308 14.35 5.72 -83.32
N SER B 309 15.28 5.05 -83.99
CA SER B 309 15.04 3.73 -84.57
C SER B 309 15.65 2.60 -83.75
N THR B 310 16.84 2.80 -83.18
CA THR B 310 17.51 1.76 -82.41
C THR B 310 18.13 2.39 -81.16
N VAL B 311 18.58 1.52 -80.25
CA VAL B 311 19.21 2.00 -79.03
C VAL B 311 20.52 2.70 -79.34
N GLU B 312 21.24 2.22 -80.36
CA GLU B 312 22.52 2.84 -80.70
C GLU B 312 22.34 4.30 -81.09
N ASP B 313 21.25 4.63 -81.77
CA ASP B 313 20.98 6.02 -82.11
C ASP B 313 20.81 6.86 -80.86
N LEU B 314 20.07 6.35 -79.87
CA LEU B 314 19.92 7.08 -78.61
C LEU B 314 21.26 7.25 -77.92
N VAL B 315 22.09 6.21 -77.92
CA VAL B 315 23.40 6.29 -77.27
C VAL B 315 24.25 7.36 -77.95
N VAL B 316 24.24 7.38 -79.28
CA VAL B 316 25.02 8.38 -80.01
C VAL B 316 24.50 9.78 -79.69
N LYS B 317 23.17 9.95 -79.69
CA LYS B 317 22.61 11.26 -79.41
C LYS B 317 22.99 11.74 -78.02
N LEU B 318 22.93 10.87 -77.03
CA LEU B 318 23.27 11.22 -75.66
C LEU B 318 24.74 11.61 -75.55
N MET C 1 -28.78 -22.60 31.83
CA MET C 1 -28.01 -21.41 31.36
C MET C 1 -27.82 -21.45 29.85
N ILE C 2 -27.45 -20.31 29.29
CA ILE C 2 -27.05 -20.21 27.88
C ILE C 2 -25.74 -19.46 27.83
N SER C 3 -24.69 -20.12 27.35
CA SER C 3 -23.37 -19.51 27.24
C SER C 3 -22.96 -19.49 25.77
N GLY C 4 -21.99 -18.65 25.44
CA GLY C 4 -21.56 -18.59 24.06
C GLY C 4 -20.26 -17.82 23.89
N SER C 5 -19.63 -18.07 22.74
CA SER C 5 -18.43 -17.36 22.30
C SER C 5 -18.55 -17.09 20.80
N VAL C 6 -18.14 -15.89 20.38
CA VAL C 6 -18.40 -15.41 19.04
C VAL C 6 -17.17 -14.70 18.49
N ARG C 7 -17.02 -14.74 17.17
CA ARG C 7 -15.88 -14.17 16.46
C ARG C 7 -16.38 -13.28 15.33
N PHE C 8 -15.90 -12.03 15.31
CA PHE C 8 -16.32 -11.01 14.35
C PHE C 8 -15.10 -10.52 13.57
N LEU C 9 -15.35 -9.95 12.39
CA LEU C 9 -14.32 -9.38 11.54
C LEU C 9 -14.74 -7.94 11.20
N VAL C 10 -14.04 -6.95 11.74
CA VAL C 10 -14.45 -5.56 11.67
C VAL C 10 -13.39 -4.75 10.93
N ASN C 11 -13.84 -3.87 10.03
CA ASN C 11 -12.97 -3.05 9.20
C ASN C 11 -13.37 -1.59 9.29
N LEU C 12 -12.38 -0.71 9.37
CA LEU C 12 -12.58 0.74 9.35
C LEU C 12 -13.68 1.15 10.32
N GLU C 13 -13.35 0.96 11.59
CA GLU C 13 -14.31 1.04 12.69
C GLU C 13 -13.86 2.03 13.75
N SER C 14 -14.85 2.66 14.39
CA SER C 14 -14.62 3.47 15.59
C SER C 14 -15.90 3.41 16.41
N LEU C 15 -15.97 2.46 17.34
CA LEU C 15 -17.17 2.22 18.12
C LEU C 15 -17.01 2.55 19.59
N ASN C 16 -15.82 2.92 20.03
CA ASN C 16 -15.61 3.32 21.42
C ASN C 16 -14.54 4.38 21.47
N GLY C 17 -14.72 5.35 22.37
CA GLY C 17 -13.76 6.43 22.51
C GLY C 17 -13.55 6.77 23.97
N VAL C 18 -12.52 7.56 24.21
CA VAL C 18 -12.14 8.01 25.54
C VAL C 18 -11.73 9.48 25.44
N GLU C 19 -11.33 10.06 26.57
CA GLU C 19 -10.90 11.45 26.61
C GLU C 19 -9.98 11.77 25.44
N SER C 20 -10.18 12.95 24.86
CA SER C 20 -9.47 13.39 23.67
C SER C 20 -8.34 14.35 24.05
N ILE C 21 -7.37 14.47 23.14
CA ILE C 21 -6.26 15.40 23.30
C ILE C 21 -6.22 16.29 22.06
N GLY C 22 -6.18 17.59 22.28
CA GLY C 22 -6.14 18.52 21.15
C GLY C 22 -7.33 18.27 20.24
N ASN C 23 -7.05 18.19 18.93
CA ASN C 23 -8.08 17.89 17.94
C ASN C 23 -8.06 16.42 17.53
N LEU C 24 -7.69 15.53 18.46
CA LEU C 24 -7.58 14.10 18.19
C LEU C 24 -8.56 13.35 19.08
N THR C 25 -9.38 12.50 18.47
CA THR C 25 -10.31 11.63 19.19
C THR C 25 -9.73 10.23 19.25
N LYS C 26 -9.68 9.65 20.45
CA LYS C 26 -8.92 8.45 20.71
C LYS C 26 -9.82 7.22 20.74
N HIS C 27 -9.21 6.08 20.41
CA HIS C 27 -9.84 4.78 20.50
C HIS C 27 -9.33 4.08 21.76
N ARG C 28 -10.22 3.36 22.44
CA ARG C 28 -9.85 2.72 23.68
C ARG C 28 -8.82 1.63 23.44
N THR C 29 -7.84 1.53 24.34
CA THR C 29 -6.77 0.54 24.23
C THR C 29 -6.47 -0.03 25.60
N ALA C 30 -5.89 -1.23 25.61
CA ALA C 30 -5.58 -1.92 26.85
C ALA C 30 -4.40 -2.85 26.62
N PRO C 31 -3.70 -3.26 27.68
CA PRO C 31 -2.60 -4.22 27.52
C PRO C 31 -3.10 -5.65 27.46
N VAL C 32 -2.28 -6.50 26.84
CA VAL C 32 -2.56 -7.93 26.77
C VAL C 32 -1.23 -8.67 26.80
N VAL C 33 -1.22 -9.81 27.49
CA VAL C 33 -0.06 -10.68 27.56
C VAL C 33 -0.27 -11.83 26.58
N LEU C 34 0.58 -11.91 25.57
CA LEU C 34 0.48 -12.91 24.52
C LEU C 34 1.69 -13.83 24.59
N LYS C 35 1.45 -15.13 24.56
CA LYS C 35 2.52 -16.12 24.60
C LYS C 35 2.92 -16.45 23.17
N THR C 36 4.15 -16.12 22.81
CA THR C 36 4.71 -16.40 21.51
C THR C 36 5.78 -17.49 21.63
N SER C 37 6.17 -18.03 20.47
CA SER C 37 7.17 -19.08 20.44
C SER C 37 8.46 -18.70 21.14
N THR C 38 8.69 -17.41 21.38
CA THR C 38 9.90 -16.96 22.06
C THR C 38 9.71 -16.71 23.55
N GLY C 39 8.48 -16.46 23.99
CA GLY C 39 8.24 -16.17 25.40
C GLY C 39 6.89 -15.55 25.68
N TYR C 40 6.86 -14.53 26.53
CA TYR C 40 5.63 -13.88 26.96
C TYR C 40 5.73 -12.39 26.69
N LEU C 41 5.16 -11.95 25.58
CA LEU C 41 5.22 -10.55 25.18
C LEU C 41 4.03 -9.77 25.74
N VAL C 42 4.20 -8.47 25.84
CA VAL C 42 3.15 -7.55 26.28
C VAL C 42 2.87 -6.59 25.14
N ARG C 43 1.60 -6.44 24.79
CA ARG C 43 1.20 -5.60 23.66
C ARG C 43 0.06 -4.69 24.07
N TYR C 44 -0.14 -3.63 23.30
CA TYR C 44 -1.25 -2.71 23.47
C TYR C 44 -2.20 -2.86 22.30
N VAL C 45 -3.49 -3.00 22.60
CA VAL C 45 -4.46 -3.39 21.59
C VAL C 45 -5.76 -2.63 21.82
N PRO C 46 -6.47 -2.29 20.73
CA PRO C 46 -7.77 -1.63 20.89
C PRO C 46 -8.82 -2.59 21.44
N VAL C 47 -9.55 -2.12 22.45
CA VAL C 47 -10.58 -2.92 23.11
C VAL C 47 -11.85 -2.08 23.21
N ILE C 48 -12.99 -2.77 23.28
CA ILE C 48 -14.30 -2.15 23.41
C ILE C 48 -14.90 -2.59 24.73
N SER C 49 -15.22 -1.63 25.59
CA SER C 49 -15.75 -1.95 26.90
C SER C 49 -17.03 -2.78 26.79
N GLY C 50 -17.31 -3.54 27.84
CA GLY C 50 -18.51 -4.35 27.85
C GLY C 50 -19.78 -3.58 28.14
N GLU C 51 -19.66 -2.40 28.75
CA GLU C 51 -20.85 -1.64 29.08
C GLU C 51 -21.54 -1.07 27.84
N ALA C 52 -20.79 -0.82 26.77
CA ALA C 52 -21.43 -0.45 25.51
C ALA C 52 -22.33 -1.57 25.03
N LEU C 53 -21.84 -2.80 25.06
CA LEU C 53 -22.66 -3.94 24.67
C LEU C 53 -23.85 -4.10 25.60
N ALA C 54 -23.65 -3.90 26.90
CA ALA C 54 -24.75 -4.00 27.85
C ALA C 54 -25.82 -2.95 27.56
N HIS C 55 -25.40 -1.72 27.26
CA HIS C 55 -26.36 -0.67 26.95
C HIS C 55 -27.14 -1.00 25.69
N ALA C 56 -26.46 -1.50 24.65
CA ALA C 56 -27.18 -1.88 23.44
C ALA C 56 -28.19 -2.97 23.73
N TYR C 57 -27.80 -3.99 24.50
CA TYR C 57 -28.70 -5.09 24.81
C TYR C 57 -29.92 -4.59 25.59
N GLN C 58 -29.69 -3.74 26.59
CA GLN C 58 -30.80 -3.27 27.41
C GLN C 58 -31.73 -2.37 26.62
N ALA C 59 -31.19 -1.57 25.69
CA ALA C 59 -32.06 -0.77 24.83
C ALA C 59 -32.93 -1.67 23.96
N SER C 60 -32.35 -2.71 23.36
CA SER C 60 -33.14 -3.63 22.57
C SER C 60 -34.22 -4.30 23.41
N LEU C 61 -33.87 -4.69 24.64
CA LEU C 61 -34.85 -5.29 25.52
C LEU C 61 -35.98 -4.32 25.82
N VAL C 62 -35.67 -3.05 26.06
CA VAL C 62 -36.71 -2.07 26.32
C VAL C 62 -37.66 -1.97 25.13
N ASP C 63 -37.08 -1.89 23.94
CA ASP C 63 -37.92 -1.82 22.73
C ASP C 63 -38.86 -3.01 22.66
N ILE C 64 -38.33 -4.22 22.79
CA ILE C 64 -39.16 -5.40 22.63
C ILE C 64 -40.21 -5.47 23.72
N ALA C 65 -39.83 -5.18 24.97
CA ALA C 65 -40.78 -5.24 26.07
C ALA C 65 -41.93 -4.25 25.85
N LYS C 66 -41.62 -3.03 25.42
CA LYS C 66 -42.69 -2.08 25.13
C LYS C 66 -43.58 -2.60 24.02
N LYS C 67 -42.99 -3.17 22.97
CA LYS C 67 -43.80 -3.63 21.84
C LYS C 67 -44.67 -4.82 22.19
N GLU C 68 -44.28 -5.64 23.17
CA GLU C 68 -45.05 -6.86 23.47
C GLU C 68 -46.13 -6.64 24.51
N GLY C 69 -45.90 -5.77 25.49
CA GLY C 69 -46.95 -5.45 26.45
C GLY C 69 -46.56 -5.67 27.90
N LEU C 70 -45.28 -5.83 28.16
CA LEU C 70 -44.80 -5.99 29.52
C LEU C 70 -44.50 -4.63 30.14
N PRO C 71 -44.55 -4.53 31.47
CA PRO C 71 -44.32 -3.23 32.10
C PRO C 71 -42.91 -2.73 31.87
N VAL C 72 -42.78 -1.41 31.80
CA VAL C 72 -41.49 -0.75 31.64
C VAL C 72 -41.49 0.51 32.50
N GLY C 73 -40.33 0.82 33.07
CA GLY C 73 -40.22 1.91 34.00
C GLY C 73 -40.53 3.26 33.38
N SER C 74 -40.42 4.32 34.18
CA SER C 74 -40.66 5.67 33.67
C SER C 74 -39.41 6.20 32.97
N LEU C 75 -38.31 6.31 33.71
CA LEU C 75 -37.08 6.84 33.13
C LEU C 75 -36.56 5.94 32.01
N SER C 76 -36.58 4.63 32.22
CA SER C 76 -35.98 3.72 31.24
C SER C 76 -36.69 3.76 29.90
N SER C 77 -37.93 4.26 29.85
CA SER C 77 -38.61 4.40 28.57
C SER C 77 -37.92 5.40 27.66
N GLN C 78 -37.12 6.30 28.23
CA GLN C 78 -36.37 7.29 27.47
C GLN C 78 -34.91 6.88 27.27
N TYR C 79 -34.57 5.63 27.57
CA TYR C 79 -33.22 5.11 27.36
C TYR C 79 -32.22 5.78 28.28
N GLU C 80 -32.60 5.98 29.55
CA GLU C 80 -31.70 6.46 30.58
C GLU C 80 -31.72 5.43 31.70
N PHE C 81 -30.67 4.62 31.77
CA PHE C 81 -30.63 3.48 32.69
C PHE C 81 -29.94 3.87 33.99
N ILE C 82 -30.57 4.78 34.72
CA ILE C 82 -30.22 4.96 36.12
C ILE C 82 -30.93 3.95 37.00
N LYS C 83 -31.98 3.32 36.48
CA LYS C 83 -32.76 2.31 37.19
C LYS C 83 -33.27 2.95 38.47
N PHE C 84 -32.86 2.49 39.66
CA PHE C 84 -33.37 3.02 40.91
C PHE C 84 -32.23 3.24 41.89
N SER C 85 -31.12 3.79 41.40
CA SER C 85 -29.94 3.97 42.24
C SER C 85 -30.16 5.06 43.29
N THR C 86 -30.41 6.28 42.84
CA THR C 86 -30.53 7.43 43.73
C THR C 86 -31.99 7.72 44.06
N ASP C 87 -32.18 8.60 45.05
CA ASP C 87 -33.52 8.90 45.53
C ASP C 87 -34.37 9.59 44.47
N GLU C 88 -33.76 10.39 43.60
CA GLU C 88 -34.53 11.10 42.59
C GLU C 88 -35.22 10.13 41.64
N ALA C 89 -34.53 9.04 41.29
CA ALA C 89 -35.15 8.04 40.43
C ALA C 89 -36.39 7.45 41.10
N LEU C 90 -36.30 7.14 42.39
CA LEU C 90 -37.48 6.67 43.12
C LEU C 90 -38.59 7.71 43.09
N LYS C 91 -38.24 8.97 43.37
CA LYS C 91 -39.27 10.01 43.43
C LYS C 91 -39.99 10.14 42.09
N ILE C 92 -39.25 10.10 40.99
CA ILE C 92 -39.88 10.14 39.67
C ILE C 92 -40.74 8.91 39.46
N GLU C 93 -40.24 7.73 39.85
CA GLU C 93 -40.97 6.51 39.63
C GLU C 93 -42.15 6.36 40.59
N GLY C 94 -42.05 6.95 41.78
CA GLY C 94 -43.15 6.91 42.72
C GLY C 94 -43.16 5.64 43.56
N ILE C 95 -42.06 5.37 44.26
CA ILE C 95 -41.95 4.21 45.12
C ILE C 95 -41.34 4.65 46.45
N LYS C 96 -41.66 3.91 47.51
CA LYS C 96 -41.20 4.23 48.85
C LYS C 96 -39.92 3.48 49.16
N GLU C 97 -38.99 4.17 49.82
CA GLU C 97 -37.74 3.53 50.21
C GLU C 97 -38.01 2.52 51.32
N PRO C 98 -37.16 1.50 51.44
CA PRO C 98 -37.35 0.52 52.52
C PRO C 98 -37.02 1.12 53.88
N LYS C 99 -37.61 0.52 54.92
CA LYS C 99 -37.42 1.00 56.28
C LYS C 99 -36.28 0.26 56.98
N ASP C 100 -36.38 -1.06 57.07
CA ASP C 100 -35.36 -1.87 57.74
C ASP C 100 -35.21 -3.18 56.97
N TYR C 101 -34.33 -4.05 57.49
CA TYR C 101 -34.00 -5.29 56.78
C TYR C 101 -35.25 -6.09 56.48
N ASN C 102 -36.13 -6.25 57.46
CA ASN C 102 -37.28 -7.14 57.29
C ASN C 102 -38.19 -6.71 56.16
N ASP C 103 -38.21 -5.42 55.82
CA ASP C 103 -39.05 -4.93 54.73
C ASP C 103 -38.37 -5.00 53.37
N ALA C 104 -37.05 -5.21 53.33
CA ALA C 104 -36.31 -5.08 52.09
C ALA C 104 -36.95 -5.90 50.97
N ARG C 105 -37.31 -7.14 51.27
CA ARG C 105 -37.86 -8.01 50.23
C ARG C 105 -38.99 -7.32 49.48
N ARG C 106 -39.92 -6.72 50.21
CA ARG C 106 -41.05 -6.07 49.55
C ARG C 106 -40.58 -5.12 48.47
N PHE C 107 -39.62 -4.26 48.81
CA PHE C 107 -39.04 -3.35 47.84
C PHE C 107 -38.72 -4.08 46.54
N GLU C 108 -37.90 -5.12 46.62
CA GLU C 108 -37.41 -5.78 45.41
C GLU C 108 -38.57 -6.24 44.53
N VAL C 109 -39.69 -6.62 45.13
CA VAL C 109 -40.82 -7.09 44.33
C VAL C 109 -41.41 -5.93 43.53
N GLU C 110 -41.67 -4.81 44.20
CA GLU C 110 -42.33 -3.69 43.54
C GLU C 110 -41.49 -3.19 42.37
N VAL C 111 -40.21 -2.91 42.63
CA VAL C 111 -39.32 -2.46 41.58
C VAL C 111 -39.25 -3.49 40.46
N MET C 112 -39.42 -4.76 40.80
CA MET C 112 -39.31 -5.83 39.82
C MET C 112 -40.61 -6.04 39.05
N LEU C 113 -41.68 -5.36 39.44
CA LEU C 113 -42.94 -5.40 38.69
C LEU C 113 -43.11 -4.21 37.77
N LYS C 114 -42.44 -3.10 38.04
CA LYS C 114 -42.59 -1.87 37.29
C LYS C 114 -41.63 -1.75 36.12
N ASP C 115 -40.60 -2.60 36.04
CA ASP C 115 -39.56 -2.43 35.03
C ASP C 115 -38.91 -3.76 34.74
N VAL C 116 -39.08 -4.27 33.53
CA VAL C 116 -38.42 -5.50 33.13
C VAL C 116 -36.91 -5.34 33.15
N ILE C 117 -36.41 -4.12 32.88
CA ILE C 117 -34.98 -3.90 32.84
C ILE C 117 -34.37 -4.11 34.22
N ALA C 118 -35.00 -3.57 35.26
CA ALA C 118 -34.49 -3.80 36.61
C ALA C 118 -34.55 -5.28 36.97
N ASP C 119 -35.37 -6.05 36.26
CA ASP C 119 -35.42 -7.49 36.50
C ASP C 119 -34.23 -8.18 35.83
N VAL C 120 -34.07 -8.02 34.52
CA VAL C 120 -33.05 -8.76 33.79
C VAL C 120 -31.65 -8.27 34.16
N GLY C 121 -31.46 -6.95 34.22
CA GLY C 121 -30.14 -6.39 34.42
C GLY C 121 -29.76 -6.06 35.83
N GLY C 122 -30.65 -6.23 36.80
CA GLY C 122 -30.32 -5.97 38.19
C GLY C 122 -30.28 -4.48 38.49
N PHE C 123 -30.02 -4.18 39.75
CA PHE C 123 -29.96 -2.80 40.21
C PHE C 123 -29.30 -2.74 41.58
N MET C 124 -29.02 -1.52 42.02
CA MET C 124 -28.48 -1.26 43.34
C MET C 124 -29.19 -0.06 43.93
N TYR C 125 -29.25 0.00 45.25
CA TYR C 125 -29.79 1.17 45.96
C TYR C 125 -28.92 1.42 47.19
N ALA C 126 -28.05 2.41 47.10
CA ALA C 126 -27.28 2.82 48.26
C ALA C 126 -28.16 3.59 49.23
N GLY C 127 -28.05 3.26 50.52
CA GLY C 127 -28.86 3.95 51.52
C GLY C 127 -28.85 3.21 52.84
N GLY C 128 -29.89 3.48 53.63
CA GLY C 128 -29.98 2.85 54.94
C GLY C 128 -30.07 1.34 54.86
N ALA C 129 -30.86 0.83 53.91
CA ALA C 129 -31.09 -0.60 53.73
C ALA C 129 -30.74 -0.97 52.29
N PRO C 130 -29.50 -1.38 52.02
CA PRO C 130 -29.14 -1.72 50.64
C PRO C 130 -29.94 -2.90 50.13
N VAL C 131 -30.23 -2.87 48.83
CA VAL C 131 -30.97 -3.94 48.15
C VAL C 131 -30.19 -4.28 46.89
N ARG C 132 -29.36 -5.31 46.96
CA ARG C 132 -28.54 -5.70 45.83
C ARG C 132 -29.29 -6.67 44.94
N ARG C 133 -28.90 -6.71 43.66
CA ARG C 133 -29.41 -7.74 42.76
C ARG C 133 -28.44 -7.87 41.60
N THR C 134 -27.75 -9.00 41.52
CA THR C 134 -26.79 -9.24 40.46
C THR C 134 -27.48 -9.35 39.12
N SER C 135 -26.83 -8.86 38.07
CA SER C 135 -27.38 -8.98 36.73
C SER C 135 -27.59 -10.43 36.35
N ARG C 136 -28.56 -10.68 35.48
CA ARG C 136 -28.81 -12.00 34.94
C ARG C 136 -28.18 -12.20 33.58
N ILE C 137 -27.46 -11.21 33.06
CA ILE C 137 -26.66 -11.35 31.85
C ILE C 137 -25.29 -10.74 32.13
N LYS C 138 -24.24 -11.41 31.66
CA LYS C 138 -22.88 -11.02 31.94
C LYS C 138 -22.08 -10.96 30.65
N LEU C 139 -21.23 -9.93 30.54
CA LEU C 139 -20.47 -9.69 29.33
C LEU C 139 -19.10 -9.13 29.68
N GLY C 140 -18.18 -9.22 28.72
CA GLY C 140 -16.82 -8.77 28.92
C GLY C 140 -16.28 -8.06 27.68
N TYR C 141 -15.10 -7.48 27.84
CA TYR C 141 -14.50 -6.70 26.77
C TYR C 141 -14.38 -7.53 25.50
N MET C 142 -14.21 -6.82 24.38
CA MET C 142 -14.07 -7.43 23.06
C MET C 142 -12.63 -7.27 22.63
N ILE C 143 -11.84 -8.34 22.77
CA ILE C 143 -10.42 -8.32 22.47
C ILE C 143 -10.22 -9.05 21.13
N PRO C 144 -9.29 -8.62 20.28
CA PRO C 144 -9.04 -9.38 19.05
C PRO C 144 -8.34 -10.69 19.33
N ALA C 145 -8.50 -11.62 18.39
CA ALA C 145 -7.95 -12.95 18.56
C ALA C 145 -6.45 -12.88 18.79
N LEU C 146 -5.97 -13.57 19.83
CA LEU C 146 -4.55 -13.65 20.14
C LEU C 146 -3.88 -14.86 19.52
N ARG C 147 -4.44 -15.38 18.42
CA ARG C 147 -3.85 -16.53 17.75
C ARG C 147 -2.46 -16.21 17.24
N GLY C 148 -1.56 -17.20 17.33
CA GLY C 148 -0.24 -17.04 16.75
C GLY C 148 0.57 -15.97 17.46
N ASP C 149 1.52 -15.39 16.72
CA ASP C 149 2.40 -14.34 17.22
C ASP C 149 2.16 -13.00 16.55
N GLU C 150 1.31 -12.93 15.53
CA GLU C 150 0.98 -11.69 14.84
C GLU C 150 -0.49 -11.38 15.10
N ILE C 151 -0.74 -10.45 16.00
CA ILE C 151 -2.13 -10.08 16.31
C ILE C 151 -2.73 -9.37 15.10
N PRO C 152 -3.84 -9.85 14.54
CA PRO C 152 -4.48 -9.07 13.46
C PRO C 152 -5.27 -7.90 14.03
N ALA C 153 -4.68 -6.70 13.93
CA ALA C 153 -5.32 -5.49 14.42
C ALA C 153 -4.48 -4.29 14.03
N GLN C 154 -5.12 -3.19 13.64
CA GLN C 154 -4.38 -2.00 13.28
C GLN C 154 -5.20 -0.76 13.66
N LEU C 155 -4.50 0.26 14.15
CA LEU C 155 -5.10 1.50 14.61
C LEU C 155 -4.36 2.66 13.98
N GLU C 156 -5.10 3.56 13.31
CA GLU C 156 -4.49 4.66 12.59
C GLU C 156 -5.31 5.92 12.83
N ALA C 157 -4.76 7.05 12.43
CA ALA C 157 -5.44 8.34 12.53
C ALA C 157 -5.84 8.83 11.15
N GLN C 158 -6.90 9.65 11.11
CA GLN C 158 -7.40 10.22 9.87
C GLN C 158 -7.69 11.70 10.10
N PHE C 159 -7.59 12.46 9.01
CA PHE C 159 -7.59 13.91 9.04
C PHE C 159 -8.85 14.43 8.35
N HIS C 160 -9.58 15.31 9.04
CA HIS C 160 -10.82 15.86 8.53
C HIS C 160 -10.86 17.37 8.79
N VAL C 161 -11.61 18.08 7.95
CA VAL C 161 -11.68 19.54 7.98
C VAL C 161 -13.14 19.97 7.84
N ARG C 162 -13.43 21.16 8.38
CA ARG C 162 -14.75 21.77 8.26
C ARG C 162 -14.67 22.94 7.29
N PHE C 163 -15.44 22.85 6.21
CA PHE C 163 -15.46 23.90 5.21
C PHE C 163 -16.03 25.20 5.77
N SER C 164 -15.50 26.31 5.29
CA SER C 164 -16.00 27.63 5.65
C SER C 164 -15.60 28.61 4.57
N ASN C 165 -16.28 29.76 4.53
CA ASN C 165 -15.96 30.81 3.56
C ASN C 165 -15.13 31.94 4.16
N LYS C 166 -15.09 32.06 5.47
CA LYS C 166 -14.36 33.13 6.16
C LYS C 166 -13.50 32.50 7.25
N PRO C 167 -12.36 31.93 6.89
CA PRO C 167 -11.53 31.25 7.90
C PRO C 167 -11.15 32.18 9.03
N VAL C 168 -11.16 31.65 10.24
CA VAL C 168 -10.80 32.41 11.44
C VAL C 168 -10.12 31.51 12.44
N ALA C 173 -10.72 24.47 12.97
CA ALA C 173 -11.68 23.83 12.08
C ALA C 173 -11.08 22.58 11.44
N ILE C 174 -10.14 21.97 12.14
CA ILE C 174 -9.47 20.75 11.70
C ILE C 174 -9.49 19.75 12.86
N PHE C 175 -9.85 18.50 12.56
CA PHE C 175 -9.88 17.47 13.59
C PHE C 175 -9.32 16.17 13.06
N ASN C 176 -8.94 15.30 13.99
CA ASN C 176 -8.34 14.01 13.69
C ASN C 176 -9.08 12.93 14.47
N VAL C 177 -9.33 11.80 13.80
CA VAL C 177 -10.14 10.73 14.37
C VAL C 177 -9.43 9.40 14.17
N GLU C 178 -9.45 8.56 15.21
CA GLU C 178 -8.76 7.27 15.16
C GLU C 178 -9.70 6.19 14.64
N VAL C 179 -9.24 5.48 13.62
CA VAL C 179 -10.01 4.42 12.98
C VAL C 179 -9.21 3.12 13.06
N SER C 180 -9.92 2.01 13.22
CA SER C 180 -9.31 0.73 13.51
C SER C 180 -9.85 -0.36 12.58
N SER C 181 -9.13 -1.48 12.58
CA SER C 181 -9.58 -2.70 11.93
C SER C 181 -9.03 -3.88 12.72
N ALA C 182 -9.78 -4.97 12.78
CA ALA C 182 -9.35 -6.10 13.61
C ALA C 182 -10.25 -7.30 13.38
N LEU C 183 -9.90 -8.39 14.05
CA LEU C 183 -10.70 -9.62 14.14
C LEU C 183 -11.04 -9.79 15.62
N TYR C 184 -12.25 -9.41 15.99
CA TYR C 184 -12.66 -9.34 17.38
C TYR C 184 -13.29 -10.66 17.84
N THR C 185 -13.39 -10.82 19.15
CA THR C 185 -14.05 -11.97 19.74
C THR C 185 -14.62 -11.57 21.09
N PHE C 186 -15.69 -12.26 21.49
CA PHE C 186 -16.23 -12.01 22.83
C PHE C 186 -17.10 -13.18 23.26
N SER C 187 -17.30 -13.28 24.57
CA SER C 187 -18.05 -14.37 25.18
C SER C 187 -19.11 -13.81 26.10
N PHE C 188 -20.23 -14.53 26.22
CA PHE C 188 -21.39 -14.04 26.95
C PHE C 188 -22.07 -15.19 27.69
N GLU C 189 -22.78 -14.82 28.76
CA GLU C 189 -23.51 -15.75 29.60
C GLU C 189 -24.88 -15.15 29.92
N LEU C 190 -25.89 -16.02 30.02
CA LEU C 190 -27.24 -15.59 30.35
C LEU C 190 -27.98 -16.79 30.95
N ASP C 191 -28.23 -16.73 32.25
CA ASP C 191 -28.94 -17.80 32.95
C ASP C 191 -30.43 -17.47 32.99
N GLU C 192 -31.24 -18.29 32.32
CA GLU C 192 -32.65 -18.02 32.17
C GLU C 192 -33.50 -18.69 33.23
N ASP C 193 -32.90 -19.36 34.21
CA ASP C 193 -33.62 -20.02 35.28
C ASP C 193 -33.70 -19.15 36.53
N LEU C 194 -33.30 -17.88 36.45
CA LEU C 194 -33.41 -16.95 37.56
C LEU C 194 -34.14 -15.68 37.19
N ILE C 195 -34.71 -15.62 35.98
CA ILE C 195 -35.51 -14.48 35.57
C ILE C 195 -36.86 -14.53 36.29
N ALA C 196 -37.38 -13.36 36.66
CA ALA C 196 -38.67 -13.27 37.33
C ALA C 196 -38.70 -14.10 38.60
N VAL C 197 -37.60 -14.06 39.35
CA VAL C 197 -37.50 -14.80 40.61
C VAL C 197 -36.85 -13.88 41.64
N PRO C 198 -37.50 -13.59 42.76
CA PRO C 198 -36.86 -12.74 43.77
C PRO C 198 -35.52 -13.33 44.20
N SER C 199 -34.53 -12.46 44.38
CA SER C 199 -33.17 -12.86 44.70
C SER C 199 -32.79 -12.52 46.14
N THR C 200 -33.75 -12.11 46.96
CA THR C 200 -33.52 -11.80 48.36
C THR C 200 -34.36 -12.72 49.23
N PHE C 201 -33.79 -13.14 50.35
CA PHE C 201 -34.40 -14.17 51.19
C PHE C 201 -35.32 -13.53 52.22
N GLY C 202 -36.55 -14.03 52.28
CA GLY C 202 -37.51 -13.51 53.23
C GLY C 202 -38.84 -14.22 53.09
N GLU C 203 -39.85 -13.69 53.76
CA GLU C 203 -41.19 -14.26 53.71
C GLU C 203 -41.87 -13.86 52.41
N LYS C 204 -42.91 -14.64 52.06
CA LYS C 204 -43.66 -14.35 50.85
C LYS C 204 -44.38 -13.01 50.96
N VAL C 205 -44.55 -12.35 49.82
CA VAL C 205 -45.24 -11.07 49.74
C VAL C 205 -46.17 -11.10 48.54
N LYS C 206 -47.26 -10.35 48.64
CA LYS C 206 -48.27 -10.36 47.59
C LYS C 206 -47.70 -9.79 46.30
N GLY C 207 -48.26 -10.25 45.18
CA GLY C 207 -47.81 -9.86 43.86
C GLY C 207 -46.87 -10.84 43.20
N GLU C 208 -46.23 -11.70 43.99
CA GLU C 208 -45.38 -12.73 43.41
C GLU C 208 -46.14 -13.59 42.41
N GLU C 209 -47.44 -13.76 42.63
CA GLU C 209 -48.26 -14.52 41.69
C GLU C 209 -48.25 -13.85 40.33
N GLU C 210 -48.43 -12.54 40.28
CA GLU C 210 -48.37 -11.84 39.01
C GLU C 210 -47.01 -12.00 38.35
N LEU C 211 -45.94 -11.90 39.14
CA LEU C 211 -44.60 -12.18 38.61
C LEU C 211 -44.57 -13.55 37.94
N GLU C 212 -45.12 -14.56 38.60
CA GLU C 212 -45.09 -15.92 38.07
C GLU C 212 -46.01 -16.08 36.86
N ARG C 213 -46.99 -15.19 36.68
CA ARG C 213 -47.88 -15.27 35.53
C ARG C 213 -47.21 -14.83 34.23
N GLN C 214 -46.15 -14.03 34.31
CA GLN C 214 -45.51 -13.47 33.13
C GLN C 214 -44.15 -14.09 32.84
N LYS C 215 -43.74 -15.11 33.60
CA LYS C 215 -42.37 -15.62 33.50
C LYS C 215 -42.06 -16.05 32.07
N ALA C 216 -42.97 -16.75 31.42
CA ALA C 216 -42.71 -17.22 30.06
C ALA C 216 -42.44 -16.05 29.13
N LYS C 217 -43.28 -15.01 29.20
CA LYS C 217 -43.10 -13.87 28.32
C LYS C 217 -41.80 -13.14 28.60
N ARG C 218 -41.47 -12.92 29.87
CA ARG C 218 -40.23 -12.23 30.19
C ARG C 218 -39.02 -13.01 29.69
N VAL C 219 -39.03 -14.33 29.89
CA VAL C 219 -37.91 -15.15 29.43
C VAL C 219 -37.81 -15.11 27.92
N LYS C 220 -38.94 -15.22 27.22
CA LYS C 220 -38.92 -15.21 25.76
C LYS C 220 -38.38 -13.88 25.23
N SER C 221 -38.81 -12.77 25.83
CA SER C 221 -38.30 -11.47 25.40
C SER C 221 -36.81 -11.34 25.69
N ALA C 222 -36.37 -11.80 26.86
CA ALA C 222 -34.95 -11.74 27.18
C ALA C 222 -34.13 -12.53 26.18
N ILE C 223 -34.64 -13.69 25.75
CA ILE C 223 -33.95 -14.46 24.72
C ILE C 223 -33.90 -13.69 23.41
N LYS C 224 -35.04 -13.13 23.00
CA LYS C 224 -35.07 -12.39 21.74
C LYS C 224 -34.13 -11.21 21.75
N ALA C 225 -33.87 -10.62 22.93
CA ALA C 225 -33.03 -9.43 22.99
C ALA C 225 -31.59 -9.71 22.57
N LEU C 226 -31.18 -10.98 22.49
CA LEU C 226 -29.81 -11.30 22.13
C LEU C 226 -29.56 -11.15 20.63
N TYR C 227 -30.63 -11.11 19.83
CA TYR C 227 -30.46 -10.92 18.39
C TYR C 227 -29.70 -9.64 18.10
N SER C 228 -29.88 -8.60 18.93
CA SER C 228 -29.13 -7.37 18.75
C SER C 228 -27.63 -7.63 18.83
N LEU C 229 -27.16 -8.11 19.98
CA LEU C 229 -25.73 -8.36 20.14
C LEU C 229 -25.20 -9.31 19.08
N LEU C 230 -25.99 -10.33 18.71
CA LEU C 230 -25.49 -11.29 17.74
C LEU C 230 -25.57 -10.80 16.30
N SER C 231 -26.25 -9.68 16.05
CA SER C 231 -26.34 -9.12 14.70
C SER C 231 -25.31 -8.03 14.43
N GLY C 232 -24.91 -7.27 15.44
CA GLY C 232 -23.86 -6.29 15.27
C GLY C 232 -24.32 -4.85 15.47
N ASN C 233 -25.31 -4.64 16.33
CA ASN C 233 -25.82 -3.30 16.62
C ASN C 233 -25.34 -2.90 18.01
N PHE C 234 -24.30 -2.08 18.06
CA PHE C 234 -23.81 -1.54 19.33
C PHE C 234 -22.72 -0.52 19.01
N GLY C 235 -22.24 0.15 20.06
CA GLY C 235 -21.16 1.11 19.91
C GLY C 235 -21.66 2.53 19.74
N GLY C 236 -20.85 3.32 19.03
CA GLY C 236 -21.17 4.70 18.76
C GLY C 236 -20.55 5.14 17.44
N LYS C 237 -20.75 6.42 17.13
CA LYS C 237 -20.20 7.01 15.91
C LYS C 237 -20.60 6.19 14.69
N ARG C 238 -21.84 5.73 14.67
CA ARG C 238 -22.38 4.95 13.57
C ARG C 238 -23.00 5.81 12.49
N SER C 239 -23.10 7.13 12.70
CA SER C 239 -23.72 7.99 11.70
C SER C 239 -22.84 8.14 10.47
N ARG C 240 -21.55 8.40 10.67
CA ARG C 240 -20.63 8.64 9.57
C ARG C 240 -19.56 7.56 9.41
N PHE C 241 -19.39 6.68 10.40
CA PHE C 241 -18.40 5.62 10.32
C PHE C 241 -19.06 4.25 10.42
N LEU C 242 -20.14 4.04 9.68
CA LEU C 242 -20.88 2.79 9.76
C LEU C 242 -19.93 1.61 9.48
N PRO C 243 -19.64 0.77 10.47
CA PRO C 243 -18.68 -0.31 10.25
C PRO C 243 -19.25 -1.42 9.38
N SER C 244 -18.34 -2.23 8.84
CA SER C 244 -18.68 -3.34 7.96
C SER C 244 -18.35 -4.63 8.69
N MET C 245 -19.36 -5.22 9.34
CA MET C 245 -19.18 -6.41 10.15
C MET C 245 -19.51 -7.66 9.34
N LYS C 246 -19.12 -8.81 9.90
CA LYS C 246 -19.39 -10.10 9.30
C LYS C 246 -19.10 -11.18 10.32
N LEU C 247 -19.97 -12.18 10.40
CA LEU C 247 -19.84 -13.24 11.40
C LEU C 247 -19.12 -14.44 10.81
N MET C 248 -18.13 -14.94 11.56
CA MET C 248 -17.28 -16.04 11.11
C MET C 248 -17.56 -17.33 11.87
N SER C 249 -17.51 -17.30 13.20
CA SER C 249 -17.70 -18.51 14.00
C SER C 249 -18.43 -18.16 15.29
N LEU C 250 -19.27 -19.08 15.73
CA LEU C 250 -20.09 -18.89 16.91
C LEU C 250 -20.39 -20.24 17.54
N VAL C 251 -20.26 -20.31 18.87
CA VAL C 251 -20.59 -21.50 19.62
C VAL C 251 -21.52 -21.10 20.76
N VAL C 252 -22.65 -21.80 20.88
CA VAL C 252 -23.63 -21.55 21.92
C VAL C 252 -23.96 -22.86 22.61
N THR C 253 -24.14 -22.81 23.92
CA THR C 253 -24.36 -24.00 24.74
C THR C 253 -25.55 -23.76 25.66
N LYS C 254 -26.48 -24.70 25.69
CA LYS C 254 -27.62 -24.69 26.60
C LYS C 254 -27.49 -25.87 27.54
N THR C 255 -27.46 -25.60 28.84
CA THR C 255 -27.15 -26.63 29.83
C THR C 255 -28.05 -26.46 31.05
N ASP C 256 -27.77 -27.26 32.08
CA ASP C 256 -28.45 -27.20 33.37
C ASP C 256 -27.48 -26.97 34.51
N PHE C 257 -26.18 -26.93 34.23
CA PHE C 257 -25.14 -26.85 35.23
C PHE C 257 -24.14 -25.80 34.80
N PRO C 258 -23.33 -25.29 35.74
CA PRO C 258 -22.36 -24.25 35.38
C PRO C 258 -21.44 -24.73 34.26
N PHE C 259 -21.15 -23.82 33.33
CA PHE C 259 -20.29 -24.13 32.19
C PHE C 259 -19.80 -22.83 31.57
N MET C 260 -18.66 -22.92 30.90
CA MET C 260 -18.04 -21.75 30.27
C MET C 260 -17.17 -22.25 29.12
N PRO C 261 -17.65 -22.17 27.88
CA PRO C 261 -16.88 -22.73 26.76
C PRO C 261 -15.55 -22.02 26.54
N GLU C 262 -14.79 -22.50 25.56
CA GLU C 262 -13.44 -21.99 25.35
C GLU C 262 -13.48 -20.58 24.78
N PRO C 263 -12.60 -19.68 25.24
CA PRO C 263 -12.44 -18.40 24.54
C PRO C 263 -12.00 -18.65 23.10
N ALA C 264 -12.52 -17.83 22.19
CA ALA C 264 -12.30 -18.05 20.77
C ALA C 264 -10.96 -17.49 20.30
N HIS C 265 -9.87 -17.88 20.98
CA HIS C 265 -8.54 -17.41 20.63
C HIS C 265 -7.77 -18.36 19.73
N ASP C 266 -8.18 -19.62 19.64
CA ASP C 266 -7.45 -20.63 18.90
C ASP C 266 -8.31 -21.14 17.75
N ASP C 267 -7.63 -21.56 16.68
CA ASP C 267 -8.36 -22.05 15.50
C ASP C 267 -9.27 -23.23 15.85
N ASP C 268 -8.90 -24.00 16.86
CA ASP C 268 -9.70 -25.15 17.31
C ASP C 268 -10.20 -24.86 18.71
N TYR C 269 -11.33 -24.16 18.80
CA TYR C 269 -12.03 -23.94 20.05
C TYR C 269 -13.43 -24.52 20.02
N ILE C 270 -13.84 -25.14 18.92
CA ILE C 270 -15.14 -25.77 18.82
C ILE C 270 -15.08 -27.23 19.25
N LYS C 271 -14.13 -27.98 18.69
CA LYS C 271 -13.98 -29.38 19.05
C LYS C 271 -13.67 -29.52 20.54
N THR C 272 -12.77 -28.69 21.05
CA THR C 272 -12.38 -28.78 22.45
C THR C 272 -13.57 -28.52 23.36
N THR C 273 -14.35 -27.48 23.07
CA THR C 273 -15.49 -27.16 23.93
C THR C 273 -16.57 -28.23 23.84
N ILE C 274 -16.76 -28.81 22.65
CA ILE C 274 -17.75 -29.88 22.51
C ILE C 274 -17.35 -31.08 23.37
N MET C 275 -16.07 -31.47 23.30
CA MET C 275 -15.61 -32.59 24.11
C MET C 275 -15.73 -32.28 25.60
N ARG C 276 -15.36 -31.05 25.98
CA ARG C 276 -15.47 -30.66 27.39
C ARG C 276 -16.90 -30.75 27.87
N LEU C 277 -17.86 -30.29 27.05
CA LEU C 277 -19.26 -30.41 27.42
C LEU C 277 -19.67 -31.87 27.56
N GLY C 278 -19.24 -32.71 26.62
CA GLY C 278 -19.60 -34.12 26.69
C GLY C 278 -19.15 -34.76 27.98
N LYS C 279 -17.92 -34.46 28.41
CA LYS C 279 -17.42 -35.05 29.65
C LYS C 279 -18.01 -34.39 30.88
N ALA C 280 -18.28 -33.08 30.81
CA ALA C 280 -18.84 -32.37 31.96
C ALA C 280 -20.24 -32.87 32.28
N LYS C 281 -21.02 -33.17 31.25
CA LYS C 281 -22.35 -33.72 31.50
C LYS C 281 -22.27 -34.92 32.43
N GLY C 282 -21.38 -35.86 32.10
CA GLY C 282 -21.24 -37.04 32.94
C GLY C 282 -20.69 -36.73 34.33
N VAL C 283 -19.66 -35.89 34.40
CA VAL C 283 -19.01 -35.69 35.69
C VAL C 283 -19.92 -34.96 36.66
N LEU C 284 -20.74 -34.03 36.16
CA LEU C 284 -21.55 -33.17 37.03
C LEU C 284 -22.95 -33.69 37.27
N ASN C 285 -23.29 -34.89 36.79
CA ASN C 285 -24.62 -35.46 37.00
C ASN C 285 -25.70 -34.58 36.37
N GLY C 286 -25.39 -34.00 35.21
CA GLY C 286 -26.36 -33.19 34.50
C GLY C 286 -27.40 -34.03 33.79
N ASN C 287 -28.44 -33.34 33.31
CA ASN C 287 -29.55 -33.99 32.64
C ASN C 287 -29.81 -33.49 31.23
N LEU C 288 -29.53 -32.21 30.94
CA LEU C 288 -29.72 -31.64 29.63
C LEU C 288 -28.45 -30.92 29.21
N ALA C 289 -28.10 -31.05 27.93
CA ALA C 289 -26.95 -30.33 27.39
C ALA C 289 -27.02 -30.38 25.87
N LYS C 290 -27.01 -29.22 25.24
CA LYS C 290 -27.03 -29.11 23.78
C LYS C 290 -26.07 -28.03 23.34
N ALA C 291 -25.48 -28.22 22.16
CA ALA C 291 -24.50 -27.30 21.62
C ALA C 291 -24.87 -26.97 20.18
N TYR C 292 -24.95 -25.67 19.89
CA TYR C 292 -25.19 -25.17 18.55
C TYR C 292 -23.96 -24.44 18.05
N VAL C 293 -23.68 -24.60 16.75
CA VAL C 293 -22.46 -24.08 16.15
C VAL C 293 -22.79 -23.44 14.82
N ILE C 294 -22.29 -22.22 14.62
CA ILE C 294 -22.34 -21.54 13.33
C ILE C 294 -20.91 -21.40 12.85
N ASN C 295 -20.63 -21.92 11.66
CA ASN C 295 -19.28 -22.01 11.13
C ASN C 295 -19.27 -21.44 9.71
N ASN C 296 -18.45 -20.41 9.50
CA ASN C 296 -18.35 -19.76 8.19
C ASN C 296 -16.94 -19.73 7.63
N GLU C 297 -15.90 -19.91 8.44
CA GLU C 297 -14.52 -19.87 7.98
C GLU C 297 -13.97 -21.25 7.65
N GLY C 298 -14.80 -22.28 7.70
CA GLY C 298 -14.38 -23.61 7.29
C GLY C 298 -13.28 -24.22 8.14
N ILE C 299 -13.43 -24.17 9.45
CA ILE C 299 -12.45 -24.75 10.37
C ILE C 299 -12.99 -26.08 10.89
N GLU C 300 -12.12 -26.84 11.53
CA GLU C 300 -12.50 -28.15 12.04
C GLU C 300 -13.52 -28.01 13.16
N VAL C 301 -14.51 -28.91 13.18
CA VAL C 301 -15.59 -28.87 14.15
C VAL C 301 -15.59 -30.16 14.96
N GLY C 302 -15.76 -31.29 14.27
CA GLY C 302 -15.92 -32.57 14.92
C GLY C 302 -17.01 -33.39 14.27
N GLU C 303 -17.72 -34.19 15.07
CA GLU C 303 -18.82 -34.99 14.55
C GLU C 303 -19.95 -35.01 15.57
N GLY C 304 -21.18 -35.11 15.07
CA GLY C 304 -22.34 -35.15 15.94
C GLY C 304 -22.70 -33.80 16.52
N VAL C 305 -22.79 -32.79 15.66
CA VAL C 305 -23.13 -31.44 16.06
C VAL C 305 -24.13 -30.86 15.08
N THR C 306 -24.89 -29.87 15.53
CA THR C 306 -25.87 -29.20 14.69
C THR C 306 -25.25 -27.94 14.10
N VAL C 307 -25.35 -27.79 12.78
CA VAL C 307 -24.77 -26.67 12.06
C VAL C 307 -25.91 -25.78 11.57
N LEU C 308 -25.88 -24.52 11.97
CA LEU C 308 -26.91 -23.56 11.61
C LEU C 308 -26.40 -22.57 10.57
N SER C 309 -27.29 -22.15 9.68
CA SER C 309 -26.92 -21.29 8.57
C SER C 309 -26.82 -19.82 8.97
N THR C 310 -27.70 -19.34 9.84
CA THR C 310 -27.75 -17.93 10.21
C THR C 310 -28.08 -17.81 11.69
N VAL C 311 -28.06 -16.58 12.19
CA VAL C 311 -28.42 -16.33 13.58
C VAL C 311 -29.92 -16.41 13.82
N GLU C 312 -30.74 -16.15 12.80
CA GLU C 312 -32.18 -16.22 12.98
C GLU C 312 -32.61 -17.62 13.40
N ASP C 313 -32.05 -18.65 12.73
CA ASP C 313 -32.38 -20.01 13.10
C ASP C 313 -31.91 -20.33 14.51
N LEU C 314 -30.73 -19.83 14.89
CA LEU C 314 -30.24 -20.07 16.24
C LEU C 314 -31.18 -19.48 17.28
N VAL C 315 -31.64 -18.25 17.07
CA VAL C 315 -32.55 -17.65 18.03
C VAL C 315 -33.88 -18.40 18.06
N VAL C 316 -34.37 -18.80 16.89
CA VAL C 316 -35.62 -19.56 16.84
C VAL C 316 -35.51 -20.83 17.67
N LYS C 317 -34.43 -21.58 17.46
CA LYS C 317 -34.28 -22.86 18.16
C LYS C 317 -34.02 -22.65 19.64
N LEU C 318 -33.32 -21.59 20.01
CA LEU C 318 -33.15 -21.27 21.43
C LEU C 318 -34.50 -20.99 22.07
N GLU C 319 -35.38 -20.27 21.36
CA GLU C 319 -36.69 -19.94 21.91
C GLU C 319 -37.57 -21.19 22.03
N GLU C 320 -37.58 -22.03 20.99
CA GLU C 320 -38.49 -23.17 20.98
C GLU C 320 -38.33 -24.02 22.22
N MET D 1 -37.51 1.84 7.91
CA MET D 1 -36.12 2.14 7.48
C MET D 1 -35.89 1.74 6.03
N ILE D 2 -34.86 2.32 5.43
CA ILE D 2 -34.37 1.93 4.10
C ILE D 2 -32.88 1.70 4.23
N SER D 3 -32.43 0.48 3.95
CA SER D 3 -31.02 0.13 4.08
C SER D 3 -30.55 -0.57 2.82
N GLY D 4 -29.31 -0.30 2.43
CA GLY D 4 -28.82 -0.84 1.17
C GLY D 4 -27.32 -1.03 1.12
N SER D 5 -26.92 -1.85 0.16
CA SER D 5 -25.52 -2.10 -0.17
C SER D 5 -25.31 -1.94 -1.67
N VAL D 6 -24.19 -1.33 -2.05
CA VAL D 6 -23.93 -0.94 -3.42
C VAL D 6 -22.48 -1.29 -3.78
N ARG D 7 -22.28 -1.68 -5.04
CA ARG D 7 -20.96 -2.03 -5.56
C ARG D 7 -20.65 -1.18 -6.77
N PHE D 8 -19.52 -0.47 -6.73
CA PHE D 8 -19.10 0.46 -7.77
C PHE D 8 -17.80 0.01 -8.40
N LEU D 9 -17.52 0.54 -9.60
CA LEU D 9 -16.31 0.23 -10.35
C LEU D 9 -15.75 1.53 -10.92
N VAL D 10 -14.73 2.08 -10.25
CA VAL D 10 -14.16 3.37 -10.59
C VAL D 10 -12.78 3.16 -11.22
N ASN D 11 -12.45 3.98 -12.21
CA ASN D 11 -11.15 3.91 -12.89
C ASN D 11 -10.52 5.29 -12.93
N LEU D 12 -9.25 5.37 -12.51
CA LEU D 12 -8.42 6.55 -12.69
C LEU D 12 -9.09 7.79 -12.10
N GLU D 13 -9.21 7.78 -10.78
CA GLU D 13 -9.79 8.89 -10.06
C GLU D 13 -8.89 9.29 -8.90
N SER D 14 -9.20 10.44 -8.31
CA SER D 14 -8.60 10.90 -7.04
C SER D 14 -9.67 11.76 -6.36
N LEU D 15 -10.51 11.12 -5.54
CA LEU D 15 -11.68 11.77 -4.99
C LEU D 15 -11.40 12.41 -3.63
N ASN D 16 -10.96 11.63 -2.66
CA ASN D 16 -10.62 12.14 -1.34
C ASN D 16 -9.12 12.36 -1.26
N GLY D 17 -8.70 13.30 -0.42
CA GLY D 17 -7.30 13.60 -0.20
C GLY D 17 -7.02 13.87 1.26
N VAL D 18 -5.73 14.04 1.55
CA VAL D 18 -5.24 14.34 2.89
C VAL D 18 -4.02 15.23 2.75
N GLU D 19 -3.48 15.68 3.89
CA GLU D 19 -2.32 16.56 3.88
C GLU D 19 -1.26 16.07 2.90
N SER D 20 -0.59 17.03 2.25
CA SER D 20 0.43 16.73 1.25
C SER D 20 1.82 16.91 1.85
N ILE D 21 2.78 16.22 1.25
CA ILE D 21 4.18 16.31 1.65
C ILE D 21 4.99 16.64 0.40
N GLY D 22 5.90 17.61 0.53
CA GLY D 22 6.68 18.03 -0.62
C GLY D 22 5.78 18.59 -1.70
N ASN D 23 5.95 18.10 -2.92
CA ASN D 23 5.15 18.51 -4.07
C ASN D 23 4.31 17.35 -4.59
N LEU D 24 3.78 16.54 -3.68
CA LEU D 24 3.01 15.36 -4.03
C LEU D 24 1.70 15.36 -3.24
N THR D 25 0.60 15.11 -3.92
CA THR D 25 -0.70 14.98 -3.26
C THR D 25 -0.86 13.57 -2.70
N LYS D 26 -1.73 13.44 -1.70
CA LYS D 26 -1.93 12.18 -1.00
C LYS D 26 -3.38 11.76 -1.09
N HIS D 27 -3.60 10.48 -1.40
CA HIS D 27 -4.93 9.89 -1.44
C HIS D 27 -5.16 9.12 -0.15
N ARG D 28 -6.34 9.30 0.43
CA ARG D 28 -6.64 8.67 1.71
C ARG D 28 -6.48 7.16 1.61
N THR D 29 -5.73 6.59 2.56
CA THR D 29 -5.49 5.16 2.62
C THR D 29 -5.64 4.69 4.07
N ALA D 30 -6.05 3.45 4.23
CA ALA D 30 -6.36 2.90 5.55
C ALA D 30 -5.95 1.44 5.61
N PRO D 31 -5.75 0.91 6.82
CA PRO D 31 -5.44 -0.51 6.97
C PRO D 31 -6.70 -1.37 7.06
N VAL D 32 -6.63 -2.55 6.47
CA VAL D 32 -7.73 -3.50 6.49
C VAL D 32 -7.17 -4.89 6.78
N VAL D 33 -7.90 -5.64 7.60
CA VAL D 33 -7.58 -7.03 7.91
C VAL D 33 -8.39 -7.93 6.98
N LEU D 34 -7.69 -8.80 6.26
CA LEU D 34 -8.29 -9.63 5.24
C LEU D 34 -8.01 -11.10 5.52
N LYS D 35 -8.98 -11.95 5.20
CA LYS D 35 -8.85 -13.39 5.39
C LYS D 35 -8.40 -14.02 4.08
N THR D 36 -7.35 -14.84 4.16
CA THR D 36 -6.75 -15.46 3.00
C THR D 36 -6.88 -16.98 3.09
N SER D 37 -6.30 -17.66 2.11
CA SER D 37 -6.25 -19.12 2.12
C SER D 37 -5.22 -19.67 3.09
N THR D 38 -4.39 -18.82 3.69
CA THR D 38 -3.36 -19.24 4.61
C THR D 38 -3.45 -18.56 5.97
N GLY D 39 -4.41 -17.68 6.17
CA GLY D 39 -4.56 -17.00 7.45
C GLY D 39 -5.10 -15.60 7.25
N TYR D 40 -4.73 -14.72 8.17
CA TYR D 40 -5.23 -13.36 8.22
C TYR D 40 -4.06 -12.39 8.04
N LEU D 41 -4.28 -11.38 7.20
CA LEU D 41 -3.23 -10.44 6.83
C LEU D 41 -3.71 -9.01 7.04
N VAL D 42 -2.75 -8.10 7.15
CA VAL D 42 -3.03 -6.66 7.27
C VAL D 42 -2.48 -5.98 6.03
N ARG D 43 -3.32 -5.23 5.34
CA ARG D 43 -2.93 -4.54 4.12
C ARG D 43 -3.33 -3.07 4.21
N TYR D 44 -2.75 -2.26 3.33
CA TYR D 44 -3.08 -0.85 3.23
C TYR D 44 -3.73 -0.60 1.88
N VAL D 45 -4.87 0.09 1.88
CA VAL D 45 -5.68 0.22 0.67
C VAL D 45 -6.27 1.62 0.62
N PRO D 46 -6.47 2.20 -0.58
CA PRO D 46 -7.15 3.50 -0.65
C PRO D 46 -8.60 3.41 -0.18
N VAL D 47 -9.07 4.50 0.44
CA VAL D 47 -10.42 4.59 0.95
C VAL D 47 -10.94 6.02 0.75
N ILE D 48 -12.23 6.13 0.48
CA ILE D 48 -12.91 7.41 0.33
C ILE D 48 -13.68 7.67 1.62
N SER D 49 -13.39 8.79 2.26
CA SER D 49 -13.95 9.04 3.58
C SER D 49 -15.47 9.03 3.54
N GLY D 50 -16.07 9.01 4.72
CA GLY D 50 -17.51 8.93 4.85
C GLY D 50 -18.21 10.25 4.96
N GLU D 51 -17.47 11.36 5.00
CA GLU D 51 -18.08 12.68 5.12
C GLU D 51 -18.21 13.40 3.78
N ALA D 52 -17.42 13.02 2.78
CA ALA D 52 -17.65 13.55 1.43
C ALA D 52 -19.02 13.14 0.92
N LEU D 53 -19.40 11.88 1.17
CA LEU D 53 -20.74 11.42 0.79
C LEU D 53 -21.81 12.22 1.51
N ALA D 54 -21.60 12.47 2.81
CA ALA D 54 -22.57 13.26 3.58
C ALA D 54 -22.70 14.66 3.00
N HIS D 55 -21.58 15.29 2.66
CA HIS D 55 -21.66 16.64 2.11
C HIS D 55 -22.38 16.65 0.77
N ALA D 56 -22.10 15.67 -0.10
CA ALA D 56 -22.79 15.62 -1.38
C ALA D 56 -24.29 15.44 -1.19
N TYR D 57 -24.68 14.52 -0.29
CA TYR D 57 -26.09 14.28 -0.05
C TYR D 57 -26.78 15.51 0.50
N GLN D 58 -26.15 16.19 1.46
CA GLN D 58 -26.76 17.38 2.04
C GLN D 58 -26.85 18.53 1.04
N ALA D 59 -25.86 18.66 0.15
CA ALA D 59 -25.96 19.67 -0.90
C ALA D 59 -27.13 19.40 -1.83
N SER D 60 -27.29 18.15 -2.26
CA SER D 60 -28.43 17.81 -3.10
C SER D 60 -29.74 18.10 -2.37
N LEU D 61 -29.79 17.77 -1.08
CA LEU D 61 -30.99 18.05 -0.29
C LEU D 61 -31.28 19.54 -0.25
N VAL D 62 -30.25 20.35 -0.04
CA VAL D 62 -30.46 21.80 -0.02
C VAL D 62 -31.04 22.27 -1.35
N ASP D 63 -30.46 21.79 -2.45
CA ASP D 63 -30.96 22.20 -3.76
C ASP D 63 -32.43 21.87 -3.92
N ILE D 64 -32.80 20.61 -3.66
CA ILE D 64 -34.18 20.19 -3.88
C ILE D 64 -35.12 20.91 -2.93
N ALA D 65 -34.71 21.07 -1.67
CA ALA D 65 -35.57 21.74 -0.70
C ALA D 65 -35.84 23.17 -1.10
N LYS D 66 -34.81 23.91 -1.51
CA LYS D 66 -35.04 25.27 -1.98
C LYS D 66 -35.91 25.28 -3.23
N LYS D 67 -35.75 24.27 -4.09
CA LYS D 67 -36.59 24.20 -5.29
C LYS D 67 -38.06 24.04 -4.94
N GLU D 68 -38.38 23.19 -3.95
CA GLU D 68 -39.76 22.83 -3.68
C GLU D 68 -40.40 23.67 -2.58
N GLY D 69 -39.70 24.67 -2.03
CA GLY D 69 -40.30 25.62 -1.14
C GLY D 69 -40.20 25.33 0.34
N LEU D 70 -39.45 24.31 0.74
CA LEU D 70 -39.30 24.05 2.16
C LEU D 70 -38.33 25.05 2.78
N PRO D 71 -38.51 25.36 4.07
CA PRO D 71 -37.60 26.34 4.70
C PRO D 71 -36.17 25.86 4.68
N VAL D 72 -35.24 26.79 4.44
CA VAL D 72 -33.82 26.51 4.42
C VAL D 72 -33.10 27.65 5.12
N GLY D 73 -32.13 27.31 5.95
CA GLY D 73 -31.44 28.30 6.77
C GLY D 73 -30.70 29.34 5.96
N SER D 74 -30.02 30.26 6.64
CA SER D 74 -29.26 31.31 5.98
C SER D 74 -27.85 30.84 5.66
N LEU D 75 -27.10 30.42 6.68
CA LEU D 75 -25.77 29.89 6.43
C LEU D 75 -25.81 28.68 5.51
N SER D 76 -26.81 27.81 5.68
CA SER D 76 -26.98 26.67 4.81
C SER D 76 -27.51 27.05 3.42
N SER D 77 -27.93 28.30 3.23
CA SER D 77 -28.21 28.77 1.88
C SER D 77 -26.95 28.69 1.03
N GLN D 78 -25.84 29.20 1.56
CA GLN D 78 -24.54 28.78 1.10
C GLN D 78 -24.21 27.43 1.71
N TYR D 79 -23.23 26.74 1.13
CA TYR D 79 -22.92 25.37 1.54
C TYR D 79 -21.84 25.40 2.62
N GLU D 80 -22.25 25.90 3.79
CA GLU D 80 -21.39 26.00 4.97
C GLU D 80 -22.13 25.33 6.12
N PHE D 81 -21.96 24.02 6.25
CA PHE D 81 -22.74 23.25 7.22
C PHE D 81 -22.13 23.29 8.62
N ILE D 82 -21.85 24.50 9.11
CA ILE D 82 -21.56 24.63 10.52
C ILE D 82 -22.80 24.34 11.34
N LYS D 83 -23.99 24.66 10.80
CA LYS D 83 -25.25 24.47 11.49
C LYS D 83 -25.23 25.20 12.82
N PHE D 84 -26.27 25.04 13.63
CA PHE D 84 -26.49 25.90 14.79
C PHE D 84 -25.66 25.42 15.97
N SER D 85 -24.36 25.27 15.72
CA SER D 85 -23.43 24.78 16.74
C SER D 85 -22.80 25.92 17.53
N THR D 86 -22.10 26.82 16.85
CA THR D 86 -21.44 27.94 17.51
C THR D 86 -22.41 29.10 17.71
N ASP D 87 -22.09 29.95 18.68
CA ASP D 87 -22.96 31.08 18.99
C ASP D 87 -23.11 32.02 17.80
N GLU D 88 -22.07 32.13 16.96
CA GLU D 88 -22.14 33.03 15.82
C GLU D 88 -23.23 32.61 14.85
N ALA D 89 -23.38 31.30 14.63
CA ALA D 89 -24.43 30.84 13.72
C ALA D 89 -25.81 31.21 14.24
N LEU D 90 -26.03 31.03 15.55
CA LEU D 90 -27.31 31.45 16.13
C LEU D 90 -27.52 32.95 15.98
N LYS D 91 -26.47 33.75 16.24
CA LYS D 91 -26.61 35.19 16.15
C LYS D 91 -26.96 35.61 14.73
N ILE D 92 -26.32 35.00 13.73
CA ILE D 92 -26.64 35.31 12.34
C ILE D 92 -28.07 34.89 12.02
N GLU D 93 -28.46 33.69 12.46
CA GLU D 93 -29.78 33.18 12.13
C GLU D 93 -30.88 33.85 12.96
N GLY D 94 -30.56 34.30 14.16
CA GLY D 94 -31.52 35.04 14.97
C GLY D 94 -32.34 34.17 15.90
N ILE D 95 -31.67 33.38 16.73
CA ILE D 95 -32.32 32.50 17.69
C ILE D 95 -31.67 32.69 19.05
N LYS D 96 -32.49 32.72 20.10
CA LYS D 96 -31.96 32.84 21.45
C LYS D 96 -31.50 31.49 21.97
N GLU D 97 -30.37 31.49 22.66
CA GLU D 97 -29.87 30.25 23.23
C GLU D 97 -30.80 29.76 24.34
N PRO D 98 -30.92 28.46 24.51
CA PRO D 98 -31.82 27.94 25.55
C PRO D 98 -31.32 28.31 26.94
N LYS D 99 -32.28 28.47 27.86
CA LYS D 99 -31.95 28.85 29.23
C LYS D 99 -31.74 27.61 30.12
N ASP D 100 -32.73 26.74 30.17
CA ASP D 100 -32.69 25.54 31.01
C ASP D 100 -33.15 24.35 30.20
N TYR D 101 -33.11 23.18 30.82
CA TYR D 101 -33.54 21.96 30.14
C TYR D 101 -34.98 22.06 29.67
N ASN D 102 -35.82 22.80 30.42
CA ASN D 102 -37.22 22.94 30.07
C ASN D 102 -37.43 23.64 28.74
N ASP D 103 -36.44 24.37 28.25
CA ASP D 103 -36.55 25.10 26.99
C ASP D 103 -36.01 24.32 25.81
N ALA D 104 -35.52 23.10 26.03
CA ALA D 104 -34.86 22.35 24.97
C ALA D 104 -35.80 22.08 23.80
N ARG D 105 -37.04 21.67 24.09
CA ARG D 105 -37.97 21.34 23.02
C ARG D 105 -38.29 22.57 22.17
N ARG D 106 -38.47 23.73 22.82
CA ARG D 106 -38.72 24.96 22.08
C ARG D 106 -37.58 25.24 21.11
N PHE D 107 -36.34 25.15 21.61
CA PHE D 107 -35.19 25.43 20.76
C PHE D 107 -35.11 24.44 19.60
N GLU D 108 -35.33 23.16 19.90
CA GLU D 108 -35.25 22.15 18.83
C GLU D 108 -36.30 22.42 17.76
N VAL D 109 -37.53 22.72 18.17
CA VAL D 109 -38.58 22.97 17.18
C VAL D 109 -38.28 24.23 16.38
N GLU D 110 -37.83 25.29 17.05
CA GLU D 110 -37.56 26.54 16.35
C GLU D 110 -36.44 26.35 15.34
N VAL D 111 -35.39 25.62 15.70
CA VAL D 111 -34.32 25.33 14.76
C VAL D 111 -34.81 24.45 13.62
N MET D 112 -35.68 23.48 13.93
CA MET D 112 -36.13 22.51 12.95
C MET D 112 -37.14 23.10 11.98
N LEU D 113 -37.78 24.21 12.34
CA LEU D 113 -38.69 24.90 11.42
C LEU D 113 -37.96 25.78 10.42
N LYS D 114 -36.69 26.08 10.67
CA LYS D 114 -35.95 27.05 9.87
C LYS D 114 -34.99 26.42 8.87
N ASP D 115 -34.66 25.13 9.03
CA ASP D 115 -33.59 24.54 8.25
C ASP D 115 -33.87 23.05 8.10
N VAL D 116 -34.25 22.62 6.89
CA VAL D 116 -34.49 21.21 6.64
C VAL D 116 -33.24 20.39 6.93
N ILE D 117 -32.07 20.93 6.60
CA ILE D 117 -30.83 20.19 6.80
C ILE D 117 -30.64 19.85 8.26
N ALA D 118 -30.85 20.81 9.15
CA ALA D 118 -30.73 20.56 10.58
C ALA D 118 -31.75 19.54 11.06
N ASP D 119 -32.69 19.13 10.22
CA ASP D 119 -33.68 18.12 10.57
C ASP D 119 -33.30 16.75 10.04
N VAL D 120 -33.04 16.65 8.74
CA VAL D 120 -32.81 15.36 8.09
C VAL D 120 -31.33 15.01 8.11
N GLY D 121 -30.53 15.80 8.83
CA GLY D 121 -29.11 15.52 8.91
C GLY D 121 -28.57 15.69 10.32
N GLY D 122 -29.46 15.83 11.30
CA GLY D 122 -29.03 15.94 12.67
C GLY D 122 -28.25 17.21 12.93
N PHE D 123 -28.02 17.53 14.20
CA PHE D 123 -27.23 18.70 14.56
C PHE D 123 -26.90 18.63 16.04
N MET D 124 -25.99 19.49 16.47
CA MET D 124 -25.55 19.52 17.86
C MET D 124 -25.25 20.95 18.27
N TYR D 125 -25.77 21.36 19.42
CA TYR D 125 -25.44 22.64 20.01
C TYR D 125 -24.88 22.39 21.40
N ALA D 126 -23.70 22.94 21.66
CA ALA D 126 -22.98 22.75 22.91
C ALA D 126 -23.02 24.03 23.72
N GLY D 127 -23.46 23.91 24.97
CA GLY D 127 -23.58 25.06 25.84
C GLY D 127 -24.11 24.71 27.21
N GLY D 128 -24.65 25.70 27.93
CA GLY D 128 -25.18 25.43 29.25
C GLY D 128 -26.27 24.37 29.25
N ALA D 129 -27.03 24.29 28.15
CA ALA D 129 -28.11 23.31 27.99
C ALA D 129 -27.86 22.59 26.67
N PRO D 130 -26.93 21.64 26.65
CA PRO D 130 -26.57 20.99 25.37
C PRO D 130 -27.79 20.33 24.73
N VAL D 131 -27.82 20.38 23.41
CA VAL D 131 -28.92 19.82 22.63
C VAL D 131 -28.34 18.99 21.50
N ARG D 132 -28.92 17.81 21.29
CA ARG D 132 -28.44 16.87 20.29
C ARG D 132 -29.59 16.40 19.42
N ARG D 133 -29.28 16.03 18.18
CA ARG D 133 -30.28 15.44 17.31
C ARG D 133 -29.53 14.53 16.33
N THR D 134 -29.57 13.23 16.59
CA THR D 134 -28.81 12.28 15.80
C THR D 134 -29.28 12.26 14.35
N SER D 135 -28.36 12.01 13.45
CA SER D 135 -28.67 12.01 12.03
C SER D 135 -29.70 10.94 11.69
N ARG D 136 -30.52 11.22 10.69
CA ARG D 136 -31.47 10.25 10.17
C ARG D 136 -30.92 9.47 8.97
N ILE D 137 -29.73 9.81 8.50
CA ILE D 137 -29.04 9.06 7.44
C ILE D 137 -27.66 8.70 7.97
N LYS D 138 -27.23 7.47 7.68
CA LYS D 138 -25.97 6.95 8.18
C LYS D 138 -25.17 6.34 7.04
N LEU D 139 -23.89 6.73 6.95
CA LEU D 139 -22.98 6.29 5.91
C LEU D 139 -21.65 5.90 6.52
N GLY D 140 -20.86 5.12 5.76
CA GLY D 140 -19.55 4.70 6.20
C GLY D 140 -18.56 4.79 5.06
N TYR D 141 -17.29 4.53 5.38
CA TYR D 141 -16.24 4.61 4.38
C TYR D 141 -16.56 3.73 3.19
N MET D 142 -15.90 4.01 2.08
CA MET D 142 -16.06 3.27 0.84
C MET D 142 -14.80 2.43 0.63
N ILE D 143 -14.91 1.12 0.85
CA ILE D 143 -13.77 0.22 0.83
C ILE D 143 -13.87 -0.66 -0.42
N PRO D 144 -12.75 -1.06 -1.02
CA PRO D 144 -12.83 -2.02 -2.12
C PRO D 144 -13.13 -3.42 -1.61
N ALA D 145 -13.65 -4.24 -2.52
CA ALA D 145 -14.10 -5.58 -2.16
C ALA D 145 -12.97 -6.40 -1.56
N LEU D 146 -13.11 -6.77 -0.29
CA LEU D 146 -12.15 -7.65 0.39
C LEU D 146 -12.54 -9.11 0.13
N ARG D 147 -12.31 -9.52 -1.11
CA ARG D 147 -12.69 -10.85 -1.56
C ARG D 147 -11.44 -11.66 -1.88
N GLY D 148 -11.44 -12.93 -1.48
CA GLY D 148 -10.35 -13.82 -1.82
C GLY D 148 -9.03 -13.35 -1.24
N ASP D 149 -7.96 -13.56 -2.02
CA ASP D 149 -6.61 -13.21 -1.61
C ASP D 149 -6.07 -11.96 -2.29
N GLU D 150 -6.57 -11.60 -3.46
CA GLU D 150 -6.05 -10.49 -4.24
C GLU D 150 -7.05 -9.34 -4.17
N ILE D 151 -6.71 -8.30 -3.42
CA ILE D 151 -7.57 -7.12 -3.37
C ILE D 151 -7.56 -6.43 -4.72
N PRO D 152 -8.71 -6.16 -5.35
CA PRO D 152 -8.69 -5.55 -6.69
C PRO D 152 -8.59 -4.02 -6.64
N ALA D 153 -7.37 -3.54 -6.37
CA ALA D 153 -7.13 -2.11 -6.27
C ALA D 153 -5.70 -1.82 -6.68
N GLN D 154 -5.43 -0.55 -6.97
CA GLN D 154 -4.08 -0.12 -7.34
C GLN D 154 -3.97 1.40 -7.24
N LEU D 155 -2.86 1.87 -6.70
CA LEU D 155 -2.63 3.29 -6.48
C LEU D 155 -1.26 3.67 -7.02
N GLU D 156 -1.22 4.71 -7.87
CA GLU D 156 0.03 5.12 -8.50
C GLU D 156 0.13 6.64 -8.43
N ALA D 157 1.28 7.17 -8.83
CA ALA D 157 1.52 8.61 -8.88
C ALA D 157 1.73 9.04 -10.32
N GLN D 158 1.38 10.29 -10.62
CA GLN D 158 1.48 10.84 -11.95
C GLN D 158 2.18 12.19 -11.91
N PHE D 159 2.87 12.52 -13.00
CA PHE D 159 3.75 13.67 -13.10
C PHE D 159 3.06 14.76 -13.92
N HIS D 160 3.11 16.00 -13.43
CA HIS D 160 2.48 17.13 -14.12
C HIS D 160 3.37 18.35 -14.01
N VAL D 161 3.28 19.21 -15.03
CA VAL D 161 4.15 20.37 -15.18
C VAL D 161 3.32 21.59 -15.53
N ARG D 162 3.69 22.74 -14.98
CA ARG D 162 3.10 24.02 -15.35
C ARG D 162 4.09 24.77 -16.24
N PHE D 163 3.78 24.83 -17.54
CA PHE D 163 4.67 25.43 -18.51
C PHE D 163 4.74 26.95 -18.32
N SER D 164 5.86 27.52 -18.74
CA SER D 164 6.07 28.96 -18.65
C SER D 164 7.06 29.39 -19.72
N ASN D 165 7.12 30.70 -19.96
CA ASN D 165 8.03 31.26 -20.94
C ASN D 165 9.32 31.79 -20.33
N LYS D 166 9.35 32.02 -19.01
CA LYS D 166 10.53 32.52 -18.32
C LYS D 166 10.82 31.60 -17.15
N PRO D 167 11.43 30.43 -17.43
CA PRO D 167 11.69 29.48 -16.35
C PRO D 167 12.53 30.09 -15.24
N VAL D 168 12.20 29.73 -14.01
CA VAL D 168 12.93 30.23 -12.84
C VAL D 168 13.09 29.11 -11.82
N ALA D 173 6.99 24.61 -10.30
CA ALA D 173 6.19 24.50 -11.51
C ALA D 173 6.03 23.03 -11.91
N ILE D 174 6.22 22.13 -10.96
CA ILE D 174 6.07 20.69 -11.16
C ILE D 174 5.37 20.11 -9.95
N PHE D 175 4.47 19.16 -10.19
CA PHE D 175 3.74 18.53 -9.10
C PHE D 175 3.40 17.09 -9.48
N ASN D 176 3.06 16.31 -8.45
CA ASN D 176 2.71 14.91 -8.63
C ASN D 176 1.37 14.64 -7.96
N VAL D 177 0.52 13.87 -8.63
CA VAL D 177 -0.85 13.63 -8.18
C VAL D 177 -1.09 12.12 -8.13
N GLU D 178 -1.66 11.65 -7.02
CA GLU D 178 -1.97 10.22 -6.90
C GLU D 178 -3.27 9.89 -7.61
N VAL D 179 -3.31 8.73 -8.22
CA VAL D 179 -4.46 8.27 -8.99
C VAL D 179 -4.71 6.80 -8.68
N SER D 180 -5.99 6.44 -8.55
CA SER D 180 -6.37 5.11 -8.11
C SER D 180 -7.44 4.54 -9.03
N SER D 181 -7.66 3.23 -8.91
CA SER D 181 -8.66 2.51 -9.68
C SER D 181 -9.02 1.26 -8.90
N ALA D 182 -10.29 1.12 -8.53
CA ALA D 182 -10.69 0.05 -7.63
C ALA D 182 -12.15 -0.32 -7.88
N LEU D 183 -12.58 -1.40 -7.23
CA LEU D 183 -13.97 -1.84 -7.23
C LEU D 183 -14.54 -1.50 -5.86
N TYR D 184 -15.17 -0.34 -5.77
CA TYR D 184 -15.63 0.18 -4.49
C TYR D 184 -17.01 -0.36 -4.12
N THR D 185 -17.23 -0.54 -2.83
CA THR D 185 -18.53 -0.95 -2.31
C THR D 185 -18.79 -0.23 -1.01
N PHE D 186 -20.07 0.04 -0.73
CA PHE D 186 -20.42 0.70 0.52
C PHE D 186 -21.89 0.43 0.85
N SER D 187 -22.24 0.70 2.10
CA SER D 187 -23.59 0.48 2.61
C SER D 187 -24.12 1.76 3.23
N PHE D 188 -25.44 1.95 3.14
CA PHE D 188 -26.10 3.16 3.60
C PHE D 188 -27.38 2.82 4.33
N GLU D 189 -27.76 3.70 5.25
CA GLU D 189 -28.94 3.51 6.09
C GLU D 189 -29.73 4.80 6.19
N LEU D 190 -31.05 4.69 6.29
CA LEU D 190 -31.93 5.83 6.46
C LEU D 190 -33.19 5.38 7.18
N ASP D 191 -33.87 6.31 7.83
CA ASP D 191 -35.12 6.02 8.52
C ASP D 191 -36.08 7.17 8.33
N GLU D 192 -37.18 6.92 7.64
CA GLU D 192 -38.17 7.95 7.35
C GLU D 192 -39.22 8.09 8.44
N ASP D 193 -39.22 7.21 9.44
CA ASP D 193 -40.24 7.24 10.48
C ASP D 193 -39.88 8.19 11.62
N LEU D 194 -38.78 8.93 11.50
CA LEU D 194 -38.36 9.88 12.52
C LEU D 194 -38.18 11.30 11.99
N ILE D 195 -38.31 11.52 10.68
CA ILE D 195 -38.24 12.87 10.14
C ILE D 195 -39.43 13.67 10.64
N ALA D 196 -39.21 14.97 10.86
CA ALA D 196 -40.26 15.86 11.33
C ALA D 196 -40.85 15.37 12.65
N VAL D 197 -39.97 14.98 13.57
CA VAL D 197 -40.38 14.50 14.89
C VAL D 197 -39.37 14.96 15.92
N PRO D 198 -39.73 15.85 16.84
CA PRO D 198 -38.78 16.27 17.88
C PRO D 198 -38.29 15.06 18.67
N SER D 199 -37.01 15.09 19.02
CA SER D 199 -36.39 13.99 19.74
C SER D 199 -36.41 14.19 21.25
N THR D 200 -36.16 15.40 21.72
CA THR D 200 -36.08 15.64 23.14
C THR D 200 -37.44 15.40 23.80
N PHE D 201 -37.40 15.02 25.07
CA PHE D 201 -38.58 14.65 25.83
C PHE D 201 -39.07 15.85 26.63
N GLY D 202 -40.33 16.23 26.41
CA GLY D 202 -40.92 17.34 27.12
C GLY D 202 -42.41 17.45 26.85
N GLU D 203 -42.93 18.68 26.85
CA GLU D 203 -44.33 18.94 26.60
C GLU D 203 -44.50 19.60 25.23
N LYS D 204 -45.60 19.27 24.56
CA LYS D 204 -45.85 19.82 23.24
C LYS D 204 -45.84 21.34 23.29
N VAL D 205 -45.18 21.95 22.30
CA VAL D 205 -45.09 23.40 22.19
C VAL D 205 -45.65 23.81 20.84
N LYS D 206 -46.18 25.04 20.78
CA LYS D 206 -46.83 25.51 19.57
C LYS D 206 -45.86 25.44 18.38
N GLY D 207 -46.42 25.31 17.19
CA GLY D 207 -45.66 25.19 15.97
C GLY D 207 -45.47 23.77 15.48
N GLU D 208 -45.54 22.79 16.39
CA GLU D 208 -45.43 21.40 15.98
C GLU D 208 -46.51 21.01 14.99
N GLU D 209 -47.64 21.74 14.99
CA GLU D 209 -48.67 21.49 13.99
C GLU D 209 -48.14 21.72 12.58
N GLU D 210 -47.39 22.81 12.40
CA GLU D 210 -46.77 23.04 11.10
C GLU D 210 -45.79 21.94 10.75
N LEU D 211 -44.99 21.51 11.72
CA LEU D 211 -44.10 20.37 11.50
C LEU D 211 -44.88 19.19 10.95
N GLU D 212 -46.01 18.87 11.59
CA GLU D 212 -46.82 17.76 11.13
C GLU D 212 -47.42 18.03 9.75
N ARG D 213 -47.58 19.31 9.39
CA ARG D 213 -48.17 19.62 8.10
C ARG D 213 -47.21 19.33 6.95
N GLN D 214 -45.91 19.53 7.17
CA GLN D 214 -44.91 19.43 6.11
C GLN D 214 -44.21 18.07 6.09
N LYS D 215 -44.64 17.12 6.91
CA LYS D 215 -43.90 15.87 7.06
C LYS D 215 -43.80 15.12 5.73
N ALA D 216 -44.90 15.04 4.99
CA ALA D 216 -44.90 14.28 3.75
C ALA D 216 -43.90 14.84 2.76
N LYS D 217 -43.88 16.17 2.59
CA LYS D 217 -42.95 16.79 1.65
C LYS D 217 -41.51 16.59 2.09
N ARG D 218 -41.24 16.73 3.39
CA ARG D 218 -39.87 16.56 3.86
C ARG D 218 -39.40 15.13 3.60
N VAL D 219 -40.24 14.14 3.87
CA VAL D 219 -39.86 12.76 3.63
C VAL D 219 -39.65 12.51 2.15
N LYS D 220 -40.53 13.04 1.31
CA LYS D 220 -40.37 12.87 -0.14
C LYS D 220 -39.04 13.44 -0.61
N SER D 221 -38.70 14.65 -0.15
CA SER D 221 -37.45 15.27 -0.56
C SER D 221 -36.26 14.47 -0.06
N ALA D 222 -36.31 14.00 1.19
CA ALA D 222 -35.20 13.21 1.71
C ALA D 222 -34.99 11.93 0.92
N ILE D 223 -36.09 11.28 0.52
CA ILE D 223 -35.95 10.07 -0.29
C ILE D 223 -35.39 10.42 -1.66
N LYS D 224 -35.80 11.55 -2.23
CA LYS D 224 -35.28 11.94 -3.54
C LYS D 224 -33.78 12.23 -3.48
N ALA D 225 -33.30 12.80 -2.38
CA ALA D 225 -31.91 13.23 -2.30
C ALA D 225 -30.92 12.10 -2.54
N LEU D 226 -31.29 10.86 -2.20
CA LEU D 226 -30.34 9.75 -2.34
C LEU D 226 -29.88 9.55 -3.77
N TYR D 227 -30.68 9.97 -4.76
CA TYR D 227 -30.31 9.75 -6.15
C TYR D 227 -28.94 10.33 -6.46
N SER D 228 -28.57 11.42 -5.80
CA SER D 228 -27.24 12.00 -6.03
C SER D 228 -26.14 11.01 -5.67
N LEU D 229 -26.20 10.44 -4.46
CA LEU D 229 -25.20 9.47 -4.05
C LEU D 229 -25.25 8.22 -4.93
N LEU D 230 -26.45 7.75 -5.28
CA LEU D 230 -26.54 6.53 -6.05
C LEU D 230 -26.11 6.69 -7.50
N SER D 231 -26.13 7.92 -8.03
CA SER D 231 -25.81 8.15 -9.42
C SER D 231 -24.34 8.48 -9.67
N GLY D 232 -23.54 8.63 -8.62
CA GLY D 232 -22.13 8.91 -8.79
C GLY D 232 -21.83 10.39 -8.97
N ASN D 233 -22.23 11.20 -8.00
CA ASN D 233 -21.96 12.65 -8.01
C ASN D 233 -21.43 13.03 -6.63
N PHE D 234 -20.12 12.94 -6.46
CA PHE D 234 -19.50 13.30 -5.19
C PHE D 234 -17.99 13.31 -5.39
N GLY D 235 -17.29 13.79 -4.37
CA GLY D 235 -15.83 13.80 -4.36
C GLY D 235 -15.27 15.08 -4.95
N GLY D 236 -14.01 15.35 -4.58
CA GLY D 236 -13.30 16.51 -5.06
C GLY D 236 -12.51 16.25 -6.32
N LYS D 237 -11.79 17.28 -6.75
CA LYS D 237 -10.90 17.19 -7.90
C LYS D 237 -11.63 16.64 -9.12
N ARG D 238 -12.89 17.05 -9.29
CA ARG D 238 -13.69 16.61 -10.41
C ARG D 238 -13.51 17.48 -11.64
N SER D 239 -12.79 18.60 -11.53
CA SER D 239 -12.63 19.47 -12.68
C SER D 239 -11.78 18.83 -13.77
N ARG D 240 -10.60 18.32 -13.41
CA ARG D 240 -9.68 17.76 -14.37
C ARG D 240 -9.50 16.25 -14.24
N PHE D 241 -10.07 15.62 -13.22
CA PHE D 241 -9.95 14.19 -12.98
C PHE D 241 -11.33 13.56 -12.85
N LEU D 242 -12.21 13.87 -13.79
CA LEU D 242 -13.55 13.32 -13.78
C LEU D 242 -13.48 11.80 -13.88
N PRO D 243 -13.99 11.04 -12.91
CA PRO D 243 -13.87 9.58 -12.98
C PRO D 243 -14.78 8.95 -14.02
N SER D 244 -14.73 7.63 -14.13
CA SER D 244 -15.56 6.86 -15.05
C SER D 244 -16.25 5.76 -14.24
N MET D 245 -17.40 6.09 -13.67
CA MET D 245 -18.09 5.19 -12.76
C MET D 245 -19.07 4.29 -13.50
N LYS D 246 -19.50 3.24 -12.81
CA LYS D 246 -20.46 2.29 -13.35
C LYS D 246 -20.99 1.46 -12.19
N LEU D 247 -22.26 1.08 -12.28
CA LEU D 247 -22.94 0.37 -11.19
C LEU D 247 -23.02 -1.11 -11.54
N MET D 248 -22.45 -1.95 -10.67
CA MET D 248 -22.39 -3.38 -10.88
C MET D 248 -23.52 -4.13 -10.20
N SER D 249 -23.78 -3.85 -8.93
CA SER D 249 -24.82 -4.54 -8.19
C SER D 249 -25.30 -3.68 -7.03
N LEU D 250 -26.57 -3.85 -6.68
CA LEU D 250 -27.19 -3.05 -5.63
C LEU D 250 -28.33 -3.82 -5.01
N VAL D 251 -28.44 -3.73 -3.68
CA VAL D 251 -29.56 -4.29 -2.94
C VAL D 251 -30.09 -3.22 -2.00
N VAL D 252 -31.41 -3.03 -1.98
CA VAL D 252 -32.04 -2.08 -1.09
C VAL D 252 -33.24 -2.75 -0.45
N THR D 253 -33.55 -2.38 0.79
CA THR D 253 -34.57 -3.06 1.57
C THR D 253 -35.33 -2.03 2.41
N LYS D 254 -36.65 -2.15 2.40
CA LYS D 254 -37.54 -1.33 3.21
C LYS D 254 -38.25 -2.23 4.21
N THR D 255 -38.17 -1.87 5.49
CA THR D 255 -38.66 -2.73 6.55
C THR D 255 -39.38 -1.89 7.60
N ASP D 256 -39.65 -2.51 8.75
CA ASP D 256 -40.26 -1.86 9.89
C ASP D 256 -39.47 -2.07 11.17
N PHE D 257 -38.34 -2.75 11.09
CA PHE D 257 -37.55 -3.17 12.24
C PHE D 257 -36.09 -3.07 11.87
N PRO D 258 -35.20 -3.04 12.87
CA PRO D 258 -33.76 -2.96 12.56
C PRO D 258 -33.34 -4.11 11.66
N PHE D 259 -32.50 -3.80 10.67
CA PHE D 259 -32.04 -4.80 9.71
C PHE D 259 -30.88 -4.25 8.90
N MET D 260 -29.80 -5.03 8.79
CA MET D 260 -28.60 -4.61 8.08
C MET D 260 -28.21 -5.68 7.08
N PRO D 261 -28.27 -5.40 5.77
CA PRO D 261 -27.93 -6.44 4.79
C PRO D 261 -26.44 -6.78 4.82
N GLU D 262 -26.13 -7.89 4.17
CA GLU D 262 -24.75 -8.36 4.14
C GLU D 262 -23.87 -7.38 3.38
N PRO D 263 -22.65 -7.10 3.85
CA PRO D 263 -21.71 -6.32 3.05
C PRO D 263 -21.55 -6.90 1.65
N ALA D 264 -21.06 -6.10 0.71
CA ALA D 264 -20.92 -6.53 -0.68
C ALA D 264 -19.55 -7.12 -0.97
N HIS D 265 -18.90 -7.73 0.02
CA HIS D 265 -17.58 -8.30 -0.19
C HIS D 265 -17.66 -9.62 -0.95
N ASP D 266 -18.35 -10.60 -0.38
CA ASP D 266 -18.43 -11.91 -1.01
C ASP D 266 -19.21 -11.83 -2.31
N ASP D 267 -19.01 -12.85 -3.17
CA ASP D 267 -19.67 -12.86 -4.46
C ASP D 267 -21.19 -12.94 -4.33
N ASP D 268 -21.67 -13.69 -3.34
CA ASP D 268 -23.11 -13.90 -3.15
C ASP D 268 -23.51 -13.26 -1.82
N TYR D 269 -23.93 -11.99 -1.89
CA TYR D 269 -24.54 -11.30 -0.76
C TYR D 269 -25.99 -10.94 -1.03
N ILE D 270 -26.50 -11.21 -2.23
CA ILE D 270 -27.90 -10.99 -2.54
C ILE D 270 -28.77 -12.13 -2.03
N LYS D 271 -28.45 -13.36 -2.43
CA LYS D 271 -29.22 -14.51 -1.97
C LYS D 271 -29.17 -14.62 -0.45
N THR D 272 -27.99 -14.42 0.13
CA THR D 272 -27.86 -14.52 1.58
C THR D 272 -28.72 -13.49 2.29
N THR D 273 -28.69 -12.24 1.81
CA THR D 273 -29.47 -11.21 2.49
C THR D 273 -30.96 -11.40 2.31
N ILE D 274 -31.39 -11.89 1.14
CA ILE D 274 -32.81 -12.16 0.94
C ILE D 274 -33.26 -13.28 1.87
N MET D 275 -32.46 -14.34 1.97
CA MET D 275 -32.82 -15.45 2.85
C MET D 275 -32.87 -14.98 4.30
N ARG D 276 -31.93 -14.13 4.72
CA ARG D 276 -31.95 -13.60 6.07
C ARG D 276 -33.18 -12.74 6.31
N LEU D 277 -33.55 -11.93 5.31
CA LEU D 277 -34.72 -11.06 5.47
C LEU D 277 -36.00 -11.88 5.55
N GLY D 278 -36.06 -13.01 4.84
CA GLY D 278 -37.26 -13.84 4.90
C GLY D 278 -37.58 -14.29 6.31
N LYS D 279 -36.54 -14.52 7.13
CA LYS D 279 -36.71 -15.04 8.47
C LYS D 279 -36.66 -13.97 9.56
N ALA D 280 -35.97 -12.86 9.32
CA ALA D 280 -35.91 -11.81 10.33
C ALA D 280 -37.30 -11.27 10.64
N LYS D 281 -38.14 -11.13 9.62
CA LYS D 281 -39.50 -10.65 9.83
C LYS D 281 -40.23 -11.53 10.83
N GLY D 282 -40.23 -12.84 10.60
CA GLY D 282 -40.87 -13.75 11.55
C GLY D 282 -40.23 -13.70 12.92
N VAL D 283 -38.91 -13.53 12.96
CA VAL D 283 -38.23 -13.49 14.25
C VAL D 283 -38.68 -12.31 15.08
N LEU D 284 -38.79 -11.13 14.47
CA LEU D 284 -39.10 -9.90 15.19
C LEU D 284 -40.53 -9.44 15.03
N ASN D 285 -41.35 -10.18 14.28
CA ASN D 285 -42.78 -9.88 14.14
C ASN D 285 -43.00 -8.46 13.59
N GLY D 286 -42.53 -8.28 12.35
CA GLY D 286 -42.81 -7.08 11.60
C GLY D 286 -44.05 -7.24 10.73
N ASN D 287 -44.27 -6.23 9.89
CA ASN D 287 -45.40 -6.25 8.96
C ASN D 287 -45.05 -5.84 7.55
N LEU D 288 -43.90 -5.22 7.31
CA LEU D 288 -43.49 -4.84 5.97
C LEU D 288 -42.02 -5.19 5.78
N ALA D 289 -41.72 -5.88 4.68
CA ALA D 289 -40.33 -6.21 4.35
C ALA D 289 -40.26 -6.41 2.84
N LYS D 290 -39.72 -5.44 2.13
CA LYS D 290 -39.58 -5.51 0.69
C LYS D 290 -38.12 -5.31 0.30
N ALA D 291 -37.72 -5.99 -0.77
CA ALA D 291 -36.34 -5.96 -1.25
C ALA D 291 -36.32 -5.69 -2.75
N TYR D 292 -35.46 -4.77 -3.16
CA TYR D 292 -35.22 -4.46 -4.56
C TYR D 292 -33.76 -4.73 -4.89
N VAL D 293 -33.52 -5.21 -6.10
CA VAL D 293 -32.20 -5.69 -6.50
C VAL D 293 -31.90 -5.23 -7.92
N ILE D 294 -30.67 -4.76 -8.13
CA ILE D 294 -30.15 -4.48 -9.47
C ILE D 294 -28.89 -5.32 -9.65
N ASN D 295 -28.82 -6.05 -10.75
CA ASN D 295 -27.75 -7.00 -11.01
C ASN D 295 -27.22 -6.79 -12.42
N ASN D 296 -25.96 -6.39 -12.53
CA ASN D 296 -25.29 -6.24 -13.82
C ASN D 296 -24.16 -7.23 -14.03
N GLU D 297 -23.59 -7.79 -12.95
CA GLU D 297 -22.47 -8.70 -13.05
C GLU D 297 -22.89 -10.16 -13.12
N GLY D 298 -24.18 -10.45 -13.14
CA GLY D 298 -24.65 -11.81 -13.28
C GLY D 298 -24.30 -12.73 -12.13
N ILE D 299 -24.51 -12.28 -10.89
CA ILE D 299 -24.24 -13.08 -9.73
C ILE D 299 -25.54 -13.71 -9.25
N GLU D 300 -25.42 -14.70 -8.36
CA GLU D 300 -26.60 -15.42 -7.88
C GLU D 300 -27.56 -14.47 -7.17
N VAL D 301 -28.84 -14.56 -7.52
CA VAL D 301 -29.88 -13.69 -7.00
C VAL D 301 -30.86 -14.47 -6.13
N GLY D 302 -31.53 -15.47 -6.72
CA GLY D 302 -32.59 -16.18 -6.05
C GLY D 302 -33.80 -16.32 -6.95
N GLU D 303 -35.00 -16.28 -6.37
CA GLU D 303 -36.23 -16.34 -7.16
C GLU D 303 -37.31 -15.56 -6.45
N GLY D 304 -38.26 -15.05 -7.23
CA GLY D 304 -39.38 -14.31 -6.68
C GLY D 304 -38.98 -13.00 -6.02
N VAL D 305 -38.12 -12.21 -6.68
CA VAL D 305 -37.72 -10.91 -6.18
C VAL D 305 -37.73 -9.92 -7.33
N THR D 306 -37.87 -8.64 -6.97
CA THR D 306 -37.92 -7.59 -7.98
C THR D 306 -36.59 -7.45 -8.70
N VAL D 307 -36.67 -7.11 -9.98
CA VAL D 307 -35.49 -6.90 -10.82
C VAL D 307 -35.71 -5.59 -11.55
N LEU D 308 -35.15 -4.50 -11.02
CA LEU D 308 -35.29 -3.19 -11.64
C LEU D 308 -34.26 -3.04 -12.76
N SER D 309 -34.30 -1.89 -13.43
CA SER D 309 -33.43 -1.64 -14.58
C SER D 309 -32.44 -0.53 -14.37
N THR D 310 -32.71 0.44 -13.49
CA THR D 310 -31.83 1.58 -13.27
C THR D 310 -31.96 2.00 -11.81
N VAL D 311 -31.45 3.19 -11.51
CA VAL D 311 -31.65 3.77 -10.19
C VAL D 311 -32.89 4.65 -10.15
N GLU D 312 -33.27 5.24 -11.29
CA GLU D 312 -34.44 6.10 -11.33
C GLU D 312 -35.70 5.32 -10.99
N ASP D 313 -35.83 4.12 -11.54
CA ASP D 313 -36.99 3.29 -11.20
C ASP D 313 -37.01 2.95 -9.72
N LEU D 314 -35.84 2.65 -9.15
CA LEU D 314 -35.77 2.35 -7.74
C LEU D 314 -36.25 3.53 -6.91
N VAL D 315 -35.78 4.74 -7.25
CA VAL D 315 -36.18 5.92 -6.49
C VAL D 315 -37.68 6.16 -6.65
N VAL D 316 -38.21 5.97 -7.85
CA VAL D 316 -39.64 6.16 -8.08
C VAL D 316 -40.45 5.21 -7.21
N LYS D 317 -40.08 3.92 -7.22
CA LYS D 317 -40.82 2.94 -6.46
C LYS D 317 -40.71 3.20 -4.96
N LEU D 318 -39.53 3.62 -4.49
CA LEU D 318 -39.39 3.97 -3.08
C LEU D 318 -40.28 5.16 -2.74
N GLU D 319 -40.40 6.12 -3.65
CA GLU D 319 -41.30 7.24 -3.43
C GLU D 319 -42.74 6.77 -3.30
N GLU D 320 -43.16 5.89 -4.21
CA GLU D 320 -44.54 5.40 -4.20
C GLU D 320 -44.83 4.63 -2.92
N MET E 1 -3.20 27.98 -44.19
CA MET E 1 -2.84 26.67 -43.59
C MET E 1 -3.07 25.54 -44.59
N ILE E 2 -2.14 25.38 -45.52
CA ILE E 2 -2.27 24.36 -46.56
C ILE E 2 -2.22 22.98 -45.91
N SER E 3 -3.33 22.26 -45.98
CA SER E 3 -3.44 20.91 -45.45
C SER E 3 -3.74 19.96 -46.61
N GLY E 4 -3.71 18.66 -46.33
CA GLY E 4 -4.06 17.70 -47.35
C GLY E 4 -3.68 16.29 -46.97
N SER E 5 -4.19 15.36 -47.78
CA SER E 5 -3.94 13.93 -47.64
C SER E 5 -3.63 13.34 -49.01
N VAL E 6 -2.94 12.21 -49.00
CA VAL E 6 -2.44 11.60 -50.23
C VAL E 6 -2.47 10.09 -50.08
N ARG E 7 -2.64 9.40 -51.21
CA ARG E 7 -2.60 7.95 -51.29
C ARG E 7 -1.59 7.52 -52.35
N PHE E 8 -0.84 6.47 -52.06
CA PHE E 8 0.23 5.99 -52.93
C PHE E 8 0.15 4.47 -53.06
N LEU E 9 0.64 3.97 -54.19
CA LEU E 9 0.75 2.54 -54.43
C LEU E 9 2.21 2.19 -54.68
N VAL E 10 2.71 1.18 -53.96
CA VAL E 10 4.11 0.79 -54.04
C VAL E 10 4.18 -0.72 -54.17
N ASN E 11 5.33 -1.21 -54.67
CA ASN E 11 5.55 -2.64 -54.85
C ASN E 11 7.04 -2.92 -54.70
N LEU E 12 7.36 -3.97 -53.94
CA LEU E 12 8.73 -4.45 -53.78
C LEU E 12 9.66 -3.32 -53.34
N GLU E 13 9.41 -2.84 -52.13
CA GLU E 13 10.13 -1.69 -51.59
C GLU E 13 10.72 -2.04 -50.23
N SER E 14 11.75 -1.29 -49.86
CA SER E 14 12.28 -1.28 -48.50
C SER E 14 12.82 0.13 -48.26
N LEU E 15 11.97 0.98 -47.69
CA LEU E 15 12.26 2.41 -47.57
C LEU E 15 12.56 2.82 -46.13
N ASN E 16 12.87 1.86 -45.27
CA ASN E 16 13.29 2.18 -43.91
C ASN E 16 13.81 0.90 -43.26
N GLY E 17 14.47 1.07 -42.11
CA GLY E 17 15.01 -0.06 -41.39
C GLY E 17 15.18 0.28 -39.92
N VAL E 18 15.35 -0.76 -39.12
CA VAL E 18 15.56 -0.64 -37.69
C VAL E 18 16.76 -1.52 -37.33
N GLU E 19 17.10 -1.57 -36.04
CA GLU E 19 18.20 -2.43 -35.59
C GLU E 19 18.12 -3.79 -36.24
N SER E 20 19.22 -4.21 -36.84
CA SER E 20 19.28 -5.48 -37.55
C SER E 20 19.76 -6.59 -36.61
N ILE E 21 19.21 -7.78 -36.82
CA ILE E 21 19.58 -8.97 -36.04
C ILE E 21 20.17 -9.99 -37.01
N GLY E 22 21.40 -10.42 -36.71
CA GLY E 22 22.06 -11.36 -37.60
C GLY E 22 22.26 -10.78 -38.98
N ASN E 23 22.00 -11.59 -40.00
CA ASN E 23 22.20 -11.24 -41.39
C ASN E 23 20.87 -10.96 -42.07
N LEU E 24 19.93 -10.37 -41.34
CA LEU E 24 18.61 -10.07 -41.86
C LEU E 24 18.23 -8.66 -41.44
N THR E 25 18.26 -7.74 -42.40
CA THR E 25 17.85 -6.36 -42.12
C THR E 25 16.36 -6.33 -41.83
N LYS E 26 15.98 -5.55 -40.82
CA LYS E 26 14.61 -5.54 -40.32
C LYS E 26 13.87 -4.31 -40.82
N HIS E 27 12.81 -4.52 -41.59
CA HIS E 27 11.90 -3.44 -41.94
C HIS E 27 11.08 -3.04 -40.72
N ARG E 28 10.83 -1.74 -40.59
CA ARG E 28 10.10 -1.24 -39.43
C ARG E 28 8.66 -1.74 -39.47
N THR E 29 8.15 -2.16 -38.31
CA THR E 29 6.78 -2.61 -38.18
C THR E 29 6.21 -2.07 -36.87
N ALA E 30 4.90 -1.87 -36.85
CA ALA E 30 4.22 -1.24 -35.72
C ALA E 30 2.87 -1.89 -35.51
N PRO E 31 2.31 -1.76 -34.31
CA PRO E 31 0.96 -2.28 -34.06
C PRO E 31 -0.12 -1.31 -34.49
N VAL E 32 -1.29 -1.86 -34.78
CA VAL E 32 -2.44 -1.07 -35.20
C VAL E 32 -3.70 -1.74 -34.68
N VAL E 33 -4.65 -0.92 -34.23
CA VAL E 33 -5.97 -1.38 -33.83
C VAL E 33 -6.89 -1.25 -35.06
N LEU E 34 -7.42 -2.39 -35.50
CA LEU E 34 -8.18 -2.46 -36.74
C LEU E 34 -9.64 -2.79 -36.42
N LYS E 35 -10.54 -2.23 -37.23
CA LYS E 35 -11.97 -2.48 -37.09
C LYS E 35 -12.41 -3.43 -38.20
N THR E 36 -13.20 -4.44 -37.82
CA THR E 36 -13.74 -5.39 -38.78
C THR E 36 -15.23 -5.56 -38.57
N SER E 37 -15.85 -6.48 -39.31
CA SER E 37 -17.27 -6.75 -39.16
C SER E 37 -17.62 -7.36 -37.81
N THR E 38 -16.63 -7.86 -37.07
CA THR E 38 -16.85 -8.52 -35.78
C THR E 38 -16.44 -7.68 -34.59
N GLY E 39 -15.32 -6.96 -34.67
CA GLY E 39 -14.85 -6.19 -33.55
C GLY E 39 -13.50 -5.59 -33.84
N TYR E 40 -12.85 -5.16 -32.76
CA TYR E 40 -11.56 -4.50 -32.85
C TYR E 40 -10.44 -5.48 -32.55
N LEU E 41 -9.48 -5.60 -33.48
CA LEU E 41 -8.38 -6.52 -33.39
C LEU E 41 -7.06 -5.75 -33.37
N VAL E 42 -5.99 -6.47 -33.04
CA VAL E 42 -4.63 -5.92 -33.04
C VAL E 42 -3.83 -6.62 -34.12
N ARG E 43 -3.10 -5.84 -34.91
CA ARG E 43 -2.28 -6.38 -35.99
C ARG E 43 -0.93 -5.69 -35.97
N TYR E 44 0.06 -6.34 -36.58
CA TYR E 44 1.37 -5.77 -36.80
C TYR E 44 1.58 -5.57 -38.29
N VAL E 45 2.01 -4.36 -38.68
CA VAL E 45 2.10 -4.01 -40.10
C VAL E 45 3.35 -3.18 -40.34
N PRO E 46 3.94 -3.32 -41.52
CA PRO E 46 5.07 -2.43 -41.87
C PRO E 46 4.64 -0.98 -41.96
N VAL E 47 5.56 -0.09 -41.58
CA VAL E 47 5.35 1.34 -41.61
C VAL E 47 6.64 2.02 -42.03
N ILE E 48 6.57 3.31 -42.30
CA ILE E 48 7.71 4.12 -42.68
C ILE E 48 7.79 5.32 -41.74
N SER E 49 8.98 5.55 -41.19
CA SER E 49 9.14 6.58 -40.18
C SER E 49 8.67 7.93 -40.71
N GLY E 50 8.22 8.79 -39.79
CA GLY E 50 7.84 10.14 -40.14
C GLY E 50 9.01 11.08 -40.31
N GLU E 51 10.14 10.79 -39.65
CA GLU E 51 11.28 11.70 -39.72
C GLU E 51 11.99 11.61 -41.06
N ALA E 52 11.91 10.46 -41.74
CA ALA E 52 12.54 10.35 -43.06
C ALA E 52 11.93 11.33 -44.05
N LEU E 53 10.60 11.47 -44.04
CA LEU E 53 9.96 12.42 -44.93
C LEU E 53 10.37 13.85 -44.58
N ALA E 54 10.48 14.17 -43.29
CA ALA E 54 10.93 15.49 -42.90
C ALA E 54 12.34 15.76 -43.41
N HIS E 55 13.23 14.77 -43.30
CA HIS E 55 14.58 14.95 -43.80
C HIS E 55 14.60 15.17 -45.31
N ALA E 56 13.82 14.37 -46.05
CA ALA E 56 13.80 14.53 -47.50
C ALA E 56 13.28 15.91 -47.88
N TYR E 57 12.21 16.36 -47.22
CA TYR E 57 11.64 17.66 -47.51
C TYR E 57 12.64 18.77 -47.21
N GLN E 58 13.34 18.69 -46.07
CA GLN E 58 14.31 19.72 -45.73
C GLN E 58 15.47 19.73 -46.73
N ALA E 59 15.90 18.55 -47.18
CA ALA E 59 16.97 18.49 -48.17
C ALA E 59 16.54 19.17 -49.47
N SER E 60 15.33 18.87 -49.94
CA SER E 60 14.86 19.51 -51.16
C SER E 60 14.72 21.01 -50.97
N LEU E 61 14.28 21.43 -49.78
CA LEU E 61 14.18 22.86 -49.50
C LEU E 61 15.54 23.52 -49.60
N VAL E 62 16.57 22.90 -49.03
CA VAL E 62 17.92 23.47 -49.14
C VAL E 62 18.35 23.53 -50.59
N ASP E 63 18.10 22.46 -51.34
CA ASP E 63 18.52 22.43 -52.74
C ASP E 63 17.88 23.56 -53.54
N ILE E 64 16.58 23.81 -53.33
CA ILE E 64 15.92 24.87 -54.08
C ILE E 64 16.25 26.25 -53.51
N ALA E 65 16.63 26.34 -52.23
CA ALA E 65 16.99 27.64 -51.66
C ALA E 65 18.34 28.12 -52.17
N LYS E 66 19.32 27.22 -52.26
CA LYS E 66 20.62 27.62 -52.79
C LYS E 66 20.55 27.98 -54.26
N LYS E 67 19.50 27.55 -54.97
CA LYS E 67 19.34 27.92 -56.37
C LYS E 67 18.94 29.39 -56.54
N GLU E 68 18.65 30.09 -55.45
CA GLU E 68 18.26 31.49 -55.50
C GLU E 68 19.03 32.22 -54.41
N GLY E 69 18.65 33.48 -54.16
CA GLY E 69 19.40 34.33 -53.27
C GLY E 69 19.22 34.05 -51.79
N LEU E 70 18.38 33.09 -51.42
CA LEU E 70 18.14 32.84 -50.01
C LEU E 70 19.38 32.27 -49.33
N PRO E 71 19.57 32.56 -48.05
CA PRO E 71 20.77 32.09 -47.36
C PRO E 71 20.64 30.65 -46.88
N VAL E 72 21.77 30.08 -46.49
CA VAL E 72 21.83 28.73 -45.95
C VAL E 72 22.98 28.67 -44.95
N GLY E 73 22.78 27.92 -43.86
CA GLY E 73 23.80 27.80 -42.85
C GLY E 73 24.95 26.91 -43.27
N SER E 74 26.09 27.08 -42.57
CA SER E 74 27.28 26.30 -42.91
C SER E 74 27.05 24.82 -42.64
N LEU E 75 26.61 24.46 -41.43
CA LEU E 75 26.37 23.06 -41.13
C LEU E 75 25.27 22.49 -42.00
N SER E 76 24.19 23.25 -42.20
CA SER E 76 23.09 22.78 -43.02
C SER E 76 23.37 22.88 -44.51
N SER E 77 24.43 23.60 -44.89
CA SER E 77 24.84 23.59 -46.30
C SER E 77 25.20 22.18 -46.73
N GLN E 78 25.93 21.46 -45.88
CA GLN E 78 25.96 20.01 -45.96
C GLN E 78 24.72 19.45 -45.26
N TYR E 79 24.23 18.32 -45.76
CA TYR E 79 22.96 17.77 -45.27
C TYR E 79 23.19 17.12 -43.91
N GLU E 80 23.28 17.98 -42.89
CA GLU E 80 23.37 17.55 -41.49
C GLU E 80 22.49 18.50 -40.69
N PHE E 81 21.23 18.13 -40.52
CA PHE E 81 20.24 19.01 -39.89
C PHE E 81 20.34 18.89 -38.36
N ILE E 82 21.43 19.44 -37.83
CA ILE E 82 21.57 19.62 -36.38
C ILE E 82 21.13 21.00 -35.95
N LYS E 83 21.16 21.99 -36.83
CA LYS E 83 20.70 23.35 -36.51
C LYS E 83 21.56 23.86 -35.36
N PHE E 84 20.98 24.47 -34.33
CA PHE E 84 21.79 25.15 -33.32
C PHE E 84 21.50 24.62 -31.91
N SER E 85 21.33 23.31 -31.79
CA SER E 85 21.08 22.72 -30.48
C SER E 85 22.31 22.82 -29.58
N THR E 86 23.40 22.20 -29.99
CA THR E 86 24.61 22.15 -29.18
C THR E 86 25.45 23.42 -29.36
N ASP E 87 26.34 23.66 -28.41
CA ASP E 87 27.20 24.84 -28.47
C ASP E 87 28.26 24.71 -29.56
N GLU E 88 28.62 23.48 -29.94
CA GLU E 88 29.63 23.31 -30.98
C GLU E 88 29.17 23.91 -32.30
N ALA E 89 27.89 23.70 -32.65
CA ALA E 89 27.37 24.31 -33.87
C ALA E 89 27.40 25.83 -33.76
N LEU E 90 27.08 26.37 -32.59
CA LEU E 90 27.15 27.82 -32.40
C LEU E 90 28.56 28.34 -32.62
N LYS E 91 29.56 27.65 -32.06
CA LYS E 91 30.94 28.07 -32.25
C LYS E 91 31.35 27.97 -33.71
N ILE E 92 30.94 26.90 -34.39
CA ILE E 92 31.32 26.72 -35.78
C ILE E 92 30.72 27.82 -36.64
N GLU E 93 29.44 28.14 -36.42
CA GLU E 93 28.77 29.13 -37.24
C GLU E 93 29.00 30.56 -36.76
N GLY E 94 29.54 30.74 -35.56
CA GLY E 94 29.91 32.06 -35.08
C GLY E 94 28.75 32.91 -34.63
N ILE E 95 28.01 32.45 -33.64
CA ILE E 95 26.90 33.19 -33.05
C ILE E 95 27.03 33.12 -31.54
N LYS E 96 26.93 34.28 -30.89
CA LYS E 96 27.05 34.33 -29.44
C LYS E 96 25.86 33.66 -28.77
N GLU E 97 26.11 33.09 -27.60
CA GLU E 97 25.06 32.45 -26.83
C GLU E 97 24.07 33.49 -26.32
N PRO E 98 22.82 33.09 -26.06
CA PRO E 98 21.85 34.04 -25.51
C PRO E 98 22.19 34.37 -24.06
N LYS E 99 22.32 35.66 -23.78
CA LYS E 99 22.70 36.10 -22.44
C LYS E 99 21.56 35.88 -21.46
N ASP E 100 20.40 36.48 -21.72
CA ASP E 100 19.23 36.33 -20.86
C ASP E 100 17.98 36.47 -21.72
N TYR E 101 16.83 36.24 -21.07
CA TYR E 101 15.56 36.28 -21.80
C TYR E 101 15.38 37.61 -22.54
N ASN E 102 15.86 38.71 -21.95
CA ASN E 102 15.76 39.99 -22.62
C ASN E 102 16.50 39.97 -23.95
N ASP E 103 17.64 39.30 -24.01
CA ASP E 103 18.37 39.12 -25.26
C ASP E 103 17.78 38.03 -26.14
N ALA E 104 16.90 37.20 -25.59
CA ALA E 104 16.47 35.99 -26.30
C ALA E 104 15.98 36.32 -27.70
N ARG E 105 15.05 37.26 -27.81
CA ARG E 105 14.51 37.60 -29.13
C ARG E 105 15.64 37.88 -30.12
N ARG E 106 16.59 38.73 -29.71
CA ARG E 106 17.75 39.00 -30.54
C ARG E 106 18.30 37.71 -31.13
N PHE E 107 18.71 36.80 -30.25
CA PHE E 107 19.27 35.52 -30.68
C PHE E 107 18.43 34.93 -31.80
N GLU E 108 17.13 34.77 -31.55
CA GLU E 108 16.27 34.12 -32.54
C GLU E 108 16.42 34.80 -33.89
N VAL E 109 16.25 36.13 -33.92
CA VAL E 109 16.36 36.85 -35.18
C VAL E 109 17.72 36.59 -35.81
N GLU E 110 18.78 36.68 -35.01
CA GLU E 110 20.12 36.43 -35.52
C GLU E 110 20.20 35.02 -36.10
N VAL E 111 19.63 34.05 -35.40
CA VAL E 111 19.62 32.69 -35.92
C VAL E 111 18.69 32.57 -37.11
N MET E 112 17.61 33.36 -37.12
CA MET E 112 16.56 33.19 -38.12
C MET E 112 16.95 33.76 -39.48
N LEU E 113 18.06 34.50 -39.57
CA LEU E 113 18.50 35.09 -40.83
C LEU E 113 19.53 34.22 -41.54
N LYS E 114 20.50 33.67 -40.79
CA LYS E 114 21.58 32.91 -41.41
C LYS E 114 21.04 31.68 -42.13
N ASP E 115 20.12 30.96 -41.51
CA ASP E 115 19.67 29.66 -42.00
C ASP E 115 18.16 29.68 -42.19
N VAL E 116 17.72 29.50 -43.43
CA VAL E 116 16.29 29.42 -43.72
C VAL E 116 15.69 28.15 -43.13
N ILE E 117 16.46 27.05 -43.11
CA ILE E 117 15.94 25.79 -42.57
C ILE E 117 15.60 25.97 -41.10
N ALA E 118 16.47 26.63 -40.34
CA ALA E 118 16.19 26.85 -38.93
C ALA E 118 14.93 27.69 -38.73
N ASP E 119 14.47 28.38 -39.77
CA ASP E 119 13.24 29.16 -39.69
C ASP E 119 12.03 28.30 -40.06
N VAL E 120 12.05 27.68 -41.24
CA VAL E 120 10.90 26.93 -41.70
C VAL E 120 10.64 25.72 -40.81
N GLY E 121 11.71 24.98 -40.47
CA GLY E 121 11.56 23.75 -39.72
C GLY E 121 11.65 23.88 -38.22
N GLY E 122 11.77 25.09 -37.69
CA GLY E 122 11.87 25.26 -36.25
C GLY E 122 13.14 24.65 -35.70
N PHE E 123 13.45 24.93 -34.44
CA PHE E 123 14.68 24.43 -33.83
C PHE E 123 14.57 24.58 -32.32
N MET E 124 15.66 24.24 -31.63
CA MET E 124 15.70 24.27 -30.18
C MET E 124 17.13 24.48 -29.73
N TYR E 125 17.29 25.25 -28.65
CA TYR E 125 18.58 25.42 -27.99
C TYR E 125 18.36 25.26 -26.50
N ALA E 126 19.14 24.37 -25.89
CA ALA E 126 19.04 24.06 -24.47
C ALA E 126 20.24 24.63 -23.74
N GLY E 127 19.99 25.36 -22.67
CA GLY E 127 21.06 25.97 -21.89
C GLY E 127 20.52 26.74 -20.71
N GLY E 128 21.25 27.77 -20.29
CA GLY E 128 20.77 28.59 -19.19
C GLY E 128 19.45 29.28 -19.52
N ALA E 129 19.29 29.70 -20.77
CA ALA E 129 18.08 30.37 -21.24
C ALA E 129 17.60 29.64 -22.48
N PRO E 130 16.89 28.53 -22.32
CA PRO E 130 16.48 27.74 -23.48
C PRO E 130 15.61 28.56 -24.42
N VAL E 131 15.73 28.25 -25.71
CA VAL E 131 14.97 28.92 -26.76
C VAL E 131 14.36 27.87 -27.67
N ARG E 132 13.11 28.08 -28.07
CA ARG E 132 12.37 27.10 -28.84
C ARG E 132 11.77 27.77 -30.07
N ARG E 133 11.47 26.95 -31.07
CA ARG E 133 10.69 27.42 -32.22
C ARG E 133 10.04 26.21 -32.85
N THR E 134 8.72 26.08 -32.68
CA THR E 134 8.00 24.93 -33.19
C THR E 134 8.04 24.90 -34.72
N SER E 135 8.11 23.69 -35.27
CA SER E 135 8.18 23.52 -36.71
C SER E 135 6.95 24.08 -37.39
N ARG E 136 7.16 24.61 -38.59
CA ARG E 136 6.07 25.10 -39.43
C ARG E 136 5.55 24.04 -40.39
N ILE E 137 6.11 22.84 -40.35
CA ILE E 137 5.61 21.70 -41.12
C ILE E 137 5.46 20.53 -40.18
N LYS E 138 4.41 19.74 -40.38
CA LYS E 138 4.10 18.61 -39.51
C LYS E 138 3.81 17.38 -40.36
N LEU E 139 4.26 16.22 -39.87
CA LEU E 139 4.12 14.97 -40.61
C LEU E 139 3.96 13.81 -39.65
N GLY E 140 3.39 12.73 -40.15
CA GLY E 140 3.22 11.51 -39.40
C GLY E 140 3.63 10.29 -40.21
N TYR E 141 3.50 9.12 -39.57
CA TYR E 141 3.91 7.89 -40.20
C TYR E 141 3.14 7.66 -41.50
N MET E 142 3.61 6.68 -42.27
CA MET E 142 3.01 6.33 -43.56
C MET E 142 2.45 4.92 -43.45
N ILE E 143 1.21 4.83 -42.98
CA ILE E 143 0.58 3.53 -42.69
C ILE E 143 -0.21 3.09 -43.92
N PRO E 144 -0.34 1.79 -44.16
CA PRO E 144 -1.34 1.35 -45.14
C PRO E 144 -2.75 1.55 -44.59
N ALA E 145 -3.68 1.81 -45.51
CA ALA E 145 -5.05 2.09 -45.10
C ALA E 145 -5.66 0.88 -44.42
N LEU E 146 -6.44 1.13 -43.36
CA LEU E 146 -7.13 0.08 -42.63
C LEU E 146 -8.48 -0.26 -43.23
N ARG E 147 -8.68 0.03 -44.52
CA ARG E 147 -9.96 -0.22 -45.16
C ARG E 147 -10.29 -1.71 -45.12
N GLY E 148 -11.56 -2.01 -44.85
CA GLY E 148 -12.03 -3.39 -44.90
C GLY E 148 -11.52 -4.23 -43.74
N ASP E 149 -11.77 -5.53 -43.86
CA ASP E 149 -11.32 -6.49 -42.86
C ASP E 149 -9.93 -7.03 -43.13
N GLU E 150 -9.37 -6.75 -44.31
CA GLU E 150 -8.04 -7.23 -44.69
C GLU E 150 -7.13 -6.04 -44.94
N ILE E 151 -5.97 -6.03 -44.29
CA ILE E 151 -4.97 -5.00 -44.51
C ILE E 151 -4.28 -5.30 -45.83
N PRO E 152 -4.27 -4.39 -46.81
CA PRO E 152 -3.66 -4.70 -48.12
C PRO E 152 -2.15 -4.47 -48.12
N ALA E 153 -1.47 -5.07 -47.15
CA ALA E 153 -0.03 -4.93 -47.01
C ALA E 153 0.59 -6.31 -46.83
N GLN E 154 1.78 -6.49 -47.39
CA GLN E 154 2.49 -7.75 -47.30
C GLN E 154 3.97 -7.49 -47.05
N LEU E 155 4.60 -8.42 -46.33
CA LEU E 155 6.02 -8.36 -46.02
C LEU E 155 6.62 -9.75 -46.21
N GLU E 156 7.90 -9.80 -46.55
CA GLU E 156 8.55 -11.09 -46.78
C GLU E 156 10.04 -10.89 -46.87
N ALA E 157 10.79 -11.86 -46.37
CA ALA E 157 12.24 -11.81 -46.44
C ALA E 157 12.71 -12.16 -47.85
N GLN E 158 14.01 -11.99 -48.08
CA GLN E 158 14.63 -12.31 -49.36
C GLN E 158 15.99 -12.93 -49.09
N PHE E 159 16.63 -13.40 -50.17
CA PHE E 159 17.90 -14.09 -50.08
C PHE E 159 18.87 -13.49 -51.08
N HIS E 160 20.13 -13.30 -50.66
CA HIS E 160 21.15 -12.74 -51.52
C HIS E 160 22.51 -13.25 -51.09
N VAL E 161 23.34 -13.59 -52.07
CA VAL E 161 24.66 -14.16 -51.84
C VAL E 161 25.68 -13.35 -52.62
N ARG E 162 26.84 -13.13 -52.01
CA ARG E 162 27.95 -12.43 -52.65
C ARG E 162 28.93 -13.46 -53.20
N PHE E 163 29.20 -13.38 -54.50
CA PHE E 163 30.07 -14.35 -55.13
C PHE E 163 31.49 -14.24 -54.58
N SER E 164 32.21 -15.36 -54.58
CA SER E 164 33.59 -15.39 -54.13
C SER E 164 34.29 -16.58 -54.77
N ASN E 165 35.52 -16.38 -55.21
CA ASN E 165 36.32 -17.43 -55.82
C ASN E 165 37.15 -18.22 -54.81
N LYS E 166 37.23 -17.75 -53.56
CA LYS E 166 38.00 -18.43 -52.51
C LYS E 166 37.16 -18.47 -51.24
N PRO E 167 36.12 -19.31 -51.21
CA PRO E 167 35.28 -19.40 -50.02
C PRO E 167 36.09 -19.82 -48.80
N VAL E 168 35.73 -19.24 -47.66
CA VAL E 168 36.42 -19.54 -46.40
C VAL E 168 35.39 -19.90 -45.33
N ALA E 173 29.06 -13.70 -46.80
CA ALA E 173 28.81 -13.65 -48.24
C ALA E 173 27.34 -13.92 -48.55
N ILE E 174 26.54 -14.17 -47.50
CA ILE E 174 25.12 -14.43 -47.63
C ILE E 174 24.37 -13.47 -46.71
N PHE E 175 23.33 -12.83 -47.23
CA PHE E 175 22.55 -11.88 -46.44
C PHE E 175 21.12 -11.86 -46.95
N ASN E 176 20.22 -11.46 -46.06
CA ASN E 176 18.79 -11.41 -46.35
C ASN E 176 18.27 -10.00 -46.06
N VAL E 177 17.38 -9.52 -46.92
CA VAL E 177 16.80 -8.19 -46.79
C VAL E 177 15.29 -8.31 -46.91
N GLU E 178 14.58 -7.65 -45.98
CA GLU E 178 13.12 -7.68 -45.98
C GLU E 178 12.57 -6.78 -47.08
N VAL E 179 11.44 -7.16 -47.64
CA VAL E 179 10.77 -6.40 -48.70
C VAL E 179 9.29 -6.38 -48.41
N SER E 180 8.66 -5.22 -48.60
CA SER E 180 7.25 -5.04 -48.31
C SER E 180 6.56 -4.39 -49.50
N SER E 181 5.22 -4.46 -49.48
CA SER E 181 4.41 -3.83 -50.51
C SER E 181 3.02 -3.57 -49.95
N ALA E 182 2.56 -2.33 -50.04
CA ALA E 182 1.28 -1.96 -49.46
C ALA E 182 0.77 -0.69 -50.11
N LEU E 183 -0.55 -0.49 -50.02
CA LEU E 183 -1.20 0.74 -50.47
C LEU E 183 -1.09 1.76 -49.34
N TYR E 184 -0.15 2.69 -49.48
CA TYR E 184 0.17 3.62 -48.42
C TYR E 184 -0.71 4.87 -48.50
N THR E 185 -0.80 5.58 -47.37
CA THR E 185 -1.53 6.83 -47.30
C THR E 185 -0.92 7.68 -46.20
N PHE E 186 -1.07 8.99 -46.33
CA PHE E 186 -0.63 9.86 -45.24
C PHE E 186 -1.15 11.28 -45.48
N SER E 187 -1.22 12.04 -44.39
CA SER E 187 -1.66 13.42 -44.43
C SER E 187 -0.51 14.32 -43.96
N PHE E 188 -0.50 15.55 -44.48
CA PHE E 188 0.57 16.49 -44.17
C PHE E 188 -0.06 17.82 -43.77
N GLU E 189 0.78 18.84 -43.61
CA GLU E 189 0.30 20.15 -43.23
C GLU E 189 1.44 21.16 -43.35
N LEU E 190 1.08 22.42 -43.58
CA LEU E 190 2.05 23.50 -43.65
C LEU E 190 1.31 24.80 -43.45
N ASP E 191 1.70 25.57 -42.43
CA ASP E 191 1.04 26.83 -42.10
C ASP E 191 1.94 27.97 -42.55
N GLU E 192 1.55 28.63 -43.65
CA GLU E 192 2.35 29.69 -44.25
C GLU E 192 2.08 31.05 -43.63
N ASP E 193 1.17 31.14 -42.67
CA ASP E 193 0.85 32.42 -42.05
C ASP E 193 1.88 32.85 -41.00
N LEU E 194 2.84 31.99 -40.68
CA LEU E 194 3.84 32.30 -39.67
C LEU E 194 5.27 32.19 -40.16
N ILE E 195 5.50 31.82 -41.42
CA ILE E 195 6.87 31.75 -41.93
C ILE E 195 7.52 33.12 -41.80
N ALA E 196 8.79 33.13 -41.40
CA ALA E 196 9.56 34.36 -41.27
C ALA E 196 8.94 35.33 -40.27
N VAL E 197 8.31 34.81 -39.22
CA VAL E 197 7.70 35.62 -38.19
C VAL E 197 8.29 35.18 -36.85
N PRO E 198 8.93 36.06 -36.08
CA PRO E 198 9.49 35.63 -34.80
C PRO E 198 8.41 35.11 -33.88
N SER E 199 8.77 34.10 -33.08
CA SER E 199 7.86 33.47 -32.15
C SER E 199 8.01 34.02 -30.73
N THR E 200 9.24 34.22 -30.28
CA THR E 200 9.46 34.79 -28.96
C THR E 200 8.89 36.19 -28.90
N PHE E 201 8.40 36.57 -27.72
CA PHE E 201 7.73 37.85 -27.53
C PHE E 201 8.66 38.81 -26.81
N GLY E 202 8.78 40.02 -27.35
CA GLY E 202 9.63 41.03 -26.74
C GLY E 202 9.70 42.25 -27.63
N GLU E 203 10.51 43.22 -27.19
CA GLU E 203 10.70 44.43 -27.96
C GLU E 203 11.40 44.12 -29.28
N LYS E 204 10.96 44.80 -30.34
CA LYS E 204 11.54 44.55 -31.66
C LYS E 204 13.02 44.92 -31.68
N VAL E 205 13.76 44.23 -32.54
CA VAL E 205 15.21 44.40 -32.66
C VAL E 205 15.55 44.60 -34.13
N LYS E 206 16.74 45.15 -34.37
CA LYS E 206 17.16 45.46 -35.72
C LYS E 206 17.25 44.20 -36.57
N GLY E 207 17.03 44.36 -37.87
CA GLY E 207 17.08 43.28 -38.82
C GLY E 207 15.74 42.72 -39.22
N GLU E 208 14.68 43.01 -38.45
CA GLU E 208 13.36 42.48 -38.77
C GLU E 208 12.86 42.99 -40.11
N GLU E 209 13.30 44.18 -40.52
CA GLU E 209 12.91 44.68 -41.83
C GLU E 209 13.38 43.75 -42.94
N GLU E 210 14.63 43.29 -42.84
CA GLU E 210 15.14 42.34 -43.82
C GLU E 210 14.31 41.08 -43.83
N LEU E 211 13.94 40.58 -42.65
CA LEU E 211 13.05 39.42 -42.57
C LEU E 211 11.76 39.69 -43.33
N GLU E 212 11.18 40.87 -43.13
CA GLU E 212 9.93 41.20 -43.80
C GLU E 212 10.11 41.24 -45.32
N ARG E 213 11.27 41.72 -45.78
CA ARG E 213 11.48 41.86 -47.22
C ARG E 213 11.40 40.50 -47.93
N GLN E 214 12.00 39.47 -47.34
CA GLN E 214 12.12 38.18 -48.01
C GLN E 214 10.97 37.24 -47.70
N LYS E 215 9.98 37.67 -46.92
CA LYS E 215 8.90 36.77 -46.53
C LYS E 215 8.28 36.08 -47.74
N ALA E 216 7.99 36.84 -48.80
CA ALA E 216 7.39 36.25 -49.98
C ALA E 216 8.29 35.19 -50.59
N LYS E 217 9.59 35.48 -50.69
CA LYS E 217 10.51 34.51 -51.27
C LYS E 217 10.58 33.24 -50.44
N ARG E 218 10.65 33.38 -49.11
CA ARG E 218 10.70 32.20 -48.25
C ARG E 218 9.43 31.37 -48.37
N VAL E 219 8.28 32.04 -48.43
CA VAL E 219 7.02 31.31 -48.56
C VAL E 219 6.97 30.58 -49.89
N LYS E 220 7.42 31.24 -50.97
CA LYS E 220 7.44 30.58 -52.27
C LYS E 220 8.34 29.36 -52.24
N SER E 221 9.51 29.47 -51.62
CA SER E 221 10.42 28.33 -51.54
C SER E 221 9.78 27.19 -50.75
N ALA E 222 9.17 27.51 -49.61
CA ALA E 222 8.55 26.47 -48.80
C ALA E 222 7.44 25.76 -49.58
N ILE E 223 6.61 26.52 -50.29
CA ILE E 223 5.55 25.92 -51.08
C ILE E 223 6.14 25.04 -52.18
N LYS E 224 7.18 25.53 -52.86
CA LYS E 224 7.81 24.73 -53.91
C LYS E 224 8.37 23.42 -53.34
N ALA E 225 8.82 23.44 -52.09
CA ALA E 225 9.49 22.26 -51.53
C ALA E 225 8.58 21.04 -51.54
N LEU E 226 7.28 21.23 -51.29
CA LEU E 226 6.39 20.09 -51.09
C LEU E 226 6.35 19.17 -52.31
N TYR E 227 6.72 19.67 -53.48
CA TYR E 227 6.76 18.81 -54.66
C TYR E 227 7.66 17.61 -54.45
N SER E 228 8.67 17.73 -53.58
CA SER E 228 9.54 16.60 -53.31
C SER E 228 8.74 15.43 -52.76
N LEU E 229 7.96 15.66 -51.71
CA LEU E 229 7.16 14.58 -51.12
C LEU E 229 6.02 14.17 -52.04
N LEU E 230 5.40 15.14 -52.72
CA LEU E 230 4.27 14.80 -53.58
C LEU E 230 4.71 13.89 -54.72
N SER E 231 5.88 14.16 -55.32
CA SER E 231 6.34 13.34 -56.42
C SER E 231 6.68 11.93 -55.95
N GLY E 232 7.47 11.81 -54.88
CA GLY E 232 7.81 10.52 -54.33
C GLY E 232 9.25 10.38 -53.89
N ASN E 233 10.07 11.40 -54.16
CA ASN E 233 11.50 11.32 -53.86
C ASN E 233 11.71 11.35 -52.35
N PHE E 234 11.99 10.19 -51.77
CA PHE E 234 12.31 10.09 -50.35
C PHE E 234 12.63 8.63 -50.05
N GLY E 235 13.16 8.39 -48.86
CA GLY E 235 13.50 7.05 -48.42
C GLY E 235 14.89 6.64 -48.83
N GLY E 236 15.44 5.68 -48.08
CA GLY E 236 16.78 5.19 -48.32
C GLY E 236 16.78 3.91 -49.15
N LYS E 237 17.99 3.42 -49.41
CA LYS E 237 18.20 2.16 -50.11
C LYS E 237 17.47 2.14 -51.46
N ARG E 238 17.51 3.28 -52.15
CA ARG E 238 16.96 3.36 -53.50
C ARG E 238 17.96 3.00 -54.57
N SER E 239 19.24 2.82 -54.22
CA SER E 239 20.26 2.54 -55.23
C SER E 239 20.03 1.20 -55.90
N ARG E 240 19.45 0.23 -55.19
CA ARG E 240 19.20 -1.08 -55.77
C ARG E 240 17.72 -1.46 -55.61
N PHE E 241 17.10 -1.01 -54.53
CA PHE E 241 15.67 -1.23 -54.30
C PHE E 241 14.93 0.04 -54.72
N LEU E 242 14.71 0.18 -56.02
CA LEU E 242 13.97 1.32 -56.55
C LEU E 242 12.50 0.95 -56.64
N PRO E 243 11.61 1.56 -55.85
CA PRO E 243 10.22 1.13 -55.83
C PRO E 243 9.36 1.84 -56.87
N SER E 244 8.56 1.04 -57.59
CA SER E 244 7.59 1.60 -58.51
C SER E 244 6.49 2.30 -57.74
N MET E 245 6.09 3.47 -58.23
CA MET E 245 5.04 4.27 -57.60
C MET E 245 4.05 4.74 -58.65
N LYS E 246 2.82 4.99 -58.19
CA LYS E 246 1.75 5.44 -59.07
C LYS E 246 0.70 6.13 -58.21
N LEU E 247 0.57 7.44 -58.38
CA LEU E 247 -0.39 8.19 -57.58
C LEU E 247 -1.82 7.73 -57.87
N MET E 248 -2.65 7.75 -56.83
CA MET E 248 -4.02 7.28 -56.93
C MET E 248 -5.04 8.33 -56.52
N SER E 249 -4.77 9.12 -55.49
CA SER E 249 -5.72 10.12 -55.05
C SER E 249 -5.03 11.11 -54.12
N LEU E 250 -5.48 12.36 -54.19
CA LEU E 250 -4.90 13.44 -53.43
C LEU E 250 -5.99 14.44 -53.09
N VAL E 251 -5.80 15.16 -51.99
CA VAL E 251 -6.67 16.27 -51.62
C VAL E 251 -5.81 17.33 -50.94
N VAL E 252 -5.89 18.56 -51.41
CA VAL E 252 -5.17 19.68 -50.83
C VAL E 252 -6.14 20.83 -50.62
N THR E 253 -6.00 21.51 -49.48
CA THR E 253 -6.95 22.54 -49.09
C THR E 253 -6.21 23.73 -48.49
N LYS E 254 -6.69 24.92 -48.81
CA LYS E 254 -6.15 26.17 -48.28
C LYS E 254 -7.26 26.91 -47.54
N THR E 255 -6.97 27.37 -46.33
CA THR E 255 -7.96 28.02 -45.49
C THR E 255 -7.29 29.14 -44.70
N ASP E 256 -8.02 29.67 -43.71
CA ASP E 256 -7.48 30.68 -42.80
C ASP E 256 -7.80 30.33 -41.35
N PHE E 257 -8.25 29.11 -41.08
CA PHE E 257 -8.61 28.66 -39.75
C PHE E 257 -8.13 27.23 -39.57
N PRO E 258 -7.98 26.77 -38.34
CA PRO E 258 -7.55 25.38 -38.13
C PRO E 258 -8.50 24.41 -38.82
N PHE E 259 -7.91 23.39 -39.46
CA PHE E 259 -8.71 22.43 -40.20
C PHE E 259 -7.82 21.25 -40.58
N MET E 260 -8.42 20.07 -40.62
CA MET E 260 -7.69 18.83 -40.90
C MET E 260 -8.54 17.92 -41.77
N PRO E 261 -8.02 17.45 -42.90
CA PRO E 261 -8.82 16.59 -43.78
C PRO E 261 -9.00 15.21 -43.18
N GLU E 262 -9.83 14.40 -43.85
CA GLU E 262 -10.12 13.06 -43.38
C GLU E 262 -9.00 12.11 -43.77
N PRO E 263 -8.51 11.26 -42.87
CA PRO E 263 -7.49 10.29 -43.25
C PRO E 263 -7.99 9.39 -44.37
N ALA E 264 -7.08 9.01 -45.26
CA ALA E 264 -7.43 8.22 -46.44
C ALA E 264 -7.62 6.77 -46.02
N HIS E 265 -8.77 6.51 -45.38
CA HIS E 265 -9.13 5.17 -44.95
C HIS E 265 -10.36 4.61 -45.66
N ASP E 266 -11.09 5.44 -46.41
CA ASP E 266 -12.34 5.03 -47.05
C ASP E 266 -12.28 5.31 -48.54
N ASP E 267 -13.01 4.51 -49.31
CA ASP E 267 -13.11 4.76 -50.74
C ASP E 267 -13.68 6.15 -51.01
N ASP E 268 -14.49 6.66 -50.10
CA ASP E 268 -15.12 7.98 -50.24
C ASP E 268 -14.70 8.82 -49.03
N TYR E 269 -13.55 9.48 -49.14
CA TYR E 269 -13.09 10.40 -48.11
C TYR E 269 -12.92 11.83 -48.61
N ILE E 270 -12.97 12.06 -49.93
CA ILE E 270 -12.93 13.42 -50.45
C ILE E 270 -14.25 14.13 -50.15
N LYS E 271 -15.37 13.42 -50.34
CA LYS E 271 -16.68 14.04 -50.16
C LYS E 271 -16.86 14.51 -48.73
N THR E 272 -16.45 13.68 -47.75
CA THR E 272 -16.62 14.06 -46.35
C THR E 272 -15.83 15.32 -46.02
N THR E 273 -14.57 15.40 -46.46
CA THR E 273 -13.78 16.57 -46.16
C THR E 273 -14.32 17.81 -46.85
N ILE E 274 -14.81 17.66 -48.08
CA ILE E 274 -15.39 18.81 -48.79
C ILE E 274 -16.60 19.31 -48.02
N MET E 275 -17.49 18.40 -47.63
CA MET E 275 -18.69 18.81 -46.89
C MET E 275 -18.31 19.47 -45.58
N ARG E 276 -17.33 18.91 -44.87
CA ARG E 276 -16.94 19.48 -43.58
C ARG E 276 -16.34 20.86 -43.76
N LEU E 277 -15.53 21.05 -44.81
CA LEU E 277 -14.98 22.38 -45.07
C LEU E 277 -16.10 23.38 -45.36
N GLY E 278 -17.05 22.98 -46.20
CA GLY E 278 -18.16 23.87 -46.50
C GLY E 278 -18.95 24.25 -45.26
N LYS E 279 -19.19 23.29 -44.38
CA LYS E 279 -19.96 23.56 -43.17
C LYS E 279 -19.16 24.31 -42.12
N ALA E 280 -17.83 24.15 -42.12
CA ALA E 280 -16.99 24.75 -41.10
C ALA E 280 -16.53 26.15 -41.47
N LYS E 281 -16.63 26.54 -42.75
CA LYS E 281 -16.32 27.92 -43.10
C LYS E 281 -17.14 28.90 -42.28
N GLY E 282 -18.35 28.50 -41.87
CA GLY E 282 -19.24 29.38 -41.13
C GLY E 282 -19.15 29.24 -39.62
N VAL E 283 -18.97 28.02 -39.13
CA VAL E 283 -18.96 27.80 -37.68
C VAL E 283 -17.87 28.66 -37.04
N LEU E 284 -16.69 28.70 -37.66
CA LEU E 284 -15.62 29.61 -37.26
C LEU E 284 -15.53 30.67 -38.36
N ASN E 285 -15.70 31.93 -37.98
CA ASN E 285 -15.76 33.00 -38.96
C ASN E 285 -14.51 32.99 -39.83
N GLY E 286 -14.71 32.72 -41.12
CA GLY E 286 -13.60 32.65 -42.04
C GLY E 286 -13.93 33.40 -43.32
N ASN E 287 -12.88 33.63 -44.11
CA ASN E 287 -13.00 34.40 -45.35
C ASN E 287 -12.26 33.75 -46.51
N LEU E 288 -11.90 32.48 -46.39
CA LEU E 288 -11.22 31.79 -47.48
C LEU E 288 -11.25 30.29 -47.27
N ALA E 289 -11.63 29.54 -48.31
CA ALA E 289 -11.62 28.08 -48.25
C ALA E 289 -11.60 27.56 -49.68
N LYS E 290 -10.49 26.93 -50.07
CA LYS E 290 -10.33 26.39 -51.41
C LYS E 290 -9.86 24.96 -51.32
N ALA E 291 -10.33 24.14 -52.26
CA ALA E 291 -10.00 22.72 -52.30
C ALA E 291 -9.61 22.33 -53.72
N TYR E 292 -8.78 21.30 -53.82
CA TYR E 292 -8.34 20.76 -55.09
C TYR E 292 -8.33 19.25 -55.00
N VAL E 293 -8.26 18.60 -56.17
CA VAL E 293 -8.30 17.14 -56.23
C VAL E 293 -7.54 16.69 -57.46
N ILE E 294 -6.84 15.57 -57.35
CA ILE E 294 -6.22 14.90 -58.48
C ILE E 294 -6.63 13.43 -58.37
N ASN E 295 -7.69 13.05 -59.07
CA ASN E 295 -8.27 11.72 -58.96
C ASN E 295 -7.89 10.90 -60.18
N ASN E 296 -7.41 9.68 -59.93
CA ASN E 296 -7.03 8.77 -61.01
C ASN E 296 -7.56 7.35 -60.77
N GLU E 297 -8.43 7.15 -59.80
CA GLU E 297 -8.93 5.81 -59.46
C GLU E 297 -10.44 5.69 -59.53
N GLY E 298 -11.15 6.72 -59.97
CA GLY E 298 -12.58 6.63 -60.16
C GLY E 298 -13.38 6.40 -58.89
N ILE E 299 -13.08 7.16 -57.85
CA ILE E 299 -13.84 7.10 -56.61
C ILE E 299 -14.81 8.28 -56.57
N GLU E 300 -15.77 8.20 -55.65
CA GLU E 300 -16.72 9.28 -55.49
C GLU E 300 -16.01 10.58 -55.15
N VAL E 301 -16.40 11.66 -55.81
CA VAL E 301 -15.79 12.97 -55.60
C VAL E 301 -16.86 13.96 -55.17
N GLY E 302 -17.85 14.19 -56.03
CA GLY E 302 -18.91 15.13 -55.75
C GLY E 302 -19.04 16.20 -56.81
N GLU E 303 -19.18 17.45 -56.39
CA GLU E 303 -19.34 18.57 -57.31
C GLU E 303 -18.65 19.80 -56.74
N GLY E 304 -18.38 20.75 -57.62
CA GLY E 304 -17.73 21.98 -57.20
C GLY E 304 -16.32 21.77 -56.69
N VAL E 305 -15.54 20.94 -57.37
CA VAL E 305 -14.17 20.64 -56.99
C VAL E 305 -13.29 20.81 -58.22
N THR E 306 -12.29 21.68 -58.12
CA THR E 306 -11.33 21.82 -59.20
C THR E 306 -10.55 20.52 -59.37
N VAL E 307 -10.42 20.07 -60.61
CA VAL E 307 -9.78 18.80 -60.93
C VAL E 307 -8.61 19.07 -61.86
N LEU E 308 -7.47 18.47 -61.55
CA LEU E 308 -6.25 18.60 -62.33
C LEU E 308 -5.84 17.23 -62.86
N SER E 309 -4.66 17.17 -63.47
CA SER E 309 -4.14 15.92 -64.02
C SER E 309 -2.72 15.60 -63.58
N THR E 310 -1.94 16.57 -63.12
CA THR E 310 -0.59 16.31 -62.66
C THR E 310 -0.29 17.17 -61.45
N VAL E 311 0.65 16.71 -60.63
CA VAL E 311 1.02 17.44 -59.42
C VAL E 311 1.60 18.80 -59.76
N GLU E 312 2.22 18.93 -60.94
CA GLU E 312 2.78 20.21 -61.34
C GLU E 312 1.70 21.28 -61.38
N ASP E 313 0.51 20.93 -61.90
CA ASP E 313 -0.59 21.89 -61.93
C ASP E 313 -0.96 22.32 -60.52
N LEU E 314 -1.04 21.36 -59.59
CA LEU E 314 -1.38 21.70 -58.21
C LEU E 314 -0.34 22.63 -57.60
N VAL E 315 0.95 22.34 -57.82
CA VAL E 315 2.00 23.18 -57.27
C VAL E 315 1.92 24.58 -57.83
N VAL E 316 1.71 24.70 -59.15
CA VAL E 316 1.62 26.01 -59.78
C VAL E 316 0.42 26.78 -59.23
N LYS E 317 -0.72 26.11 -59.11
CA LYS E 317 -1.92 26.78 -58.60
C LYS E 317 -1.70 27.26 -57.17
N LEU E 318 -1.10 26.42 -56.33
CA LEU E 318 -0.84 26.83 -54.95
C LEU E 318 0.13 28.01 -54.91
N GLU E 319 1.14 28.00 -55.78
CA GLU E 319 2.05 29.13 -55.85
C GLU E 319 1.32 30.41 -56.23
N GLU E 320 0.41 30.32 -57.20
CA GLU E 320 -0.37 31.47 -57.65
C GLU E 320 -1.13 32.10 -56.49
N MET F 1 -26.78 22.94 -19.01
CA MET F 1 -25.68 21.94 -18.87
C MET F 1 -25.60 21.04 -20.08
N ILE F 2 -24.43 21.04 -20.72
CA ILE F 2 -24.15 20.18 -21.87
C ILE F 2 -23.13 19.14 -21.42
N SER F 3 -23.52 17.87 -21.48
CA SER F 3 -22.64 16.76 -21.13
C SER F 3 -22.51 15.86 -22.35
N GLY F 4 -21.44 15.06 -22.38
CA GLY F 4 -21.22 14.23 -23.55
C GLY F 4 -20.21 13.14 -23.32
N SER F 5 -20.28 12.13 -24.20
CA SER F 5 -19.34 11.02 -24.25
C SER F 5 -18.91 10.80 -25.69
N VAL F 6 -17.63 10.51 -25.89
CA VAL F 6 -17.00 10.46 -27.20
C VAL F 6 -16.08 9.25 -27.28
N ARG F 7 -16.02 8.64 -28.47
CA ARG F 7 -15.17 7.48 -28.74
C ARG F 7 -14.31 7.77 -29.97
N PHE F 8 -13.00 7.91 -29.75
CA PHE F 8 -12.01 8.14 -30.80
C PHE F 8 -11.21 6.87 -31.07
N LEU F 9 -10.59 6.82 -32.24
CA LEU F 9 -9.72 5.70 -32.63
C LEU F 9 -8.40 6.28 -33.12
N VAL F 10 -7.30 5.91 -32.46
CA VAL F 10 -6.00 6.55 -32.69
C VAL F 10 -4.96 5.47 -32.98
N ASN F 11 -4.15 5.71 -34.01
CA ASN F 11 -3.12 4.76 -34.43
C ASN F 11 -1.77 5.46 -34.53
N LEU F 12 -0.71 4.74 -34.17
CA LEU F 12 0.67 5.21 -34.34
C LEU F 12 0.83 6.62 -33.76
N GLU F 13 0.67 6.67 -32.44
CA GLU F 13 0.48 7.91 -31.71
C GLU F 13 1.37 8.02 -30.49
N SER F 14 1.76 9.26 -30.17
CA SER F 14 2.38 9.59 -28.89
C SER F 14 2.04 11.06 -28.60
N LEU F 15 1.00 11.28 -27.82
CA LEU F 15 0.52 12.62 -27.50
C LEU F 15 0.81 13.02 -26.06
N ASN F 16 1.58 12.24 -25.32
CA ASN F 16 1.94 12.64 -23.97
C ASN F 16 3.07 11.75 -23.46
N GLY F 17 3.98 12.35 -22.71
CA GLY F 17 5.05 11.65 -22.05
C GLY F 17 5.04 11.94 -20.56
N VAL F 18 5.94 11.25 -19.85
CA VAL F 18 6.02 11.40 -18.41
C VAL F 18 7.43 11.83 -18.02
N GLU F 19 8.41 11.01 -18.37
CA GLU F 19 9.82 11.32 -18.13
C GLU F 19 10.64 10.51 -19.12
N SER F 20 11.96 10.46 -18.90
CA SER F 20 12.85 9.67 -19.73
C SER F 20 13.84 8.94 -18.85
N ILE F 21 14.14 7.70 -19.23
CA ILE F 21 15.16 6.88 -18.57
C ILE F 21 16.22 6.56 -19.61
N GLY F 22 17.46 6.91 -19.31
CA GLY F 22 18.51 6.76 -20.29
C GLY F 22 18.22 7.61 -21.50
N ASN F 23 18.11 6.99 -22.67
CA ASN F 23 17.79 7.67 -23.91
C ASN F 23 16.45 7.19 -24.47
N LEU F 24 15.48 7.02 -23.58
CA LEU F 24 14.15 6.53 -23.93
C LEU F 24 13.11 7.49 -23.38
N THR F 25 12.17 7.91 -24.23
CA THR F 25 11.08 8.78 -23.81
C THR F 25 9.87 7.93 -23.44
N LYS F 26 9.30 8.20 -22.27
CA LYS F 26 8.29 7.33 -21.68
C LYS F 26 6.90 7.89 -21.95
N HIS F 27 6.03 7.04 -22.52
CA HIS F 27 4.62 7.35 -22.61
C HIS F 27 3.97 7.25 -21.23
N ARG F 28 2.79 7.83 -21.10
CA ARG F 28 2.05 7.80 -19.86
C ARG F 28 1.18 6.55 -19.79
N THR F 29 1.33 5.78 -18.72
CA THR F 29 0.55 4.57 -18.49
C THR F 29 0.03 4.59 -17.06
N ALA F 30 -1.03 3.83 -16.82
CA ALA F 30 -1.66 3.82 -15.50
C ALA F 30 -2.40 2.50 -15.33
N PRO F 31 -2.74 2.15 -14.08
CA PRO F 31 -3.49 0.92 -13.84
C PRO F 31 -4.98 1.06 -14.15
N VAL F 32 -5.61 -0.08 -14.38
CA VAL F 32 -7.05 -0.16 -14.57
C VAL F 32 -7.53 -1.49 -14.03
N VAL F 33 -8.70 -1.48 -13.38
CA VAL F 33 -9.36 -2.67 -12.89
C VAL F 33 -10.39 -3.09 -13.93
N LEU F 34 -10.23 -4.30 -14.46
CA LEU F 34 -11.01 -4.79 -15.58
C LEU F 34 -11.78 -6.04 -15.16
N LYS F 35 -12.93 -6.25 -15.80
CA LYS F 35 -13.78 -7.42 -15.52
C LYS F 35 -13.79 -8.35 -16.71
N THR F 36 -13.57 -9.64 -16.45
CA THR F 36 -13.67 -10.68 -17.46
C THR F 36 -14.40 -11.86 -16.84
N SER F 37 -14.68 -12.86 -17.69
CA SER F 37 -15.45 -14.02 -17.24
C SER F 37 -14.84 -14.62 -15.97
N THR F 38 -13.52 -14.77 -15.95
CA THR F 38 -12.87 -15.35 -14.78
C THR F 38 -13.08 -14.48 -13.53
N GLY F 39 -12.95 -13.17 -13.68
CA GLY F 39 -13.07 -12.28 -12.53
C GLY F 39 -12.46 -10.91 -12.76
N TYR F 40 -11.79 -10.39 -11.75
CA TYR F 40 -11.27 -9.02 -11.78
C TYR F 40 -9.75 -9.03 -11.91
N LEU F 41 -9.25 -8.23 -12.84
CA LEU F 41 -7.84 -8.19 -13.18
C LEU F 41 -7.33 -6.76 -13.12
N VAL F 42 -6.02 -6.63 -12.91
CA VAL F 42 -5.36 -5.33 -12.87
C VAL F 42 -4.41 -5.27 -14.06
N ARG F 43 -4.55 -4.25 -14.89
CA ARG F 43 -3.75 -4.12 -16.10
C ARG F 43 -3.15 -2.72 -16.18
N TYR F 44 -2.01 -2.62 -16.85
CA TYR F 44 -1.35 -1.34 -17.08
C TYR F 44 -1.58 -0.94 -18.54
N VAL F 45 -2.05 0.28 -18.75
CA VAL F 45 -2.47 0.69 -20.09
C VAL F 45 -2.06 2.14 -20.32
N PRO F 46 -1.74 2.49 -21.57
CA PRO F 46 -1.42 3.89 -21.89
C PRO F 46 -2.63 4.80 -21.80
N VAL F 47 -2.42 6.00 -21.27
CA VAL F 47 -3.47 6.99 -21.08
C VAL F 47 -2.94 8.36 -21.48
N ILE F 48 -3.88 9.27 -21.76
CA ILE F 48 -3.57 10.65 -22.10
C ILE F 48 -4.15 11.54 -21.02
N SER F 49 -3.31 12.42 -20.47
CA SER F 49 -3.70 13.16 -19.28
C SER F 49 -4.90 14.06 -19.56
N GLY F 50 -5.52 14.53 -18.49
CA GLY F 50 -6.64 15.44 -18.58
C GLY F 50 -6.26 16.90 -18.67
N GLU F 51 -5.00 17.23 -18.38
CA GLU F 51 -4.50 18.59 -18.49
C GLU F 51 -3.83 18.85 -19.84
N ALA F 52 -3.82 17.86 -20.73
CA ALA F 52 -3.40 18.06 -22.11
C ALA F 52 -4.58 18.35 -23.02
N LEU F 53 -5.80 18.34 -22.49
CA LEU F 53 -6.99 18.74 -23.22
C LEU F 53 -7.56 20.07 -22.73
N ALA F 54 -7.48 20.33 -21.43
CA ALA F 54 -7.87 21.64 -20.93
C ALA F 54 -7.02 22.74 -21.56
N HIS F 55 -5.73 22.48 -21.75
CA HIS F 55 -4.86 23.46 -22.38
C HIS F 55 -5.31 23.74 -23.82
N ALA F 56 -5.63 22.70 -24.59
CA ALA F 56 -6.09 22.91 -25.95
C ALA F 56 -7.40 23.70 -25.97
N TYR F 57 -8.33 23.34 -25.09
CA TYR F 57 -9.61 24.05 -25.04
C TYR F 57 -9.38 25.53 -24.71
N GLN F 58 -8.53 25.81 -23.72
CA GLN F 58 -8.31 27.20 -23.33
C GLN F 58 -7.58 27.97 -24.43
N ALA F 59 -6.67 27.32 -25.16
CA ALA F 59 -6.00 28.00 -26.26
C ALA F 59 -6.99 28.38 -27.36
N SER F 60 -7.87 27.43 -27.73
CA SER F 60 -8.88 27.76 -28.73
C SER F 60 -9.80 28.87 -28.24
N LEU F 61 -10.15 28.85 -26.95
CA LEU F 61 -10.98 29.91 -26.39
C LEU F 61 -10.28 31.26 -26.50
N VAL F 62 -9.00 31.31 -26.17
CA VAL F 62 -8.26 32.57 -26.27
C VAL F 62 -8.27 33.08 -27.71
N ASP F 63 -8.00 32.18 -28.66
CA ASP F 63 -7.97 32.59 -30.06
C ASP F 63 -9.31 33.18 -30.49
N ILE F 64 -10.40 32.46 -30.20
CA ILE F 64 -11.72 32.93 -30.64
C ILE F 64 -12.08 34.23 -29.93
N ALA F 65 -11.79 34.33 -28.63
CA ALA F 65 -12.13 35.54 -27.89
C ALA F 65 -11.40 36.75 -28.46
N LYS F 66 -10.11 36.60 -28.79
CA LYS F 66 -9.40 37.69 -29.43
C LYS F 66 -10.01 38.03 -30.78
N LYS F 67 -10.39 37.00 -31.55
CA LYS F 67 -10.93 37.26 -32.88
C LYS F 67 -12.29 37.96 -32.84
N GLU F 68 -13.08 37.75 -31.80
CA GLU F 68 -14.44 38.29 -31.73
C GLU F 68 -14.56 39.55 -30.87
N GLY F 69 -13.45 40.04 -30.31
CA GLY F 69 -13.45 41.32 -29.62
C GLY F 69 -13.68 41.27 -28.13
N LEU F 70 -13.82 40.09 -27.54
CA LEU F 70 -13.98 40.00 -26.10
C LEU F 70 -12.63 40.24 -25.41
N PRO F 71 -12.66 40.71 -24.16
CA PRO F 71 -11.40 41.00 -23.47
C PRO F 71 -10.58 39.76 -23.20
N VAL F 72 -9.26 39.93 -23.20
CA VAL F 72 -8.32 38.84 -22.92
C VAL F 72 -7.18 39.41 -22.08
N GLY F 73 -6.72 38.62 -21.12
CA GLY F 73 -5.72 39.07 -20.17
C GLY F 73 -4.39 39.41 -20.82
N SER F 74 -3.40 39.77 -20.00
CA SER F 74 -2.08 40.12 -20.49
C SER F 74 -1.17 38.88 -20.59
N LEU F 75 -0.95 38.20 -19.46
CA LEU F 75 -0.17 36.97 -19.50
C LEU F 75 -0.84 35.93 -20.38
N SER F 76 -2.16 35.78 -20.24
CA SER F 76 -2.89 34.83 -21.07
C SER F 76 -2.95 35.26 -22.53
N SER F 77 -2.57 36.49 -22.85
CA SER F 77 -2.41 36.86 -24.26
C SER F 77 -1.39 35.95 -24.93
N GLN F 78 -0.23 35.79 -24.30
CA GLN F 78 0.61 34.63 -24.57
C GLN F 78 -0.01 33.41 -23.90
N TYR F 79 0.34 32.24 -24.43
CA TYR F 79 -0.31 31.00 -24.00
C TYR F 79 0.31 30.47 -22.71
N GLU F 80 0.32 31.32 -21.70
CA GLU F 80 0.73 30.98 -20.35
C GLU F 80 -0.46 31.15 -19.43
N PHE F 81 -0.82 30.08 -18.71
CA PHE F 81 -2.07 30.04 -17.94
C PHE F 81 -1.79 30.00 -16.45
N ILE F 82 -0.82 30.79 -15.98
CA ILE F 82 -0.72 31.03 -14.55
C ILE F 82 -1.90 31.85 -14.06
N LYS F 83 -2.59 32.55 -14.97
CA LYS F 83 -3.75 33.35 -14.63
C LYS F 83 -3.38 34.40 -13.59
N PHE F 84 -3.80 34.20 -12.34
CA PHE F 84 -3.52 35.16 -11.28
C PHE F 84 -3.09 34.44 -10.02
N SER F 85 -2.33 33.35 -10.19
CA SER F 85 -1.98 32.50 -9.06
C SER F 85 -1.17 33.26 -8.02
N THR F 86 -0.14 33.97 -8.46
CA THR F 86 0.83 34.59 -7.55
C THR F 86 0.83 36.11 -7.73
N ASP F 87 1.51 36.78 -6.81
CA ASP F 87 1.52 38.24 -6.80
C ASP F 87 2.16 38.81 -8.06
N GLU F 88 3.13 38.10 -8.65
CA GLU F 88 3.79 38.62 -9.84
C GLU F 88 2.81 38.75 -11.01
N ALA F 89 1.92 37.77 -11.16
CA ALA F 89 0.92 37.86 -12.23
C ALA F 89 0.01 39.06 -12.02
N LEU F 90 -0.42 39.30 -10.78
CA LEU F 90 -1.24 40.47 -10.50
C LEU F 90 -0.49 41.74 -10.83
N LYS F 91 0.78 41.83 -10.41
CA LYS F 91 1.55 43.05 -10.65
C LYS F 91 1.70 43.32 -12.15
N ILE F 92 1.99 42.27 -12.93
CA ILE F 92 2.13 42.45 -14.37
C ILE F 92 0.79 42.86 -14.99
N GLU F 93 -0.29 42.18 -14.60
CA GLU F 93 -1.59 42.48 -15.17
C GLU F 93 -2.05 43.89 -14.82
N GLY F 94 -1.87 44.28 -13.57
CA GLY F 94 -2.19 45.64 -13.15
C GLY F 94 -3.39 45.73 -12.22
N ILE F 95 -3.61 44.69 -11.41
CA ILE F 95 -4.72 44.65 -10.47
C ILE F 95 -4.16 44.73 -9.06
N LYS F 96 -5.00 45.20 -8.14
CA LYS F 96 -4.63 45.27 -6.73
C LYS F 96 -5.09 44.01 -6.01
N GLU F 97 -4.43 43.72 -4.90
CA GLU F 97 -4.75 42.51 -4.15
C GLU F 97 -5.92 42.77 -3.21
N PRO F 98 -6.70 41.74 -2.88
CA PRO F 98 -7.80 41.93 -1.93
C PRO F 98 -7.28 42.38 -0.58
N LYS F 99 -8.04 43.29 0.06
CA LYS F 99 -7.65 43.80 1.36
C LYS F 99 -8.11 42.87 2.47
N ASP F 100 -9.42 42.61 2.53
CA ASP F 100 -9.99 41.70 3.52
C ASP F 100 -11.09 40.91 2.83
N TYR F 101 -11.78 40.08 3.62
CA TYR F 101 -12.82 39.22 3.05
C TYR F 101 -13.93 40.04 2.43
N ASN F 102 -14.34 41.12 3.10
CA ASN F 102 -15.46 41.91 2.62
C ASN F 102 -15.22 42.43 1.20
N ASP F 103 -13.99 42.83 0.90
CA ASP F 103 -13.67 43.36 -0.43
C ASP F 103 -13.49 42.26 -1.47
N ALA F 104 -13.47 41.00 -1.06
CA ALA F 104 -13.11 39.93 -1.98
C ALA F 104 -13.91 40.01 -3.27
N ARG F 105 -15.23 40.14 -3.17
CA ARG F 105 -16.07 40.17 -4.36
C ARG F 105 -15.55 41.20 -5.35
N ARG F 106 -15.31 42.42 -4.87
CA ARG F 106 -14.75 43.46 -5.73
C ARG F 106 -13.63 42.89 -6.58
N PHE F 107 -12.59 42.40 -5.92
CA PHE F 107 -11.41 41.91 -6.63
C PHE F 107 -11.83 40.94 -7.72
N GLU F 108 -12.64 39.94 -7.37
CA GLU F 108 -13.03 38.94 -8.34
C GLU F 108 -13.59 39.59 -9.60
N VAL F 109 -14.55 40.51 -9.42
CA VAL F 109 -15.17 41.12 -10.59
C VAL F 109 -14.12 41.74 -11.49
N GLU F 110 -13.18 42.47 -10.89
CA GLU F 110 -12.11 43.06 -11.68
C GLU F 110 -11.38 41.98 -12.47
N VAL F 111 -10.91 40.95 -11.76
CA VAL F 111 -10.21 39.85 -12.44
C VAL F 111 -11.11 39.23 -13.48
N MET F 112 -12.42 39.22 -13.24
CA MET F 112 -13.35 38.55 -14.12
C MET F 112 -13.74 39.41 -15.31
N LEU F 113 -13.26 40.65 -15.37
CA LEU F 113 -13.47 41.52 -16.52
C LEU F 113 -12.26 41.57 -17.44
N LYS F 114 -11.05 41.66 -16.88
CA LYS F 114 -9.86 41.78 -17.71
C LYS F 114 -9.67 40.56 -18.60
N ASP F 115 -9.83 39.37 -18.05
CA ASP F 115 -9.47 38.13 -18.74
C ASP F 115 -10.68 37.20 -18.81
N VAL F 116 -11.04 36.79 -20.03
CA VAL F 116 -12.13 35.85 -20.20
C VAL F 116 -11.74 34.47 -19.67
N ILE F 117 -10.49 34.07 -19.89
CA ILE F 117 -10.06 32.73 -19.49
C ILE F 117 -10.23 32.54 -17.99
N ALA F 118 -9.94 33.59 -17.21
CA ALA F 118 -10.12 33.50 -15.76
C ALA F 118 -11.58 33.37 -15.36
N ASP F 119 -12.51 33.50 -16.30
CA ASP F 119 -13.93 33.39 -16.00
C ASP F 119 -14.47 32.00 -16.29
N VAL F 120 -14.24 31.47 -17.49
CA VAL F 120 -14.76 30.16 -17.86
C VAL F 120 -13.90 29.02 -17.34
N GLY F 121 -12.64 29.28 -16.97
CA GLY F 121 -11.74 28.26 -16.50
C GLY F 121 -11.46 28.27 -15.02
N GLY F 122 -11.99 29.24 -14.28
CA GLY F 122 -11.73 29.31 -12.86
C GLY F 122 -10.28 29.60 -12.54
N PHE F 123 -10.00 29.98 -11.30
CA PHE F 123 -8.65 30.34 -10.89
C PHE F 123 -8.55 30.23 -9.38
N MET F 124 -7.35 30.52 -8.86
CA MET F 124 -7.13 30.53 -7.43
C MET F 124 -6.02 31.51 -7.12
N TYR F 125 -6.26 32.41 -6.17
CA TYR F 125 -5.26 33.34 -5.69
C TYR F 125 -5.02 33.09 -4.21
N ALA F 126 -3.76 32.89 -3.84
CA ALA F 126 -3.36 32.57 -2.48
C ALA F 126 -2.63 33.77 -1.89
N GLY F 127 -3.23 34.37 -0.87
CA GLY F 127 -2.63 35.49 -0.17
C GLY F 127 -3.22 35.59 1.21
N GLY F 128 -3.08 36.78 1.81
CA GLY F 128 -3.70 37.00 3.10
C GLY F 128 -5.21 36.81 3.05
N ALA F 129 -5.81 37.09 1.90
CA ALA F 129 -7.25 36.92 1.66
C ALA F 129 -7.41 36.05 0.42
N PRO F 130 -7.37 34.73 0.56
CA PRO F 130 -7.43 33.86 -0.63
C PRO F 130 -8.76 33.99 -1.33
N VAL F 131 -8.74 33.71 -2.63
CA VAL F 131 -9.94 33.72 -3.46
C VAL F 131 -9.90 32.52 -4.39
N ARG F 132 -11.06 31.92 -4.63
CA ARG F 132 -11.16 30.70 -5.41
C ARG F 132 -12.29 30.84 -6.41
N ARG F 133 -12.19 30.10 -7.51
CA ARG F 133 -13.28 30.06 -8.48
C ARG F 133 -13.15 28.76 -9.26
N THR F 134 -14.07 27.83 -9.01
CA THR F 134 -14.01 26.53 -9.65
C THR F 134 -14.29 26.64 -11.15
N SER F 135 -13.77 25.68 -11.90
CA SER F 135 -13.92 25.69 -13.34
C SER F 135 -15.37 25.50 -13.74
N ARG F 136 -15.68 25.92 -14.97
CA ARG F 136 -16.99 25.72 -15.56
C ARG F 136 -17.01 24.60 -16.58
N ILE F 137 -15.85 24.02 -16.90
CA ILE F 137 -15.76 22.84 -17.75
C ILE F 137 -14.94 21.81 -17.00
N LYS F 138 -15.37 20.55 -17.05
CA LYS F 138 -14.74 19.47 -16.32
C LYS F 138 -14.37 18.34 -17.27
N LEU F 139 -13.18 17.78 -17.08
CA LEU F 139 -12.64 16.76 -17.97
C LEU F 139 -11.96 15.67 -17.15
N GLY F 140 -11.65 14.56 -17.82
CA GLY F 140 -10.99 13.44 -17.19
C GLY F 140 -10.06 12.76 -18.17
N TYR F 141 -9.25 11.85 -17.64
CA TYR F 141 -8.25 11.16 -18.47
C TYR F 141 -8.91 10.50 -19.67
N MET F 142 -8.11 10.15 -20.67
CA MET F 142 -8.60 9.50 -21.88
C MET F 142 -8.12 8.05 -21.84
N ILE F 143 -9.02 7.14 -21.48
CA ILE F 143 -8.69 5.74 -21.31
C ILE F 143 -9.21 4.96 -22.52
N PRO F 144 -8.61 3.85 -22.91
CA PRO F 144 -9.22 2.99 -23.92
C PRO F 144 -10.37 2.19 -23.34
N ALA F 145 -11.20 1.66 -24.23
CA ALA F 145 -12.42 1.00 -23.81
C ALA F 145 -12.12 -0.29 -23.06
N LEU F 146 -12.61 -0.39 -21.83
CA LEU F 146 -12.45 -1.60 -21.02
C LEU F 146 -13.57 -2.59 -21.32
N ARG F 147 -13.63 -3.01 -22.59
CA ARG F 147 -14.70 -3.84 -23.09
C ARG F 147 -14.18 -5.25 -23.35
N GLY F 148 -15.06 -6.23 -23.12
CA GLY F 148 -14.71 -7.61 -23.42
C GLY F 148 -13.59 -8.13 -22.54
N ASP F 149 -12.86 -9.11 -23.07
CA ASP F 149 -11.76 -9.74 -22.36
C ASP F 149 -10.40 -9.34 -22.91
N GLU F 150 -10.34 -8.40 -23.85
CA GLU F 150 -9.08 -8.01 -24.46
C GLU F 150 -9.09 -6.50 -24.67
N ILE F 151 -8.30 -5.79 -23.87
CA ILE F 151 -8.18 -4.34 -24.09
C ILE F 151 -7.59 -4.10 -25.47
N PRO F 152 -8.23 -3.30 -26.34
CA PRO F 152 -7.70 -3.14 -27.71
C PRO F 152 -6.68 -2.01 -27.83
N ALA F 153 -5.61 -2.10 -27.04
CA ALA F 153 -4.57 -1.08 -27.07
C ALA F 153 -3.20 -1.76 -27.08
N GLN F 154 -2.22 -1.08 -27.65
CA GLN F 154 -0.87 -1.61 -27.75
C GLN F 154 0.14 -0.49 -27.58
N LEU F 155 1.30 -0.84 -27.03
CA LEU F 155 2.39 0.09 -26.77
C LEU F 155 3.70 -0.54 -27.18
N GLU F 156 4.60 0.25 -27.76
CA GLU F 156 5.86 -0.29 -28.25
C GLU F 156 6.88 0.83 -28.28
N ALA F 157 8.13 0.47 -28.55
CA ALA F 157 9.23 1.42 -28.66
C ALA F 157 9.79 1.39 -30.08
N GLN F 158 10.40 2.50 -30.49
CA GLN F 158 10.97 2.65 -31.82
C GLN F 158 12.35 3.28 -31.71
N PHE F 159 13.20 2.98 -32.69
CA PHE F 159 14.61 3.34 -32.68
C PHE F 159 14.86 4.40 -33.75
N HIS F 160 15.52 5.50 -33.38
CA HIS F 160 15.74 6.61 -34.29
C HIS F 160 17.16 7.12 -34.15
N VAL F 161 17.67 7.72 -35.23
CA VAL F 161 19.06 8.12 -35.35
C VAL F 161 19.14 9.56 -35.85
N ARG F 162 20.23 10.24 -35.48
CA ARG F 162 20.55 11.57 -36.00
C ARG F 162 21.81 11.46 -36.84
N PHE F 163 21.66 11.68 -38.15
CA PHE F 163 22.77 11.51 -39.07
C PHE F 163 23.86 12.55 -38.82
N SER F 164 25.10 12.18 -39.11
CA SER F 164 26.24 13.07 -38.95
C SER F 164 27.37 12.57 -39.84
N ASN F 165 28.37 13.43 -40.02
CA ASN F 165 29.53 13.11 -40.82
C ASN F 165 30.81 12.97 -40.02
N LYS F 166 30.81 13.32 -38.74
CA LYS F 166 31.97 13.19 -37.86
C LYS F 166 31.55 12.51 -36.57
N PRO F 167 31.28 11.21 -36.62
CA PRO F 167 30.84 10.51 -35.41
C PRO F 167 31.88 10.60 -34.30
N VAL F 168 31.40 10.72 -33.07
CA VAL F 168 32.27 10.80 -31.91
C VAL F 168 31.61 10.10 -30.72
N ALA F 173 23.46 10.17 -30.38
CA ALA F 173 22.90 10.36 -31.71
C ALA F 173 21.82 9.31 -32.00
N ILE F 174 21.44 8.55 -30.98
CA ILE F 174 20.42 7.52 -31.09
C ILE F 174 19.45 7.68 -29.93
N PHE F 175 18.15 7.63 -30.24
CA PHE F 175 17.12 7.79 -29.22
C PHE F 175 15.97 6.83 -29.49
N ASN F 176 15.29 6.45 -28.41
CA ASN F 176 14.16 5.53 -28.48
C ASN F 176 12.89 6.26 -28.06
N VAL F 177 11.85 6.12 -28.88
CA VAL F 177 10.59 6.85 -28.70
C VAL F 177 9.45 5.85 -28.57
N GLU F 178 8.60 6.06 -27.58
CA GLU F 178 7.45 5.18 -27.37
C GLU F 178 6.29 5.59 -28.27
N VAL F 179 5.59 4.60 -28.80
CA VAL F 179 4.45 4.81 -29.70
C VAL F 179 3.33 3.88 -29.28
N SER F 180 2.11 4.38 -29.33
CA SER F 180 0.94 3.66 -28.85
C SER F 180 -0.19 3.71 -29.86
N SER F 181 -1.08 2.73 -29.78
CA SER F 181 -2.30 2.69 -30.56
C SER F 181 -3.44 2.28 -29.65
N ALA F 182 -4.61 2.90 -29.81
CA ALA F 182 -5.69 2.65 -28.88
C ALA F 182 -7.03 3.03 -29.49
N LEU F 183 -8.09 2.57 -28.83
CA LEU F 183 -9.46 2.97 -29.11
C LEU F 183 -9.88 3.82 -27.90
N TYR F 184 -9.57 5.10 -27.96
CA TYR F 184 -9.73 5.98 -26.81
C TYR F 184 -11.18 6.39 -26.64
N THR F 185 -11.53 6.79 -25.42
CA THR F 185 -12.85 7.32 -25.14
C THR F 185 -12.74 8.29 -23.98
N PHE F 186 -13.72 9.18 -23.87
CA PHE F 186 -13.78 10.04 -22.69
C PHE F 186 -15.14 10.73 -22.64
N SER F 187 -15.31 11.59 -21.64
CA SER F 187 -16.55 12.29 -21.39
C SER F 187 -16.23 13.70 -20.91
N PHE F 188 -17.20 14.60 -21.07
CA PHE F 188 -16.98 16.00 -20.74
C PHE F 188 -18.28 16.63 -20.27
N GLU F 189 -18.13 17.77 -19.59
CA GLU F 189 -19.23 18.46 -18.95
C GLU F 189 -18.98 19.96 -19.01
N LEU F 190 -20.03 20.72 -19.30
CA LEU F 190 -19.96 22.18 -19.32
C LEU F 190 -21.29 22.73 -18.82
N ASP F 191 -21.24 23.70 -17.91
CA ASP F 191 -22.46 24.31 -17.36
C ASP F 191 -22.50 25.77 -17.79
N GLU F 192 -23.33 26.07 -18.79
CA GLU F 192 -23.44 27.42 -19.33
C GLU F 192 -24.37 28.32 -18.54
N ASP F 193 -24.98 27.81 -17.48
CA ASP F 193 -25.90 28.58 -16.66
C ASP F 193 -25.20 29.35 -15.55
N LEU F 194 -23.87 29.29 -15.51
CA LEU F 194 -23.09 30.03 -14.52
C LEU F 194 -21.97 30.86 -15.13
N ILE F 195 -21.82 30.84 -16.45
CA ILE F 195 -20.81 31.68 -17.09
C ILE F 195 -21.16 33.15 -16.86
N ALA F 196 -20.12 33.98 -16.69
CA ALA F 196 -20.31 35.41 -16.50
C ALA F 196 -21.21 35.71 -15.30
N VAL F 197 -21.02 34.94 -14.21
CA VAL F 197 -21.77 35.14 -12.99
C VAL F 197 -20.79 35.03 -11.82
N PRO F 198 -20.68 36.04 -10.96
CA PRO F 198 -19.77 35.92 -9.82
C PRO F 198 -20.12 34.72 -8.96
N SER F 199 -19.08 34.08 -8.43
CA SER F 199 -19.23 32.91 -7.58
C SER F 199 -18.98 33.19 -6.11
N THR F 200 -18.71 34.44 -5.74
CA THR F 200 -18.49 34.82 -4.35
C THR F 200 -19.71 35.58 -3.83
N PHE F 201 -19.93 35.47 -2.53
CA PHE F 201 -21.12 36.05 -1.91
C PHE F 201 -20.81 37.41 -1.33
N GLY F 202 -21.63 38.39 -1.67
CA GLY F 202 -21.45 39.74 -1.17
C GLY F 202 -22.47 40.68 -1.79
N GLU F 203 -22.34 41.95 -1.42
CA GLU F 203 -23.24 42.96 -1.94
C GLU F 203 -22.85 43.33 -3.37
N LYS F 204 -23.80 43.90 -4.10
CA LYS F 204 -23.57 44.26 -5.49
C LYS F 204 -22.47 45.31 -5.59
N VAL F 205 -21.68 45.23 -6.67
CA VAL F 205 -20.62 46.18 -6.94
C VAL F 205 -20.72 46.60 -8.40
N LYS F 206 -20.24 47.80 -8.69
CA LYS F 206 -20.32 48.33 -10.05
C LYS F 206 -19.49 47.47 -11.00
N GLY F 207 -19.89 47.46 -12.27
CA GLY F 207 -19.25 46.69 -13.31
C GLY F 207 -19.98 45.42 -13.67
N GLU F 208 -20.86 44.93 -12.80
CA GLU F 208 -21.63 43.74 -13.12
C GLU F 208 -22.56 43.97 -14.31
N GLU F 209 -22.92 45.23 -14.58
CA GLU F 209 -23.75 45.51 -15.75
C GLU F 209 -23.06 45.11 -17.04
N GLU F 210 -21.76 45.37 -17.13
CA GLU F 210 -21.01 44.95 -18.31
C GLU F 210 -21.01 43.43 -18.44
N LEU F 211 -20.88 42.73 -17.31
CA LEU F 211 -20.96 41.27 -17.35
C LEU F 211 -22.31 40.82 -17.87
N GLU F 212 -23.39 41.45 -17.40
CA GLU F 212 -24.72 41.10 -17.89
C GLU F 212 -24.83 41.34 -19.39
N ARG F 213 -24.24 42.44 -19.86
CA ARG F 213 -24.25 42.73 -21.29
C ARG F 213 -23.50 41.67 -22.08
N GLN F 214 -22.34 41.24 -21.58
CA GLN F 214 -21.45 40.35 -22.31
C GLN F 214 -21.77 38.87 -22.11
N LYS F 215 -22.76 38.55 -21.27
CA LYS F 215 -23.06 37.16 -20.98
C LYS F 215 -23.32 36.35 -22.25
N ALA F 216 -24.14 36.89 -23.15
CA ALA F 216 -24.51 36.14 -24.35
C ALA F 216 -23.29 35.84 -25.20
N LYS F 217 -22.45 36.86 -25.43
CA LYS F 217 -21.24 36.65 -26.23
C LYS F 217 -20.33 35.64 -25.57
N ARG F 218 -20.16 35.74 -24.25
CA ARG F 218 -19.26 34.83 -23.55
C ARG F 218 -19.74 33.39 -23.68
N VAL F 219 -21.04 33.18 -23.48
CA VAL F 219 -21.58 31.82 -23.58
C VAL F 219 -21.42 31.29 -25.00
N LYS F 220 -21.71 32.12 -26.00
CA LYS F 220 -21.57 31.67 -27.38
C LYS F 220 -20.13 31.27 -27.68
N SER F 221 -19.17 32.08 -27.25
CA SER F 221 -17.76 31.76 -27.49
C SER F 221 -17.37 30.48 -26.79
N ALA F 222 -17.78 30.31 -25.53
CA ALA F 222 -17.43 29.10 -24.80
C ALA F 222 -17.99 27.86 -25.48
N ILE F 223 -19.24 27.93 -25.94
CA ILE F 223 -19.82 26.79 -26.64
C ILE F 223 -19.06 26.52 -27.93
N LYS F 224 -18.69 27.56 -28.66
CA LYS F 224 -17.93 27.36 -29.89
C LYS F 224 -16.58 26.72 -29.62
N ALA F 225 -15.99 27.00 -28.45
CA ALA F 225 -14.65 26.51 -28.17
C ALA F 225 -14.56 24.98 -28.22
N LEU F 226 -15.63 24.28 -27.83
CA LEU F 226 -15.57 22.82 -27.73
C LEU F 226 -15.23 22.16 -29.06
N TYR F 227 -15.45 22.85 -30.18
CA TYR F 227 -15.15 22.26 -31.48
C TYR F 227 -13.69 21.86 -31.55
N SER F 228 -12.81 22.55 -30.82
CA SER F 228 -11.41 22.17 -30.81
C SER F 228 -11.25 20.73 -30.34
N LEU F 229 -11.68 20.43 -29.12
CA LEU F 229 -11.55 19.08 -28.60
C LEU F 229 -12.32 18.07 -29.46
N LEU F 230 -13.54 18.42 -29.87
CA LEU F 230 -14.34 17.45 -30.59
C LEU F 230 -13.74 17.12 -31.95
N SER F 231 -13.02 18.06 -32.55
CA SER F 231 -12.43 17.81 -33.87
C SER F 231 -11.19 16.93 -33.80
N GLY F 232 -10.40 17.07 -32.73
CA GLY F 232 -9.20 16.27 -32.58
C GLY F 232 -7.92 17.07 -32.70
N ASN F 233 -7.92 18.30 -32.19
CA ASN F 233 -6.77 19.20 -32.24
C ASN F 233 -6.26 19.40 -30.81
N PHE F 234 -5.35 18.53 -30.39
CA PHE F 234 -4.78 18.62 -29.04
C PHE F 234 -3.57 17.69 -28.97
N GLY F 235 -2.86 17.79 -27.85
CA GLY F 235 -1.71 16.95 -27.59
C GLY F 235 -0.41 17.58 -28.06
N GLY F 236 0.69 16.95 -27.65
CA GLY F 236 2.02 17.41 -27.98
C GLY F 236 2.73 16.49 -28.95
N LYS F 237 3.92 16.91 -29.35
CA LYS F 237 4.76 16.13 -30.26
C LYS F 237 4.02 15.83 -31.56
N ARG F 238 3.24 16.80 -32.04
CA ARG F 238 2.48 16.64 -33.27
C ARG F 238 3.29 16.91 -34.53
N SER F 239 4.45 17.53 -34.42
CA SER F 239 5.19 17.92 -35.61
C SER F 239 5.64 16.70 -36.41
N ARG F 240 6.32 15.75 -35.76
CA ARG F 240 6.83 14.58 -36.43
C ARG F 240 6.02 13.32 -36.12
N PHE F 241 5.07 13.38 -35.19
CA PHE F 241 4.24 12.24 -34.82
C PHE F 241 2.77 12.61 -34.92
N LEU F 242 2.39 13.20 -36.05
CA LEU F 242 1.00 13.58 -36.25
C LEU F 242 0.15 12.31 -36.29
N PRO F 243 -0.84 12.17 -35.42
CA PRO F 243 -1.63 10.94 -35.38
C PRO F 243 -2.70 10.93 -36.48
N SER F 244 -3.46 9.83 -36.51
CA SER F 244 -4.52 9.62 -37.49
C SER F 244 -5.80 9.32 -36.71
N MET F 245 -6.53 10.35 -36.33
CA MET F 245 -7.73 10.20 -35.54
C MET F 245 -8.95 9.92 -36.43
N LYS F 246 -10.02 9.47 -35.80
CA LYS F 246 -11.26 9.15 -36.50
C LYS F 246 -12.39 9.01 -35.49
N LEU F 247 -13.55 9.61 -35.77
CA LEU F 247 -14.66 9.64 -34.82
C LEU F 247 -15.60 8.49 -35.11
N MET F 248 -15.94 7.74 -34.06
CA MET F 248 -16.76 6.54 -34.19
C MET F 248 -18.16 6.72 -33.62
N SER F 249 -18.28 7.23 -32.40
CA SER F 249 -19.57 7.39 -31.77
C SER F 249 -19.53 8.52 -30.75
N LEU F 250 -20.59 9.32 -30.74
CA LEU F 250 -20.66 10.49 -29.89
C LEU F 250 -22.09 10.70 -29.43
N VAL F 251 -22.27 10.96 -28.14
CA VAL F 251 -23.60 11.28 -27.60
C VAL F 251 -23.47 12.51 -26.72
N VAL F 252 -24.31 13.51 -27.00
CA VAL F 252 -24.31 14.75 -26.22
C VAL F 252 -25.73 15.02 -25.75
N THR F 253 -25.85 15.73 -24.64
CA THR F 253 -27.14 15.96 -24.01
C THR F 253 -27.16 17.32 -23.35
N LYS F 254 -28.26 18.05 -23.58
CA LYS F 254 -28.50 19.35 -22.96
C LYS F 254 -29.71 19.23 -22.04
N THR F 255 -29.54 19.64 -20.78
CA THR F 255 -30.59 19.50 -19.79
C THR F 255 -30.56 20.68 -18.84
N ASP F 256 -31.42 20.64 -17.84
CA ASP F 256 -31.52 21.68 -16.82
C ASP F 256 -31.12 21.19 -15.44
N PHE F 257 -30.74 19.92 -15.31
CA PHE F 257 -30.47 19.30 -14.02
C PHE F 257 -29.23 18.44 -14.14
N PRO F 258 -28.57 18.15 -13.02
CA PRO F 258 -27.35 17.33 -13.09
C PRO F 258 -27.63 15.99 -13.75
N PHE F 259 -26.70 15.55 -14.60
CA PHE F 259 -26.89 14.32 -15.35
C PHE F 259 -25.60 13.98 -16.07
N MET F 260 -25.29 12.68 -16.12
CA MET F 260 -24.06 12.19 -16.75
C MET F 260 -24.40 10.93 -17.55
N PRO F 261 -24.06 10.87 -18.83
CA PRO F 261 -24.33 9.67 -19.62
C PRO F 261 -23.35 8.55 -19.29
N GLU F 262 -23.69 7.36 -19.80
CA GLU F 262 -22.86 6.19 -19.58
C GLU F 262 -21.49 6.38 -20.21
N PRO F 263 -20.42 5.88 -19.58
CA PRO F 263 -19.13 5.82 -20.27
C PRO F 263 -19.24 5.03 -21.56
N ALA F 264 -18.25 5.20 -22.43
CA ALA F 264 -18.23 4.55 -23.73
C ALA F 264 -17.64 3.15 -23.69
N HIS F 265 -17.57 2.54 -22.51
CA HIS F 265 -16.97 1.22 -22.40
C HIS F 265 -17.78 0.18 -23.18
N ASP F 266 -19.08 0.11 -22.93
CA ASP F 266 -19.91 -0.94 -23.50
C ASP F 266 -20.43 -0.55 -24.87
N ASP F 267 -20.63 -1.56 -25.73
CA ASP F 267 -21.16 -1.28 -27.06
C ASP F 267 -22.52 -0.61 -26.98
N ASP F 268 -23.32 -0.97 -25.98
CA ASP F 268 -24.66 -0.41 -25.81
C ASP F 268 -24.62 0.61 -24.68
N TYR F 269 -24.24 1.83 -25.03
CA TYR F 269 -24.29 2.96 -24.11
C TYR F 269 -25.10 4.12 -24.64
N ILE F 270 -25.40 4.15 -25.94
CA ILE F 270 -26.32 5.14 -26.49
C ILE F 270 -27.73 4.88 -25.98
N LYS F 271 -28.19 3.63 -26.03
CA LYS F 271 -29.55 3.32 -25.65
C LYS F 271 -29.80 3.60 -24.18
N THR F 272 -28.88 3.21 -23.31
CA THR F 272 -29.11 3.32 -21.87
C THR F 272 -29.26 4.77 -21.44
N THR F 273 -28.40 5.66 -21.94
CA THR F 273 -28.50 7.06 -21.54
C THR F 273 -29.80 7.68 -22.03
N ILE F 274 -30.21 7.37 -23.25
CA ILE F 274 -31.48 7.90 -23.76
C ILE F 274 -32.63 7.42 -22.90
N MET F 275 -32.64 6.12 -22.57
CA MET F 275 -33.71 5.58 -21.75
C MET F 275 -33.73 6.26 -20.38
N ARG F 276 -32.56 6.49 -19.80
CA ARG F 276 -32.48 7.09 -18.47
C ARG F 276 -32.83 8.58 -18.48
N LEU F 277 -32.68 9.25 -19.62
CA LEU F 277 -32.89 10.70 -19.65
C LEU F 277 -34.31 11.07 -19.26
N GLY F 278 -35.31 10.43 -19.88
CA GLY F 278 -36.69 10.78 -19.59
C GLY F 278 -37.07 10.51 -18.15
N LYS F 279 -36.65 9.36 -17.63
CA LYS F 279 -36.96 9.02 -16.24
C LYS F 279 -36.27 9.98 -15.28
N ALA F 280 -35.04 10.40 -15.59
CA ALA F 280 -34.37 11.38 -14.76
C ALA F 280 -35.14 12.71 -14.77
N LYS F 281 -35.59 13.13 -15.95
CA LYS F 281 -36.40 14.35 -16.03
C LYS F 281 -37.64 14.22 -15.16
N GLY F 282 -38.33 13.09 -15.27
CA GLY F 282 -39.55 12.91 -14.50
C GLY F 282 -39.30 12.95 -13.00
N VAL F 283 -38.25 12.27 -12.54
CA VAL F 283 -38.01 12.20 -11.10
C VAL F 283 -37.54 13.55 -10.56
N LEU F 284 -36.70 14.26 -11.31
CA LEU F 284 -36.12 15.51 -10.82
C LEU F 284 -36.93 16.74 -11.20
N ASN F 285 -38.05 16.58 -11.89
CA ASN F 285 -38.91 17.71 -12.26
C ASN F 285 -38.13 18.72 -13.11
N GLY F 286 -37.68 18.26 -14.27
CA GLY F 286 -36.99 19.12 -15.22
C GLY F 286 -37.96 19.83 -16.14
N ASN F 287 -37.40 20.65 -17.02
CA ASN F 287 -38.19 21.36 -18.01
C ASN F 287 -37.55 21.37 -19.39
N LEU F 288 -36.43 20.68 -19.59
CA LEU F 288 -35.79 20.60 -20.90
C LEU F 288 -34.78 19.48 -20.88
N ALA F 289 -34.83 18.63 -21.90
CA ALA F 289 -33.85 17.54 -22.01
C ALA F 289 -33.82 17.11 -23.48
N LYS F 290 -32.70 17.36 -24.14
CA LYS F 290 -32.51 16.98 -25.53
C LYS F 290 -31.21 16.21 -25.66
N ALA F 291 -31.18 15.30 -26.63
CA ALA F 291 -30.02 14.44 -26.86
C ALA F 291 -29.71 14.40 -28.36
N TYR F 292 -28.42 14.44 -28.67
CA TYR F 292 -27.93 14.34 -30.03
C TYR F 292 -26.96 13.18 -30.13
N VAL F 293 -27.07 12.42 -31.22
CA VAL F 293 -26.31 11.20 -31.43
C VAL F 293 -25.63 11.27 -32.78
N ILE F 294 -24.31 11.02 -32.79
CA ILE F 294 -23.55 10.86 -34.03
C ILE F 294 -23.00 9.44 -34.03
N ASN F 295 -23.31 8.68 -35.08
CA ASN F 295 -22.98 7.27 -35.14
C ASN F 295 -22.43 6.93 -36.52
N ASN F 296 -21.33 6.19 -36.53
CA ASN F 296 -20.74 5.70 -37.77
C ASN F 296 -20.35 4.23 -37.71
N GLU F 297 -20.27 3.63 -36.53
CA GLU F 297 -19.88 2.23 -36.39
C GLU F 297 -21.05 1.27 -36.51
N GLY F 298 -22.29 1.76 -36.49
CA GLY F 298 -23.45 0.91 -36.66
C GLY F 298 -23.77 0.06 -35.45
N ILE F 299 -24.15 0.71 -34.34
CA ILE F 299 -24.60 0.01 -33.15
C ILE F 299 -26.02 0.47 -32.82
N GLU F 300 -26.59 -0.12 -31.78
CA GLU F 300 -27.96 0.20 -31.40
C GLU F 300 -28.07 1.65 -30.96
N VAL F 301 -29.12 2.32 -31.42
CA VAL F 301 -29.34 3.74 -31.15
C VAL F 301 -30.55 3.96 -30.25
N GLY F 302 -31.74 3.55 -30.72
CA GLY F 302 -32.96 3.78 -29.97
C GLY F 302 -34.03 4.40 -30.83
N GLU F 303 -34.81 5.32 -30.26
CA GLU F 303 -35.85 6.02 -31.00
C GLU F 303 -36.06 7.40 -30.38
N GLY F 304 -36.63 8.29 -31.18
CA GLY F 304 -36.93 9.63 -30.70
C GLY F 304 -35.70 10.43 -30.32
N VAL F 305 -34.65 10.36 -31.13
CA VAL F 305 -33.44 11.14 -30.90
C VAL F 305 -32.84 11.52 -32.25
N THR F 306 -32.32 12.73 -32.33
CA THR F 306 -31.79 13.24 -33.59
C THR F 306 -30.56 12.46 -34.02
N VAL F 307 -30.36 12.37 -35.33
CA VAL F 307 -29.19 11.73 -35.92
C VAL F 307 -28.53 12.74 -36.84
N LEU F 308 -27.31 13.14 -36.52
CA LEU F 308 -26.57 14.13 -37.27
C LEU F 308 -25.61 13.42 -38.25
N SER F 309 -24.76 14.20 -38.89
CA SER F 309 -23.81 13.67 -39.87
C SER F 309 -22.37 14.06 -39.56
N THR F 310 -22.14 15.24 -39.00
CA THR F 310 -20.79 15.71 -38.70
C THR F 310 -20.83 16.53 -37.42
N VAL F 311 -19.66 16.67 -36.79
CA VAL F 311 -19.57 17.42 -35.55
C VAL F 311 -19.93 18.87 -35.76
N GLU F 312 -19.60 19.44 -36.93
CA GLU F 312 -19.88 20.86 -37.16
C GLU F 312 -21.36 21.17 -36.99
N ASP F 313 -22.23 20.21 -37.28
CA ASP F 313 -23.66 20.44 -37.09
C ASP F 313 -24.02 20.57 -35.63
N LEU F 314 -23.37 19.80 -34.75
CA LEU F 314 -23.73 19.82 -33.34
C LEU F 314 -23.43 21.18 -32.72
N VAL F 315 -22.32 21.80 -33.10
CA VAL F 315 -21.99 23.11 -32.55
C VAL F 315 -23.05 24.13 -32.94
N VAL F 316 -23.47 24.10 -34.20
CA VAL F 316 -24.52 25.01 -34.66
C VAL F 316 -25.81 24.77 -33.87
N LYS F 317 -26.18 23.49 -33.71
CA LYS F 317 -27.41 23.19 -32.98
C LYS F 317 -27.33 23.67 -31.54
N LEU F 318 -26.19 23.47 -30.89
CA LEU F 318 -26.04 23.93 -29.51
C LEU F 318 -26.13 25.45 -29.43
N GLU F 319 -25.51 26.14 -30.40
CA GLU F 319 -25.59 27.60 -30.41
C GLU F 319 -27.02 28.06 -30.58
N GLU F 320 -27.78 27.40 -31.46
CA GLU F 320 -29.17 27.76 -31.70
C GLU F 320 -29.98 27.70 -30.41
N MET G 1 -3.76 -37.35 50.80
CA MET G 1 -3.67 -35.92 50.41
C MET G 1 -3.72 -35.74 48.91
N ILE G 2 -4.20 -34.58 48.47
CA ILE G 2 -4.17 -34.16 47.08
C ILE G 2 -3.61 -32.75 47.06
N SER G 3 -2.43 -32.57 46.49
CA SER G 3 -1.81 -31.26 46.36
C SER G 3 -1.66 -30.94 44.88
N GLY G 4 -1.53 -29.65 44.56
CA GLY G 4 -1.43 -29.27 43.18
C GLY G 4 -0.87 -27.87 43.00
N SER G 5 -0.24 -27.66 41.85
CA SER G 5 0.23 -26.34 41.43
C SER G 5 -0.19 -26.12 39.98
N VAL G 6 -0.79 -24.96 39.71
CA VAL G 6 -1.34 -24.66 38.39
C VAL G 6 -0.90 -23.26 37.97
N ARG G 7 -0.85 -23.06 36.66
CA ARG G 7 -0.37 -21.81 36.07
C ARG G 7 -1.40 -21.29 35.09
N PHE G 8 -1.95 -20.11 35.36
CA PHE G 8 -3.07 -19.55 34.62
C PHE G 8 -2.62 -18.38 33.73
N LEU G 9 -3.44 -18.06 32.74
CA LEU G 9 -3.19 -16.93 31.85
C LEU G 9 -4.49 -16.15 31.71
N VAL G 10 -4.58 -15.04 32.44
CA VAL G 10 -5.77 -14.18 32.46
C VAL G 10 -5.43 -12.89 31.72
N ASN G 11 -6.34 -12.44 30.86
CA ASN G 11 -6.06 -11.33 29.94
C ASN G 11 -6.58 -9.99 30.43
N LEU G 12 -7.86 -9.88 30.77
CA LEU G 12 -8.44 -8.56 31.08
C LEU G 12 -9.52 -8.73 32.13
N GLU G 13 -9.27 -8.22 33.34
CA GLU G 13 -10.15 -8.49 34.48
C GLU G 13 -9.97 -7.43 35.55
N SER G 14 -10.94 -7.38 36.45
CA SER G 14 -10.81 -6.74 37.77
C SER G 14 -11.46 -7.71 38.75
N LEU G 15 -10.68 -8.65 39.27
CA LEU G 15 -11.23 -9.72 40.11
C LEU G 15 -11.11 -9.45 41.60
N ASN G 16 -10.38 -8.42 42.01
CA ASN G 16 -10.26 -8.11 43.45
C ASN G 16 -10.04 -6.60 43.59
N GLY G 17 -11.13 -5.88 43.84
CA GLY G 17 -11.09 -4.43 43.92
C GLY G 17 -10.95 -3.86 45.31
N VAL G 18 -9.82 -4.09 45.98
CA VAL G 18 -9.63 -3.57 47.32
C VAL G 18 -9.81 -2.07 47.33
N GLU G 19 -10.47 -1.56 48.37
CA GLU G 19 -10.55 -0.12 48.63
C GLU G 19 -11.20 0.64 47.48
N SER G 20 -11.48 1.93 47.72
CA SER G 20 -12.03 2.81 46.69
C SER G 20 -11.82 4.24 47.15
N ILE G 21 -11.18 5.05 46.31
CA ILE G 21 -10.84 6.43 46.62
C ILE G 21 -11.39 7.34 45.53
N GLY G 22 -12.06 8.40 45.94
CA GLY G 22 -12.64 9.32 44.96
C GLY G 22 -13.63 8.59 44.08
N ASN G 23 -13.46 8.73 42.77
CA ASN G 23 -14.28 8.06 41.77
C ASN G 23 -13.52 6.90 41.12
N LEU G 24 -12.66 6.24 41.91
CA LEU G 24 -11.78 5.21 41.41
C LEU G 24 -11.85 3.99 42.31
N THR G 25 -11.94 2.81 41.69
CA THR G 25 -11.87 1.53 42.39
C THR G 25 -10.50 0.92 42.12
N LYS G 26 -9.78 0.60 43.19
CA LYS G 26 -8.38 0.22 43.08
C LYS G 26 -8.22 -1.29 43.17
N HIS G 27 -7.34 -1.83 42.33
CA HIS G 27 -6.94 -3.22 42.42
C HIS G 27 -6.08 -3.42 43.67
N ARG G 28 -5.74 -4.68 43.95
CA ARG G 28 -4.83 -5.01 45.03
C ARG G 28 -3.45 -5.30 44.45
N THR G 29 -2.42 -4.82 45.15
CA THR G 29 -1.06 -4.91 44.65
C THR G 29 -0.11 -5.33 45.77
N ALA G 30 1.01 -5.91 45.38
CA ALA G 30 2.04 -6.36 46.31
C ALA G 30 3.40 -5.95 45.77
N PRO G 31 4.38 -5.68 46.64
CA PRO G 31 5.72 -5.37 46.18
C PRO G 31 6.53 -6.62 45.85
N VAL G 32 7.33 -6.52 44.80
CA VAL G 32 8.26 -7.57 44.42
C VAL G 32 9.57 -6.92 44.00
N VAL G 33 10.69 -7.49 44.47
CA VAL G 33 12.01 -6.98 44.15
C VAL G 33 12.58 -7.83 43.03
N LEU G 34 12.94 -7.18 41.93
CA LEU G 34 13.53 -7.85 40.77
C LEU G 34 15.00 -7.48 40.70
N LYS G 35 15.85 -8.51 40.61
CA LYS G 35 17.30 -8.33 40.59
C LYS G 35 17.77 -7.99 39.19
N THR G 36 18.64 -6.97 39.10
CA THR G 36 19.24 -6.55 37.84
C THR G 36 20.74 -6.43 38.04
N SER G 37 21.47 -6.42 36.92
CA SER G 37 22.91 -6.26 36.99
C SER G 37 23.29 -4.96 37.69
N THR G 38 22.58 -3.87 37.37
CA THR G 38 22.82 -2.61 38.05
C THR G 38 22.49 -2.71 39.54
N GLY G 39 21.42 -3.43 39.87
CA GLY G 39 21.00 -3.57 41.25
C GLY G 39 19.65 -4.22 41.40
N TYR G 40 18.76 -3.61 42.19
CA TYR G 40 17.44 -4.15 42.46
C TYR G 40 16.38 -3.09 42.17
N LEU G 41 15.23 -3.54 41.70
CA LEU G 41 14.11 -2.65 41.41
C LEU G 41 12.86 -3.15 42.12
N VAL G 42 12.18 -2.24 42.81
CA VAL G 42 10.92 -2.56 43.46
C VAL G 42 9.79 -2.30 42.47
N ARG G 43 8.92 -3.30 42.28
CA ARG G 43 7.79 -3.19 41.37
C ARG G 43 6.53 -3.56 42.13
N TYR G 44 5.40 -3.06 41.64
CA TYR G 44 4.11 -3.36 42.24
C TYR G 44 3.31 -4.23 41.28
N VAL G 45 2.77 -5.33 41.79
CA VAL G 45 2.20 -6.36 40.95
C VAL G 45 0.81 -6.75 41.47
N PRO G 46 -0.18 -6.97 40.60
CA PRO G 46 -1.50 -7.37 41.09
C PRO G 46 -1.48 -8.72 41.77
N VAL G 47 -2.36 -8.90 42.75
CA VAL G 47 -2.49 -10.15 43.48
C VAL G 47 -3.95 -10.36 43.84
N ILE G 48 -4.39 -11.62 43.78
CA ILE G 48 -5.72 -12.03 44.22
C ILE G 48 -5.55 -12.87 45.47
N SER G 49 -6.16 -12.45 46.57
CA SER G 49 -6.00 -13.16 47.82
C SER G 49 -6.71 -14.51 47.75
N GLY G 50 -6.48 -15.32 48.77
CA GLY G 50 -7.06 -16.64 48.85
C GLY G 50 -8.45 -16.69 49.45
N GLU G 51 -8.88 -15.64 50.13
CA GLU G 51 -10.21 -15.62 50.74
C GLU G 51 -11.32 -15.66 49.69
N ALA G 52 -11.15 -14.94 48.58
CA ALA G 52 -12.15 -14.99 47.52
C ALA G 52 -12.25 -16.39 46.94
N LEU G 53 -11.11 -17.05 46.75
CA LEU G 53 -11.13 -18.43 46.24
C LEU G 53 -11.82 -19.35 47.23
N ALA G 54 -11.57 -19.18 48.53
CA ALA G 54 -12.25 -20.00 49.52
C ALA G 54 -13.75 -19.78 49.47
N HIS G 55 -14.18 -18.53 49.35
CA HIS G 55 -15.61 -18.25 49.26
C HIS G 55 -16.23 -18.92 48.05
N ALA G 56 -15.56 -18.82 46.90
CA ALA G 56 -16.09 -19.46 45.69
C ALA G 56 -16.17 -20.97 45.86
N TYR G 57 -15.14 -21.57 46.42
CA TYR G 57 -15.13 -23.02 46.60
C TYR G 57 -16.27 -23.45 47.51
N GLN G 58 -16.47 -22.74 48.62
CA GLN G 58 -17.54 -23.11 49.54
C GLN G 58 -18.91 -22.90 48.93
N ALA G 59 -19.08 -21.85 48.11
CA ALA G 59 -20.36 -21.67 47.42
C ALA G 59 -20.64 -22.84 46.49
N SER G 60 -19.64 -23.27 45.73
CA SER G 60 -19.82 -24.42 44.86
C SER G 60 -20.15 -25.66 45.66
N LEU G 61 -19.46 -25.85 46.79
CA LEU G 61 -19.71 -27.01 47.63
C LEU G 61 -21.14 -27.02 48.15
N VAL G 62 -21.65 -25.86 48.58
CA VAL G 62 -23.03 -25.78 49.04
C VAL G 62 -23.99 -26.13 47.92
N ASP G 63 -23.75 -25.57 46.73
CA ASP G 63 -24.65 -25.83 45.62
C ASP G 63 -24.68 -27.32 45.27
N ILE G 64 -23.54 -28.00 45.37
CA ILE G 64 -23.52 -29.43 45.08
C ILE G 64 -24.17 -30.23 46.20
N ALA G 65 -23.88 -29.88 47.45
CA ALA G 65 -24.41 -30.64 48.58
C ALA G 65 -25.92 -30.58 48.61
N LYS G 66 -26.50 -29.38 48.40
CA LYS G 66 -27.95 -29.28 48.37
C LYS G 66 -28.57 -30.12 47.28
N LYS G 67 -27.80 -30.47 46.24
CA LYS G 67 -28.29 -31.30 45.15
C LYS G 67 -28.09 -32.79 45.40
N GLU G 68 -27.10 -33.17 46.21
CA GLU G 68 -26.94 -34.59 46.53
C GLU G 68 -27.81 -35.02 47.70
N GLY G 69 -27.86 -34.24 48.78
CA GLY G 69 -28.79 -34.53 49.86
C GLY G 69 -28.20 -34.44 51.25
N LEU G 70 -26.92 -34.11 51.36
CA LEU G 70 -26.30 -34.00 52.67
C LEU G 70 -26.80 -32.76 53.39
N PRO G 71 -26.76 -32.76 54.72
CA PRO G 71 -27.30 -31.61 55.47
C PRO G 71 -26.52 -30.34 55.18
N VAL G 72 -27.25 -29.23 55.16
CA VAL G 72 -26.67 -27.90 55.01
C VAL G 72 -27.34 -26.98 56.00
N GLY G 73 -26.54 -26.16 56.68
CA GLY G 73 -27.04 -25.32 57.75
C GLY G 73 -28.11 -24.34 57.29
N SER G 74 -28.65 -23.57 58.22
CA SER G 74 -29.68 -22.59 57.87
C SER G 74 -29.06 -21.32 57.30
N LEU G 75 -28.20 -20.67 58.08
CA LEU G 75 -27.53 -19.46 57.60
C LEU G 75 -26.67 -19.74 56.38
N SER G 76 -26.15 -20.96 56.25
CA SER G 76 -25.31 -21.30 55.10
C SER G 76 -26.12 -21.61 53.85
N SER G 77 -27.41 -21.92 53.97
CA SER G 77 -28.25 -22.05 52.79
C SER G 77 -28.27 -20.73 52.03
N GLN G 78 -28.48 -19.62 52.74
CA GLN G 78 -28.09 -18.32 52.23
C GLN G 78 -26.57 -18.23 52.20
N TYR G 79 -26.02 -17.65 51.14
CA TYR G 79 -24.58 -17.64 50.99
C TYR G 79 -23.94 -16.67 51.96
N GLU G 80 -24.00 -16.98 53.25
CA GLU G 80 -23.43 -16.16 54.32
C GLU G 80 -22.69 -17.11 55.27
N PHE G 81 -21.42 -17.35 54.99
CA PHE G 81 -20.64 -18.33 55.74
C PHE G 81 -20.10 -17.73 57.03
N ILE G 82 -21.02 -17.31 57.89
CA ILE G 82 -20.62 -16.87 59.21
C ILE G 82 -20.16 -18.05 60.05
N LYS G 83 -20.84 -19.19 59.93
CA LYS G 83 -20.50 -20.39 60.69
C LYS G 83 -20.64 -20.13 62.18
N PHE G 84 -20.72 -21.19 62.96
CA PHE G 84 -21.25 -21.09 64.32
C PHE G 84 -20.26 -20.36 65.22
N SER G 85 -20.03 -19.09 64.94
CA SER G 85 -18.98 -18.33 65.62
C SER G 85 -19.46 -17.68 66.91
N THR G 86 -20.71 -17.21 66.96
CA THR G 86 -21.24 -16.51 68.11
C THR G 86 -22.60 -17.08 68.48
N ASP G 87 -23.10 -16.63 69.64
CA ASP G 87 -24.32 -17.20 70.19
C ASP G 87 -25.50 -17.02 69.25
N GLU G 88 -25.52 -15.95 68.45
CA GLU G 88 -26.68 -15.69 67.60
C GLU G 88 -26.89 -16.80 66.58
N ALA G 89 -25.80 -17.26 65.97
CA ALA G 89 -25.93 -18.34 64.99
C ALA G 89 -26.45 -19.62 65.64
N LEU G 90 -25.95 -19.94 66.84
CA LEU G 90 -26.44 -21.11 67.55
C LEU G 90 -27.92 -20.99 67.86
N LYS G 91 -28.34 -19.81 68.32
CA LYS G 91 -29.76 -19.59 68.63
C LYS G 91 -30.62 -19.76 67.38
N ILE G 92 -30.16 -19.21 66.25
CA ILE G 92 -30.91 -19.35 65.00
C ILE G 92 -31.00 -20.82 64.61
N GLU G 93 -29.89 -21.55 64.71
CA GLU G 93 -29.89 -22.95 64.30
C GLU G 93 -30.59 -23.84 65.34
N GLY G 94 -30.41 -23.54 66.62
CA GLY G 94 -31.00 -24.34 67.67
C GLY G 94 -30.09 -25.44 68.16
N ILE G 95 -28.86 -25.09 68.51
CA ILE G 95 -27.88 -26.03 69.06
C ILE G 95 -27.48 -25.55 70.44
N LYS G 96 -27.57 -26.45 71.42
CA LYS G 96 -27.14 -26.11 72.76
C LYS G 96 -25.64 -25.83 72.79
N GLU G 97 -25.27 -24.73 73.43
CA GLU G 97 -23.86 -24.37 73.49
C GLU G 97 -23.10 -25.40 74.34
N PRO G 98 -21.83 -25.67 74.02
CA PRO G 98 -21.07 -26.64 74.83
C PRO G 98 -21.00 -26.19 76.27
N LYS G 99 -21.11 -27.16 77.18
CA LYS G 99 -21.11 -26.85 78.61
C LYS G 99 -19.70 -26.61 79.11
N ASP G 100 -18.80 -27.56 78.88
CA ASP G 100 -17.42 -27.47 79.37
C ASP G 100 -16.53 -28.28 78.44
N TYR G 101 -15.28 -28.48 78.86
CA TYR G 101 -14.30 -29.13 77.99
C TYR G 101 -14.75 -30.54 77.61
N ASN G 102 -15.32 -31.28 78.55
CA ASN G 102 -15.69 -32.67 78.28
C ASN G 102 -16.73 -32.76 77.17
N ASP G 103 -17.66 -31.82 77.12
CA ASP G 103 -18.72 -31.85 76.11
C ASP G 103 -18.26 -31.34 74.75
N ALA G 104 -17.03 -30.86 74.64
CA ALA G 104 -16.55 -30.30 73.37
C ALA G 104 -16.77 -31.28 72.23
N ARG G 105 -16.44 -32.56 72.43
CA ARG G 105 -16.57 -33.54 71.36
C ARG G 105 -18.03 -33.70 70.94
N ARG G 106 -18.95 -33.72 71.91
CA ARG G 106 -20.36 -33.88 71.58
C ARG G 106 -20.85 -32.72 70.72
N PHE G 107 -20.52 -31.49 71.12
CA PHE G 107 -20.93 -30.33 70.34
C PHE G 107 -20.30 -30.34 68.95
N GLU G 108 -19.03 -30.74 68.87
CA GLU G 108 -18.37 -30.83 67.58
C GLU G 108 -19.10 -31.82 66.67
N VAL G 109 -19.47 -32.98 67.21
CA VAL G 109 -20.18 -33.96 66.40
C VAL G 109 -21.53 -33.42 65.97
N GLU G 110 -22.25 -32.76 66.89
CA GLU G 110 -23.55 -32.22 66.55
C GLU G 110 -23.45 -31.22 65.41
N VAL G 111 -22.53 -30.26 65.53
CA VAL G 111 -22.37 -29.25 64.48
C VAL G 111 -21.95 -29.91 63.18
N MET G 112 -20.98 -30.83 63.25
CA MET G 112 -20.49 -31.50 62.06
C MET G 112 -21.61 -32.25 61.35
N LEU G 113 -22.58 -32.77 62.11
CA LEU G 113 -23.73 -33.43 61.49
C LEU G 113 -24.72 -32.43 60.91
N LYS G 114 -24.90 -31.29 61.56
CA LYS G 114 -25.92 -30.34 61.13
C LYS G 114 -25.53 -29.57 59.87
N ASP G 115 -24.24 -29.46 59.55
CA ASP G 115 -23.81 -28.60 58.44
C ASP G 115 -22.57 -29.19 57.81
N VAL G 116 -22.61 -29.43 56.49
CA VAL G 116 -21.45 -29.95 55.79
C VAL G 116 -20.32 -28.93 55.79
N ILE G 117 -20.64 -27.66 55.54
CA ILE G 117 -19.59 -26.65 55.36
C ILE G 117 -18.75 -26.53 56.62
N ALA G 118 -19.40 -26.61 57.79
CA ALA G 118 -18.63 -26.59 59.04
C ALA G 118 -17.69 -27.77 59.16
N ASP G 119 -17.91 -28.83 58.37
CA ASP G 119 -17.03 -29.99 58.39
C ASP G 119 -15.79 -29.75 57.53
N VAL G 120 -16.00 -29.58 56.23
CA VAL G 120 -14.87 -29.34 55.32
C VAL G 120 -14.27 -27.96 55.56
N GLY G 121 -15.12 -26.94 55.67
CA GLY G 121 -14.62 -25.59 55.83
C GLY G 121 -13.92 -25.38 57.17
N GLY G 122 -14.50 -25.90 58.24
CA GLY G 122 -13.99 -25.67 59.57
C GLY G 122 -14.64 -24.45 60.22
N PHE G 123 -14.53 -24.38 61.54
CA PHE G 123 -15.20 -23.33 62.30
C PHE G 123 -14.44 -23.07 63.59
N MET G 124 -14.71 -21.92 64.19
CA MET G 124 -14.21 -21.59 65.51
C MET G 124 -15.32 -20.94 66.31
N TYR G 125 -15.59 -21.47 67.49
CA TYR G 125 -16.62 -20.94 68.39
C TYR G 125 -15.93 -20.29 69.58
N ALA G 126 -16.21 -19.00 69.77
CA ALA G 126 -15.67 -18.28 70.92
C ALA G 126 -16.59 -18.46 72.13
N GLY G 127 -15.99 -18.37 73.31
CA GLY G 127 -16.73 -18.52 74.55
C GLY G 127 -15.85 -19.13 75.62
N GLY G 128 -16.50 -19.43 76.75
CA GLY G 128 -15.80 -20.06 77.85
C GLY G 128 -15.34 -21.47 77.56
N ALA G 129 -15.86 -22.08 76.50
CA ALA G 129 -15.47 -23.43 76.07
C ALA G 129 -15.12 -23.39 74.60
N PRO G 130 -13.99 -22.77 74.25
CA PRO G 130 -13.66 -22.61 72.82
C PRO G 130 -13.52 -23.95 72.11
N VAL G 131 -13.94 -23.97 70.86
CA VAL G 131 -13.81 -25.13 70.00
C VAL G 131 -13.17 -24.68 68.70
N ARG G 132 -12.41 -25.59 68.08
CA ARG G 132 -11.67 -25.27 66.88
C ARG G 132 -11.76 -26.43 65.89
N ARG G 133 -11.65 -26.10 64.61
CA ARG G 133 -11.56 -27.13 63.57
C ARG G 133 -10.90 -26.50 62.35
N THR G 134 -9.65 -26.87 62.10
CA THR G 134 -8.92 -26.31 60.97
C THR G 134 -9.51 -26.79 59.66
N SER G 135 -9.50 -25.92 58.66
CA SER G 135 -10.06 -26.25 57.35
C SER G 135 -9.30 -27.42 56.74
N ARG G 136 -10.03 -28.27 56.02
CA ARG G 136 -9.45 -29.41 55.34
C ARG G 136 -8.99 -29.07 53.92
N ILE G 137 -9.13 -27.83 53.49
CA ILE G 137 -8.65 -27.37 52.20
C ILE G 137 -7.92 -26.06 52.41
N LYS G 138 -6.75 -25.91 51.78
CA LYS G 138 -5.91 -24.73 51.96
C LYS G 138 -5.50 -24.18 50.61
N LEU G 139 -5.58 -22.86 50.47
CA LEU G 139 -5.26 -22.16 49.24
C LEU G 139 -4.34 -20.98 49.57
N GLY G 140 -3.61 -20.52 48.56
CA GLY G 140 -2.66 -19.45 48.74
C GLY G 140 -2.86 -18.36 47.70
N TYR G 141 -2.31 -17.18 48.02
CA TYR G 141 -2.46 -16.01 47.16
C TYR G 141 -2.10 -16.34 45.72
N MET G 142 -2.68 -15.61 44.78
CA MET G 142 -2.37 -15.74 43.36
C MET G 142 -1.42 -14.62 42.97
N ILE G 143 -0.23 -14.99 42.49
CA ILE G 143 0.79 -14.03 42.10
C ILE G 143 1.27 -14.41 40.71
N PRO G 144 1.66 -13.47 39.85
CA PRO G 144 2.16 -13.84 38.53
C PRO G 144 3.54 -14.45 38.61
N ALA G 145 3.95 -15.06 37.50
CA ALA G 145 5.16 -15.86 37.44
C ALA G 145 6.38 -14.94 37.36
N LEU G 146 7.14 -14.87 38.46
CA LEU G 146 8.40 -14.13 38.50
C LEU G 146 9.48 -15.00 37.86
N ARG G 147 9.46 -15.04 36.54
CA ARG G 147 10.39 -15.84 35.75
C ARG G 147 11.25 -14.92 34.89
N GLY G 148 12.53 -15.27 34.78
CA GLY G 148 13.43 -14.45 33.99
C GLY G 148 13.65 -13.10 34.64
N ASP G 149 13.89 -12.10 33.80
CA ASP G 149 14.11 -10.72 34.23
C ASP G 149 12.99 -9.81 33.76
N GLU G 150 11.78 -10.37 33.66
CA GLU G 150 10.60 -9.59 33.30
C GLU G 150 9.42 -10.10 34.12
N ILE G 151 8.49 -9.20 34.40
CA ILE G 151 7.27 -9.55 35.11
C ILE G 151 6.10 -9.35 34.15
N PRO G 152 5.57 -10.40 33.53
CA PRO G 152 4.50 -10.19 32.53
C PRO G 152 3.14 -9.88 33.17
N ALA G 153 3.02 -8.67 33.71
CA ALA G 153 1.80 -8.24 34.38
C ALA G 153 1.65 -6.74 34.23
N GLN G 154 0.56 -6.31 33.59
CA GLN G 154 0.28 -4.90 33.36
C GLN G 154 -1.03 -4.54 34.07
N LEU G 155 -1.16 -3.25 34.39
CA LEU G 155 -2.30 -2.78 35.18
C LEU G 155 -2.58 -1.33 34.80
N GLU G 156 -3.63 -1.10 34.03
CA GLU G 156 -3.99 0.22 33.56
C GLU G 156 -5.29 0.69 34.22
N ALA G 157 -5.63 1.95 33.98
CA ALA G 157 -6.89 2.53 34.43
C ALA G 157 -7.77 2.84 33.22
N GLN G 158 -9.08 2.82 33.45
CA GLN G 158 -10.05 3.03 32.38
C GLN G 158 -11.13 3.99 32.85
N PHE G 159 -11.69 4.70 31.89
CA PHE G 159 -12.60 5.82 32.12
C PHE G 159 -13.99 5.46 31.64
N HIS G 160 -14.99 5.64 32.50
CA HIS G 160 -16.36 5.28 32.17
C HIS G 160 -17.32 6.36 32.65
N VAL G 161 -18.45 6.48 31.96
CA VAL G 161 -19.39 7.57 32.15
C VAL G 161 -20.81 7.03 32.15
N ARG G 162 -21.65 7.55 33.04
CA ARG G 162 -23.07 7.23 33.07
C ARG G 162 -23.83 8.34 32.34
N PHE G 163 -24.53 7.96 31.28
CA PHE G 163 -25.23 8.94 30.46
C PHE G 163 -26.49 9.42 31.17
N SER G 164 -26.90 10.65 30.85
CA SER G 164 -28.11 11.24 31.39
C SER G 164 -28.65 12.26 30.41
N ASN G 165 -29.95 12.55 30.55
CA ASN G 165 -30.61 13.53 29.70
C ASN G 165 -30.70 14.91 30.34
N LYS G 166 -30.37 15.04 31.62
CA LYS G 166 -30.38 16.31 32.33
C LYS G 166 -29.07 16.44 33.09
N PRO G 167 -27.97 16.69 32.39
CA PRO G 167 -26.66 16.71 33.05
C PRO G 167 -26.64 17.69 34.21
N VAL G 168 -26.00 17.26 35.30
CA VAL G 168 -25.87 18.09 36.49
C VAL G 168 -24.59 17.71 37.24
N ALA G 173 -21.34 10.83 37.52
CA ALA G 173 -21.46 10.68 36.08
C ALA G 173 -20.17 10.17 35.47
N ILE G 174 -19.10 10.15 36.25
CA ILE G 174 -17.79 9.68 35.82
C ILE G 174 -17.23 8.75 36.88
N PHE G 175 -16.62 7.65 36.45
CA PHE G 175 -15.89 6.77 37.35
C PHE G 175 -14.74 6.14 36.59
N ASN G 176 -13.78 5.61 37.34
CA ASN G 176 -12.60 4.98 36.78
C ASN G 176 -12.42 3.61 37.40
N VAL G 177 -11.93 2.67 36.59
CA VAL G 177 -11.80 1.28 36.99
C VAL G 177 -10.43 0.77 36.57
N GLU G 178 -9.75 0.07 37.48
CA GLU G 178 -8.43 -0.48 37.19
C GLU G 178 -8.55 -1.89 36.63
N VAL G 179 -7.96 -2.10 35.46
CA VAL G 179 -8.03 -3.36 34.74
C VAL G 179 -6.63 -3.90 34.54
N SER G 180 -6.44 -5.19 34.82
CA SER G 180 -5.13 -5.80 34.87
C SER G 180 -5.02 -6.97 33.90
N SER G 181 -3.81 -7.51 33.82
CA SER G 181 -3.51 -8.69 33.02
C SER G 181 -2.20 -9.26 33.53
N ALA G 182 -2.08 -10.59 33.49
CA ALA G 182 -0.86 -11.24 33.96
C ALA G 182 -0.95 -12.74 33.68
N LEU G 183 0.13 -13.43 34.02
CA LEU G 183 0.21 -14.90 33.96
C LEU G 183 0.22 -15.40 35.39
N TYR G 184 -0.96 -15.79 35.88
CA TYR G 184 -1.14 -16.11 37.29
C TYR G 184 -0.78 -17.56 37.59
N THR G 185 -0.39 -17.80 38.84
CA THR G 185 -0.04 -19.13 39.33
C THR G 185 -0.58 -19.31 40.73
N PHE G 186 -0.99 -20.53 41.07
CA PHE G 186 -1.44 -20.78 42.43
C PHE G 186 -1.37 -22.27 42.74
N SER G 187 -1.27 -22.56 44.04
CA SER G 187 -1.10 -23.92 44.54
C SER G 187 -2.12 -24.18 45.64
N PHE G 188 -2.60 -25.42 45.70
CA PHE G 188 -3.66 -25.80 46.63
C PHE G 188 -3.35 -27.14 47.29
N GLU G 189 -3.93 -27.34 48.47
CA GLU G 189 -3.80 -28.59 49.22
C GLU G 189 -5.19 -29.01 49.73
N LEU G 190 -5.43 -30.31 49.74
CA LEU G 190 -6.72 -30.83 50.19
C LEU G 190 -6.50 -32.24 50.73
N ASP G 191 -6.59 -32.40 52.05
CA ASP G 191 -6.39 -33.69 52.70
C ASP G 191 -7.75 -34.35 52.87
N GLU G 192 -8.06 -35.31 52.01
CA GLU G 192 -9.32 -36.04 52.07
C GLU G 192 -9.33 -37.13 53.13
N ASP G 193 -8.21 -37.37 53.80
CA ASP G 193 -8.13 -38.41 54.82
C ASP G 193 -8.65 -37.96 56.16
N LEU G 194 -9.08 -36.70 56.30
CA LEU G 194 -9.63 -36.20 57.54
C LEU G 194 -11.06 -35.70 57.40
N ILE G 195 -11.67 -35.83 56.22
CA ILE G 195 -13.06 -35.46 56.05
C ILE G 195 -13.94 -36.37 56.88
N ALA G 196 -14.98 -35.80 57.48
CA ALA G 196 -15.93 -36.58 58.27
C ALA G 196 -15.24 -37.33 59.41
N VAL G 197 -14.29 -36.67 60.06
CA VAL G 197 -13.55 -37.27 61.16
C VAL G 197 -13.46 -36.26 62.31
N PRO G 198 -14.03 -36.56 63.48
CA PRO G 198 -13.90 -35.63 64.61
C PRO G 198 -12.44 -35.27 64.85
N SER G 199 -12.23 -34.12 65.47
CA SER G 199 -10.90 -33.52 65.63
C SER G 199 -10.62 -33.19 67.08
N THR G 200 -10.89 -34.13 67.97
CA THR G 200 -10.62 -33.93 69.39
C THR G 200 -10.38 -35.27 70.06
N PHE G 201 -9.70 -35.23 71.20
CA PHE G 201 -9.43 -36.43 71.98
C PHE G 201 -10.50 -36.61 73.05
N GLY G 202 -11.01 -37.82 73.16
CA GLY G 202 -12.02 -38.13 74.15
C GLY G 202 -12.75 -39.40 73.79
N GLU G 203 -13.60 -39.82 74.73
CA GLU G 203 -14.41 -41.02 74.50
C GLU G 203 -15.42 -40.77 73.39
N LYS G 204 -15.70 -41.80 72.60
CA LYS G 204 -16.63 -41.66 71.50
C LYS G 204 -18.02 -41.32 72.02
N VAL G 205 -18.78 -40.61 71.18
CA VAL G 205 -20.11 -40.14 71.53
C VAL G 205 -21.09 -40.58 70.44
N LYS G 206 -22.35 -40.71 70.82
CA LYS G 206 -23.37 -41.18 69.90
C LYS G 206 -23.43 -40.29 68.66
N GLY G 207 -23.59 -40.92 67.50
CA GLY G 207 -23.74 -40.23 66.23
C GLY G 207 -22.62 -40.47 65.25
N GLU G 208 -21.44 -40.91 65.70
CA GLU G 208 -20.34 -41.13 64.78
C GLU G 208 -20.69 -42.16 63.72
N GLU G 209 -21.66 -43.03 63.98
CA GLU G 209 -22.07 -44.01 62.97
C GLU G 209 -22.63 -43.31 61.73
N GLU G 210 -23.44 -42.27 61.94
CA GLU G 210 -23.93 -41.50 60.79
C GLU G 210 -22.79 -40.86 60.03
N LEU G 211 -21.80 -40.31 60.75
CA LEU G 211 -20.65 -39.73 60.08
C LEU G 211 -19.92 -40.76 59.23
N GLU G 212 -19.71 -41.95 59.77
CA GLU G 212 -19.06 -43.00 59.00
C GLU G 212 -19.90 -43.40 57.79
N ARG G 213 -21.23 -43.42 57.95
CA ARG G 213 -22.09 -43.72 56.81
C ARG G 213 -21.96 -42.69 55.71
N GLN G 214 -21.87 -41.41 56.07
CA GLN G 214 -21.87 -40.32 55.10
C GLN G 214 -20.48 -39.93 54.63
N LYS G 215 -19.42 -40.54 55.18
CA LYS G 215 -18.06 -40.17 54.82
C LYS G 215 -17.84 -40.24 53.32
N ALA G 216 -18.28 -41.33 52.68
CA ALA G 216 -18.00 -41.51 51.26
C ALA G 216 -18.60 -40.38 50.44
N LYS G 217 -19.88 -40.06 50.68
CA LYS G 217 -20.52 -38.99 49.95
C LYS G 217 -19.84 -37.65 50.22
N ARG G 218 -19.49 -37.39 51.48
CA ARG G 218 -18.87 -36.11 51.80
C ARG G 218 -17.54 -35.96 51.07
N VAL G 219 -16.73 -37.01 51.05
CA VAL G 219 -15.44 -36.93 50.36
C VAL G 219 -15.65 -36.76 48.86
N LYS G 220 -16.60 -37.50 48.28
CA LYS G 220 -16.84 -37.37 46.85
C LYS G 220 -17.26 -35.96 46.49
N SER G 221 -18.14 -35.35 47.30
CA SER G 221 -18.55 -33.98 47.05
C SER G 221 -17.38 -33.01 47.20
N ALA G 222 -16.56 -33.21 48.22
CA ALA G 222 -15.42 -32.33 48.42
C ALA G 222 -14.49 -32.37 47.22
N ILE G 223 -14.26 -33.56 46.66
CA ILE G 223 -13.40 -33.66 45.48
C ILE G 223 -14.07 -33.04 44.26
N LYS G 224 -15.38 -33.26 44.11
CA LYS G 224 -16.09 -32.68 42.97
C LYS G 224 -16.08 -31.16 43.01
N ALA G 225 -16.01 -30.56 44.20
CA ALA G 225 -16.09 -29.10 44.31
C ALA G 225 -14.88 -28.39 43.72
N LEU G 226 -13.75 -29.07 43.56
CA LEU G 226 -12.55 -28.43 43.02
C LEU G 226 -12.65 -28.16 41.52
N TYR G 227 -13.60 -28.80 40.84
CA TYR G 227 -13.76 -28.58 39.41
C TYR G 227 -14.09 -27.12 39.12
N SER G 228 -14.92 -26.51 39.97
CA SER G 228 -15.24 -25.10 39.76
C SER G 228 -13.99 -24.24 39.85
N LEU G 229 -13.22 -24.39 40.93
CA LEU G 229 -12.01 -23.59 41.09
C LEU G 229 -11.08 -23.78 39.90
N LEU G 230 -10.79 -25.03 39.54
CA LEU G 230 -9.90 -25.26 38.42
C LEU G 230 -10.49 -24.83 37.09
N SER G 231 -11.79 -24.55 37.05
CA SER G 231 -12.43 -24.09 35.82
C SER G 231 -12.50 -22.57 35.72
N GLY G 232 -12.22 -21.84 36.80
CA GLY G 232 -12.16 -20.40 36.73
C GLY G 232 -13.46 -19.70 37.05
N ASN G 233 -14.03 -19.97 38.22
CA ASN G 233 -15.31 -19.42 38.64
C ASN G 233 -15.19 -18.72 39.99
N PHE G 234 -14.18 -17.86 40.13
CA PHE G 234 -13.94 -17.13 41.37
C PHE G 234 -13.94 -15.63 41.09
N GLY G 235 -13.70 -14.85 42.13
CA GLY G 235 -13.54 -13.42 42.00
C GLY G 235 -14.85 -12.67 41.93
N GLY G 236 -14.73 -11.35 41.74
CA GLY G 236 -15.86 -10.46 41.65
C GLY G 236 -15.87 -9.68 40.34
N LYS G 237 -16.84 -8.78 40.23
CA LYS G 237 -17.00 -7.94 39.05
C LYS G 237 -17.06 -8.80 37.78
N ARG G 238 -17.69 -9.95 37.88
CA ARG G 238 -17.79 -10.87 36.75
C ARG G 238 -18.95 -10.54 35.83
N SER G 239 -19.77 -9.55 36.15
CA SER G 239 -20.93 -9.25 35.33
C SER G 239 -20.56 -8.42 34.11
N ARG G 240 -19.83 -7.32 34.33
CA ARG G 240 -19.45 -6.40 33.26
C ARG G 240 -17.98 -6.54 32.87
N PHE G 241 -17.23 -7.42 33.51
CA PHE G 241 -15.80 -7.62 33.23
C PHE G 241 -15.50 -9.11 33.13
N LEU G 242 -16.28 -9.84 32.36
CA LEU G 242 -16.07 -11.28 32.22
C LEU G 242 -14.66 -11.54 31.71
N PRO G 243 -13.83 -12.27 32.45
CA PRO G 243 -12.43 -12.46 32.03
C PRO G 243 -12.31 -13.54 30.97
N SER G 244 -11.09 -13.72 30.47
CA SER G 244 -10.77 -14.72 29.46
C SER G 244 -9.57 -15.52 29.95
N MET G 245 -9.85 -16.58 30.72
CA MET G 245 -8.80 -17.42 31.28
C MET G 245 -8.49 -18.58 30.35
N LYS G 246 -7.31 -19.16 30.54
CA LYS G 246 -6.91 -20.37 29.84
C LYS G 246 -5.88 -21.09 30.69
N LEU G 247 -5.82 -22.41 30.53
CA LEU G 247 -4.96 -23.26 31.34
C LEU G 247 -3.71 -23.63 30.55
N MET G 248 -2.55 -23.51 31.21
CA MET G 248 -1.26 -23.77 30.58
C MET G 248 -0.58 -25.00 31.16
N SER G 249 -0.36 -25.03 32.48
CA SER G 249 0.35 -26.12 33.12
C SER G 249 -0.29 -26.46 34.46
N LEU G 250 -0.30 -27.75 34.78
CA LEU G 250 -0.93 -28.24 35.99
C LEU G 250 -0.20 -29.49 36.46
N VAL G 251 0.09 -29.55 37.76
CA VAL G 251 0.67 -30.74 38.38
C VAL G 251 -0.18 -31.08 39.59
N VAL G 252 -0.68 -32.31 39.64
CA VAL G 252 -1.54 -32.77 40.72
C VAL G 252 -0.97 -34.06 41.28
N THR G 253 -0.66 -34.06 42.58
CA THR G 253 0.01 -35.18 43.23
C THR G 253 -0.88 -35.73 44.35
N LYS G 254 -1.11 -37.04 44.32
CA LYS G 254 -1.81 -37.75 45.37
C LYS G 254 -0.86 -38.70 46.08
N THR G 255 -0.89 -38.70 47.41
CA THR G 255 0.11 -39.43 48.19
C THR G 255 -0.55 -39.94 49.46
N ASP G 256 0.28 -40.34 50.42
CA ASP G 256 -0.17 -40.84 51.72
C ASP G 256 0.54 -40.11 52.85
N PHE G 257 1.08 -38.93 52.56
CA PHE G 257 1.93 -38.23 53.51
C PHE G 257 2.11 -36.79 53.07
N PRO G 258 2.63 -35.91 53.93
CA PRO G 258 2.76 -34.50 53.54
C PRO G 258 3.62 -34.34 52.29
N PHE G 259 3.19 -33.45 51.40
CA PHE G 259 3.90 -33.20 50.16
C PHE G 259 3.28 -32.01 49.46
N MET G 260 4.12 -31.25 48.75
CA MET G 260 3.67 -30.08 48.01
C MET G 260 4.62 -29.78 46.85
N PRO G 261 4.16 -29.87 45.61
CA PRO G 261 5.06 -29.64 44.48
C PRO G 261 5.67 -28.25 44.52
N GLU G 262 6.64 -28.04 43.64
CA GLU G 262 7.34 -26.76 43.61
C GLU G 262 6.41 -25.67 43.11
N PRO G 263 6.61 -24.43 43.55
CA PRO G 263 5.84 -23.32 42.98
C PRO G 263 6.10 -23.20 41.49
N ALA G 264 5.05 -22.88 40.74
CA ALA G 264 5.15 -22.82 39.29
C ALA G 264 5.69 -21.47 38.81
N HIS G 265 6.81 -21.05 39.37
CA HIS G 265 7.49 -19.83 38.94
C HIS G 265 8.54 -20.13 37.88
N ASP G 266 9.50 -20.99 38.20
CA ASP G 266 10.51 -21.37 37.22
C ASP G 266 9.87 -22.11 36.05
N ASP G 267 10.51 -22.00 34.89
CA ASP G 267 9.97 -22.62 33.69
C ASP G 267 10.07 -24.14 33.71
N ASP G 268 10.77 -24.71 34.69
CA ASP G 268 10.88 -26.17 34.82
C ASP G 268 10.67 -26.51 36.30
N TYR G 269 9.41 -26.82 36.65
CA TYR G 269 9.06 -27.23 37.99
C TYR G 269 8.45 -28.63 38.04
N ILE G 270 8.01 -29.17 36.91
CA ILE G 270 7.46 -30.53 36.89
C ILE G 270 8.56 -31.54 37.21
N LYS G 271 9.71 -31.40 36.55
CA LYS G 271 10.81 -32.33 36.77
C LYS G 271 11.29 -32.27 38.22
N THR G 272 11.44 -31.06 38.75
CA THR G 272 11.91 -30.90 40.12
C THR G 272 10.95 -31.54 41.11
N THR G 273 9.65 -31.30 40.93
CA THR G 273 8.69 -31.88 41.87
C THR G 273 8.63 -33.40 41.73
N ILE G 274 8.81 -33.94 40.53
CA ILE G 274 8.83 -35.39 40.38
C ILE G 274 10.02 -35.97 41.14
N MET G 275 11.20 -35.37 40.99
CA MET G 275 12.37 -35.85 41.70
C MET G 275 12.17 -35.77 43.20
N ARG G 276 11.63 -34.64 43.68
CA ARG G 276 11.39 -34.49 45.11
C ARG G 276 10.35 -35.48 45.60
N LEU G 277 9.36 -35.80 44.77
CA LEU G 277 8.39 -36.84 45.14
C LEU G 277 9.08 -38.18 45.33
N GLY G 278 9.97 -38.54 44.40
CA GLY G 278 10.71 -39.77 44.56
C GLY G 278 11.50 -39.81 45.85
N LYS G 279 12.22 -38.71 46.14
CA LYS G 279 13.01 -38.67 47.36
C LYS G 279 12.13 -38.75 48.61
N ALA G 280 11.01 -38.03 48.61
CA ALA G 280 10.12 -38.04 49.76
C ALA G 280 9.55 -39.42 50.00
N LYS G 281 9.10 -40.09 48.93
CA LYS G 281 8.61 -41.46 49.09
C LYS G 281 9.70 -42.35 49.66
N GLY G 282 10.92 -42.22 49.15
CA GLY G 282 12.00 -43.04 49.66
C GLY G 282 12.23 -42.83 51.15
N VAL G 283 12.20 -41.57 51.58
CA VAL G 283 12.56 -41.27 52.97
C VAL G 283 11.42 -41.50 53.95
N LEU G 284 10.16 -41.45 53.50
CA LEU G 284 9.02 -41.56 54.38
C LEU G 284 8.31 -42.91 54.28
N ASN G 285 8.91 -43.89 53.60
CA ASN G 285 8.33 -45.23 53.48
C ASN G 285 6.93 -45.16 52.88
N GLY G 286 6.75 -44.28 51.91
CA GLY G 286 5.44 -44.12 51.31
C GLY G 286 5.01 -45.34 50.52
N ASN G 287 3.69 -45.50 50.41
CA ASN G 287 3.09 -46.60 49.67
C ASN G 287 2.44 -46.15 48.38
N LEU G 288 1.61 -45.10 48.43
CA LEU G 288 0.93 -44.57 47.26
C LEU G 288 1.54 -43.22 46.91
N ALA G 289 1.87 -43.05 45.63
CA ALA G 289 2.38 -41.77 45.14
C ALA G 289 2.12 -41.72 43.64
N LYS G 290 1.16 -40.88 43.23
CA LYS G 290 0.84 -40.71 41.82
C LYS G 290 0.82 -39.23 41.49
N ALA G 291 1.15 -38.92 40.24
CA ALA G 291 1.19 -37.55 39.77
C ALA G 291 0.61 -37.47 38.37
N TYR G 292 -0.23 -36.47 38.13
CA TYR G 292 -0.79 -36.19 36.83
C TYR G 292 -0.36 -34.80 36.38
N VAL G 293 -0.17 -34.63 35.08
CA VAL G 293 0.38 -33.40 34.53
C VAL G 293 -0.38 -33.03 33.27
N ILE G 294 -0.71 -31.74 33.14
CA ILE G 294 -1.29 -31.18 31.93
C ILE G 294 -0.29 -30.15 31.41
N ASN G 295 0.16 -30.35 30.17
CA ASN G 295 1.22 -29.53 29.59
C ASN G 295 0.74 -29.00 28.25
N ASN G 296 0.51 -27.69 28.18
CA ASN G 296 0.12 -27.02 26.95
C ASN G 296 1.14 -26.00 26.47
N GLU G 297 2.10 -25.61 27.30
CA GLU G 297 3.15 -24.68 26.90
C GLU G 297 4.45 -25.38 26.50
N GLY G 298 4.44 -26.70 26.38
CA GLY G 298 5.58 -27.43 25.87
C GLY G 298 6.83 -27.29 26.71
N ILE G 299 6.71 -27.46 28.02
CA ILE G 299 7.85 -27.41 28.93
C ILE G 299 8.30 -28.84 29.24
N GLU G 300 9.50 -28.95 29.81
CA GLU G 300 10.05 -30.26 30.13
C GLU G 300 9.21 -30.95 31.20
N VAL G 301 9.03 -32.26 31.03
CA VAL G 301 8.21 -33.05 31.94
C VAL G 301 9.07 -34.10 32.62
N GLY G 302 9.66 -35.00 31.84
CA GLY G 302 10.39 -36.13 32.37
C GLY G 302 9.73 -37.45 32.00
N GLU G 303 9.84 -38.43 32.89
CA GLU G 303 9.22 -39.73 32.71
C GLU G 303 8.66 -40.21 34.04
N GLY G 304 7.70 -41.13 33.94
CA GLY G 304 7.00 -41.61 35.11
C GLY G 304 5.84 -40.71 35.46
N VAL G 305 5.03 -40.37 34.47
CA VAL G 305 3.94 -39.41 34.65
C VAL G 305 2.77 -39.84 33.77
N THR G 306 1.57 -39.48 34.20
CA THR G 306 0.36 -39.70 33.42
C THR G 306 -0.04 -38.39 32.75
N VAL G 307 -0.31 -38.45 31.45
CA VAL G 307 -0.63 -37.27 30.65
C VAL G 307 -2.11 -37.29 30.33
N LEU G 308 -2.85 -36.34 30.89
CA LEU G 308 -4.27 -36.20 30.65
C LEU G 308 -4.51 -35.16 29.56
N SER G 309 -5.78 -34.81 29.35
CA SER G 309 -6.16 -33.81 28.36
C SER G 309 -6.82 -32.57 28.97
N THR G 310 -7.78 -32.76 29.86
CA THR G 310 -8.52 -31.65 30.45
C THR G 310 -8.72 -31.92 31.93
N VAL G 311 -9.37 -30.98 32.63
CA VAL G 311 -9.61 -31.14 34.05
C VAL G 311 -10.67 -32.20 34.33
N GLU G 312 -11.58 -32.45 33.40
CA GLU G 312 -12.62 -33.45 33.63
C GLU G 312 -12.02 -34.82 33.88
N ASP G 313 -11.06 -35.22 33.03
CA ASP G 313 -10.41 -36.51 33.22
C ASP G 313 -9.63 -36.54 34.53
N LEU G 314 -9.00 -35.43 34.89
CA LEU G 314 -8.28 -35.37 36.16
C LEU G 314 -9.21 -35.64 37.32
N VAL G 315 -10.39 -34.99 37.31
CA VAL G 315 -11.33 -35.19 38.40
C VAL G 315 -11.87 -36.61 38.40
N VAL G 316 -12.13 -37.17 37.22
CA VAL G 316 -12.62 -38.55 37.14
C VAL G 316 -11.59 -39.51 37.74
N LYS G 317 -10.33 -39.34 37.37
CA LYS G 317 -9.29 -40.22 37.91
C LYS G 317 -9.11 -40.03 39.40
N LEU G 318 -9.21 -38.78 39.88
CA LEU G 318 -9.15 -38.56 41.32
C LEU G 318 -10.27 -39.28 42.03
N GLU G 319 -11.47 -39.25 41.46
CA GLU G 319 -12.61 -39.95 42.06
C GLU G 319 -12.39 -41.45 42.07
N GLU G 320 -11.88 -42.01 40.97
CA GLU G 320 -11.80 -43.46 40.85
C GLU G 320 -10.96 -44.07 41.96
N MET H 1 24.24 -34.02 71.60
CA MET H 1 23.46 -32.99 70.86
C MET H 1 23.44 -33.30 69.38
N ILE H 2 22.27 -33.17 68.76
CA ILE H 2 22.12 -33.37 67.33
C ILE H 2 21.49 -32.12 66.72
N TYR H 3 21.71 -31.94 65.43
CA TYR H 3 21.23 -30.77 64.72
C TYR H 3 20.75 -31.16 63.33
N SER H 4 19.82 -30.38 62.81
CA SER H 4 19.28 -30.57 61.48
C SER H 4 19.12 -29.22 60.79
N LYS H 5 19.26 -29.24 59.47
CA LYS H 5 19.12 -28.07 58.62
C LYS H 5 18.08 -28.36 57.56
N VAL H 6 17.20 -27.39 57.29
CA VAL H 6 16.16 -27.54 56.27
C VAL H 6 16.30 -26.42 55.25
N PHE H 7 15.85 -26.71 54.03
CA PHE H 7 15.84 -25.73 52.95
C PHE H 7 14.42 -25.59 52.45
N LEU H 8 13.72 -24.56 52.92
CA LEU H 8 12.31 -24.35 52.57
C LEU H 8 12.19 -23.40 51.40
N LYS H 9 11.33 -23.75 50.46
CA LYS H 9 11.03 -22.93 49.27
C LYS H 9 9.65 -22.32 49.47
N LEU H 10 9.61 -21.10 49.98
CA LEU H 10 8.33 -20.43 50.20
C LEU H 10 7.62 -20.20 48.89
N HIS H 11 6.28 -20.19 48.96
CA HIS H 11 5.46 -19.98 47.77
C HIS H 11 5.25 -18.49 47.50
N TRP H 12 4.74 -17.75 48.49
CA TRP H 12 4.68 -16.30 48.40
C TRP H 12 5.14 -15.58 49.66
N GLY H 13 5.15 -16.23 50.82
CA GLY H 13 5.61 -15.58 52.03
C GLY H 13 4.77 -15.92 53.25
N PHE H 14 5.36 -15.77 54.43
CA PHE H 14 4.69 -16.11 55.67
C PHE H 14 3.94 -14.89 56.21
N SER H 15 3.35 -15.05 57.39
CA SER H 15 2.62 -13.95 58.02
C SER H 15 2.39 -14.29 59.49
N VAL H 16 2.77 -13.39 60.38
CA VAL H 16 2.53 -13.53 61.81
C VAL H 16 2.18 -12.17 62.38
N VAL H 17 1.05 -12.07 63.08
CA VAL H 17 0.55 -10.81 63.61
C VAL H 17 0.95 -10.70 65.07
N LYS H 18 1.41 -9.52 65.47
CA LYS H 18 1.87 -9.32 66.83
C LYS H 18 0.70 -9.40 67.81
N PRO H 19 0.96 -9.76 69.06
CA PRO H 19 -0.09 -9.75 70.07
C PRO H 19 -0.41 -8.35 70.54
N LEU H 20 -1.60 -8.20 71.10
CA LEU H 20 -2.06 -6.91 71.61
C LEU H 20 -2.10 -5.87 70.49
N ALA H 24 -5.30 -2.06 63.89
CA ALA H 24 -3.85 -2.16 63.80
C ALA H 24 -3.41 -3.60 63.90
N LYS H 25 -2.91 -4.16 62.79
CA LYS H 25 -2.45 -5.55 62.73
C LYS H 25 -1.07 -5.59 62.07
N PRO H 26 -0.05 -5.04 62.74
CA PRO H 26 1.31 -5.17 62.24
C PRO H 26 1.83 -6.59 62.39
N GLY H 27 2.77 -6.96 61.53
CA GLY H 27 3.29 -8.30 61.50
C GLY H 27 4.72 -8.41 62.02
N PHE H 28 5.36 -9.54 61.79
CA PHE H 28 6.72 -9.78 62.21
C PHE H 28 7.64 -9.95 61.01
N TYR H 29 8.87 -9.47 61.13
CA TYR H 29 9.83 -9.59 60.03
C TYR H 29 10.18 -11.05 59.76
N LEU H 30 10.50 -11.80 60.81
CA LEU H 30 10.87 -13.20 60.69
C LEU H 30 10.01 -14.06 61.62
N PRO H 31 9.77 -15.32 61.27
CA PRO H 31 8.91 -16.17 62.10
C PRO H 31 9.52 -16.33 63.49
N PRO H 32 8.69 -16.39 64.53
CA PRO H 32 9.22 -16.57 65.89
C PRO H 32 9.64 -18.00 66.13
N PRO H 33 10.24 -18.29 67.30
CA PRO H 33 10.63 -19.68 67.57
C PRO H 33 9.44 -20.59 67.80
N THR H 34 8.39 -20.08 68.45
CA THR H 34 7.22 -20.92 68.72
C THR H 34 6.62 -21.45 67.42
N THR H 35 6.53 -20.61 66.40
CA THR H 35 6.00 -21.07 65.12
C THR H 35 6.88 -22.16 64.53
N LEU H 36 8.20 -22.03 64.66
CA LEU H 36 9.09 -23.06 64.14
C LEU H 36 8.86 -24.38 64.87
N ILE H 37 8.75 -24.34 66.19
CA ILE H 37 8.54 -25.58 66.95
C ILE H 37 7.21 -26.21 66.56
N GLY H 38 6.17 -25.38 66.43
CA GLY H 38 4.87 -25.92 66.03
C GLY H 38 4.90 -26.53 64.64
N ALA H 39 5.57 -25.87 63.70
CA ALA H 39 5.67 -26.42 62.35
C ALA H 39 6.42 -27.75 62.37
N LEU H 40 7.45 -27.86 63.21
CA LEU H 40 8.13 -29.14 63.37
C LEU H 40 7.17 -30.19 63.90
N SER H 41 6.40 -29.85 64.94
CA SER H 41 5.51 -30.83 65.56
C SER H 41 4.36 -31.24 64.67
N TYR H 42 3.99 -30.42 63.69
CA TYR H 42 2.82 -30.73 62.87
C TYR H 42 2.88 -32.13 62.27
N GLY H 43 4.07 -32.60 61.90
CA GLY H 43 4.17 -33.87 61.20
C GLY H 43 3.56 -35.02 61.96
N LYS H 44 3.75 -35.05 63.28
CA LYS H 44 3.31 -36.19 64.07
C LYS H 44 1.84 -36.07 64.48
N PHE H 45 1.32 -34.86 64.63
CA PHE H 45 -0.02 -34.62 65.14
C PHE H 45 -0.99 -34.21 64.03
N ARG H 46 -0.84 -34.79 62.84
CA ARG H 46 -1.68 -34.41 61.69
C ARG H 46 -3.05 -35.03 61.88
N GLY H 47 -3.99 -34.26 62.40
CA GLY H 47 -5.38 -34.71 62.49
C GLY H 47 -6.08 -34.41 63.80
N VAL H 48 -5.37 -33.81 64.75
CA VAL H 48 -5.94 -33.48 66.06
C VAL H 48 -5.55 -32.05 66.41
N ASP H 49 -6.53 -31.29 66.90
CA ASP H 49 -6.33 -29.89 67.26
C ASP H 49 -6.50 -29.62 68.74
N ASN H 50 -6.72 -30.65 69.56
CA ASN H 50 -6.90 -30.44 70.99
C ASN H 50 -6.47 -31.70 71.73
N ILE H 51 -5.53 -31.56 72.65
CA ILE H 51 -5.10 -32.64 73.52
C ILE H 51 -5.19 -32.16 74.97
N ASN H 52 -5.67 -33.03 75.85
CA ASN H 52 -5.86 -32.67 77.25
C ASN H 52 -4.48 -32.63 77.92
N LEU H 53 -4.07 -31.45 78.36
CA LEU H 53 -2.83 -31.31 79.11
C LEU H 53 -2.96 -31.73 80.55
N GLY H 54 -4.12 -32.25 80.97
CA GLY H 54 -4.39 -32.62 82.34
C GLY H 54 -5.16 -31.59 83.12
N ASN H 55 -5.15 -30.34 82.67
CA ASN H 55 -5.91 -29.28 83.33
C ASN H 55 -6.74 -28.49 82.33
N VAL H 56 -6.24 -28.35 81.11
CA VAL H 56 -6.91 -27.57 80.08
C VAL H 56 -6.34 -27.94 78.73
N TYR H 57 -7.11 -27.70 77.67
CA TYR H 57 -6.67 -27.96 76.31
C TYR H 57 -5.97 -26.70 75.79
N GLY H 58 -4.64 -26.77 75.62
CA GLY H 58 -3.91 -25.62 75.17
C GLY H 58 -3.44 -25.69 73.72
N SER H 59 -2.89 -26.83 73.32
CA SER H 59 -2.47 -27.05 71.94
C SER H 59 -1.89 -28.45 71.79
N PRO H 60 -1.92 -29.05 70.57
CA PRO H 60 -1.19 -30.31 70.33
C PRO H 60 0.27 -30.09 69.97
N ALA H 61 0.91 -29.15 70.68
CA ALA H 61 2.33 -28.89 70.44
C ALA H 61 3.10 -28.64 71.72
N TYR H 62 2.48 -28.76 72.89
CA TYR H 62 3.19 -28.55 74.14
C TYR H 62 4.23 -29.62 74.42
N ASN H 63 4.24 -30.71 73.65
CA ASN H 63 5.21 -31.77 73.87
C ASN H 63 6.61 -31.33 73.52
N PHE H 64 6.76 -30.53 72.46
CA PHE H 64 8.06 -30.15 71.93
C PHE H 64 8.56 -28.84 72.49
N ARG H 65 8.25 -28.52 73.74
CA ARG H 65 8.56 -27.23 74.33
C ARG H 65 10.00 -27.14 74.85
N ASN H 66 10.88 -28.06 74.47
CA ASN H 66 12.27 -28.05 74.92
CA ASN H 66 12.27 -28.05 74.93
C ASN H 66 13.21 -28.34 73.76
N ILE H 67 12.97 -27.71 72.62
CA ILE H 67 13.79 -27.86 71.42
C ILE H 67 14.25 -26.48 70.99
N MET H 68 15.52 -26.38 70.59
CA MET H 68 16.10 -25.12 70.15
C MET H 68 15.97 -25.00 68.64
N ALA H 69 15.69 -23.79 68.16
CA ALA H 69 15.53 -23.60 66.73
C ALA H 69 15.80 -22.14 66.36
N THR H 70 16.24 -21.95 65.12
CA THR H 70 16.44 -20.61 64.58
C THR H 70 16.29 -20.69 63.07
N ALA H 71 16.25 -19.52 62.42
CA ALA H 71 16.07 -19.48 60.98
C ALA H 71 16.64 -18.19 60.42
N ARG H 72 16.88 -18.20 59.11
CA ARG H 72 17.40 -17.05 58.41
C ARG H 72 16.92 -17.06 56.96
N LEU H 73 17.02 -15.89 56.33
CA LEU H 73 16.59 -15.69 54.95
C LEU H 73 17.79 -15.76 54.02
N GLU H 74 17.55 -16.21 52.78
CA GLU H 74 18.58 -16.33 51.77
C GLU H 74 18.26 -15.46 50.54
N SER H 75 17.52 -14.38 50.73
CA SER H 75 17.16 -13.49 49.63
C SER H 75 16.70 -12.16 50.23
N GLU H 76 16.13 -11.31 49.39
CA GLU H 76 15.64 -10.00 49.79
C GLU H 76 14.12 -9.99 49.76
N GLY H 77 13.51 -9.52 50.85
CA GLY H 77 12.07 -9.50 50.96
C GLY H 77 11.57 -8.10 51.26
N VAL H 78 10.27 -7.92 51.05
CA VAL H 78 9.62 -6.62 51.21
C VAL H 78 8.50 -6.75 52.23
N TYR H 79 8.53 -5.91 53.25
CA TYR H 79 7.50 -5.93 54.29
C TYR H 79 6.39 -4.95 53.93
N THR H 80 5.14 -5.41 54.04
CA THR H 80 3.98 -4.65 53.64
C THR H 80 2.96 -4.61 54.76
N GLU H 81 2.19 -3.54 54.82
CA GLU H 81 1.09 -3.37 55.78
C GLU H 81 -0.16 -3.02 54.99
N ASP H 82 -0.92 -4.04 54.62
CA ASP H 82 -2.12 -3.84 53.81
C ASP H 82 -3.08 -5.01 53.97
N THR H 109 -2.32 -5.89 59.01
CA THR H 109 -2.07 -7.20 58.43
C THR H 109 -0.66 -7.26 57.86
N GLY H 110 0.34 -7.20 58.74
CA GLY H 110 1.72 -7.24 58.32
C GLY H 110 2.08 -8.49 57.55
N LYS H 111 2.72 -8.32 56.40
CA LYS H 111 3.16 -9.44 55.58
C LYS H 111 4.60 -9.21 55.16
N VAL H 112 5.27 -10.30 54.80
CA VAL H 112 6.65 -10.25 54.31
C VAL H 112 6.65 -10.96 52.96
N TYR H 113 6.45 -10.22 51.89
CA TYR H 113 6.45 -10.80 50.56
C TYR H 113 7.86 -11.17 50.14
N ILE H 114 8.04 -12.42 49.73
CA ILE H 114 9.32 -12.94 49.27
C ILE H 114 9.03 -14.15 48.38
N PRO H 115 8.27 -13.98 47.30
CA PRO H 115 7.90 -15.14 46.49
C PRO H 115 9.11 -15.85 45.92
N ASN H 116 9.04 -17.18 45.89
CA ASN H 116 10.07 -18.06 45.35
C ASN H 116 11.38 -17.98 46.12
N GLY H 117 11.40 -17.34 47.29
CA GLY H 117 12.62 -17.20 48.04
C GLY H 117 13.09 -18.51 48.65
N ARG H 118 13.92 -18.42 49.68
CA ARG H 118 14.43 -19.61 50.34
C ARG H 118 14.69 -19.29 51.81
N LEU H 119 14.21 -20.15 52.69
CA LEU H 119 14.41 -20.03 54.12
C LEU H 119 15.27 -21.18 54.62
N VAL H 120 16.21 -20.88 55.51
CA VAL H 120 17.09 -21.89 56.08
C VAL H 120 16.83 -21.94 57.58
N VAL H 121 16.35 -23.08 58.07
CA VAL H 121 16.00 -23.26 59.47
C VAL H 121 16.91 -24.33 60.06
N VAL H 122 17.41 -24.06 61.26
CA VAL H 122 18.30 -24.96 61.99
C VAL H 122 17.62 -25.37 63.28
N TYR H 123 17.51 -26.67 63.49
CA TYR H 123 16.98 -27.26 64.73
C TYR H 123 18.14 -27.86 65.50
N VAL H 124 18.25 -27.52 66.78
CA VAL H 124 19.21 -28.13 67.70
C VAL H 124 18.41 -28.81 68.79
N THR H 125 18.63 -30.12 68.96
CA THR H 125 17.84 -30.90 69.89
C THR H 125 18.68 -32.06 70.42
N ASP H 126 18.27 -32.59 71.57
CA ASP H 126 18.91 -33.75 72.17
C ASP H 126 17.88 -34.69 72.78
N SER H 127 16.68 -34.75 72.22
CA SER H 127 15.59 -35.55 72.77
C SER H 127 15.34 -36.82 71.97
N ILE H 128 15.10 -36.70 70.67
CA ILE H 128 14.74 -37.82 69.83
C ILE H 128 15.96 -38.26 69.02
N SER H 129 15.87 -39.46 68.45
CA SER H 129 16.95 -39.99 67.64
C SER H 129 17.01 -39.29 66.29
N LYS H 130 18.09 -39.55 65.56
CA LYS H 130 18.31 -38.86 64.30
C LYS H 130 17.20 -39.17 63.29
N GLU H 131 16.76 -40.43 63.23
CA GLU H 131 15.75 -40.79 62.26
C GLU H 131 14.44 -40.04 62.52
N GLU H 132 14.06 -39.89 63.79
CA GLU H 132 12.84 -39.17 64.11
C GLU H 132 12.88 -37.75 63.57
N LEU H 133 13.95 -37.02 63.86
CA LEU H 133 14.06 -35.64 63.40
C LEU H 133 14.14 -35.58 61.88
N GLU H 134 14.85 -36.52 61.26
CA GLU H 134 14.95 -36.51 59.80
C GLU H 134 13.60 -36.70 59.17
N LYS H 135 12.80 -37.64 59.68
CA LYS H 135 11.47 -37.87 59.10
C LYS H 135 10.55 -36.70 59.37
N LEU H 136 10.62 -36.11 60.57
CA LEU H 136 9.79 -34.95 60.86
C LEU H 136 10.12 -33.78 59.94
N CYS H 137 11.41 -33.55 59.69
CA CYS H 137 11.83 -32.42 58.87
C CYS H 137 11.33 -32.52 57.44
N TRP H 138 10.90 -33.69 56.99
CA TRP H 138 10.30 -33.87 55.68
C TRP H 138 8.78 -33.71 55.72
N SER H 139 8.23 -33.27 56.85
CA SER H 139 6.80 -33.23 57.08
C SER H 139 6.36 -31.84 57.52
N ILE H 140 6.84 -30.82 56.80
CA ILE H 140 6.44 -29.43 57.02
C ILE H 140 5.83 -28.91 55.73
N THR H 141 4.66 -28.28 55.84
CA THR H 141 3.98 -27.74 54.66
C THR H 141 3.35 -26.37 54.89
N ARG H 142 3.65 -25.70 56.00
CA ARG H 142 3.20 -24.33 56.18
C ARG H 142 3.85 -23.75 57.43
N ILE H 143 4.20 -22.47 57.36
CA ILE H 143 4.72 -21.72 58.50
C ILE H 143 3.89 -20.45 58.65
N GLY H 144 3.19 -20.33 59.78
CA GLY H 144 2.34 -19.17 60.00
C GLY H 144 0.86 -19.52 59.94
N CYS H 145 0.16 -18.96 58.97
CA CYS H 145 -1.27 -19.20 58.79
C CYS H 145 -1.49 -20.21 57.68
N LYS H 146 -2.75 -20.41 57.31
CA LYS H 146 -3.08 -21.42 56.30
C LYS H 146 -2.42 -21.10 54.96
N GLU H 147 -2.46 -19.83 54.55
CA GLU H 147 -2.02 -19.47 53.20
C GLU H 147 -0.51 -19.61 53.01
N CYS H 148 0.25 -19.70 54.09
CA CYS H 148 1.71 -19.67 54.01
C CYS H 148 2.28 -21.05 53.63
N LEU H 149 1.86 -21.52 52.46
CA LEU H 149 2.38 -22.79 51.96
C LEU H 149 3.88 -22.67 51.71
N ALA H 150 4.60 -23.74 52.02
CA ALA H 150 6.06 -23.74 51.85
C ALA H 150 6.52 -25.17 51.57
N SER H 151 7.14 -25.38 50.42
CA SER H 151 7.70 -26.68 50.09
C SER H 151 9.04 -26.87 50.82
N VAL H 152 9.49 -28.12 50.85
CA VAL H 152 10.77 -28.48 51.45
C VAL H 152 11.66 -29.06 50.36
N GLU H 153 12.85 -28.49 50.22
CA GLU H 153 13.77 -28.85 49.13
C GLU H 153 14.81 -29.87 49.54
N ASN H 154 15.37 -29.76 50.75
CA ASN H 154 16.36 -30.72 51.20
C ASN H 154 16.56 -30.56 52.70
N VAL H 155 17.12 -31.61 53.31
CA VAL H 155 17.40 -31.63 54.74
C VAL H 155 18.76 -32.27 54.97
N GLU H 156 19.41 -31.85 56.05
CA GLU H 156 20.69 -32.42 56.46
C GLU H 156 20.66 -32.66 57.96
N VAL H 157 21.35 -33.70 58.40
CA VAL H 157 21.40 -34.09 59.81
C VAL H 157 22.84 -34.29 60.22
N GLY H 158 23.16 -33.91 61.45
CA GLY H 158 24.53 -34.11 61.93
C GLY H 158 24.63 -33.87 63.41
N GLU H 159 25.86 -33.89 63.89
CA GLU H 159 26.18 -33.60 65.27
C GLU H 159 26.72 -32.18 65.40
N ALA H 160 26.71 -31.67 66.63
CA ALA H 160 27.13 -30.31 66.92
C ALA H 160 28.22 -30.30 67.99
N LYS H 161 29.16 -29.38 67.83
CA LYS H 161 30.23 -29.17 68.80
C LYS H 161 30.03 -27.81 69.48
N LYS H 162 30.08 -27.82 70.80
CA LYS H 162 29.82 -26.62 71.61
C LYS H 162 31.13 -25.87 71.86
N VAL H 163 31.06 -24.55 71.77
CA VAL H 163 32.22 -23.69 72.01
C VAL H 163 31.74 -22.39 72.65
N SER H 164 32.69 -21.55 73.05
CA SER H 164 32.35 -20.27 73.68
C SER H 164 33.22 -19.13 73.17
N GLY H 165 33.89 -19.28 72.03
CA GLY H 165 34.72 -18.23 71.49
C GLY H 165 33.98 -17.28 70.58
N ARG H 166 34.70 -16.24 70.14
CA ARG H 166 34.14 -15.28 69.21
C ARG H 166 33.79 -15.98 67.90
N VAL H 167 32.59 -15.70 67.39
CA VAL H 167 32.10 -16.33 66.17
C VAL H 167 31.35 -15.29 65.34
N LYS H 168 30.97 -15.69 64.14
CA LYS H 168 30.15 -14.88 63.24
C LYS H 168 28.89 -15.65 62.91
N THR H 169 27.74 -14.98 63.03
CA THR H 169 26.46 -15.64 62.93
C THR H 169 25.49 -14.79 62.11
N ARG H 170 24.47 -15.44 61.58
CA ARG H 170 23.36 -14.80 60.89
C ARG H 170 22.01 -15.06 61.55
N TYR H 171 21.84 -16.22 62.17
CA TYR H 171 20.58 -16.52 62.84
C TYR H 171 20.42 -15.65 64.08
N TYR H 172 19.20 -15.17 64.29
CA TYR H 172 18.95 -14.25 65.39
C TYR H 172 19.16 -14.94 66.73
N PHE H 173 19.40 -14.11 67.75
CA PHE H 173 19.78 -14.60 69.07
C PHE H 173 19.00 -13.80 70.12
N ARG H 174 19.31 -14.05 71.39
CA ARG H 174 18.61 -13.40 72.48
C ARG H 174 19.11 -11.97 72.66
N ASP H 175 18.33 -11.18 73.40
CA ASP H 175 18.74 -9.81 73.72
C ASP H 175 19.92 -9.80 74.68
N THR H 176 20.03 -10.81 75.55
CA THR H 176 21.09 -10.85 76.55
C THR H 176 22.47 -11.06 75.95
N VAL H 177 22.56 -11.46 74.68
CA VAL H 177 23.86 -11.70 74.06
C VAL H 177 24.57 -10.38 73.81
N LYS H 178 25.83 -10.32 74.21
CA LYS H 178 26.64 -9.14 73.97
C LYS H 178 27.06 -9.05 72.50
N VAL H 179 27.56 -7.88 72.12
CA VAL H 179 27.96 -7.61 70.75
C VAL H 179 29.38 -7.07 70.75
N VAL H 180 30.18 -7.50 69.77
CA VAL H 180 31.55 -7.06 69.63
C VAL H 180 31.74 -6.20 68.37
N GLY H 181 31.02 -6.52 67.31
CA GLY H 181 31.13 -5.79 66.06
C GLY H 181 30.37 -4.47 66.09
N ARG H 182 30.46 -3.76 64.97
CA ARG H 182 29.81 -2.46 64.86
C ARG H 182 28.30 -2.61 65.01
N LYS H 183 27.70 -1.71 65.78
CA LYS H 183 26.25 -1.71 66.00
C LYS H 183 25.59 -1.06 64.78
N GLU H 184 25.18 -1.88 63.82
CA GLU H 184 24.66 -1.35 62.56
C GLU H 184 23.28 -1.88 62.20
N PHE H 185 23.00 -3.16 62.46
CA PHE H 185 21.79 -3.82 61.98
C PHE H 185 21.13 -4.61 63.10
N LEU H 186 21.10 -4.05 64.30
CA LEU H 186 20.51 -4.69 65.46
C LEU H 186 19.08 -4.17 65.61
N GLU H 187 18.10 -5.02 65.30
CA GLU H 187 16.69 -4.67 65.45
C GLU H 187 16.13 -5.39 66.67
N TYR H 188 15.49 -4.63 67.55
CA TYR H 188 14.97 -5.16 68.81
C TYR H 188 13.51 -5.54 68.63
N VAL H 189 13.20 -6.82 68.86
CA VAL H 189 11.83 -7.30 68.80
C VAL H 189 11.51 -8.04 70.09
N THR H 190 10.27 -8.51 70.22
CA THR H 190 9.84 -9.25 71.40
C THR H 190 9.15 -10.54 70.98
N PHE H 191 9.29 -11.55 71.82
CA PHE H 191 8.70 -12.86 71.59
C PHE H 191 8.07 -13.35 72.88
N TRP H 192 7.36 -14.47 72.79
CA TRP H 192 6.67 -15.06 73.93
C TRP H 192 7.23 -16.43 74.23
N GLU H 193 7.27 -16.77 75.52
CA GLU H 193 7.77 -18.07 75.94
C GLU H 193 6.77 -19.16 75.59
N GLU H 194 7.10 -20.40 75.97
CA GLU H 194 6.22 -21.52 75.69
C GLU H 194 4.90 -21.42 76.43
N ASN H 195 4.83 -20.61 77.48
CA ASN H 195 3.63 -20.51 78.29
C ASN H 195 2.43 -20.08 77.45
N GLY H 196 2.66 -19.44 76.32
CA GLY H 196 1.58 -19.01 75.44
C GLY H 196 0.92 -20.11 74.64
N TYR H 197 1.36 -21.36 74.80
CA TYR H 197 0.73 -22.46 74.08
C TYR H 197 -0.68 -22.75 74.58
N ILE H 198 -1.10 -22.17 75.70
CA ILE H 198 -2.42 -22.40 76.27
C ILE H 198 -3.29 -21.18 76.01
N TRP H 199 -4.57 -21.42 75.74
CA TRP H 199 -5.49 -20.34 75.44
C TRP H 199 -5.77 -19.53 76.70
N GLY H 200 -6.44 -18.38 76.51
CA GLY H 200 -6.81 -17.54 77.63
C GLY H 200 -5.62 -17.09 78.46
N LYS H 201 -4.44 -17.01 77.85
CA LYS H 201 -3.24 -16.63 78.58
C LYS H 201 -2.29 -15.92 77.62
N GLU H 202 -1.37 -15.15 78.20
CA GLU H 202 -0.39 -14.39 77.45
C GLU H 202 1.01 -14.83 77.87
N GLY H 203 1.82 -15.19 76.89
CA GLY H 203 3.18 -15.59 77.19
C GLY H 203 4.03 -14.43 77.66
N SER H 204 5.04 -14.74 78.46
CA SER H 204 5.91 -13.71 79.00
C SER H 204 6.68 -13.03 77.87
N PRO H 205 6.93 -11.73 77.96
CA PRO H 205 7.66 -11.04 76.89
C PRO H 205 9.17 -11.20 77.07
N VAL H 206 9.86 -11.53 75.98
CA VAL H 206 11.30 -11.72 75.99
C VAL H 206 11.89 -10.91 74.84
N ARG H 207 12.89 -10.10 75.13
CA ARG H 207 13.56 -9.31 74.11
C ARG H 207 14.44 -10.19 73.24
N TYR H 208 14.53 -9.82 71.96
CA TYR H 208 15.35 -10.55 71.01
C TYR H 208 15.96 -9.56 70.03
N ILE H 209 17.10 -9.95 69.45
CA ILE H 209 17.85 -9.10 68.54
C ILE H 209 17.92 -9.79 67.18
N LEU H 210 17.68 -9.04 66.11
CA LEU H 210 17.74 -9.53 64.76
C LEU H 210 18.81 -8.79 63.98
N PRO H 211 19.74 -9.49 63.30
CA PRO H 211 20.67 -8.84 62.35
C PRO H 211 20.06 -8.70 60.95
N ILE H 212 19.22 -7.68 60.79
CA ILE H 212 18.45 -7.50 59.56
C ILE H 212 18.53 -6.04 59.12
N THR H 213 18.30 -5.83 57.83
CA THR H 213 18.18 -4.50 57.24
C THR H 213 16.70 -4.15 57.12
N THR H 214 16.33 -2.96 57.59
CA THR H 214 14.91 -2.61 57.70
C THR H 214 14.24 -2.63 56.32
N TYR H 215 14.86 -2.05 55.31
CA TYR H 215 14.25 -2.01 53.99
C TYR H 215 15.32 -1.82 52.91
N PRO H 216 15.44 -2.75 51.95
CA PRO H 216 14.68 -3.99 51.79
C PRO H 216 15.10 -5.05 52.81
N LEU H 217 14.25 -6.02 53.08
CA LEU H 217 14.60 -7.07 54.02
C LEU H 217 15.77 -7.88 53.50
N ALA H 218 16.71 -8.20 54.38
CA ALA H 218 17.90 -8.96 53.99
C ALA H 218 18.53 -9.51 55.26
N SER H 219 19.52 -10.39 55.06
CA SER H 219 20.24 -11.03 56.15
C SER H 219 21.72 -10.66 56.05
N LYS H 220 22.29 -10.26 57.19
CA LYS H 220 23.68 -9.86 57.26
C LYS H 220 24.36 -10.53 58.45
N GLU H 221 25.63 -10.85 58.28
CA GLU H 221 26.40 -11.50 59.32
C GLU H 221 26.83 -10.50 60.39
N VAL H 222 26.99 -11.00 61.61
CA VAL H 222 27.40 -10.18 62.74
C VAL H 222 28.33 -11.02 63.63
N GLU H 223 29.36 -10.37 64.16
CA GLU H 223 30.27 -11.02 65.09
C GLU H 223 29.70 -10.96 66.50
N VAL H 224 29.95 -12.01 67.28
CA VAL H 224 29.39 -12.13 68.62
C VAL H 224 30.36 -12.91 69.50
N GLU H 225 30.44 -12.51 70.76
CA GLU H 225 31.24 -13.20 71.77
C GLU H 225 30.36 -14.23 72.49
N ALA H 226 30.00 -15.28 71.75
CA ALA H 226 29.07 -16.27 72.26
C ALA H 226 29.64 -17.00 73.46
N LYS H 227 28.80 -17.21 74.48
CA LYS H 227 29.17 -18.05 75.60
C LYS H 227 28.84 -19.52 75.36
N GLU H 228 27.83 -19.80 74.54
CA GLU H 228 27.42 -21.17 74.22
C GLU H 228 26.94 -21.17 72.77
N ALA H 229 27.81 -21.58 71.85
CA ALA H 229 27.46 -21.62 70.44
C ALA H 229 27.84 -22.98 69.87
N TYR H 230 26.95 -23.53 69.05
CA TYR H 230 27.15 -24.84 68.46
C TYR H 230 27.52 -24.70 66.99
N GLU H 231 28.61 -25.35 66.59
CA GLU H 231 28.99 -25.39 65.18
C GLU H 231 28.19 -26.48 64.49
N VAL H 232 27.47 -26.11 63.42
CA VAL H 232 26.49 -27.00 62.81
C VAL H 232 26.83 -27.24 61.34
N GLY H 233 28.12 -27.26 61.02
CA GLY H 233 28.54 -27.60 59.67
C GLY H 233 28.94 -26.42 58.82
N GLY H 234 29.70 -25.49 59.40
CA GLY H 234 30.18 -24.31 58.70
C GLY H 234 29.54 -23.01 59.18
N GLU H 235 28.39 -23.08 59.84
CA GLU H 235 27.72 -21.91 60.41
C GLU H 235 27.70 -22.05 61.92
N TYR H 236 27.99 -20.95 62.61
CA TYR H 236 27.93 -20.93 64.06
C TYR H 236 26.59 -20.36 64.52
N VAL H 237 25.97 -21.05 65.47
CA VAL H 237 24.69 -20.64 66.03
C VAL H 237 24.88 -20.35 67.51
N VAL H 238 24.38 -19.21 67.96
CA VAL H 238 24.53 -18.75 69.33
C VAL H 238 23.19 -18.83 70.03
N PHE H 239 23.17 -19.43 71.22
CA PHE H 239 21.96 -19.56 72.01
C PHE H 239 22.01 -18.83 73.34
N SER H 240 23.19 -18.45 73.81
CA SER H 240 23.33 -17.74 75.08
C SER H 240 24.76 -17.27 75.28
N GLU J 12 13.80 -27.96 -9.00
CA GLU J 12 13.87 -28.04 -10.47
C GLU J 12 13.42 -26.73 -11.13
N LYS J 13 12.42 -26.04 -10.54
CA LYS J 13 12.02 -24.69 -11.00
C LYS J 13 13.18 -23.70 -10.93
N GLU J 14 13.96 -23.68 -9.84
CA GLU J 14 15.14 -22.81 -9.71
C GLU J 14 16.23 -23.17 -10.72
N ASN J 15 16.44 -24.45 -11.00
CA ASN J 15 17.40 -24.88 -12.01
C ASN J 15 17.00 -24.39 -13.40
N ILE J 16 15.71 -24.49 -13.75
CA ILE J 16 15.17 -23.98 -15.02
C ILE J 16 15.40 -22.47 -15.12
N ILE J 17 15.01 -21.72 -14.09
CA ILE J 17 15.20 -20.26 -14.04
C ILE J 17 16.68 -19.90 -14.19
N GLY J 18 17.58 -20.62 -13.50
CA GLY J 18 19.01 -20.41 -13.61
C GLY J 18 19.56 -20.66 -15.01
N ARG J 19 19.08 -21.69 -15.70
CA ARG J 19 19.47 -21.98 -17.09
C ARG J 19 18.95 -20.94 -18.07
N ILE J 20 17.73 -20.44 -17.88
CA ILE J 20 17.19 -19.32 -18.66
C ILE J 20 18.02 -18.03 -18.41
N ALA J 21 18.39 -17.77 -17.15
CA ALA J 21 19.25 -16.64 -16.82
C ALA J 21 20.63 -16.73 -17.50
N ASN J 22 21.22 -17.92 -17.56
CA ASN J 22 22.46 -18.15 -18.30
C ASN J 22 22.31 -17.83 -19.80
N LEU J 23 21.22 -18.26 -20.42
CA LEU J 23 20.92 -17.96 -21.83
C LEU J 23 20.83 -16.44 -22.06
N LEU J 24 20.08 -15.74 -21.22
CA LEU J 24 19.94 -14.28 -21.30
C LEU J 24 21.29 -13.57 -21.09
N ALA J 25 22.11 -14.03 -20.14
CA ALA J 25 23.43 -13.46 -19.88
C ALA J 25 24.39 -13.67 -21.06
N VAL J 26 24.40 -14.87 -21.66
CA VAL J 26 25.20 -15.17 -22.86
C VAL J 26 24.77 -14.27 -24.03
N GLY J 27 23.47 -14.16 -24.27
CA GLY J 27 22.93 -13.28 -25.32
C GLY J 27 23.30 -11.81 -25.10
N PHE J 28 23.22 -11.33 -23.86
CA PHE J 28 23.60 -9.97 -23.50
C PHE J 28 25.10 -9.71 -23.72
N LEU J 29 25.96 -10.58 -23.22
CA LEU J 29 27.41 -10.44 -23.36
C LEU J 29 27.87 -10.50 -24.82
N TYR J 30 27.23 -11.36 -25.63
CA TYR J 30 27.55 -11.51 -27.05
C TYR J 30 27.07 -10.31 -27.88
N SER J 31 25.85 -9.84 -27.65
CA SER J 31 25.26 -8.72 -28.38
C SER J 31 25.69 -7.35 -27.87
N GLU J 32 26.26 -7.28 -26.65
CA GLU J 32 26.57 -6.05 -25.91
C GLU J 32 25.36 -5.14 -25.71
N SER J 33 24.15 -5.69 -25.81
CA SER J 33 22.89 -4.96 -25.67
C SER J 33 22.06 -5.50 -24.51
N PRO J 34 21.62 -4.63 -23.58
CA PRO J 34 20.72 -5.04 -22.50
C PRO J 34 19.25 -5.14 -22.94
N THR J 35 18.90 -4.72 -24.16
CA THR J 35 17.52 -4.54 -24.62
C THR J 35 16.64 -5.78 -24.44
N LEU J 36 17.16 -6.97 -24.74
CA LEU J 36 16.40 -8.21 -24.57
C LEU J 36 16.17 -8.56 -23.10
N VAL J 37 17.16 -8.31 -22.23
CA VAL J 37 17.02 -8.54 -20.79
C VAL J 37 16.03 -7.55 -20.19
N ASP J 38 16.08 -6.27 -20.61
CA ASP J 38 15.12 -5.24 -20.21
C ASP J 38 13.69 -5.65 -20.60
N ARG J 39 13.48 -6.10 -21.84
CA ARG J 39 12.18 -6.58 -22.31
C ARG J 39 11.69 -7.79 -21.49
N PHE J 40 12.59 -8.71 -21.14
CA PHE J 40 12.26 -9.91 -20.38
C PHE J 40 11.84 -9.58 -18.94
N ALA J 41 12.60 -8.73 -18.26
CA ALA J 41 12.33 -8.34 -16.87
C ALA J 41 11.12 -7.42 -16.72
N ASN J 42 10.72 -6.71 -17.78
CA ASN J 42 9.53 -5.85 -17.80
C ASN J 42 8.30 -6.53 -18.41
N ALA J 43 8.39 -7.78 -18.86
CA ALA J 43 7.29 -8.48 -19.48
C ALA J 43 6.07 -8.57 -18.54
N LEU J 44 4.90 -8.29 -19.10
CA LEU J 44 3.59 -8.41 -18.45
C LEU J 44 2.69 -9.45 -19.13
N SER J 45 3.18 -10.09 -20.19
CA SER J 45 2.46 -11.12 -20.94
C SER J 45 3.41 -12.23 -21.40
N LYS J 46 2.84 -13.42 -21.64
CA LYS J 46 3.57 -14.55 -22.23
C LYS J 46 4.13 -14.24 -23.63
N GLU J 47 3.49 -13.33 -24.37
CA GLU J 47 3.93 -12.88 -25.70
C GLU J 47 5.32 -12.23 -25.64
N ALA J 48 5.51 -11.28 -24.75
CA ALA J 48 6.77 -10.58 -24.57
C ALA J 48 7.90 -11.52 -24.15
N VAL J 49 7.62 -12.42 -23.20
CA VAL J 49 8.58 -13.42 -22.73
C VAL J 49 9.01 -14.36 -23.86
N THR J 50 8.03 -14.89 -24.60
CA THR J 50 8.29 -15.84 -25.69
C THR J 50 9.07 -15.19 -26.82
N LYS J 51 8.75 -13.93 -27.16
CA LYS J 51 9.48 -13.16 -28.17
C LYS J 51 10.96 -12.98 -27.78
N VAL J 52 11.25 -12.66 -26.53
CA VAL J 52 12.63 -12.55 -26.05
C VAL J 52 13.33 -13.91 -26.08
N LEU J 53 12.67 -14.98 -25.65
CA LEU J 53 13.25 -16.33 -25.69
C LEU J 53 13.66 -16.74 -27.11
N TYR J 54 12.86 -16.38 -28.12
CA TYR J 54 13.25 -16.59 -29.51
C TYR J 54 14.43 -15.70 -29.91
N ASP J 55 14.32 -14.38 -29.70
CA ASP J 55 15.32 -13.42 -30.17
C ASP J 55 16.71 -13.66 -29.54
N VAL J 56 16.77 -14.00 -28.25
CA VAL J 56 18.04 -14.30 -27.58
C VAL J 56 18.66 -15.60 -28.11
N GLN J 57 17.85 -16.63 -28.35
CA GLN J 57 18.33 -17.87 -28.94
C GLN J 57 18.79 -17.67 -30.38
N ARG J 58 18.16 -16.77 -31.13
CA ARG J 58 18.58 -16.41 -32.49
C ARG J 58 19.94 -15.71 -32.50
N ILE J 59 20.20 -14.84 -31.52
CA ILE J 59 21.52 -14.22 -31.31
C ILE J 59 22.56 -15.29 -30.94
N VAL J 60 22.23 -16.18 -30.01
CA VAL J 60 23.12 -17.28 -29.60
C VAL J 60 23.41 -18.21 -30.79
N GLN J 61 22.42 -18.52 -31.62
CA GLN J 61 22.59 -19.32 -32.84
C GLN J 61 23.63 -18.70 -33.78
N MET J 62 23.60 -17.39 -34.00
CA MET J 62 24.61 -16.71 -34.82
C MET J 62 26.02 -16.84 -34.21
N GLY J 63 26.13 -16.68 -32.89
CA GLY J 63 27.40 -16.87 -32.19
C GLY J 63 27.93 -18.29 -32.28
N ILE J 64 27.04 -19.28 -32.23
CA ILE J 64 27.39 -20.69 -32.43
C ILE J 64 27.89 -20.91 -33.86
N ASP J 65 27.19 -20.39 -34.87
CA ASP J 65 27.57 -20.58 -36.27
C ASP J 65 28.91 -19.92 -36.60
N ARG J 66 29.19 -18.77 -36.01
CA ARG J 66 30.48 -18.06 -36.09
C ARG J 66 31.59 -18.67 -35.21
N SER J 67 31.28 -19.70 -34.43
CA SER J 67 32.18 -20.27 -33.41
C SER J 67 32.68 -19.26 -32.37
N GLU J 68 31.90 -18.20 -32.12
CA GLU J 68 32.15 -17.20 -31.08
C GLU J 68 31.44 -17.55 -29.77
N ILE J 69 30.46 -18.44 -29.82
CA ILE J 69 29.83 -19.05 -28.65
C ILE J 69 30.06 -20.56 -28.70
N ALA J 70 30.67 -21.11 -27.66
CA ALA J 70 30.92 -22.54 -27.55
C ALA J 70 30.74 -23.03 -26.12
N THR J 71 30.24 -24.25 -25.95
CA THR J 71 30.24 -24.93 -24.65
C THR J 71 31.63 -25.44 -24.33
N THR J 72 31.98 -25.39 -23.05
CA THR J 72 33.28 -25.84 -22.52
C THR J 72 33.10 -26.34 -21.10
N THR J 73 34.16 -26.88 -20.53
CA THR J 73 34.29 -27.12 -19.10
C THR J 73 35.44 -26.27 -18.56
N ILE J 74 35.28 -25.78 -17.34
CA ILE J 74 36.31 -25.01 -16.65
C ILE J 74 36.48 -25.53 -15.23
N THR J 75 37.73 -25.58 -14.78
CA THR J 75 38.05 -25.91 -13.40
C THR J 75 38.02 -24.63 -12.57
N ILE J 76 37.14 -24.55 -11.59
CA ILE J 76 36.99 -23.37 -10.75
C ILE J 76 37.64 -23.62 -9.39
N GLY J 85 38.36 -27.69 -7.59
CA GLY J 85 39.15 -28.51 -8.51
C GLY J 85 38.36 -29.45 -9.42
N LYS J 86 37.02 -29.44 -9.37
CA LYS J 86 36.20 -30.18 -10.35
C LYS J 86 35.86 -29.30 -11.55
N ASP J 87 35.64 -29.96 -12.67
CA ASP J 87 35.20 -29.32 -13.89
C ASP J 87 33.71 -28.95 -13.80
N TYR J 88 33.43 -27.69 -14.12
CA TYR J 88 32.09 -27.16 -14.23
C TYR J 88 31.76 -26.88 -15.70
N PRO J 89 30.52 -27.15 -16.12
CA PRO J 89 30.07 -26.74 -17.45
C PRO J 89 30.07 -25.22 -17.55
N ALA J 90 30.48 -24.71 -18.70
CA ALA J 90 30.52 -23.28 -18.98
C ALA J 90 30.25 -22.99 -20.46
N VAL J 91 30.00 -21.73 -20.76
CA VAL J 91 29.85 -21.21 -22.12
C VAL J 91 30.86 -20.08 -22.32
N ASN J 92 31.78 -20.27 -23.28
CA ASN J 92 32.69 -19.22 -23.70
C ASN J 92 31.99 -18.31 -24.73
N VAL J 93 32.12 -17.01 -24.56
CA VAL J 93 31.58 -15.98 -25.44
C VAL J 93 32.70 -15.05 -25.86
N ASN J 94 32.94 -14.91 -27.15
CA ASN J 94 33.84 -13.91 -27.71
C ASN J 94 33.02 -12.80 -28.35
N SER J 95 33.20 -11.56 -27.90
CA SER J 95 32.51 -10.40 -28.45
C SER J 95 33.46 -9.20 -28.54
N SER J 96 33.56 -8.59 -29.73
CA SER J 96 34.38 -7.38 -29.94
C SER J 96 35.82 -7.47 -29.39
N GLY J 97 36.44 -8.65 -29.48
CA GLY J 97 37.76 -8.95 -28.91
C GLY J 97 37.78 -9.20 -27.39
N ALA J 98 36.67 -9.02 -26.69
CA ALA J 98 36.55 -9.43 -25.30
C ALA J 98 36.18 -10.92 -25.21
N LYS J 99 36.74 -11.61 -24.21
CA LYS J 99 36.40 -13.00 -23.90
C LYS J 99 35.68 -13.05 -22.55
N TYR J 100 34.52 -13.68 -22.54
CA TYR J 100 33.73 -13.89 -21.33
C TYR J 100 33.48 -15.38 -21.16
N THR J 101 33.32 -15.83 -19.92
CA THR J 101 32.94 -17.21 -19.60
C THR J 101 31.79 -17.19 -18.61
N VAL J 102 30.64 -17.70 -19.03
CA VAL J 102 29.46 -17.89 -18.17
C VAL J 102 29.48 -19.31 -17.65
N VAL J 103 29.44 -19.49 -16.33
CA VAL J 103 29.45 -20.82 -15.71
C VAL J 103 28.02 -21.36 -15.61
N GLY J 104 27.80 -22.57 -16.09
CA GLY J 104 26.51 -23.25 -16.07
C GLY J 104 26.09 -23.77 -17.44
N TYR J 105 24.92 -24.42 -17.46
CA TYR J 105 24.32 -24.94 -18.69
C TYR J 105 23.38 -23.91 -19.32
N LEU J 106 23.22 -23.99 -20.64
CA LEU J 106 22.11 -23.35 -21.35
C LEU J 106 20.84 -24.21 -21.21
N PRO J 107 19.64 -23.60 -21.30
CA PRO J 107 18.39 -24.34 -21.18
C PRO J 107 18.21 -25.32 -22.34
N THR J 108 17.54 -26.43 -22.01
CA THR J 108 17.05 -27.40 -23.00
C THR J 108 15.73 -26.92 -23.61
N SER J 109 15.26 -27.58 -24.67
CA SER J 109 13.91 -27.34 -25.20
C SER J 109 12.84 -27.60 -24.12
N GLN J 110 13.04 -28.64 -23.29
CA GLN J 110 12.14 -28.93 -22.19
C GLN J 110 12.14 -27.83 -21.13
N ASP J 111 13.31 -27.24 -20.83
CA ASP J 111 13.41 -26.11 -19.91
C ASP J 111 12.65 -24.90 -20.43
N ILE J 112 12.74 -24.60 -21.73
CA ILE J 112 11.99 -23.49 -22.35
C ILE J 112 10.48 -23.74 -22.23
N GLU J 113 10.06 -24.98 -22.49
CA GLU J 113 8.65 -25.35 -22.44
C GLU J 113 8.09 -25.31 -21.00
N ASP J 114 8.84 -25.86 -20.04
CA ASP J 114 8.47 -25.82 -18.63
C ASP J 114 8.51 -24.37 -18.10
N PHE J 115 9.49 -23.56 -18.54
CA PHE J 115 9.55 -22.14 -18.19
C PHE J 115 8.36 -21.36 -18.75
N LEU J 116 7.97 -21.61 -20.00
CA LEU J 116 6.78 -20.98 -20.57
C LEU J 116 5.51 -21.37 -19.82
N ARG J 117 5.40 -22.62 -19.35
CA ARG J 117 4.28 -23.04 -18.48
C ARG J 117 4.30 -22.30 -17.13
N MET J 118 5.48 -22.10 -16.54
CA MET J 118 5.63 -21.27 -15.33
C MET J 118 5.21 -19.82 -15.57
N ILE J 119 5.52 -19.25 -16.74
CA ILE J 119 5.14 -17.89 -17.13
C ILE J 119 3.62 -17.77 -17.36
N GLU J 120 2.99 -18.79 -17.92
CA GLU J 120 1.54 -18.84 -18.10
C GLU J 120 0.80 -18.85 -16.74
N GLU J 121 1.42 -19.40 -15.68
CA GLU J 121 0.93 -19.31 -14.30
C GLU J 121 1.29 -17.98 -13.61
N ASP J 122 2.54 -17.54 -13.73
CA ASP J 122 3.03 -16.31 -13.10
C ASP J 122 4.23 -15.69 -13.83
N VAL J 123 4.02 -14.53 -14.44
CA VAL J 123 5.06 -13.76 -15.16
C VAL J 123 6.20 -13.29 -14.23
N TYR J 124 6.05 -13.41 -12.90
CA TYR J 124 7.12 -13.19 -11.91
C TYR J 124 8.42 -13.94 -12.25
N TYR J 125 8.34 -15.14 -12.77
CA TYR J 125 9.52 -15.94 -13.09
C TYR J 125 10.39 -15.32 -14.19
N ALA J 126 9.81 -14.52 -15.10
CA ALA J 126 10.58 -13.75 -16.07
C ALA J 126 11.42 -12.67 -15.39
N ARG J 127 10.85 -11.97 -14.40
CA ARG J 127 11.58 -10.98 -13.60
C ARG J 127 12.71 -11.63 -12.80
N LYS J 128 12.48 -12.78 -12.21
CA LYS J 128 13.50 -13.53 -11.48
C LYS J 128 14.66 -13.93 -12.39
N ALA J 129 14.38 -14.50 -13.56
CA ALA J 129 15.39 -14.86 -14.55
C ALA J 129 16.16 -13.63 -15.06
N GLY J 130 15.48 -12.51 -15.34
CA GLY J 130 16.10 -11.26 -15.75
C GLY J 130 17.05 -10.68 -14.70
N ALA J 131 16.64 -10.69 -13.43
CA ALA J 131 17.49 -10.24 -12.33
C ALA J 131 18.76 -11.09 -12.18
N LEU J 132 18.64 -12.40 -12.31
CA LEU J 132 19.78 -13.32 -12.29
C LEU J 132 20.70 -13.09 -13.49
N ALA J 133 20.14 -12.95 -14.70
CA ALA J 133 20.91 -12.72 -15.92
C ALA J 133 21.74 -11.44 -15.85
N MET J 134 21.14 -10.34 -15.39
CA MET J 134 21.83 -9.07 -15.21
C MET J 134 22.95 -9.17 -14.17
N SER J 135 22.73 -9.92 -13.09
CA SER J 135 23.76 -10.18 -12.07
C SER J 135 24.96 -10.94 -12.64
N ILE J 136 24.72 -11.97 -13.43
CA ILE J 136 25.77 -12.75 -14.11
C ILE J 136 26.59 -11.83 -15.03
N ALA J 137 25.91 -11.08 -15.89
CA ALA J 137 26.54 -10.20 -16.86
C ALA J 137 27.36 -9.08 -16.18
N ASN J 138 26.80 -8.44 -15.15
CA ASN J 138 27.48 -7.39 -14.40
C ASN J 138 28.77 -7.88 -13.74
N ARG J 139 28.72 -9.04 -13.08
CA ARG J 139 29.90 -9.63 -12.42
C ARG J 139 30.99 -9.94 -13.43
N ILE J 140 30.64 -10.49 -14.59
CA ILE J 140 31.59 -10.82 -15.65
C ILE J 140 32.19 -9.54 -16.27
N LYS J 141 31.36 -8.52 -16.56
CA LYS J 141 31.84 -7.24 -17.08
C LYS J 141 32.78 -6.52 -16.11
N LEU J 142 32.46 -6.50 -14.83
CA LEU J 142 33.31 -5.92 -13.79
C LEU J 142 34.68 -6.61 -13.73
N GLY J 143 34.70 -7.95 -13.69
CA GLY J 143 35.95 -8.72 -13.67
C GLY J 143 36.80 -8.49 -14.92
N SER J 144 36.18 -8.43 -16.10
CA SER J 144 36.88 -8.15 -17.35
C SER J 144 37.48 -6.74 -17.40
N LYS J 145 36.79 -5.72 -16.89
CA LYS J 145 37.33 -4.36 -16.82
C LYS J 145 38.48 -4.25 -15.82
N GLN J 146 38.40 -4.93 -14.69
CA GLN J 146 39.47 -4.92 -13.68
C GLN J 146 40.75 -5.55 -14.23
N SER J 147 40.68 -6.69 -14.89
CA SER J 147 41.85 -7.32 -15.50
C SER J 147 42.51 -6.46 -16.58
N LYS J 148 41.72 -5.71 -17.37
CA LYS J 148 42.26 -4.76 -18.34
C LYS J 148 42.97 -3.57 -17.68
N SER J 149 42.47 -3.10 -16.54
CA SER J 149 43.10 -2.00 -15.82
C SER J 149 44.42 -2.41 -15.17
N GLU J 150 44.51 -3.62 -14.64
CA GLU J 150 45.74 -4.17 -14.07
C GLU J 150 46.80 -4.39 -15.16
N GLU K 12 27.80 -14.43 7.73
CA GLU K 12 27.53 -14.29 6.30
C GLU K 12 26.28 -13.44 6.02
N LYS K 13 25.26 -13.53 6.89
CA LYS K 13 24.08 -12.65 6.82
C LYS K 13 24.47 -11.17 6.96
N GLU K 14 25.35 -10.83 7.89
CA GLU K 14 25.84 -9.45 8.07
C GLU K 14 26.65 -8.97 6.86
N ASN K 15 27.47 -9.86 6.27
CA ASN K 15 28.22 -9.52 5.07
C ASN K 15 27.29 -9.23 3.88
N ILE K 16 26.24 -10.03 3.70
CA ILE K 16 25.23 -9.81 2.67
C ILE K 16 24.54 -8.45 2.89
N ILE K 17 24.06 -8.19 4.11
CA ILE K 17 23.41 -6.92 4.45
C ILE K 17 24.36 -5.74 4.19
N GLY K 18 25.63 -5.86 4.57
CA GLY K 18 26.64 -4.83 4.32
C GLY K 18 26.87 -4.56 2.84
N ARG K 19 26.91 -5.60 2.01
CA ARG K 19 27.04 -5.45 0.54
C ARG K 19 25.80 -4.83 -0.09
N ILE K 20 24.59 -5.17 0.36
CA ILE K 20 23.35 -4.50 -0.05
C ILE K 20 23.35 -3.03 0.36
N ALA K 21 23.82 -2.72 1.58
CA ALA K 21 23.95 -1.34 2.05
C ALA K 21 24.93 -0.54 1.19
N ASN K 22 26.05 -1.13 0.77
CA ASN K 22 26.98 -0.49 -0.16
C ASN K 22 26.32 -0.17 -1.52
N LEU K 23 25.54 -1.10 -2.07
CA LEU K 23 24.79 -0.89 -3.32
C LEU K 23 23.81 0.29 -3.18
N LEU K 24 23.03 0.33 -2.11
CA LEU K 24 22.10 1.41 -1.83
C LEU K 24 22.82 2.76 -1.65
N ALA K 25 23.95 2.78 -0.96
CA ALA K 25 24.75 3.98 -0.76
C ALA K 25 25.35 4.51 -2.08
N VAL K 26 25.87 3.62 -2.92
CA VAL K 26 26.37 3.98 -4.26
C VAL K 26 25.25 4.56 -5.12
N GLY K 27 24.09 3.91 -5.15
CA GLY K 27 22.94 4.40 -5.89
C GLY K 27 22.45 5.76 -5.40
N PHE K 28 22.42 5.98 -4.09
CA PHE K 28 22.05 7.25 -3.48
C PHE K 28 23.04 8.37 -3.83
N LEU K 29 24.34 8.13 -3.67
CA LEU K 29 25.37 9.13 -3.97
C LEU K 29 25.42 9.49 -5.46
N TYR K 30 25.19 8.51 -6.34
CA TYR K 30 25.18 8.74 -7.79
C TYR K 30 23.93 9.48 -8.26
N SER K 31 22.75 9.10 -7.75
CA SER K 31 21.47 9.73 -8.13
C SER K 31 21.17 11.03 -7.38
N GLU K 32 21.89 11.28 -6.28
CA GLU K 32 21.63 12.38 -5.33
C GLU K 32 20.20 12.38 -4.75
N SER K 33 19.53 11.23 -4.81
CA SER K 33 18.15 11.05 -4.34
C SER K 33 18.07 10.01 -3.22
N PRO K 34 17.46 10.34 -2.07
CA PRO K 34 17.24 9.37 -1.00
C PRO K 34 16.03 8.46 -1.24
N THR K 35 15.23 8.71 -2.27
CA THR K 35 13.91 8.08 -2.49
C THR K 35 13.95 6.55 -2.47
N LEU K 36 14.95 5.95 -3.09
CA LEU K 36 15.08 4.49 -3.11
C LEU K 36 15.46 3.93 -1.73
N VAL K 37 16.31 4.61 -0.98
CA VAL K 37 16.69 4.19 0.38
C VAL K 37 15.50 4.35 1.32
N ASP K 38 14.72 5.44 1.19
CA ASP K 38 13.48 5.64 1.94
C ASP K 38 12.48 4.50 1.68
N ARG K 39 12.27 4.16 0.42
CA ARG K 39 11.39 3.04 0.03
C ARG K 39 11.87 1.72 0.62
N PHE K 40 13.18 1.48 0.60
CA PHE K 40 13.78 0.24 1.11
C PHE K 40 13.62 0.11 2.64
N ALA K 41 13.91 1.18 3.37
CA ALA K 41 13.82 1.18 4.84
C ALA K 41 12.38 1.18 5.37
N ASN K 42 11.41 1.62 4.56
CA ASN K 42 9.98 1.58 4.91
C ASN K 42 9.22 0.38 4.33
N ALA K 43 9.89 -0.50 3.60
CA ALA K 43 9.25 -1.66 2.99
C ALA K 43 8.56 -2.56 4.03
N LEU K 44 7.34 -2.96 3.72
CA LEU K 44 6.54 -3.91 4.50
C LEU K 44 6.23 -5.20 3.71
N SER K 45 6.72 -5.30 2.49
CA SER K 45 6.54 -6.47 1.63
C SER K 45 7.80 -6.74 0.79
N LYS K 46 7.96 -8.00 0.36
CA LYS K 46 9.01 -8.40 -0.57
C LYS K 46 8.95 -7.68 -1.92
N GLU K 47 7.76 -7.26 -2.35
CA GLU K 47 7.53 -6.51 -3.59
C GLU K 47 8.29 -5.18 -3.58
N ALA K 48 8.12 -4.39 -2.50
CA ALA K 48 8.77 -3.10 -2.35
C ALA K 48 10.31 -3.23 -2.31
N VAL K 49 10.82 -4.22 -1.57
CA VAL K 49 12.26 -4.49 -1.47
C VAL K 49 12.83 -4.86 -2.84
N THR K 50 12.19 -5.79 -3.54
CA THR K 50 12.64 -6.27 -4.84
C THR K 50 12.63 -5.17 -5.90
N LYS K 51 11.59 -4.33 -5.89
CA LYS K 51 11.50 -3.18 -6.79
C LYS K 51 12.66 -2.20 -6.58
N VAL K 52 13.01 -1.90 -5.33
CA VAL K 52 14.17 -1.04 -5.03
C VAL K 52 15.48 -1.71 -5.45
N LEU K 53 15.66 -3.00 -5.21
CA LEU K 53 16.85 -3.73 -5.64
C LEU K 53 17.06 -3.67 -7.15
N TYR K 54 15.98 -3.75 -7.93
CA TYR K 54 16.08 -3.54 -9.38
C TYR K 54 16.42 -2.08 -9.72
N ASP K 55 15.65 -1.12 -9.20
CA ASP K 55 15.80 0.28 -9.57
C ASP K 55 17.18 0.84 -9.21
N VAL K 56 17.73 0.48 -8.04
CA VAL K 56 19.07 0.91 -7.63
C VAL K 56 20.16 0.30 -8.52
N GLN K 57 20.02 -0.97 -8.89
CA GLN K 57 20.96 -1.63 -9.81
C GLN K 57 20.86 -1.04 -11.21
N ARG K 58 19.67 -0.62 -11.66
CA ARG K 58 19.48 0.05 -12.93
C ARG K 58 20.17 1.42 -12.96
N ILE K 59 20.13 2.17 -11.86
CA ILE K 59 20.88 3.42 -11.70
C ILE K 59 22.39 3.16 -11.72
N VAL K 60 22.85 2.15 -10.98
CA VAL K 60 24.27 1.76 -10.96
C VAL K 60 24.73 1.30 -12.35
N GLN K 61 23.91 0.57 -13.09
CA GLN K 61 24.20 0.15 -14.48
C GLN K 61 24.44 1.36 -15.39
N MET K 62 23.64 2.42 -15.30
CA MET K 62 23.87 3.64 -16.07
C MET K 62 25.20 4.30 -15.70
N GLY K 63 25.52 4.37 -14.40
CA GLY K 63 26.81 4.90 -13.94
C GLY K 63 28.00 4.08 -14.43
N ILE K 64 27.87 2.76 -14.48
CA ILE K 64 28.88 1.85 -15.05
C ILE K 64 29.04 2.12 -16.55
N ASP K 65 27.95 2.23 -17.32
CA ASP K 65 28.03 2.45 -18.76
C ASP K 65 28.64 3.81 -19.11
N ARG K 66 28.36 4.83 -18.31
CA ARG K 66 28.97 6.17 -18.42
C ARG K 66 30.40 6.25 -17.85
N SER K 67 30.92 5.16 -17.28
CA SER K 67 32.21 5.13 -16.56
C SER K 67 32.28 6.12 -15.39
N GLU K 68 31.15 6.48 -14.81
CA GLU K 68 31.03 7.33 -13.62
C GLU K 68 31.00 6.48 -12.33
N ILE K 69 30.69 5.20 -12.45
CA ILE K 69 30.82 4.21 -11.37
C ILE K 69 31.82 3.15 -11.81
N ALA K 70 32.87 2.95 -11.01
CA ALA K 70 33.89 1.95 -11.27
C ALA K 70 34.37 1.29 -9.97
N THR K 71 34.68 0.01 -10.02
CA THR K 71 35.37 -0.66 -8.91
C THR K 71 36.84 -0.28 -8.90
N THR K 72 37.41 -0.17 -7.71
CA THR K 72 38.81 0.18 -7.50
C THR K 72 39.31 -0.48 -6.20
N THR K 73 40.59 -0.35 -5.94
CA THR K 73 41.17 -0.62 -4.62
C THR K 73 41.74 0.67 -4.06
N ILE K 74 41.64 0.83 -2.75
CA ILE K 74 42.21 1.98 -2.05
C ILE K 74 42.99 1.51 -0.83
N THR K 75 44.11 2.16 -0.57
CA THR K 75 44.88 1.92 0.64
C THR K 75 44.36 2.84 1.73
N ILE K 76 43.85 2.27 2.82
CA ILE K 76 43.29 3.04 3.92
C ILE K 76 44.27 3.04 5.10
N GLY K 85 47.52 -0.02 5.79
CA GLY K 85 48.38 -0.11 4.62
C GLY K 85 48.04 -1.21 3.62
N LYS K 86 46.97 -1.99 3.84
CA LYS K 86 46.48 -2.94 2.85
C LYS K 86 45.44 -2.30 1.93
N ASP K 87 45.37 -2.83 0.73
CA ASP K 87 44.36 -2.43 -0.24
C ASP K 87 43.00 -3.01 0.14
N TYR K 88 42.00 -2.13 0.17
CA TYR K 88 40.61 -2.47 0.36
C TYR K 88 39.85 -2.29 -0.95
N PRO K 89 38.90 -3.18 -1.26
CA PRO K 89 38.00 -2.97 -2.38
C PRO K 89 37.13 -1.74 -2.13
N ALA K 90 36.90 -0.97 -3.17
CA ALA K 90 36.07 0.22 -3.12
C ALA K 90 35.33 0.45 -4.44
N VAL K 91 34.36 1.35 -4.41
CA VAL K 91 33.62 1.83 -5.58
C VAL K 91 33.75 3.34 -5.66
N ASN K 92 34.33 3.84 -6.74
CA ASN K 92 34.36 5.26 -7.04
C ASN K 92 33.07 5.68 -7.74
N VAL K 93 32.49 6.78 -7.29
CA VAL K 93 31.27 7.37 -7.84
C VAL K 93 31.54 8.83 -8.17
N ASN K 94 31.33 9.23 -9.42
CA ASN K 94 31.35 10.61 -9.85
C ASN K 94 29.92 11.08 -10.11
N SER K 95 29.47 12.14 -9.42
CA SER K 95 28.14 12.71 -9.59
C SER K 95 28.20 14.22 -9.54
N SER K 96 27.65 14.90 -10.55
CA SER K 96 27.57 16.37 -10.60
C SER K 96 28.90 17.09 -10.27
N GLY K 97 30.03 16.55 -10.71
CA GLY K 97 31.38 17.03 -10.41
C GLY K 97 31.91 16.69 -9.00
N ALA K 98 31.11 16.10 -8.14
CA ALA K 98 31.57 15.54 -6.87
C ALA K 98 32.12 14.13 -7.07
N LYS K 99 33.20 13.81 -6.35
CA LYS K 99 33.79 12.46 -6.32
C LYS K 99 33.58 11.86 -4.94
N TYR K 100 33.03 10.66 -4.90
CA TYR K 100 32.81 9.89 -3.69
C TYR K 100 33.49 8.54 -3.83
N THR K 101 33.91 7.96 -2.71
CA THR K 101 34.45 6.60 -2.67
C THR K 101 33.78 5.83 -1.55
N VAL K 102 33.04 4.77 -1.91
CA VAL K 102 32.42 3.83 -0.97
C VAL K 102 33.36 2.65 -0.79
N VAL K 103 33.74 2.35 0.45
CA VAL K 103 34.64 1.23 0.75
C VAL K 103 33.83 -0.06 0.91
N GLY K 104 34.21 -1.11 0.21
CA GLY K 104 33.57 -2.42 0.25
C GLY K 104 33.19 -2.95 -1.13
N TYR K 105 32.62 -4.16 -1.14
CA TYR K 105 32.13 -4.79 -2.35
C TYR K 105 30.65 -4.45 -2.60
N LEU K 106 30.25 -4.47 -3.86
CA LEU K 106 28.85 -4.54 -4.26
C LEU K 106 28.35 -6.00 -4.14
N PRO K 107 27.03 -6.21 -3.92
CA PRO K 107 26.47 -7.54 -3.81
C PRO K 107 26.59 -8.32 -5.11
N THR K 108 26.77 -9.64 -4.96
CA THR K 108 26.68 -10.60 -6.07
C THR K 108 25.21 -10.94 -6.35
N SER K 109 24.95 -11.62 -7.47
CA SER K 109 23.61 -12.19 -7.72
C SER K 109 23.17 -13.14 -6.61
N GLN K 110 24.11 -13.92 -6.06
CA GLN K 110 23.82 -14.82 -4.95
C GLN K 110 23.47 -14.05 -3.67
N ASP K 111 24.15 -12.92 -3.42
CA ASP K 111 23.83 -12.05 -2.28
C ASP K 111 22.42 -11.47 -2.40
N ILE K 112 22.01 -11.05 -3.60
CA ILE K 112 20.64 -10.55 -3.85
C ILE K 112 19.61 -11.64 -3.59
N GLU K 113 19.89 -12.86 -4.06
CA GLU K 113 18.99 -14.00 -3.90
C GLU K 113 18.87 -14.44 -2.44
N ASP K 114 20.01 -14.54 -1.74
CA ASP K 114 20.03 -14.86 -0.32
C ASP K 114 19.40 -13.75 0.52
N PHE K 115 19.62 -12.48 0.15
CA PHE K 115 18.97 -11.35 0.80
C PHE K 115 17.45 -11.36 0.60
N LEU K 116 16.98 -11.65 -0.61
CA LEU K 116 15.54 -11.80 -0.86
C LEU K 116 14.93 -12.94 -0.05
N ARG K 117 15.64 -14.05 0.15
CA ARG K 117 15.20 -15.13 1.03
C ARG K 117 15.12 -14.68 2.50
N MET K 118 16.11 -13.89 2.97
CA MET K 118 16.07 -13.28 4.30
C MET K 118 14.86 -12.33 4.45
N ILE K 119 14.53 -11.57 3.42
CA ILE K 119 13.36 -10.67 3.39
C ILE K 119 12.03 -11.44 3.42
N GLU K 120 11.96 -12.57 2.72
CA GLU K 120 10.79 -13.45 2.73
C GLU K 120 10.55 -14.04 4.14
N GLU K 121 11.59 -14.21 4.96
CA GLU K 121 11.49 -14.59 6.37
C GLU K 121 11.21 -13.39 7.29
N ASP K 122 11.92 -12.28 7.11
CA ASP K 122 11.79 -11.08 7.95
C ASP K 122 12.22 -9.79 7.21
N VAL K 123 11.26 -8.92 6.93
CA VAL K 123 11.48 -7.61 6.29
C VAL K 123 12.37 -6.67 7.12
N TYR K 124 12.63 -6.98 8.40
CA TYR K 124 13.60 -6.28 9.25
C TYR K 124 14.96 -6.07 8.58
N TYR K 125 15.44 -7.02 7.81
CA TYR K 125 16.75 -6.93 7.16
C TYR K 125 16.81 -5.79 6.12
N ALA K 126 15.69 -5.42 5.50
CA ALA K 126 15.64 -4.24 4.63
C ALA K 126 15.87 -2.94 5.41
N ARG K 127 15.27 -2.83 6.61
CA ARG K 127 15.51 -1.70 7.51
C ARG K 127 16.96 -1.62 7.97
N LYS K 128 17.56 -2.74 8.31
CA LYS K 128 18.97 -2.81 8.70
C LYS K 128 19.89 -2.34 7.57
N ALA K 129 19.69 -2.85 6.36
CA ALA K 129 20.45 -2.43 5.19
C ALA K 129 20.26 -0.94 4.86
N GLY K 130 19.03 -0.43 4.95
CA GLY K 130 18.72 0.99 4.74
C GLY K 130 19.42 1.90 5.75
N ALA K 131 19.41 1.52 7.04
CA ALA K 131 20.09 2.27 8.09
C ALA K 131 21.61 2.33 7.86
N LEU K 132 22.22 1.22 7.47
CA LEU K 132 23.64 1.16 7.12
C LEU K 132 23.95 2.01 5.86
N ALA K 133 23.14 1.92 4.82
CA ALA K 133 23.31 2.68 3.59
C ALA K 133 23.28 4.20 3.83
N MET K 134 22.30 4.66 4.61
CA MET K 134 22.20 6.07 4.97
C MET K 134 23.39 6.54 5.80
N SER K 135 23.90 5.71 6.71
CA SER K 135 25.10 6.01 7.48
C SER K 135 26.34 6.18 6.59
N ILE K 136 26.53 5.29 5.62
CA ILE K 136 27.64 5.36 4.66
C ILE K 136 27.54 6.67 3.86
N ALA K 137 26.37 6.95 3.29
CA ALA K 137 26.15 8.13 2.47
C ALA K 137 26.34 9.44 3.26
N ASN K 138 25.80 9.52 4.49
CA ASN K 138 25.94 10.69 5.35
C ASN K 138 27.40 10.98 5.69
N ARG K 139 28.16 9.96 6.07
CA ARG K 139 29.59 10.13 6.41
C ARG K 139 30.38 10.64 5.21
N ILE K 140 30.12 10.11 4.02
CA ILE K 140 30.80 10.53 2.79
C ILE K 140 30.40 11.96 2.40
N LYS K 141 29.12 12.31 2.47
CA LYS K 141 28.64 13.67 2.17
C LYS K 141 29.22 14.70 3.16
N LEU K 142 29.28 14.39 4.45
CA LEU K 142 29.88 15.27 5.46
C LEU K 142 31.37 15.51 5.17
N GLY K 143 32.14 14.46 4.90
CA GLY K 143 33.56 14.58 4.56
C GLY K 143 33.80 15.40 3.29
N SER K 144 32.99 15.21 2.26
CA SER K 144 33.08 15.97 1.01
C SER K 144 32.77 17.45 1.20
N LYS K 145 31.76 17.81 2.02
CA LYS K 145 31.44 19.21 2.31
C LYS K 145 32.53 19.89 3.14
N GLN K 146 33.13 19.19 4.09
CA GLN K 146 34.22 19.72 4.92
C GLN K 146 35.44 20.05 4.07
N SER K 147 35.87 19.15 3.18
CA SER K 147 37.00 19.41 2.28
C SER K 147 36.77 20.60 1.34
N LYS K 148 35.54 20.80 0.86
CA LYS K 148 35.20 21.98 0.05
C LYS K 148 35.25 23.28 0.87
N SER K 149 34.86 23.25 2.14
CA SER K 149 34.92 24.43 2.99
C SER K 149 36.35 24.83 3.34
N GLU K 150 37.23 23.86 3.56
CA GLU K 150 38.66 24.11 3.80
C GLU K 150 39.34 24.68 2.56
N GLU L 12 40.17 11.98 23.41
CA GLU L 12 39.55 12.04 22.09
C GLU L 12 38.10 11.52 22.10
N LYS L 13 37.80 10.51 22.93
CA LYS L 13 36.42 10.04 23.15
C LYS L 13 35.53 11.17 23.71
N GLU L 14 36.01 11.94 24.68
CA GLU L 14 35.26 13.07 25.23
C GLU L 14 35.06 14.19 24.19
N ASN L 15 36.05 14.44 23.35
CA ASN L 15 35.92 15.43 22.28
C ASN L 15 34.85 15.01 21.26
N ILE L 16 34.84 13.73 20.87
CA ILE L 16 33.81 13.17 19.98
C ILE L 16 32.42 13.32 20.61
N ILE L 17 32.25 12.90 21.86
CA ILE L 17 30.97 13.03 22.59
C ILE L 17 30.53 14.49 22.65
N GLY L 18 31.45 15.42 22.94
CA GLY L 18 31.16 16.85 22.97
C GLY L 18 30.71 17.40 21.62
N ARG L 19 31.33 16.97 20.52
CA ARG L 19 30.92 17.37 19.16
C ARG L 19 29.55 16.79 18.77
N ILE L 20 29.26 15.55 19.15
CA ILE L 20 27.91 14.96 18.99
C ILE L 20 26.87 15.73 19.81
N ALA L 21 27.21 16.10 21.06
CA ALA L 21 26.33 16.90 21.90
C ALA L 21 26.04 18.28 21.28
N ASN L 22 27.03 18.93 20.67
CA ASN L 22 26.84 20.18 19.94
C ASN L 22 25.88 20.01 18.76
N LEU L 23 26.00 18.93 17.98
CA LEU L 23 25.09 18.62 16.88
C LEU L 23 23.65 18.46 17.38
N LEU L 24 23.45 17.68 18.43
CA LEU L 24 22.13 17.48 19.04
C LEU L 24 21.54 18.79 19.57
N ALA L 25 22.36 19.63 20.22
CA ALA L 25 21.93 20.92 20.74
C ALA L 25 21.52 21.89 19.62
N VAL L 26 22.30 21.95 18.53
CA VAL L 26 21.98 22.75 17.34
C VAL L 26 20.66 22.29 16.73
N GLY L 27 20.49 20.98 16.52
CA GLY L 27 19.26 20.41 15.99
C GLY L 27 18.05 20.70 16.88
N PHE L 28 18.20 20.61 18.20
CA PHE L 28 17.14 20.93 19.16
C PHE L 28 16.75 22.40 19.12
N LEU L 29 17.72 23.32 19.16
CA LEU L 29 17.47 24.76 19.14
C LEU L 29 16.84 25.22 17.82
N TYR L 30 17.23 24.61 16.70
CA TYR L 30 16.68 24.94 15.39
C TYR L 30 15.27 24.39 15.19
N SER L 31 15.01 23.13 15.59
CA SER L 31 13.70 22.49 15.45
C SER L 31 12.71 22.86 16.54
N GLU L 32 13.19 23.43 17.66
CA GLU L 32 12.43 23.68 18.89
C GLU L 32 11.76 22.43 19.47
N SER L 33 12.24 21.24 19.10
CA SER L 33 11.72 19.95 19.54
C SER L 33 12.78 19.14 20.30
N PRO L 34 12.46 18.68 21.52
CA PRO L 34 13.36 17.80 22.27
C PRO L 34 13.31 16.33 21.83
N THR L 35 12.40 15.96 20.94
CA THR L 35 12.08 14.56 20.60
C THR L 35 13.29 13.74 20.17
N LEU L 36 14.18 14.31 19.36
CA LEU L 36 15.39 13.62 18.91
C LEU L 36 16.39 13.41 20.05
N VAL L 37 16.54 14.39 20.95
CA VAL L 37 17.43 14.27 22.11
C VAL L 37 16.86 13.23 23.10
N ASP L 38 15.53 13.22 23.31
CA ASP L 38 14.84 12.21 24.12
C ASP L 38 15.10 10.80 23.58
N ARG L 39 14.93 10.62 22.28
CA ARG L 39 15.19 9.34 21.61
C ARG L 39 16.66 8.90 21.76
N PHE L 40 17.58 9.85 21.65
CA PHE L 40 19.01 9.58 21.77
C PHE L 40 19.42 9.15 23.18
N ALA L 41 18.94 9.87 24.19
CA ALA L 41 19.25 9.60 25.58
C ALA L 41 18.56 8.33 26.14
N ASN L 42 17.45 7.90 25.52
CA ASN L 42 16.74 6.67 25.88
C ASN L 42 17.11 5.46 25.00
N ALA L 43 17.99 5.62 24.04
CA ALA L 43 18.39 4.54 23.14
C ALA L 43 18.95 3.33 23.89
N LEU L 44 18.48 2.14 23.52
CA LEU L 44 18.96 0.84 24.01
C LEU L 44 19.59 -0.02 22.90
N SER L 45 19.64 0.51 21.68
CA SER L 45 20.22 -0.16 20.52
C SER L 45 20.94 0.84 19.61
N LYS L 46 21.90 0.32 18.81
CA LYS L 46 22.58 1.09 17.78
C LYS L 46 21.63 1.65 16.71
N GLU L 47 20.51 0.96 16.46
CA GLU L 47 19.48 1.38 15.50
C GLU L 47 18.88 2.75 15.88
N ALA L 48 18.44 2.88 17.14
CA ALA L 48 17.86 4.12 17.65
C ALA L 48 18.86 5.29 17.60
N VAL L 49 20.11 5.05 18.00
CA VAL L 49 21.18 6.06 17.96
C VAL L 49 21.44 6.52 16.52
N THR L 50 21.61 5.58 15.61
CA THR L 50 21.92 5.88 14.20
C THR L 50 20.78 6.63 13.51
N LYS L 51 19.53 6.25 13.81
CA LYS L 51 18.35 6.94 13.29
C LYS L 51 18.31 8.41 13.74
N VAL L 52 18.61 8.69 15.00
CA VAL L 52 18.68 10.07 15.50
C VAL L 52 19.84 10.83 14.86
N LEU L 53 21.01 10.23 14.71
CA LEU L 53 22.15 10.87 14.06
C LEU L 53 21.84 11.28 12.63
N TYR L 54 21.08 10.47 11.88
CA TYR L 54 20.60 10.88 10.57
C TYR L 54 19.58 12.02 10.66
N ASP L 55 18.52 11.85 11.45
CA ASP L 55 17.41 12.80 11.51
C ASP L 55 17.87 14.19 11.98
N VAL L 56 18.77 14.27 12.97
CA VAL L 56 19.31 15.55 13.44
C VAL L 56 20.18 16.23 12.38
N GLN L 57 21.00 15.47 11.66
CA GLN L 57 21.80 16.00 10.56
C GLN L 57 20.93 16.44 9.38
N ARG L 58 19.81 15.78 9.13
CA ARG L 58 18.84 16.18 8.12
C ARG L 58 18.16 17.51 8.47
N ILE L 59 17.84 17.73 9.74
CA ILE L 59 17.34 19.02 10.25
C ILE L 59 18.41 20.11 10.10
N VAL L 60 19.65 19.83 10.50
CA VAL L 60 20.77 20.75 10.35
C VAL L 60 21.03 21.09 8.88
N GLN L 61 20.94 20.11 7.98
CA GLN L 61 21.08 20.32 6.53
C GLN L 61 20.04 21.32 5.99
N MET L 62 18.78 21.25 6.42
CA MET L 62 17.75 22.21 6.05
C MET L 62 18.10 23.62 6.55
N GLY L 63 18.57 23.73 7.79
CA GLY L 63 19.01 25.02 8.34
C GLY L 63 20.21 25.61 7.61
N ILE L 64 21.14 24.77 7.16
CA ILE L 64 22.29 25.18 6.33
C ILE L 64 21.78 25.68 4.97
N ASP L 65 20.88 24.96 4.31
CA ASP L 65 20.38 25.35 2.99
C ASP L 65 19.58 26.67 3.03
N ARG L 66 18.84 26.88 4.11
CA ARG L 66 18.11 28.14 4.38
C ARG L 66 19.01 29.27 4.90
N SER L 67 20.30 29.01 5.11
CA SER L 67 21.25 29.94 5.75
C SER L 67 20.84 30.39 7.16
N GLU L 68 20.06 29.58 7.85
CA GLU L 68 19.64 29.78 9.24
C GLU L 68 20.60 29.09 10.23
N ILE L 69 21.40 28.14 9.75
CA ILE L 69 22.51 27.54 10.49
C ILE L 69 23.81 27.84 9.74
N ALA L 70 24.76 28.47 10.41
CA ALA L 70 26.07 28.80 9.84
C ALA L 70 27.18 28.65 10.88
N THR L 71 28.35 28.20 10.45
CA THR L 71 29.55 28.23 11.28
C THR L 71 30.10 29.65 11.35
N THR L 72 30.64 30.01 12.52
CA THR L 72 31.23 31.32 12.78
C THR L 72 32.35 31.17 13.82
N THR L 73 33.03 32.26 14.10
CA THR L 73 33.91 32.41 15.26
C THR L 73 33.36 33.51 16.16
N ILE L 74 33.50 33.33 17.46
CA ILE L 74 33.10 34.33 18.46
C ILE L 74 34.23 34.54 19.46
N THR L 75 34.41 35.78 19.87
CA THR L 75 35.35 36.12 20.94
C THR L 75 34.60 36.04 22.26
N ILE L 76 35.02 35.14 23.16
CA ILE L 76 34.37 34.96 24.45
C ILE L 76 35.21 35.60 25.54
N GLY L 85 39.61 36.51 25.27
CA GLY L 85 39.86 37.34 24.10
C GLY L 85 40.30 36.59 22.83
N LYS L 86 40.36 35.26 22.85
CA LYS L 86 40.60 34.47 21.63
C LYS L 86 39.28 34.09 20.97
N ASP L 87 39.36 33.90 19.66
CA ASP L 87 38.25 33.43 18.86
C ASP L 87 38.02 31.93 19.09
N TYR L 88 36.78 31.58 19.39
CA TYR L 88 36.31 30.22 19.51
C TYR L 88 35.41 29.88 18.33
N PRO L 89 35.49 28.64 17.81
CA PRO L 89 34.54 28.17 16.81
C PRO L 89 33.13 28.10 17.42
N ALA L 90 32.14 28.48 16.66
CA ALA L 90 30.75 28.46 17.07
C ALA L 90 29.81 28.16 15.90
N VAL L 91 28.56 27.86 16.22
CA VAL L 91 27.48 27.68 15.25
C VAL L 91 26.35 28.65 15.61
N ASN L 92 26.02 29.56 14.69
CA ASN L 92 24.86 30.41 14.81
C ASN L 92 23.61 29.67 14.32
N VAL L 93 22.53 29.76 15.08
CA VAL L 93 21.23 29.16 14.77
C VAL L 93 20.16 30.25 14.86
N ASN L 94 19.42 30.47 13.78
CA ASN L 94 18.24 31.33 13.77
C ASN L 94 17.00 30.45 13.70
N SER L 95 16.10 30.56 14.68
CA SER L 95 14.84 29.82 14.72
C SER L 95 13.71 30.71 15.22
N SER L 96 12.60 30.78 14.46
CA SER L 96 11.41 31.55 14.83
C SER L 96 11.70 32.99 15.31
N GLY L 97 12.66 33.67 14.69
CA GLY L 97 13.14 35.00 15.08
C GLY L 97 14.07 35.05 16.30
N ALA L 98 14.28 33.94 16.99
CA ALA L 98 15.30 33.83 18.03
C ALA L 98 16.67 33.51 17.41
N LYS L 99 17.72 34.11 17.98
CA LYS L 99 19.11 33.84 17.61
C LYS L 99 19.81 33.14 18.77
N TYR L 100 20.42 32.02 18.47
CA TYR L 100 21.21 31.23 19.41
C TYR L 100 22.62 31.05 18.86
N THR L 101 23.60 30.92 19.76
CA THR L 101 24.98 30.60 19.39
C THR L 101 25.48 29.45 20.26
N VAL L 102 25.78 28.32 19.63
CA VAL L 102 26.39 27.15 20.28
C VAL L 102 27.90 27.23 20.08
N VAL L 103 28.67 27.20 21.16
CA VAL L 103 30.14 27.28 21.11
C VAL L 103 30.72 25.88 20.91
N GLY L 104 31.57 25.72 19.91
CA GLY L 104 32.23 24.45 19.59
C GLY L 104 32.08 24.05 18.12
N TYR L 105 32.69 22.92 17.77
CA TYR L 105 32.58 22.35 16.43
C TYR L 105 31.42 21.36 16.35
N LEU L 106 30.88 21.20 15.13
CA LEU L 106 30.03 20.07 14.78
C LEU L 106 30.91 18.84 14.48
N PRO L 107 30.37 17.61 14.66
CA PRO L 107 31.11 16.39 14.41
C PRO L 107 31.46 16.24 12.92
N THR L 108 32.62 15.63 12.67
CA THR L 108 33.02 15.19 11.33
C THR L 108 32.38 13.84 11.00
N SER L 109 32.47 13.40 9.75
CA SER L 109 32.07 12.04 9.37
C SER L 109 32.86 10.99 10.16
N GLN L 110 34.14 11.24 10.42
CA GLN L 110 34.95 10.33 11.24
C GLN L 110 34.48 10.30 12.70
N ASP L 111 34.06 11.44 13.26
CA ASP L 111 33.50 11.49 14.60
C ASP L 111 32.21 10.68 14.70
N ILE L 112 31.33 10.75 13.69
CA ILE L 112 30.10 9.96 13.65
C ILE L 112 30.43 8.45 13.60
N GLU L 113 31.41 8.09 12.79
CA GLU L 113 31.81 6.69 12.63
C GLU L 113 32.47 6.14 13.90
N ASP L 114 33.38 6.90 14.52
CA ASP L 114 34.01 6.53 15.78
C ASP L 114 32.99 6.52 16.92
N PHE L 115 32.04 7.45 16.94
CA PHE L 115 30.95 7.46 17.91
C PHE L 115 30.05 6.23 17.76
N LEU L 116 29.68 5.85 16.54
CA LEU L 116 28.91 4.63 16.30
C LEU L 116 29.66 3.38 16.76
N ARG L 117 30.98 3.32 16.60
CA ARG L 117 31.81 2.24 17.16
C ARG L 117 31.79 2.22 18.69
N MET L 118 31.85 3.39 19.33
CA MET L 118 31.69 3.51 20.79
C MET L 118 30.31 3.02 21.25
N ILE L 119 29.24 3.31 20.49
CA ILE L 119 27.86 2.85 20.77
C ILE L 119 27.73 1.34 20.60
N GLU L 120 28.38 0.75 19.61
CA GLU L 120 28.41 -0.69 19.40
C GLU L 120 29.08 -1.43 20.58
N GLU L 121 30.02 -0.78 21.28
CA GLU L 121 30.62 -1.29 22.53
C GLU L 121 29.75 -0.98 23.77
N ASP L 122 29.25 0.26 23.90
CA ASP L 122 28.44 0.68 25.04
C ASP L 122 27.50 1.86 24.72
N VAL L 123 26.19 1.59 24.70
CA VAL L 123 25.14 2.59 24.46
C VAL L 123 25.11 3.71 25.51
N TYR L 124 25.83 3.58 26.64
CA TYR L 124 26.05 4.65 27.63
C TYR L 124 26.50 5.98 27.01
N TYR L 125 27.33 5.94 25.99
CA TYR L 125 27.84 7.15 25.35
C TYR L 125 26.75 7.99 24.69
N ALA L 126 25.64 7.38 24.24
CA ALA L 126 24.48 8.12 23.75
C ALA L 126 23.79 8.90 24.87
N ARG L 127 23.66 8.29 26.05
CA ARG L 127 23.12 8.98 27.24
C ARG L 127 24.01 10.16 27.66
N LYS L 128 25.33 9.99 27.65
CA LYS L 128 26.29 11.04 27.98
C LYS L 128 26.17 12.22 26.99
N ALA L 129 26.14 11.95 25.69
CA ALA L 129 25.96 12.97 24.67
C ALA L 129 24.60 13.69 24.79
N GLY L 130 23.53 12.96 25.06
CA GLY L 130 22.20 13.53 25.27
C GLY L 130 22.13 14.45 26.49
N ALA L 131 22.73 14.05 27.61
CA ALA L 131 22.80 14.87 28.82
C ALA L 131 23.57 16.18 28.58
N LEU L 132 24.70 16.12 27.86
CA LEU L 132 25.46 17.30 27.48
C LEU L 132 24.67 18.21 26.53
N ALA L 133 24.02 17.64 25.52
CA ALA L 133 23.22 18.40 24.55
C ALA L 133 22.08 19.17 25.21
N MET L 134 21.35 18.52 26.12
CA MET L 134 20.27 19.16 26.87
C MET L 134 20.79 20.29 27.78
N SER L 135 21.97 20.11 28.38
CA SER L 135 22.62 21.16 29.19
C SER L 135 22.98 22.38 28.36
N ILE L 136 23.54 22.18 27.16
CA ILE L 136 23.87 23.26 26.23
C ILE L 136 22.60 24.04 25.83
N ALA L 137 21.57 23.32 25.41
CA ALA L 137 20.31 23.91 24.97
C ALA L 137 19.61 24.68 26.10
N ASN L 138 19.53 24.11 27.31
CA ASN L 138 18.91 24.74 28.46
C ASN L 138 19.60 26.04 28.85
N ARG L 139 20.95 26.05 28.89
CA ARG L 139 21.70 27.27 29.22
C ARG L 139 21.47 28.38 28.21
N ILE L 140 21.43 28.04 26.93
CA ILE L 140 21.19 29.00 25.84
C ILE L 140 19.76 29.53 25.90
N LYS L 141 18.75 28.66 26.09
CA LYS L 141 17.34 29.08 26.21
C LYS L 141 17.11 29.97 27.42
N LEU L 142 17.70 29.66 28.58
CA LEU L 142 17.62 30.50 29.77
C LEU L 142 18.21 31.89 29.53
N GLY L 143 19.40 31.98 28.96
CA GLY L 143 20.04 33.26 28.63
C GLY L 143 19.22 34.11 27.65
N SER L 144 18.66 33.48 26.62
CA SER L 144 17.81 34.16 25.64
C SER L 144 16.52 34.70 26.25
N LYS L 145 15.86 33.95 27.16
CA LYS L 145 14.65 34.43 27.85
C LYS L 145 14.96 35.58 28.81
N GLN L 146 16.08 35.54 29.51
CA GLN L 146 16.49 36.61 30.42
C GLN L 146 16.73 37.92 29.67
N SER L 147 17.44 37.91 28.55
CA SER L 147 17.67 39.11 27.75
C SER L 147 16.37 39.72 27.20
N LYS L 148 15.40 38.90 26.82
CA LYS L 148 14.08 39.39 26.39
C LYS L 148 13.29 40.02 27.54
N SER L 149 13.40 39.50 28.76
CA SER L 149 12.70 40.06 29.92
C SER L 149 13.31 41.41 30.35
N GLU L 150 14.61 41.58 30.27
CA GLU L 150 15.29 42.84 30.56
C GLU L 150 14.92 43.91 29.52
N GLU M 12 -3.74 -32.99 -28.05
CA GLU M 12 -3.56 -33.43 -29.44
C GLU M 12 -3.05 -32.28 -30.35
N LYS M 13 -3.48 -31.04 -30.09
CA LYS M 13 -2.93 -29.85 -30.78
C LYS M 13 -1.42 -29.71 -30.56
N GLU M 14 -0.94 -29.89 -29.33
CA GLU M 14 0.50 -29.84 -29.03
C GLU M 14 1.28 -30.98 -29.70
N ASN M 15 0.68 -32.17 -29.76
CA ASN M 15 1.30 -33.31 -30.46
C ASN M 15 1.45 -33.03 -31.96
N ILE M 16 0.42 -32.45 -32.59
CA ILE M 16 0.46 -32.06 -34.00
C ILE M 16 1.57 -31.02 -34.22
N ILE M 17 1.60 -29.94 -33.42
CA ILE M 17 2.62 -28.90 -33.50
C ILE M 17 4.03 -29.49 -33.32
N GLY M 18 4.21 -30.41 -32.36
CA GLY M 18 5.47 -31.08 -32.14
C GLY M 18 5.92 -31.94 -33.32
N ARG M 19 5.00 -32.64 -33.98
CA ARG M 19 5.29 -33.43 -35.20
C ARG M 19 5.64 -32.54 -36.39
N ILE M 20 4.96 -31.41 -36.56
CA ILE M 20 5.31 -30.39 -37.57
C ILE M 20 6.71 -29.81 -37.28
N ALA M 21 7.02 -29.52 -36.01
CA ALA M 21 8.35 -29.03 -35.62
C ALA M 21 9.45 -30.06 -35.93
N ASN M 22 9.19 -31.34 -35.72
CA ASN M 22 10.12 -32.41 -36.09
C ASN M 22 10.37 -32.43 -37.61
N LEU M 23 9.32 -32.29 -38.42
CA LEU M 23 9.45 -32.22 -39.88
C LEU M 23 10.33 -31.03 -40.31
N LEU M 24 10.06 -29.84 -39.75
CA LEU M 24 10.86 -28.64 -40.04
C LEU M 24 12.33 -28.80 -39.60
N ALA M 25 12.57 -29.40 -38.43
CA ALA M 25 13.92 -29.65 -37.93
C ALA M 25 14.69 -30.65 -38.81
N VAL M 26 14.04 -31.74 -39.24
CA VAL M 26 14.62 -32.70 -40.17
C VAL M 26 14.97 -32.03 -41.51
N GLY M 27 14.05 -31.26 -42.07
CA GLY M 27 14.28 -30.52 -43.31
C GLY M 27 15.43 -29.52 -43.19
N PHE M 28 15.53 -28.80 -42.07
CA PHE M 28 16.62 -27.86 -41.80
C PHE M 28 17.98 -28.57 -41.67
N LEU M 29 18.05 -29.64 -40.88
CA LEU M 29 19.30 -30.38 -40.68
C LEU M 29 19.80 -31.05 -41.98
N TYR M 30 18.86 -31.55 -42.81
CA TYR M 30 19.21 -32.17 -44.08
C TYR M 30 19.66 -31.16 -45.14
N SER M 31 18.94 -30.04 -45.27
CA SER M 31 19.25 -28.99 -46.26
C SER M 31 20.38 -28.05 -45.82
N GLU M 32 20.72 -28.05 -44.53
CA GLU M 32 21.63 -27.10 -43.88
C GLU M 32 21.22 -25.62 -44.08
N SER M 33 19.94 -25.38 -44.39
CA SER M 33 19.39 -24.06 -44.65
C SER M 33 18.26 -23.73 -43.66
N PRO M 34 18.33 -22.58 -42.96
CA PRO M 34 17.24 -22.13 -42.09
C PRO M 34 16.09 -21.46 -42.85
N THR M 35 16.23 -21.22 -44.15
CA THR M 35 15.31 -20.39 -44.95
C THR M 35 13.84 -20.82 -44.85
N LEU M 36 13.56 -22.12 -44.88
CA LEU M 36 12.18 -22.60 -44.76
C LEU M 36 11.61 -22.39 -43.36
N VAL M 37 12.43 -22.57 -42.31
CA VAL M 37 12.00 -22.34 -40.92
C VAL M 37 11.77 -20.84 -40.69
N ASP M 38 12.65 -19.98 -41.23
CA ASP M 38 12.48 -18.53 -41.19
C ASP M 38 11.16 -18.11 -41.85
N ARG M 39 10.87 -18.64 -43.04
CA ARG M 39 9.62 -18.37 -43.75
C ARG M 39 8.40 -18.84 -42.95
N PHE M 40 8.49 -20.00 -42.31
CA PHE M 40 7.41 -20.58 -41.50
C PHE M 40 7.12 -19.74 -40.25
N ALA M 41 8.16 -19.35 -39.51
CA ALA M 41 8.01 -18.57 -38.28
C ALA M 41 7.61 -17.11 -38.52
N ASN M 42 7.88 -16.57 -39.72
CA ASN M 42 7.46 -15.22 -40.11
C ASN M 42 6.17 -15.17 -40.93
N ALA M 43 5.54 -16.31 -41.20
CA ALA M 43 4.31 -16.37 -41.97
C ALA M 43 3.20 -15.50 -41.37
N LEU M 44 2.53 -14.74 -42.23
CA LEU M 44 1.36 -13.92 -41.90
C LEU M 44 0.09 -14.37 -42.65
N SER M 45 0.20 -15.42 -43.46
CA SER M 45 -0.91 -15.99 -44.23
C SER M 45 -0.80 -17.52 -44.31
N LYS M 46 -1.93 -18.18 -44.51
CA LYS M 46 -1.99 -19.63 -44.78
C LYS M 46 -1.21 -20.02 -46.04
N GLU M 47 -1.08 -19.12 -47.01
CA GLU M 47 -0.31 -19.35 -48.25
C GLU M 47 1.17 -19.63 -47.95
N ALA M 48 1.81 -18.78 -47.15
CA ALA M 48 3.20 -18.94 -46.78
C ALA M 48 3.44 -20.24 -46.00
N VAL M 49 2.56 -20.55 -45.05
CA VAL M 49 2.64 -21.78 -44.25
C VAL M 49 2.53 -23.02 -45.14
N THR M 50 1.52 -23.05 -46.01
CA THR M 50 1.28 -24.19 -46.90
C THR M 50 2.43 -24.39 -47.88
N LYS M 51 2.98 -23.31 -48.41
CA LYS M 51 4.15 -23.37 -49.29
C LYS M 51 5.36 -23.98 -48.60
N VAL M 52 5.64 -23.60 -47.36
CA VAL M 52 6.74 -24.20 -46.58
C VAL M 52 6.47 -25.67 -46.28
N LEU M 53 5.24 -26.04 -45.89
CA LEU M 53 4.89 -27.43 -45.63
C LEU M 53 5.13 -28.32 -46.85
N TYR M 54 4.81 -27.82 -48.06
CA TYR M 54 5.15 -28.55 -49.27
C TYR M 54 6.67 -28.61 -49.50
N ASP M 55 7.37 -27.47 -49.46
CA ASP M 55 8.80 -27.40 -49.80
C ASP M 55 9.65 -28.24 -48.84
N VAL M 56 9.36 -28.23 -47.53
CA VAL M 56 10.08 -29.05 -46.55
C VAL M 56 9.84 -30.53 -46.76
N GLN M 57 8.61 -30.94 -47.05
CA GLN M 57 8.31 -32.33 -47.36
C GLN M 57 8.96 -32.78 -48.67
N ARG M 58 9.08 -31.89 -49.66
CA ARG M 58 9.80 -32.18 -50.90
C ARG M 58 11.29 -32.41 -50.66
N ILE M 59 11.91 -31.64 -49.77
CA ILE M 59 13.30 -31.86 -49.33
C ILE M 59 13.43 -33.20 -48.59
N VAL M 60 12.52 -33.49 -47.65
CA VAL M 60 12.51 -34.76 -46.92
C VAL M 60 12.32 -35.94 -47.87
N GLN M 61 11.43 -35.82 -48.86
CA GLN M 61 11.24 -36.84 -49.90
C GLN M 61 12.54 -37.17 -50.65
N MET M 62 13.34 -36.17 -51.02
CA MET M 62 14.65 -36.40 -51.65
C MET M 62 15.60 -37.15 -50.71
N GLY M 63 15.62 -36.78 -49.44
CA GLY M 63 16.43 -37.47 -48.43
C GLY M 63 16.01 -38.92 -48.21
N ILE M 64 14.72 -39.19 -48.25
CA ILE M 64 14.16 -40.54 -48.18
C ILE M 64 14.59 -41.36 -49.40
N ASP M 65 14.44 -40.81 -50.63
CA ASP M 65 14.80 -41.51 -51.86
C ASP M 65 16.30 -41.81 -51.94
N ARG M 66 17.14 -40.93 -51.39
CA ARG M 66 18.60 -41.14 -51.26
C ARG M 66 19.00 -42.02 -50.08
N SER M 67 18.06 -42.49 -49.28
CA SER M 67 18.31 -43.21 -48.01
C SER M 67 19.16 -42.43 -47.01
N GLU M 68 19.16 -41.10 -47.10
CA GLU M 68 19.84 -40.19 -46.18
C GLU M 68 18.92 -39.74 -45.03
N ILE M 69 17.61 -39.88 -45.20
CA ILE M 69 16.61 -39.72 -44.14
C ILE M 69 15.89 -41.05 -43.94
N ALA M 70 15.92 -41.59 -42.73
CA ALA M 70 15.26 -42.84 -42.39
C ALA M 70 14.64 -42.78 -40.98
N THR M 71 13.49 -43.41 -40.81
CA THR M 71 12.92 -43.62 -39.47
C THR M 71 13.67 -44.74 -38.76
N THR M 72 13.80 -44.60 -37.44
CA THR M 72 14.48 -45.56 -36.58
C THR M 72 13.87 -45.52 -35.19
N THR M 73 14.30 -46.42 -34.33
CA THR M 73 14.09 -46.32 -32.88
C THR M 73 15.42 -46.18 -32.18
N ILE M 74 15.45 -45.41 -31.11
CA ILE M 74 16.65 -45.21 -30.30
C ILE M 74 16.30 -45.39 -28.82
N THR M 75 17.19 -46.03 -28.09
CA THR M 75 17.09 -46.13 -26.63
C THR M 75 17.76 -44.93 -26.01
N ILE M 76 17.00 -44.11 -25.29
CA ILE M 76 17.52 -42.90 -24.65
C ILE M 76 17.73 -43.14 -23.16
N GLY M 85 15.64 -46.23 -20.71
CA GLY M 85 15.87 -47.55 -21.31
C GLY M 85 14.78 -48.06 -22.25
N LYS M 86 13.72 -47.28 -22.53
CA LYS M 86 12.73 -47.63 -23.56
C LYS M 86 13.14 -47.06 -24.92
N ASP M 87 12.68 -47.75 -25.96
CA ASP M 87 12.86 -47.30 -27.34
C ASP M 87 11.91 -46.15 -27.66
N TYR M 88 12.47 -45.09 -28.21
CA TYR M 88 11.75 -43.94 -28.71
C TYR M 88 11.83 -43.90 -30.24
N PRO M 89 10.74 -43.52 -30.94
CA PRO M 89 10.79 -43.28 -32.37
C PRO M 89 11.72 -42.10 -32.66
N ALA M 90 12.49 -42.21 -33.72
CA ALA M 90 13.41 -41.16 -34.15
C ALA M 90 13.55 -41.14 -35.69
N VAL M 91 14.15 -40.07 -36.19
CA VAL M 91 14.52 -39.92 -37.60
C VAL M 91 16.02 -39.65 -37.67
N ASN M 92 16.74 -40.55 -38.35
CA ASN M 92 18.14 -40.34 -38.66
C ASN M 92 18.27 -39.50 -39.94
N VAL M 93 19.14 -38.51 -39.90
CA VAL M 93 19.44 -37.61 -41.01
C VAL M 93 20.94 -37.61 -41.26
N ASN M 94 21.36 -37.96 -42.46
CA ASN M 94 22.75 -37.82 -42.90
C ASN M 94 22.85 -36.63 -43.85
N SER M 95 23.70 -35.65 -43.52
CA SER M 95 23.93 -34.47 -44.35
C SER M 95 25.40 -34.10 -44.35
N SER M 96 26.00 -33.96 -45.55
CA SER M 96 27.40 -33.52 -45.71
C SER M 96 28.41 -34.27 -44.82
N GLY M 97 28.20 -35.56 -44.60
CA GLY M 97 28.99 -36.41 -43.70
C GLY M 97 28.68 -36.25 -42.21
N ALA M 98 27.82 -35.33 -41.82
CA ALA M 98 27.30 -35.24 -40.46
C ALA M 98 26.10 -36.18 -40.29
N LYS M 99 26.00 -36.82 -39.13
CA LYS M 99 24.85 -37.64 -38.75
C LYS M 99 24.10 -36.96 -37.62
N TYR M 100 22.81 -36.77 -37.80
CA TYR M 100 21.91 -36.21 -36.81
C TYR M 100 20.77 -37.19 -36.52
N THR M 101 20.24 -37.15 -35.32
CA THR M 101 19.06 -37.94 -34.94
C THR M 101 18.05 -37.02 -34.26
N VAL M 102 16.88 -36.88 -34.88
CA VAL M 102 15.74 -36.14 -34.32
C VAL M 102 14.83 -37.15 -33.63
N VAL M 103 14.53 -36.95 -32.35
CA VAL M 103 13.66 -37.84 -31.58
C VAL M 103 12.21 -37.44 -31.77
N GLY M 104 11.36 -38.39 -32.13
CA GLY M 104 9.92 -38.18 -32.35
C GLY M 104 9.44 -38.69 -33.70
N TYR M 105 8.13 -38.54 -33.93
CA TYR M 105 7.49 -38.91 -35.20
C TYR M 105 7.46 -37.71 -36.15
N LEU M 106 7.45 -37.99 -37.46
CA LEU M 106 7.05 -37.04 -38.49
C LEU M 106 5.51 -36.95 -38.55
N PRO M 107 4.95 -35.81 -39.01
CA PRO M 107 3.50 -35.65 -39.12
C PRO M 107 2.91 -36.61 -40.16
N THR M 108 1.68 -37.04 -39.87
CA THR M 108 0.83 -37.77 -40.83
C THR M 108 0.13 -36.80 -41.78
N SER M 109 -0.52 -37.33 -42.82
CA SER M 109 -1.39 -36.50 -43.69
C SER M 109 -2.50 -35.83 -42.89
N GLN M 110 -3.07 -36.53 -41.90
CA GLN M 110 -4.10 -35.96 -41.02
C GLN M 110 -3.53 -34.83 -40.15
N ASP M 111 -2.29 -34.97 -39.66
CA ASP M 111 -1.64 -33.91 -38.89
C ASP M 111 -1.43 -32.64 -39.72
N ILE M 112 -1.05 -32.77 -40.99
CA ILE M 112 -0.90 -31.63 -41.90
C ILE M 112 -2.26 -30.94 -42.13
N GLU M 113 -3.32 -31.73 -42.34
CA GLU M 113 -4.66 -31.21 -42.58
C GLU M 113 -5.22 -30.51 -41.33
N ASP M 114 -5.06 -31.13 -40.16
CA ASP M 114 -5.47 -30.54 -38.89
C ASP M 114 -4.64 -29.30 -38.54
N PHE M 115 -3.32 -29.32 -38.83
CA PHE M 115 -2.45 -28.16 -38.65
C PHE M 115 -2.85 -27.00 -39.56
N LEU M 116 -3.17 -27.26 -40.83
CA LEU M 116 -3.67 -26.22 -41.74
C LEU M 116 -4.99 -25.63 -41.24
N ARG M 117 -5.89 -26.44 -40.67
CA ARG M 117 -7.12 -25.95 -40.04
C ARG M 117 -6.82 -25.04 -38.83
N MET M 118 -5.81 -25.40 -38.00
CA MET M 118 -5.34 -24.57 -36.89
C MET M 118 -4.76 -23.23 -37.40
N ILE M 119 -4.02 -23.23 -38.52
CA ILE M 119 -3.46 -22.03 -39.14
C ILE M 119 -4.55 -21.12 -39.71
N GLU M 120 -5.62 -21.69 -40.27
CA GLU M 120 -6.77 -20.93 -40.76
C GLU M 120 -7.50 -20.20 -39.62
N GLU M 121 -7.45 -20.73 -38.38
CA GLU M 121 -7.94 -20.06 -37.18
C GLU M 121 -6.93 -19.05 -36.62
N ASP M 122 -5.65 -19.44 -36.49
CA ASP M 122 -4.60 -18.58 -35.93
C ASP M 122 -3.20 -18.97 -36.42
N VAL M 123 -2.58 -18.08 -37.21
CA VAL M 123 -1.21 -18.23 -37.73
C VAL M 123 -0.14 -18.31 -36.63
N TYR M 124 -0.48 -18.00 -35.38
CA TYR M 124 0.36 -18.21 -34.20
C TYR M 124 0.97 -19.62 -34.12
N TYR M 125 0.22 -20.64 -34.49
CA TYR M 125 0.70 -22.02 -34.43
C TYR M 125 1.89 -22.29 -35.35
N ALA M 126 2.03 -21.56 -36.46
CA ALA M 126 3.21 -21.63 -37.31
C ALA M 126 4.45 -21.10 -36.58
N ARG M 127 4.31 -19.98 -35.85
CA ARG M 127 5.40 -19.44 -35.01
C ARG M 127 5.79 -20.39 -33.90
N LYS M 128 4.84 -21.04 -33.26
CA LYS M 128 5.09 -22.04 -32.21
C LYS M 128 5.87 -23.24 -32.77
N ALA M 129 5.44 -23.79 -33.90
CA ALA M 129 6.13 -24.89 -34.56
C ALA M 129 7.54 -24.49 -35.03
N GLY M 130 7.72 -23.29 -35.57
CA GLY M 130 9.02 -22.76 -35.98
C GLY M 130 9.99 -22.62 -34.80
N ALA M 131 9.52 -22.08 -33.67
CA ALA M 131 10.32 -21.95 -32.47
C ALA M 131 10.78 -23.31 -31.92
N LEU M 132 9.90 -24.30 -31.90
CA LEU M 132 10.23 -25.67 -31.51
C LEU M 132 11.23 -26.31 -32.48
N ALA M 133 11.03 -26.17 -33.79
CA ALA M 133 11.92 -26.72 -34.81
C ALA M 133 13.34 -26.17 -34.70
N MET M 134 13.48 -24.85 -34.52
CA MET M 134 14.79 -24.22 -34.34
C MET M 134 15.47 -24.68 -33.05
N SER M 135 14.72 -24.89 -31.97
CA SER M 135 15.24 -25.44 -30.71
C SER M 135 15.79 -26.85 -30.88
N ILE M 136 15.06 -27.72 -31.58
CA ILE M 136 15.50 -29.09 -31.88
C ILE M 136 16.80 -29.05 -32.68
N ALA M 137 16.84 -28.28 -33.76
CA ALA M 137 17.98 -28.18 -34.64
C ALA M 137 19.22 -27.61 -33.92
N ASN M 138 19.07 -26.54 -33.13
CA ASN M 138 20.14 -25.93 -32.37
C ASN M 138 20.77 -26.90 -31.36
N ARG M 139 19.94 -27.62 -30.61
CA ARG M 139 20.43 -28.60 -29.62
C ARG M 139 21.23 -29.72 -30.30
N ILE M 140 20.75 -30.21 -31.43
CA ILE M 140 21.43 -31.27 -32.19
C ILE M 140 22.76 -30.75 -32.78
N LYS M 141 22.77 -29.54 -33.37
CA LYS M 141 23.99 -28.94 -33.92
C LYS M 141 25.03 -28.68 -32.83
N LEU M 142 24.64 -28.18 -31.66
CA LEU M 142 25.53 -27.98 -30.52
C LEU M 142 26.18 -29.29 -30.06
N GLY M 143 25.38 -30.34 -29.86
CA GLY M 143 25.88 -31.65 -29.46
C GLY M 143 26.86 -32.24 -30.49
N SER M 144 26.56 -32.13 -31.77
CA SER M 144 27.43 -32.60 -32.85
C SER M 144 28.77 -31.84 -32.90
N LYS M 145 28.78 -30.53 -32.69
CA LYS M 145 30.03 -29.75 -32.65
C LYS M 145 30.87 -30.08 -31.42
N GLN M 146 30.26 -30.31 -30.27
CA GLN M 146 30.96 -30.67 -29.05
C GLN M 146 31.67 -32.03 -29.19
N SER M 147 31.00 -33.04 -29.71
CA SER M 147 31.61 -34.35 -29.94
C SER M 147 32.79 -34.30 -30.92
N LYS M 148 32.72 -33.45 -31.95
CA LYS M 148 33.85 -33.24 -32.87
C LYS M 148 35.04 -32.55 -32.20
N SER M 149 34.81 -31.63 -31.28
CA SER M 149 35.89 -30.96 -30.56
C SER M 149 36.58 -31.88 -29.57
N GLU M 150 35.84 -32.75 -28.89
CA GLU M 150 36.40 -33.76 -27.98
C GLU M 150 37.24 -34.79 -28.75
N GLU N 12 19.00 18.63 45.52
CA GLU N 12 18.43 19.15 44.25
C GLU N 12 17.18 18.34 43.92
N LYS N 13 17.07 17.13 44.48
CA LYS N 13 15.83 16.35 44.29
C LYS N 13 14.57 17.19 44.57
N GLU N 14 14.57 17.98 45.64
CA GLU N 14 13.45 18.87 45.96
C GLU N 14 13.27 19.99 44.92
N ASN N 15 14.37 20.52 44.39
CA ASN N 15 14.33 21.52 43.33
C ASN N 15 13.72 20.94 42.05
N ILE N 16 14.12 19.73 41.67
CA ILE N 16 13.54 19.02 40.52
C ILE N 16 12.05 18.80 40.72
N ILE N 17 11.64 18.25 41.87
CA ILE N 17 10.23 18.04 42.20
C ILE N 17 9.44 19.36 42.15
N GLY N 18 10.00 20.44 42.68
CA GLY N 18 9.40 21.77 42.64
C GLY N 18 9.20 22.29 41.21
N ARG N 19 10.19 22.09 40.33
CA ARG N 19 10.08 22.47 38.91
C ARG N 19 9.06 21.62 38.15
N ILE N 20 8.97 20.33 38.43
CA ILE N 20 7.91 19.46 37.90
C ILE N 20 6.53 19.91 38.40
N ALA N 21 6.41 20.26 39.68
CA ALA N 21 5.17 20.79 40.24
C ALA N 21 4.74 22.10 39.57
N ASN N 22 5.68 22.99 39.27
CA ASN N 22 5.40 24.21 38.51
C ASN N 22 4.87 23.90 37.11
N LEU N 23 5.47 22.93 36.40
CA LEU N 23 4.99 22.50 35.08
C LEU N 23 3.55 21.97 35.15
N LEU N 24 3.26 21.10 36.10
CA LEU N 24 1.91 20.56 36.31
C LEU N 24 0.91 21.67 36.66
N ALA N 25 1.29 22.63 37.51
CA ALA N 25 0.44 23.76 37.88
C ALA N 25 0.15 24.68 36.69
N VAL N 26 1.16 24.99 35.87
CA VAL N 26 0.98 25.77 34.64
C VAL N 26 0.03 25.04 33.68
N GLY N 27 0.25 23.75 33.45
CA GLY N 27 -0.63 22.95 32.60
C GLY N 27 -2.08 22.89 33.11
N PHE N 28 -2.28 22.75 34.43
CA PHE N 28 -3.60 22.76 35.04
C PHE N 28 -4.30 24.12 34.90
N LEU N 29 -3.61 25.22 35.20
CA LEU N 29 -4.18 26.56 35.09
C LEU N 29 -4.53 26.94 33.65
N TYR N 30 -3.71 26.52 32.69
CA TYR N 30 -3.94 26.78 31.27
C TYR N 30 -5.07 25.94 30.69
N SER N 31 -5.11 24.64 31.01
CA SER N 31 -6.14 23.71 30.52
C SER N 31 -7.46 23.78 31.30
N GLU N 32 -7.44 24.37 32.51
CA GLU N 32 -8.54 24.37 33.48
C GLU N 32 -9.04 22.96 33.86
N SER N 33 -8.20 21.94 33.65
CA SER N 33 -8.50 20.54 33.94
C SER N 33 -7.55 19.95 34.98
N PRO N 34 -8.06 19.32 36.05
CA PRO N 34 -7.22 18.63 37.03
C PRO N 34 -6.78 17.23 36.58
N THR N 35 -7.31 16.71 35.47
CA THR N 35 -7.17 15.29 35.07
C THR N 35 -5.71 14.82 34.98
N LEU N 36 -4.81 15.64 34.43
CA LEU N 36 -3.39 15.27 34.35
C LEU N 36 -2.72 15.23 35.72
N VAL N 37 -3.08 16.15 36.62
CA VAL N 37 -2.55 16.18 38.00
C VAL N 37 -3.07 14.97 38.78
N ASP N 38 -4.36 14.63 38.62
CA ASP N 38 -4.96 13.44 39.21
C ASP N 38 -4.24 12.17 38.75
N ARG N 39 -4.02 12.03 37.45
CA ARG N 39 -3.29 10.89 36.88
C ARG N 39 -1.85 10.82 37.42
N PHE N 40 -1.19 11.96 37.56
CA PHE N 40 0.18 12.03 38.07
C PHE N 40 0.27 11.62 39.55
N ALA N 41 -0.65 12.13 40.37
CA ALA N 41 -0.69 11.84 41.80
C ALA N 41 -1.13 10.40 42.12
N ASN N 42 -1.90 9.77 41.21
CA ASN N 42 -2.34 8.39 41.35
C ASN N 42 -1.48 7.36 40.60
N ALA N 43 -0.43 7.79 39.92
CA ALA N 43 0.44 6.91 39.16
C ALA N 43 1.06 5.81 40.04
N LEU N 44 1.02 4.57 39.54
CA LEU N 44 1.64 3.40 40.15
C LEU N 44 2.76 2.80 39.28
N SER N 45 3.02 3.38 38.12
CA SER N 45 4.05 2.94 37.18
C SER N 45 4.74 4.13 36.52
N LYS N 46 5.96 3.90 36.03
CA LYS N 46 6.70 4.86 35.22
C LYS N 46 5.98 5.26 33.92
N GLU N 47 5.16 4.34 33.37
CA GLU N 47 4.36 4.57 32.17
C GLU N 47 3.36 5.72 32.37
N ALA N 48 2.58 5.67 33.46
CA ALA N 48 1.59 6.69 33.76
C ALA N 48 2.24 8.06 34.00
N VAL N 49 3.35 8.10 34.75
CA VAL N 49 4.09 9.34 35.01
C VAL N 49 4.63 9.94 33.71
N THR N 50 5.26 9.13 32.88
CA THR N 50 5.87 9.59 31.62
C THR N 50 4.82 10.09 30.64
N LYS N 51 3.67 9.42 30.56
CA LYS N 51 2.54 9.84 29.75
C LYS N 51 2.03 11.22 30.16
N VAL N 52 1.87 11.47 31.46
CA VAL N 52 1.48 12.79 31.97
C VAL N 52 2.54 13.85 31.68
N LEU N 53 3.82 13.54 31.87
CA LEU N 53 4.91 14.47 31.57
C LEU N 53 4.91 14.90 30.10
N TYR N 54 4.60 14.00 29.18
CA TYR N 54 4.42 14.36 27.77
C TYR N 54 3.18 15.23 27.57
N ASP N 55 2.01 14.77 28.03
CA ASP N 55 0.73 15.42 27.77
C ASP N 55 0.69 16.85 28.35
N VAL N 56 1.24 17.07 29.56
CA VAL N 56 1.30 18.41 30.16
C VAL N 56 2.24 19.33 29.39
N GLN N 57 3.38 18.84 28.93
CA GLN N 57 4.31 19.61 28.10
C GLN N 57 3.71 19.92 26.73
N ARG N 58 2.90 19.02 26.18
CA ARG N 58 2.18 19.26 24.92
C ARG N 58 1.14 20.37 25.07
N ILE N 59 0.43 20.43 26.19
CA ILE N 59 -0.48 21.52 26.54
C ILE N 59 0.29 22.84 26.69
N VAL N 60 1.40 22.81 27.43
CA VAL N 60 2.26 24.00 27.61
C VAL N 60 2.82 24.48 26.26
N GLN N 61 3.22 23.56 25.36
CA GLN N 61 3.70 23.90 24.01
C GLN N 61 2.63 24.66 23.21
N MET N 62 1.36 24.25 23.26
CA MET N 62 0.28 24.98 22.61
C MET N 62 0.12 26.40 23.19
N GLY N 63 0.19 26.54 24.50
CA GLY N 63 0.15 27.85 25.16
C GLY N 63 1.32 28.76 24.79
N ILE N 64 2.52 28.19 24.62
CA ILE N 64 3.69 28.90 24.15
C ILE N 64 3.48 29.37 22.70
N ASP N 65 2.99 28.49 21.81
CA ASP N 65 2.79 28.85 20.41
C ASP N 65 1.72 29.93 20.21
N ARG N 66 0.67 29.90 21.03
CA ARG N 66 -0.37 30.93 21.10
C ARG N 66 0.07 32.20 21.85
N SER N 67 1.26 32.23 22.40
CA SER N 67 1.75 33.32 23.28
C SER N 67 0.88 33.57 24.52
N GLU N 68 0.16 32.55 24.96
CA GLU N 68 -0.66 32.56 26.19
C GLU N 68 0.13 32.06 27.40
N ILE N 69 1.23 31.35 27.18
CA ILE N 69 2.21 30.97 28.20
C ILE N 69 3.56 31.61 27.84
N ALA N 70 4.11 32.41 28.76
CA ALA N 70 5.39 33.06 28.57
C ALA N 70 6.18 33.09 29.88
N THR N 71 7.50 32.95 29.79
CA THR N 71 8.38 33.20 30.94
C THR N 71 8.53 34.70 31.17
N THR N 72 8.63 35.08 32.45
CA THR N 72 8.80 36.48 32.87
C THR N 72 9.59 36.52 34.17
N THR N 73 9.89 37.72 34.64
CA THR N 73 10.36 37.97 36.00
C THR N 73 9.34 38.84 36.73
N ILE N 74 9.17 38.61 38.02
CA ILE N 74 8.30 39.41 38.88
C ILE N 74 9.02 39.78 40.16
N LYS N 86 13.63 41.56 45.20
CA LYS N 86 14.37 40.98 44.07
C LYS N 86 13.42 40.37 43.04
N ASP N 87 13.89 40.33 41.81
CA ASP N 87 13.20 39.68 40.71
C ASP N 87 13.28 38.16 40.84
N TYR N 88 12.12 37.52 40.78
CA TYR N 88 11.98 36.08 40.76
C TYR N 88 11.53 35.63 39.37
N PRO N 89 12.05 34.49 38.87
CA PRO N 89 11.55 33.89 37.65
C PRO N 89 10.09 33.47 37.85
N ALA N 90 9.26 33.68 36.83
CA ALA N 90 7.86 33.30 36.85
C ALA N 90 7.39 32.88 35.45
N VAL N 91 6.20 32.28 35.40
CA VAL N 91 5.50 31.93 34.16
C VAL N 91 4.12 32.58 34.19
N ASN N 92 3.85 33.45 33.22
CA ASN N 92 2.52 34.01 33.02
C ASN N 92 1.68 33.03 32.19
N VAL N 93 0.45 32.81 32.62
CA VAL N 93 -0.54 31.95 31.95
C VAL N 93 -1.81 32.76 31.73
N ASN N 94 -2.26 32.88 30.48
CA ASN N 94 -3.56 33.44 30.14
C ASN N 94 -4.49 32.31 29.73
N SER N 95 -5.63 32.15 30.41
CA SER N 95 -6.64 31.14 30.11
C SER N 95 -8.04 31.71 30.26
N SER N 96 -8.88 31.57 29.22
CA SER N 96 -10.28 32.02 29.24
C SER N 96 -10.49 33.45 29.77
N GLY N 97 -9.58 34.37 29.45
CA GLY N 97 -9.56 35.76 29.96
C GLY N 97 -9.03 35.93 31.39
N ALA N 98 -8.75 34.86 32.11
CA ALA N 98 -8.06 34.91 33.38
C ALA N 98 -6.53 34.96 33.17
N LYS N 99 -5.85 35.75 34.01
CA LYS N 99 -4.39 35.83 34.04
C LYS N 99 -3.88 35.23 35.35
N TYR N 100 -2.96 34.29 35.25
CA TYR N 100 -2.31 33.66 36.37
C TYR N 100 -0.79 33.83 36.24
N THR N 101 -0.10 33.87 37.38
CA THR N 101 1.36 33.90 37.43
C THR N 101 1.85 32.84 38.39
N VAL N 102 2.59 31.84 37.87
CA VAL N 102 3.25 30.80 38.68
C VAL N 102 4.69 31.25 38.92
N VAL N 103 5.11 31.32 40.18
CA VAL N 103 6.46 31.74 40.55
C VAL N 103 7.39 30.52 40.52
N GLY N 104 8.50 30.63 39.81
CA GLY N 104 9.51 29.59 39.68
C GLY N 104 9.87 29.26 38.24
N TYR N 105 10.81 28.34 38.07
CA TYR N 105 11.22 27.84 36.76
C TYR N 105 10.40 26.63 36.35
N LEU N 106 10.25 26.43 35.03
CA LEU N 106 9.83 25.16 34.44
C LEU N 106 11.02 24.18 34.42
N PRO N 107 10.78 22.87 34.43
CA PRO N 107 11.83 21.87 34.40
C PRO N 107 12.59 21.91 33.07
N THR N 108 13.88 21.62 33.15
CA THR N 108 14.75 21.38 31.99
C THR N 108 14.58 19.94 31.48
N SER N 109 15.11 19.64 30.31
CA SER N 109 15.18 18.25 29.83
C SER N 109 15.94 17.36 30.80
N GLN N 110 17.01 17.88 31.42
CA GLN N 110 17.75 17.14 32.44
C GLN N 110 16.93 16.89 33.70
N ASP N 111 16.10 17.86 34.12
CA ASP N 111 15.19 17.69 35.25
C ASP N 111 14.15 16.59 34.98
N ILE N 112 13.60 16.54 33.76
CA ILE N 112 12.66 15.48 33.37
C ILE N 112 13.35 14.10 33.41
N GLU N 113 14.57 14.03 32.91
CA GLU N 113 15.33 12.78 32.88
C GLU N 113 15.72 12.30 34.28
N ASP N 114 16.21 13.23 35.13
CA ASP N 114 16.53 12.93 36.52
C ASP N 114 15.27 12.60 37.33
N PHE N 115 14.15 13.29 37.07
CA PHE N 115 12.86 12.97 37.70
C PHE N 115 12.36 11.59 37.28
N LEU N 116 12.46 11.21 36.01
CA LEU N 116 12.11 9.87 35.56
C LEU N 116 12.97 8.80 36.22
N ARG N 117 14.27 9.07 36.44
CA ARG N 117 15.14 8.16 37.21
C ARG N 117 14.70 8.04 38.67
N MET N 118 14.28 9.15 39.30
CA MET N 118 13.70 9.13 40.64
C MET N 118 12.40 8.31 40.70
N ILE N 119 11.55 8.41 39.66
CA ILE N 119 10.31 7.63 39.53
C ILE N 119 10.58 6.14 39.33
N GLU N 120 11.60 5.79 38.57
CA GLU N 120 12.04 4.40 38.38
C GLU N 120 12.51 3.77 39.71
N GLU N 121 13.04 4.58 40.64
CA GLU N 121 13.35 4.17 42.02
C GLU N 121 12.12 4.21 42.95
N ASP N 122 11.33 5.30 42.89
CA ASP N 122 10.17 5.49 43.76
C ASP N 122 9.10 6.41 43.14
N VAL N 123 7.96 5.82 42.75
CA VAL N 123 6.79 6.55 42.23
C VAL N 123 6.19 7.55 43.24
N TYR N 124 6.56 7.48 44.53
CA TYR N 124 6.21 8.48 45.54
C TYR N 124 6.50 9.92 45.10
N TYR N 125 7.58 10.14 44.38
CA TYR N 125 7.95 11.48 43.92
C TYR N 125 6.91 12.09 42.97
N ALA N 126 6.17 11.28 42.21
CA ALA N 126 5.05 11.75 41.41
C ALA N 126 3.91 12.27 42.29
N ARG N 127 3.57 11.55 43.38
CA ARG N 127 2.58 11.99 44.37
C ARG N 127 3.00 13.29 45.05
N LYS N 128 4.28 13.41 45.42
CA LYS N 128 4.82 14.64 46.02
C LYS N 128 4.72 15.83 45.07
N ALA N 129 5.10 15.66 43.81
CA ALA N 129 4.97 16.71 42.79
C ALA N 129 3.51 17.09 42.53
N GLY N 130 2.60 16.11 42.46
CA GLY N 130 1.16 16.34 42.30
C GLY N 130 0.55 17.13 43.45
N ALA N 131 0.90 16.81 44.69
CA ALA N 131 0.44 17.54 45.86
C ALA N 131 0.93 19.00 45.85
N LEU N 132 2.18 19.24 45.48
CA LEU N 132 2.72 20.59 45.34
C LEU N 132 2.04 21.36 44.20
N ALA N 133 1.84 20.74 43.04
CA ALA N 133 1.19 21.34 41.88
C ALA N 133 -0.24 21.80 42.21
N MET N 134 -1.02 20.94 42.87
CA MET N 134 -2.38 21.27 43.28
C MET N 134 -2.39 22.41 44.31
N SER N 135 -1.44 22.45 45.23
CA SER N 135 -1.29 23.56 46.19
C SER N 135 -1.00 24.90 45.49
N ILE N 136 -0.10 24.90 44.52
CA ILE N 136 0.23 26.09 43.72
C ILE N 136 -1.02 26.59 42.98
N ALA N 137 -1.70 25.69 42.26
CA ALA N 137 -2.88 26.02 41.48
C ALA N 137 -4.02 26.54 42.36
N ASN N 138 -4.28 25.90 43.50
CA ASN N 138 -5.32 26.31 44.44
C ASN N 138 -5.06 27.71 44.99
N ARG N 139 -3.83 27.99 45.41
CA ARG N 139 -3.45 29.32 45.94
C ARG N 139 -3.67 30.41 44.90
N ILE N 140 -3.29 30.15 43.65
CA ILE N 140 -3.45 31.10 42.54
C ILE N 140 -4.94 31.30 42.20
N LYS N 141 -5.73 30.23 42.10
CA LYS N 141 -7.16 30.31 41.84
C LYS N 141 -7.91 31.07 42.95
N LEU N 142 -7.56 30.84 44.22
CA LEU N 142 -8.13 31.58 45.35
C LEU N 142 -7.84 33.08 45.25
N GLY N 143 -6.61 33.47 45.00
CA GLY N 143 -6.22 34.87 44.84
C GLY N 143 -6.92 35.55 43.66
C TRS O . 31.98 -13.62 -63.01
C1 TRS O . 31.38 -12.25 -62.76
C2 TRS O . 32.85 -14.03 -61.84
C3 TRS O . 32.81 -13.62 -64.29
N TRS O . 30.89 -14.59 -63.16
O1 TRS O . 32.34 -11.39 -62.21
O2 TRS O . 32.13 -13.89 -60.63
O3 TRS O . 33.07 -14.94 -64.69
C TRS P . -19.87 22.32 -2.68
C1 TRS P . -18.69 21.70 -3.42
C2 TRS P . -19.46 22.75 -1.27
C3 TRS P . -21.04 21.36 -2.62
N TRS P . -20.29 23.51 -3.42
O1 TRS P . -18.24 20.52 -2.78
O2 TRS P . -18.52 23.80 -1.36
O3 TRS P . -21.45 21.06 -3.94
C TRS Q . 22.22 12.76 -47.21
C1 TRS Q . 21.05 12.27 -48.07
C2 TRS Q . 21.71 13.39 -45.94
C3 TRS Q . 23.07 13.76 -48.00
N TRS Q . 23.05 11.62 -46.85
O1 TRS Q . 20.22 13.34 -48.44
O2 TRS Q . 20.68 14.31 -46.25
O3 TRS Q . 23.53 13.14 -49.18
C TRS R . 0.25 26.22 -27.84
C1 TRS R . 0.30 24.80 -27.33
C2 TRS R . 0.12 27.17 -26.67
C3 TRS R . -0.90 26.41 -28.82
N TRS R . 1.50 26.52 -28.54
O1 TRS R . -0.10 24.78 -25.98
O2 TRS R . 0.69 26.59 -25.53
O3 TRS R . -0.88 27.74 -29.31
C TRS S . -22.13 -16.29 44.87
C1 TRS S . -20.88 -15.68 44.27
C2 TRS S . -21.97 -16.43 46.37
C3 TRS S . -22.42 -17.64 44.24
N TRS S . -23.27 -15.41 44.60
O1 TRS S . -19.76 -16.49 44.56
O2 TRS S . -21.78 -15.16 46.94
O3 TRS S . -23.70 -18.08 44.63
C TRS T . -29.66 4.35 21.75
C1 TRS T . -28.17 4.59 21.57
C2 TRS T . -29.92 3.88 23.19
C3 TRS T . -30.16 3.32 20.77
N TRS T . -30.38 5.61 21.55
O1 TRS T . -27.45 3.60 22.26
O2 TRS T . -29.25 4.75 24.08
O3 TRS T . -31.56 3.24 20.84
#